data_5FJ9
#
_entry.id   5FJ9
#
_cell.length_a   1.000
_cell.length_b   1.000
_cell.length_c   1.000
_cell.angle_alpha   90.00
_cell.angle_beta   90.00
_cell.angle_gamma   90.00
#
_symmetry.space_group_name_H-M   'P 1'
#
loop_
_entity.id
_entity.type
_entity.pdbx_description
1 polymer 'DNA-DIRECTED RNA POLYMERASE III SUBUNIT RPC1'
2 polymer 'DNA-DIRECTED RNA POLYMERASE III SUBUNIT RPC2'
3 polymer 'DNA-DIRECTED RNA POLYMERASES I AND III SUBUNIT RPAC1'
4 polymer 'DNA-DIRECTED RNA POLYMERASE III SUBUNIT RPC9'
5 polymer 'DNA-DIRECTED RNA POLYMERASES I, II, AND III SUBUNIT RPABC 1'
6 polymer 'DNA-DIRECTED RNA POLYMERASES I, II, AND III SUBUNIT RPABC 2'
7 polymer 'DNA-DIRECTED RNA POLYMERASE III SUBUNIT RPC8'
8 polymer 'DNA-DIRECTED RNA POLYMERASES I, II, AND III SUBUNIT RPABC 3'
9 polymer 'DNA-DIRECTED RNA POLYMERASE III SUBUNIT RPC10'
10 polymer 'DNA-DIRECTED RNA POLYMERASES I, II, AND III SUBUNIT RPABC 5'
11 polymer 'DNA-DIRECTED RNA POLYMERASES I AND III SUBUNIT RPAC2'
12 polymer 'DNA-DIRECTED RNA POLYMERASES I, II, AND III SUBUNIT RPABC 4'
13 polymer 'DNA-DIRECTED RNA POLYMERASE III SUBUNIT RPC5'
14 polymer 'DNA-DIRECTED RNA POLYMERASE III SUBUNIT RPC4'
15 polymer 'DNA-DIRECTED RNA POLYMERASE III SUBUNIT RPC3'
16 polymer 'DNA-DIRECTED RNA POLYMERASE III SUBUNIT RPC6'
17 polymer 'DNA-DIRECTED RNA POLYMERASE III SUBUNIT RPC7'
18 non-polymer 'ZINC ION'
#
loop_
_entity_poly.entity_id
_entity_poly.type
_entity_poly.pdbx_seq_one_letter_code
_entity_poly.pdbx_strand_id
1 'polypeptide(L)'
;MKEVVVSETPKRIKGLEFSALSAADIVAQSEVEVSTRDLFDLEKDRAPKANGALDPKMGVSSSSLECATCHGNLASCHGH
FGHLKLALPVFHIGYFKATIQILQGICKNCSAILLSETDKRQFLHELRRPGVDNLRRMGILKKILDQCKKQRRCLHCGAL
NGVVKKAAAGAGSAALKIIHDTFRWVGKKSAPEKDIWVGEWKEVLAHNPELERYVKRCMDDLNPLKTLNLFKQIKSADCE
LLGIDATVPSGRPETYIWRYLPAPPVCIRPSVMMQDSPASNEDDLTVKLTEIVWTSSLIKAGLDKGISINNMMEHWDYLQ
LTVAMYINSDSVNPAMLPGSSNGGGKVKPIRGFCQRLKGKQGRFRGNLSGKRVDFSGRTVISPDPNLSIDEVAVPDRVAK
VLTYPEKVTRYNRHKLQELIVNGPNVHPGANYLLKRNEDARRNLRYGDRMKLAKNLQIGDVVERHLEDGDVVLFNRQPSL
HRLSILSHYAKIRPWRTFRLNECVCTPYNADFDGDEMNLHVPQTEEARAEAINLMGVKNNLLTPKSGEPIIAATQDFITG
SYLISHKDSFYDRATLTQLLSMMSDGIEHFDIPPPAIMKPYYLWTGKQVFSLLIKPNHNSPVVINLDAKNKVFVPPKSKS
LPNEMSQNDGFVIIRGSQILSGVMDKSVLGDGKKHSVFYTILRDYGPQEAANAMNRMAKLCARFLGNRGFSIGINDVTPA
DDLKQKKEELVEIAYHKCDELITLFNKGELETQPGCNEEQTLEAKIGGLLSKVREEVGDVCINELDNWNAPLIMATCGSK
GSTLNVSQMVAVVGQQIISGNRVPDGFQDRSLPHFPKNSKTPQSKGFVRNSFFSGLSPPEFLFHAISGREGLVDTAVKTA
ETGYMSRRLMKSLEDLSCQYDNTVRTSANGIVQFTYGGDGLDPLEMEGNAQPVNFNRSWDHAYNITFNNQDKGLLPYAIM
ETANEILGPLEERLVRYDNSGCLVKREDLNKAEYVDQYDAERDFYHSLREYINGKATALANLRKSRGMLGLLEPPAKELQ
GIDPDETVPDNVKTSVSQLYRISEKSVRKFLEIALFKYRKARLEPGTAIGAIGAQSIGEPGTQMTLKTFHFAGVASMNVT
LGVPRIKEIINASKVISTPIINAVLVNDNDERAARVVKGRVEKTLLSDVAFYVQDVYKDNLSFIQVRIDLGTIDKLQLEL
TIEDIAVAITRASKLKIQASDVNIIGKDRIAINVFPEGYKAKSISTSAKEPSENDVFYRMQQLRRALPDVVVKGLPDISR
AVINIRDDGKRELLVEGYGLRDVMCTDGVIGSRTTTNHVLEVFSVLGIEAARYSIIREINYTMSNHGMSVDPRHIQLLGD
VMTYKGEVLGITRFGLSKMRDSVLQLASFEKTTDHLFDAAFYMKKDAVEGVSECIILGQTMSIGTGSFKVVKGTNISEKD
LVPKRCLFESLSNEAALKAN
;
A
2 'polypeptide(L)'
;MVAATKRRKTHIHKHVKDEAFDDLLKPVYKGKKLTDEINTAQDKWHLLPAFLKVKGLVKQHLDSFNYFVDTDLKKIIKAN
QLILSDVDPEFYLKYVDIRVGKKSSSSTKDYLTPPHECRLRDMTYSAPIYVDIEYTRGRNIIMHKDVEIGRMPIMLRSNK
CILYDADESKMAKLNECPLDPGGYFIVNGTEKVILVQEQLSKNRIIVEADEKKGIVQASVTSSTHERKSKTYVITKNGKI
YLKHNSIAEEIPIAIVLKACGILSDLEIMQLVCGNDSSYQDIFAVNLEESSKLDIYTQQQALEYIGAKVKTMRRQKLTIL
QEGIEAIATTVIAHLTVEALDFREKALYIAMMTRRVVMAMYNPKMIDDRDYVGNKRLELAGQLISLLFEDLFKKFNNDFK
LSIDKVLKKPNRAMEYDALLSINVHSNNITSGLNRAISTGNWSLKRFKMERAGVTHVLSRLSYISALGMMTRISSQFEKS
RKVSGPRALQPSQFGMLCTADTPEGEACGLVKNLALMTHITTDDEEEPIKKLCYVLGVEDITLIDSASLHLNYGVYLNGT
LIGSIRFPTKFVTQFRHLRRTGKVSEFISIYSNSHQMAVHIATDGGRICRPLIIVSDGQSRVKDIHLRKLLDGELDFDDF
LKLGLVEYLDVNEENDSYIALYEKDIVPSMTHLEIEPFTILGAVAGLIPYPHHNQSPRNTYQCAMGKQAIGAIAYNQFKR
IDTLLYLMTYPQQPMVKTKTIELIDYDKLPAGQNATVAVMSYSGYDIEDALVLNKSSIDRGFGRCETRRKTTTVLKRYAN
HTQDIIGGMRVDENGDPIWQHQSLGPDGLGEVGMKVQSGQIYINKSVPTNSADAPNPNNVNVQTQYREAPVIYRGPEPSH
IDQVMMSVSDNDQALIKVLLRQNRRPELGDKFSSRHGQKGVCGIIVKQEDMPFNDQGIVPDIIMNPHGFPSRMTVGKMIE
LISGKAGVLNGTLEYGTCFGGSKLEDMSKILVDQGFNYSGKDMLYSGITGECLQAYIFFGPIYYQKLKHMVLDKMHARAR
GPRAVLTRQPTEGRSRDGGLRLGEMERDCVIAYGASQLLLERLMISSDAFEVDVCDKCGLMGYSGWCTTCKSAENIIKMT
IPYAAKLLFQELLSMNIAPRLRLEDIFQQ
;
B
3 'polypeptide(L)'
;MSNIVGIEYNRVTNTTSTDFPGFSKDAENEWNVEKFKKDFEVNISSLDAREANFDLINIDTSIANAFRRIMISEVPSVAA
EYVYFFNNTSVIQDEVLAHRIGLVPLKVDPDMLTWVDSNLPDDEKFTDENTIVLSLNVKCTRNPDAPKGSTDPKELYNNA
HVYARDLKFEPQGRQSTTFADCPVVPADPDILLAKLRPGQEISLKAHCILGIGGDHAKFSPVSTASYRLLPQINILQPIK
GESARRFQKCFPPGVIGIDEGSDEAYVKDARKDTVSREVLRYEEFADKVKLGRVRNHFIFNVESAGAMTPEEIFFKSVRI
LKNKAEYLKNCPITQ
;
C
4 'polypeptide(L)'
;MKVLEERNAFLSDYEVLKFLTDLEKKHLWDQKSLAALKKSRSKGKQNRPYNHPELQGITRNVVNYLSINKNFINQEDEGE
ERESSGAKDAEKSGISKMSDESFAELMTKLNSFKLFKAEKLQIVNQLPANMVHLYSIVEECDARFDEKTIEEMLEIISGY
A
;
D
5 'polypeptide(L)'
;MDQENERNISRLWRAFRTVKEMVKDRGYFITQEEVELPLEDFKAKYCDSMGRPQRKMMSFQANPTEESISKFPDMGSLWV
EFCDEPSVGVKTMKTFVIHIQEKNFQTGIFVYQNNITPSAMKLVPSIPPATIETFNEAALVVNITHHELVPKHIRLSSDE
KRELLKRYRLKESQLPRIQRADPVALYLGLKRGEVVKIIRKSETSGRYASYRICM
;
E
6 'polypeptide(L)'
;MSDYEEAFNDGNENFEDFDVEHFSDEETYEEKPQFKDGETTDANGKTIVTGGNGPEDFQQHEQIRRKTLKEKAIPKDQRA
TTPYMTKYERARILGTRALQISMNAPVFVDLEGETDPLRIAMKELAEKKIPLVIRRYLPDGSFEDWSVEELIVDL
;
F
7 'polypeptide(L)'
;MFILSKIADLVRIPPDQFHRDTISAITHQLNNKFANKIIPNVGLCITIYDLLTVEEGQLKPGDGSSYINVTFRAVVFKPF
LGEIVTGWISKCTAEGIKVSLLGIFDDIFIPQNMLFEGCYYTPEESAWIWPMDEETKLYFDVNEKIRFRIEREVFVDVKP
KSPKERELEERAQLENEIEGKNEETPQNEKPPAYALLGSCQTDGMGLVSWWE
;
G
8 'polypeptide(L)'
;MSNTLFDDIFQVSEVDPGRYNKVCRIEAASTTQDQCKLTLDINVELFPVAAQDSLTVTIASSLNLEDTPANDSSATRSWR
PPQAGDRSLADDYDYVMYGTAYKFEEVSKDLIAVYYSFGGLLMRLEGNYRNLNNLKQENAYLLIRR
;
H
9 'polypeptide(L)'
;MLSFCPSCNNMLLITSGDSGVYTLACRSCPYEFPIEGIEIYDRKKLPRKEVDDVLGGGWDNVDQTKTQCPNYDTCGGESA
YFFQLQIRSADEPMTTFYKCVNCGHRWKEN
;
I
10 'polypeptide(L)' MIVPVRCFSCGKVVGDKWESYLNLLQEDELDEGTALSRLGLKRYCCRRMILTHVDLIEKFLRYNPLEKRD J
11 'polypeptide(L)'
;MTEDIEQKKTATEVTPQEPKHIQEEEEQDVDMTGDEEQEEEPDREKIKLLTQATSEDGTSASFQIVEEDHTLGNALRYVI
MKNPDVEFCGYSIPHPSENLLNIRIQTYGETTAVDALQKGLKDLMDLCDVVESKFTEKIKSM
;
K
12 'polypeptide(L)' MSREGFQIPTNLDAAAAGTSQARTATLKYICAECSSKLSLSRTDAVRCKDCGHRILLKARTKRLVQFEAR L
13 'polypeptide(L)'
;MSIDNKLFVTEEDEEDRTQDRADVEDESNDIDMIADENGTNSAIANEQEEKSEEVKAEDDTGEEEEDDPVIEEFPLKISG
EEESLHVFQYANRPRLVGRKPAEHPFISAARYKPKSHLWEIDIPLDEQAFYNKDKAESEWNGVNVQTLKGVGVENNGQYA
AFVKDMQVYLVPIERVAQLKPFFKYIDDANVTRKQEDARRNPNPSSQRAQVVTMSVKSVNDPSQNRLTGSLLAHKVADEE
ANIELTWAEGTFEQFKDTIVKEAEDKTLVALEKQEDYIDNLV
;
M
14 'polypeptide(L)'
;MSSNKGNGRLPSLKDSSSNGGGSAKPSLKFKPKAVARKSKEEREAAASKVKLEEESKRGNDKKHFNNKNKRVTGAGGQQR
RMAKYLNNTHVISSGPLAAGNFVSEKGDLRRGFIKSEGSGSSLVQKGLETIDNGAESSENEAEDDDNEGVASKSKKKFNM
GKEFEARNLIEDEDDGESEKSSDVDMDDEEWRSKRIEQLFPVRPVRVRHEDVETVKREIQEALSEKPTREPTPSVKTEPV
GTGLQSYLEERERQVNEKLADLGLEKEFQSVDGKEAAAELELLNADHQHILRKLKKMNNKPERFMVFQLPTRLPAFERPA
VKEEKEDMETQASDPSKKKKNIKKKDTKDALSTRELAGKVGSIRVHKSGKLSVKIGNVVMDIGKGAETTFLQDVIALSIA
DDASSAELLGRVDGKIVVTPQI
;
N
15 'polypeptide(L)'
;MDELLGEALSAENQTGESTVESEKLVTPEDVMTISSLEQRTLNPDLFLYKELVKAHLGERAASVIGMLVALGRLSVRELV
EKIDGMDVDSVKTTLVSLTQLRCVKYLQETAISGKKTTYYYYNEEGIHILLYSGLIIDEIITQMRVNDEEEHKQLVAEIV
QNVISLGSLTVEDYLSSVTSDSMKYTISSLFVQLCEMGYLIQISKLHYTPIEDLWQFLYEKHYKNIPRNSPLSDLKKRSQ
AKMNAKTDFAKIINKPNELSQILTVDPKTSLRIVKPTVSLTINLDRFMKGRRSKQLINLAKTRVGSVTAQVYKIALRLTE
QKSPKIRDPLTQTGLLQDLEEAKSFQDEAELVEEKTPGLTFNAIDLARHLPAELDLRGSLLSRKPSDNKKRSGSNAAASL
PSKKLKTEDGFVIPALPAAVSKSLQESGDTQEEDEEEEDLDADTEDPHSASLINSHLKILASSNFPFLNETKPGVYYVPY
SKLMPVLKSSVYEYVIASTLGPSAMRLSRCIRDNKLVSEKIINSTALMKEKDIRSTLASLIRYNSVEIQEVPRTADRSAS
RAVFLFRCKETHSYNFMRQNLEWNMANLLFKKEKLKQENSTLLKKANRDDVKGRENELLLPSELNQLKMVNERELNVFAR
LSRLLSLWEVFQMA
;
O
16 'polypeptide(L)'
;MSGMIENGLQLSDNAKTLHSQMMSKGIGALFTQQELQKQMGIGSLTDLMSIVQELLDKNLIKLVKQNDELKFQGVLESEA
QKKATMSAEEALVYSYIEASGREGIWSKTIKARTNLHQHVVLKCLKSLESQRYVKSVKSVKFPTRKIYMLYSLQPSVDIT
GGPWFTDGELDIEFINSLLTIVWRFISENTFPNGFKNFENGPKKNVFYAPNVKNYSTTQEILEFITAAQVANVELTPSNI
RSLCEVLVYDDKLEKVTHDCYRVTLESILQMNQGEGEPEAGNKALEDEEEFSIFNYFKMFPASKHDKEVVYFDEWTI
;
P
17 'polypeptide(L)'
;MSSYRGGSRGGGSNYMSNLPFGLGYGDVGKNHITEFPSIPLPINGPITNKERSLAVKYINFGKTVKDGP(UNK)(UNK)
(UNK)(UNK)(UNK)(UNK)(UNK)(UNK)(UNK)(UNK)(UNK)(UNK)(UNK)(UNK)(UNK)(UNK)(UNK)(UNK)
(UNK)(UNK)(UNK)(UNK)(UNK)(UNK)(UNK)(UNK)(UNK)(UNK)(UNK)(UNK)(UNK)(UNK)(UNK)(UNK)
(UNK)
;
Q
#
# COMPACT_ATOMS: atom_id res chain seq x y z
N LYS A 2 -43.87 29.92 32.28
CA LYS A 2 -43.68 28.50 32.52
C LYS A 2 -43.59 27.74 31.20
N GLU A 3 -42.83 26.64 31.20
CA GLU A 3 -42.64 25.81 30.01
C GLU A 3 -42.02 26.60 28.86
N VAL A 4 -40.74 26.92 28.99
CA VAL A 4 -40.02 27.68 27.98
C VAL A 4 -39.84 26.87 26.69
N VAL A 5 -39.75 27.57 25.56
CA VAL A 5 -39.62 26.94 24.25
C VAL A 5 -38.19 26.46 23.99
N VAL A 6 -38.05 25.42 23.18
CA VAL A 6 -36.75 24.89 22.79
C VAL A 6 -36.63 24.81 21.27
N SER A 7 -35.47 25.19 20.74
CA SER A 7 -35.25 25.21 19.30
C SER A 7 -34.05 24.36 18.89
N GLU A 8 -34.00 23.99 17.61
CA GLU A 8 -32.89 23.20 17.07
C GLU A 8 -32.61 23.55 15.62
N THR A 9 -31.35 23.43 15.22
CA THR A 9 -30.95 23.72 13.84
C THR A 9 -29.95 22.69 13.33
N PRO A 10 -30.10 22.27 12.06
CA PRO A 10 -29.11 21.38 11.43
C PRO A 10 -27.75 22.05 11.27
N LYS A 11 -26.68 21.33 11.60
CA LYS A 11 -25.34 21.90 11.57
C LYS A 11 -24.34 21.01 10.84
N ARG A 12 -23.61 21.60 9.90
CA ARG A 12 -22.52 20.89 9.21
C ARG A 12 -21.17 21.19 9.85
N ILE A 13 -20.11 20.72 9.22
CA ILE A 13 -18.76 20.93 9.71
C ILE A 13 -17.96 21.85 8.79
N LYS A 14 -17.43 22.94 9.33
CA LYS A 14 -16.54 23.80 8.55
C LYS A 14 -15.17 23.90 9.21
N GLY A 15 -14.18 23.29 8.57
CA GLY A 15 -12.79 23.43 8.98
C GLY A 15 -12.47 22.82 10.33
N LEU A 16 -11.20 22.87 10.69
CA LEU A 16 -10.76 22.56 12.05
C LEU A 16 -9.71 23.58 12.45
N GLU A 17 -9.27 23.51 13.71
CA GLU A 17 -8.19 24.37 14.18
C GLU A 17 -7.18 23.55 14.96
N PHE A 18 -5.96 23.47 14.45
CA PHE A 18 -4.91 22.71 15.11
C PHE A 18 -4.02 23.60 15.95
N SER A 19 -3.63 23.11 17.13
CA SER A 19 -2.91 23.89 18.12
C SER A 19 -2.58 23.04 19.34
N ALA A 20 -1.87 23.62 20.30
CA ALA A 20 -1.56 22.93 21.54
C ALA A 20 -2.31 23.53 22.72
N LEU A 21 -3.12 22.70 23.39
CA LEU A 21 -3.83 23.12 24.59
C LEU A 21 -2.84 23.52 25.68
N SER A 22 -3.00 24.70 26.28
CA SER A 22 -2.03 25.12 27.28
C SER A 22 -2.57 25.19 28.70
N ALA A 23 -2.26 24.16 29.48
CA ALA A 23 -2.24 24.18 30.95
C ALA A 23 -3.58 24.53 31.60
N ALA A 24 -4.47 25.16 30.85
CA ALA A 24 -5.80 25.53 31.34
C ALA A 24 -6.78 24.40 31.19
N ASP A 25 -6.72 23.73 30.04
CA ASP A 25 -7.77 22.83 29.58
C ASP A 25 -7.74 21.48 30.28
N ILE A 26 -6.55 20.96 30.52
CA ILE A 26 -6.41 19.63 31.11
C ILE A 26 -6.93 19.60 32.55
N VAL A 27 -6.68 20.66 33.30
CA VAL A 27 -7.18 20.76 34.66
C VAL A 27 -8.66 21.15 34.64
N ALA A 28 -9.11 21.72 33.53
CA ALA A 28 -10.51 22.07 33.36
C ALA A 28 -11.33 20.84 32.97
N GLN A 29 -10.75 20.01 32.11
CA GLN A 29 -11.37 18.76 31.70
C GLN A 29 -11.17 17.69 32.76
N SER A 30 -10.36 18.01 33.77
CA SER A 30 -10.02 17.06 34.81
C SER A 30 -11.22 16.63 35.66
N GLU A 31 -11.42 15.33 35.76
CA GLU A 31 -12.44 14.77 36.64
C GLU A 31 -11.81 14.44 37.98
N VAL A 32 -10.90 13.48 37.96
CA VAL A 32 -10.14 13.11 39.15
C VAL A 32 -8.66 13.42 38.97
N GLU A 33 -7.88 13.14 40.01
CA GLU A 33 -6.43 13.27 39.95
C GLU A 33 -5.78 11.92 40.26
N VAL A 34 -4.72 11.59 39.54
CA VAL A 34 -4.01 10.33 39.74
C VAL A 34 -3.53 10.15 41.17
N SER A 35 -2.57 10.98 41.58
CA SER A 35 -1.98 10.93 42.91
C SER A 35 -1.50 9.54 43.28
N THR A 36 -1.68 9.17 44.55
CA THR A 36 -1.26 7.86 45.08
C THR A 36 0.15 7.52 44.60
N ARG A 37 0.30 6.26 44.16
CA ARG A 37 1.37 5.85 43.25
C ARG A 37 1.30 4.36 42.92
N ASP A 38 1.88 4.02 41.79
CA ASP A 38 2.08 2.65 41.32
C ASP A 38 0.84 1.74 41.42
N LEU A 39 1.10 0.48 41.73
CA LEU A 39 0.10 -0.60 41.85
C LEU A 39 -0.91 -0.57 40.71
N PHE A 40 -2.12 -1.03 40.98
CA PHE A 40 -3.33 -0.56 40.31
C PHE A 40 -4.17 0.28 41.26
N ASP A 41 -3.68 0.41 42.49
CA ASP A 41 -4.44 0.93 43.63
C ASP A 41 -5.69 0.09 43.87
N LEU A 42 -5.50 -1.23 43.97
CA LEU A 42 -6.60 -2.17 44.18
C LEU A 42 -7.11 -2.13 45.61
N GLU A 43 -8.44 -2.17 45.76
CA GLU A 43 -9.03 -2.41 47.07
C GLU A 43 -8.88 -3.89 47.36
N LYS A 44 -8.51 -4.22 48.59
CA LYS A 44 -8.03 -5.57 48.89
C LYS A 44 -9.13 -6.58 49.25
N ASP A 45 -10.39 -6.16 49.19
CA ASP A 45 -11.48 -7.07 49.53
C ASP A 45 -12.04 -7.82 48.33
N ARG A 46 -12.80 -7.13 47.49
CA ARG A 46 -13.41 -7.72 46.30
C ARG A 46 -12.57 -7.44 45.06
N ALA A 47 -11.42 -6.79 45.26
CA ALA A 47 -10.49 -6.40 44.21
C ALA A 47 -11.05 -5.47 43.12
N PRO A 48 -11.63 -4.32 43.52
CA PRO A 48 -11.86 -3.26 42.54
C PRO A 48 -10.70 -2.27 42.52
N LYS A 49 -10.84 -1.20 41.74
CA LYS A 49 -9.83 -0.15 41.67
C LYS A 49 -10.28 1.07 42.48
N ALA A 50 -9.31 1.77 43.08
CA ALA A 50 -9.62 2.97 43.87
C ALA A 50 -8.70 4.12 43.50
N ASN A 51 -9.30 5.20 42.98
CA ASN A 51 -8.56 6.38 42.51
C ASN A 51 -7.46 5.97 41.52
N GLY A 52 -6.29 6.61 41.63
CA GLY A 52 -5.15 6.24 40.80
C GLY A 52 -5.39 6.29 39.30
N ALA A 53 -4.67 5.45 38.56
CA ALA A 53 -4.79 5.38 37.11
C ALA A 53 -6.17 4.92 36.66
N LEU A 54 -6.58 3.74 37.10
CA LEU A 54 -7.90 3.21 36.79
C LEU A 54 -8.79 3.34 38.03
N ASP A 55 -10.08 3.57 37.83
CA ASP A 55 -10.90 4.21 38.85
C ASP A 55 -12.37 4.19 38.40
N PRO A 56 -13.28 3.92 39.36
CA PRO A 56 -14.73 3.90 39.10
C PRO A 56 -15.22 5.06 38.26
N LYS A 57 -14.65 6.25 38.41
CA LYS A 57 -14.90 7.25 37.40
C LYS A 57 -13.63 7.63 36.63
N MET A 58 -13.45 6.97 35.48
CA MET A 58 -12.67 7.46 34.36
C MET A 58 -13.43 7.06 33.11
N GLY A 59 -13.49 5.75 32.92
CA GLY A 59 -14.28 5.07 31.91
C GLY A 59 -14.51 3.70 32.50
N VAL A 60 -15.16 2.80 31.75
CA VAL A 60 -15.48 1.48 32.30
C VAL A 60 -15.12 0.34 31.36
N SER A 61 -14.44 -0.67 31.89
CA SER A 61 -14.01 -1.83 31.11
C SER A 61 -14.98 -3.01 31.16
N SER A 62 -15.99 -2.93 32.01
CA SER A 62 -16.90 -4.06 32.21
C SER A 62 -18.38 -3.65 32.12
N SER A 63 -19.25 -4.66 32.06
CA SER A 63 -20.65 -4.46 31.74
C SER A 63 -21.49 -3.82 32.86
N SER A 64 -21.03 -3.90 34.10
CA SER A 64 -21.81 -3.30 35.18
C SER A 64 -21.25 -1.96 35.60
N LEU A 65 -20.19 -1.98 36.42
CA LEU A 65 -19.26 -0.86 36.60
C LEU A 65 -19.89 0.54 36.58
N GLU A 66 -20.66 0.89 37.59
CA GLU A 66 -21.26 2.22 37.64
C GLU A 66 -20.20 3.32 37.59
N CYS A 67 -20.35 4.23 36.64
CA CYS A 67 -19.34 5.24 36.34
C CYS A 67 -19.26 6.31 37.42
N ALA A 68 -20.40 6.65 38.01
CA ALA A 68 -20.55 7.60 39.11
C ALA A 68 -20.37 9.06 38.67
N THR A 69 -19.82 9.27 37.48
CA THR A 69 -19.91 10.57 36.82
C THR A 69 -21.26 10.62 36.14
N CYS A 70 -21.59 9.50 35.50
CA CYS A 70 -22.87 9.27 34.86
C CYS A 70 -23.30 7.84 35.14
N HIS A 71 -24.44 7.43 34.59
CA HIS A 71 -24.92 6.07 34.81
C HIS A 71 -25.33 5.42 33.49
N GLY A 72 -25.42 4.09 33.50
CA GLY A 72 -25.75 3.34 32.30
C GLY A 72 -24.55 2.65 31.70
N ASN A 73 -23.40 2.78 32.37
CA ASN A 73 -22.14 2.11 32.02
C ASN A 73 -21.77 2.12 30.53
N LEU A 74 -21.43 0.95 30.01
CA LEU A 74 -20.91 0.79 28.65
C LEU A 74 -21.80 1.38 27.56
N ALA A 75 -23.11 1.18 27.69
CA ALA A 75 -24.04 1.55 26.64
C ALA A 75 -24.39 3.04 26.67
N SER A 76 -23.86 3.75 27.66
CA SER A 76 -24.12 5.17 27.79
C SER A 76 -22.82 5.97 27.85
N CYS A 77 -22.03 5.74 28.89
CA CYS A 77 -20.77 6.43 29.09
C CYS A 77 -19.80 6.19 27.93
N HIS A 78 -19.04 7.23 27.58
CA HIS A 78 -18.07 7.14 26.51
C HIS A 78 -16.65 7.21 27.08
N GLY A 79 -16.29 8.37 27.62
CA GLY A 79 -15.00 8.55 28.24
C GLY A 79 -14.89 9.86 29.00
N HIS A 80 -13.97 9.91 29.96
CA HIS A 80 -13.72 11.12 30.73
C HIS A 80 -12.22 11.34 30.88
N PHE A 81 -11.81 12.58 31.07
CA PHE A 81 -10.39 12.92 31.12
C PHE A 81 -9.92 13.33 32.51
N GLY A 82 -8.64 13.08 32.78
CA GLY A 82 -8.01 13.46 34.03
C GLY A 82 -6.54 13.76 33.77
N HIS A 83 -5.90 14.47 34.68
CA HIS A 83 -4.53 14.91 34.43
C HIS A 83 -3.50 14.26 35.36
N LEU A 84 -2.24 14.59 35.14
CA LEU A 84 -1.14 14.07 35.92
C LEU A 84 -0.07 15.14 36.13
N LYS A 85 0.45 15.22 37.35
CA LYS A 85 1.47 16.21 37.66
C LYS A 85 2.88 15.64 37.45
N LEU A 86 3.66 16.30 36.59
CA LEU A 86 5.02 15.87 36.31
C LEU A 86 6.03 16.79 36.96
N ALA A 87 6.86 16.24 37.84
CA ALA A 87 7.90 17.02 38.50
C ALA A 87 8.89 17.53 37.46
N LEU A 88 9.09 18.85 37.45
CA LEU A 88 9.93 19.54 36.47
C LEU A 88 9.32 19.47 35.06
N PRO A 89 9.64 20.45 34.21
CA PRO A 89 9.11 20.45 32.84
C PRO A 89 9.83 19.45 31.94
N VAL A 90 9.43 18.18 32.01
CA VAL A 90 10.00 17.13 31.17
C VAL A 90 9.80 17.48 29.69
N PHE A 91 10.81 17.21 28.87
CA PHE A 91 10.82 17.64 27.48
C PHE A 91 9.86 16.87 26.59
N HIS A 92 9.52 17.47 25.44
CA HIS A 92 8.60 16.88 24.48
C HIS A 92 9.31 15.88 23.55
N ILE A 93 8.59 15.43 22.53
CA ILE A 93 9.14 14.49 21.55
C ILE A 93 8.92 14.96 20.12
N GLY A 94 7.67 15.10 19.70
CA GLY A 94 7.35 15.49 18.33
C GLY A 94 7.77 16.91 17.99
N TYR A 95 7.55 17.83 18.92
CA TYR A 95 7.87 19.24 18.71
C TYR A 95 9.36 19.51 18.81
N PHE A 96 10.12 18.49 19.20
CA PHE A 96 11.56 18.61 19.40
C PHE A 96 12.30 19.21 18.20
N LYS A 97 11.93 18.77 17.00
CA LYS A 97 12.53 19.31 15.78
C LYS A 97 12.20 20.79 15.63
N ALA A 98 10.97 21.14 15.95
CA ALA A 98 10.53 22.53 15.90
C ALA A 98 11.03 23.32 17.11
N THR A 99 11.34 22.60 18.19
CA THR A 99 11.84 23.23 19.41
C THR A 99 13.26 23.74 19.19
N ILE A 100 13.98 23.13 18.27
CA ILE A 100 15.32 23.59 17.91
C ILE A 100 15.22 24.90 17.14
N GLN A 101 14.19 25.01 16.30
CA GLN A 101 13.99 26.18 15.47
C GLN A 101 13.49 27.38 16.28
N ILE A 102 12.65 27.13 17.27
CA ILE A 102 12.17 28.19 18.15
C ILE A 102 13.31 28.63 19.08
N LEU A 103 14.28 27.74 19.24
CA LEU A 103 15.46 28.02 20.06
C LEU A 103 16.58 28.62 19.21
N GLN A 104 16.38 28.63 17.90
CA GLN A 104 17.39 29.09 16.95
C GLN A 104 17.41 30.61 16.81
N GLY A 105 16.33 31.16 16.28
CA GLY A 105 16.26 32.58 15.97
C GLY A 105 16.31 33.51 17.17
N ILE A 106 16.32 32.94 18.37
CA ILE A 106 16.32 33.73 19.59
C ILE A 106 17.73 33.79 20.21
N CYS A 107 18.15 34.98 20.62
CA CYS A 107 19.47 35.15 21.23
C CYS A 107 19.38 34.84 22.74
N LYS A 108 20.15 33.86 23.17
CA LYS A 108 20.03 33.29 24.52
C LYS A 108 20.18 34.30 25.65
N ASN A 109 21.04 35.30 25.47
CA ASN A 109 21.30 36.29 26.50
C ASN A 109 20.04 37.01 26.97
N CYS A 110 19.43 37.78 26.07
CA CYS A 110 18.22 38.53 26.39
C CYS A 110 16.97 37.69 26.18
N SER A 111 17.14 36.56 25.50
CA SER A 111 16.03 35.70 25.09
C SER A 111 14.98 36.48 24.31
N ALA A 112 15.43 37.17 23.27
CA ALA A 112 14.53 37.89 22.36
C ALA A 112 14.98 37.72 20.91
N ILE A 113 14.27 38.37 20.00
CA ILE A 113 14.60 38.28 18.58
C ILE A 113 15.80 39.16 18.23
N LEU A 114 16.72 38.62 17.45
CA LEU A 114 17.96 39.31 17.13
C LEU A 114 17.92 40.06 15.80
N LEU A 115 16.76 40.09 15.15
CA LEU A 115 16.65 40.72 13.84
C LEU A 115 16.70 42.25 13.96
N SER A 116 16.69 42.94 12.82
CA SER A 116 16.87 44.38 12.82
C SER A 116 15.92 45.15 11.89
N GLU A 117 15.10 46.02 12.49
CA GLU A 117 14.30 47.04 11.78
C GLU A 117 13.62 46.57 10.49
N THR A 118 13.95 47.24 9.40
CA THR A 118 13.31 47.06 8.09
C THR A 118 13.23 45.59 7.65
N ASP A 119 14.22 44.81 8.04
CA ASP A 119 14.21 43.37 7.80
C ASP A 119 12.90 42.76 8.32
N LYS A 120 12.69 42.90 9.63
CA LYS A 120 11.45 42.48 10.27
C LYS A 120 10.23 43.14 9.64
N ARG A 121 10.36 44.43 9.32
CA ARG A 121 9.27 45.20 8.74
C ARG A 121 8.89 44.70 7.36
N GLN A 122 9.88 44.24 6.60
CA GLN A 122 9.65 43.75 5.24
C GLN A 122 8.94 42.40 5.27
N PHE A 123 9.41 41.49 6.12
CA PHE A 123 8.83 40.16 6.22
C PHE A 123 7.44 40.19 6.81
N LEU A 124 7.21 41.09 7.76
CA LEU A 124 5.89 41.24 8.37
C LEU A 124 4.86 41.69 7.34
N HIS A 125 5.33 42.43 6.33
CA HIS A 125 4.46 42.89 5.25
C HIS A 125 4.22 41.76 4.24
N GLU A 126 5.22 40.90 4.08
CA GLU A 126 5.16 39.80 3.12
C GLU A 126 4.01 38.84 3.40
N LEU A 127 4.05 38.17 4.54
CA LEU A 127 3.09 37.12 4.88
C LEU A 127 1.65 37.63 4.99
N ARG A 128 1.48 38.95 5.12
CA ARG A 128 0.15 39.52 5.30
C ARG A 128 -0.49 39.85 3.95
N ARG A 129 0.18 39.50 2.87
CA ARG A 129 -0.43 39.54 1.54
C ARG A 129 -1.64 38.61 1.58
N PRO A 130 -2.81 39.11 1.13
CA PRO A 130 -4.08 38.44 1.41
C PRO A 130 -4.15 36.97 0.96
N GLY A 131 -3.78 36.67 -0.27
CA GLY A 131 -3.64 35.29 -0.68
C GLY A 131 -2.27 34.74 -0.35
N VAL A 132 -2.21 33.50 0.12
CA VAL A 132 -0.95 32.79 0.34
C VAL A 132 -1.11 31.28 0.21
N ASP A 133 -0.13 30.63 -0.41
CA ASP A 133 -0.04 29.18 -0.39
C ASP A 133 0.66 28.73 0.89
N ASN A 134 0.40 27.48 1.30
CA ASN A 134 1.11 26.89 2.43
C ASN A 134 2.61 26.83 2.16
N LEU A 135 2.98 26.74 0.88
CA LEU A 135 4.37 26.72 0.46
C LEU A 135 5.08 28.02 0.82
N ARG A 136 4.34 29.12 0.79
CA ARG A 136 4.88 30.43 1.14
C ARG A 136 5.27 30.49 2.61
N ARG A 137 4.54 29.77 3.45
CA ARG A 137 4.84 29.70 4.87
C ARG A 137 6.20 29.08 5.13
N MET A 138 6.40 27.86 4.63
CA MET A 138 7.64 27.13 4.83
C MET A 138 8.81 27.80 4.12
N GLY A 139 8.51 28.62 3.12
CA GLY A 139 9.54 29.33 2.38
C GLY A 139 10.13 30.47 3.18
N ILE A 140 9.27 31.29 3.78
CA ILE A 140 9.72 32.45 4.54
C ILE A 140 10.21 32.06 5.93
N LEU A 141 9.50 31.15 6.59
CA LEU A 141 9.87 30.69 7.93
C LEU A 141 11.22 29.97 7.91
N LYS A 142 11.61 29.50 6.74
CA LYS A 142 12.95 28.99 6.52
C LYS A 142 13.91 30.17 6.40
N LYS A 143 13.64 31.03 5.43
CA LYS A 143 14.42 32.24 5.15
C LYS A 143 14.76 33.02 6.43
N ILE A 144 13.73 33.47 7.13
CA ILE A 144 13.93 34.24 8.37
C ILE A 144 14.85 33.50 9.35
N LEU A 145 14.82 32.17 9.32
CA LEU A 145 15.63 31.38 10.24
C LEU A 145 17.08 31.22 9.78
N ASP A 146 17.33 31.39 8.48
CA ASP A 146 18.70 31.34 7.99
C ASP A 146 19.31 32.73 7.95
N GLN A 147 18.49 33.74 8.21
CA GLN A 147 18.95 35.13 8.25
C GLN A 147 19.65 35.41 9.57
N CYS A 148 19.22 34.72 10.63
CA CYS A 148 19.79 34.91 11.96
C CYS A 148 21.06 34.09 12.15
N LYS A 149 21.39 33.28 11.15
CA LYS A 149 22.58 32.45 11.19
C LYS A 149 23.85 33.28 10.99
N LYS A 150 23.79 34.20 10.04
CA LYS A 150 24.97 34.97 9.64
C LYS A 150 25.29 36.10 10.61
N GLN A 151 24.29 36.61 11.31
CA GLN A 151 24.49 37.76 12.18
C GLN A 151 25.13 37.36 13.50
N ARG A 152 26.31 37.92 13.78
CA ARG A 152 27.04 37.63 15.01
C ARG A 152 26.76 38.67 16.08
N ARG A 153 25.88 39.62 15.77
CA ARG A 153 25.65 40.76 16.66
C ARG A 153 24.20 40.88 17.13
N CYS A 154 24.01 40.87 18.45
CA CYS A 154 22.71 41.13 19.05
C CYS A 154 22.54 42.64 19.16
N LEU A 155 21.32 43.12 18.90
CA LEU A 155 21.11 44.57 18.69
C LEU A 155 21.11 45.42 19.95
N HIS A 156 20.03 45.34 20.72
CA HIS A 156 19.78 46.28 21.79
C HIS A 156 20.17 45.79 23.18
N CYS A 157 20.64 44.54 23.26
CA CYS A 157 20.83 43.92 24.56
C CYS A 157 22.21 43.31 24.80
N GLY A 158 22.96 43.93 25.72
CA GLY A 158 24.14 43.32 26.32
C GLY A 158 25.15 42.69 25.37
N ALA A 159 25.54 41.47 25.71
CA ALA A 159 26.46 40.69 24.90
C ALA A 159 25.69 39.75 23.97
N LEU A 160 26.43 38.86 23.31
CA LEU A 160 25.83 37.96 22.34
C LEU A 160 26.41 36.54 22.44
N ASN A 161 26.01 35.67 21.52
CA ASN A 161 26.43 34.28 21.55
C ASN A 161 26.39 33.61 20.17
N GLY A 162 26.59 32.30 20.14
CA GLY A 162 26.67 31.55 18.90
C GLY A 162 25.39 30.87 18.47
N VAL A 163 25.53 29.75 17.76
CA VAL A 163 24.40 29.04 17.19
C VAL A 163 24.09 27.77 18.02
N VAL A 164 23.05 27.05 17.64
CA VAL A 164 22.69 25.80 18.28
C VAL A 164 22.54 24.67 17.25
N LYS A 165 23.44 23.70 17.30
CA LYS A 165 23.45 22.63 16.31
C LYS A 165 22.80 21.33 16.76
N LYS A 166 22.34 21.28 18.01
CA LYS A 166 21.65 20.10 18.54
C LYS A 166 22.52 18.84 18.42
N ALA A 167 23.58 18.77 19.22
CA ALA A 167 24.51 17.64 19.17
C ALA A 167 24.21 16.62 20.27
N ALA A 168 24.32 15.34 19.91
CA ALA A 168 24.08 14.25 20.86
C ALA A 168 24.80 12.98 20.42
N ALA A 175 19.25 9.88 22.48
CA ALA A 175 19.26 11.25 21.98
C ALA A 175 18.50 12.18 22.93
N LEU A 176 17.72 13.09 22.34
CA LEU A 176 16.93 14.07 23.08
C LEU A 176 17.81 14.91 24.02
N LYS A 177 19.04 15.14 23.60
CA LYS A 177 19.97 15.96 24.36
C LYS A 177 20.34 17.20 23.56
N ILE A 178 19.91 18.37 24.03
CA ILE A 178 20.13 19.61 23.31
C ILE A 178 21.36 20.36 23.85
N ILE A 179 22.34 20.57 22.97
CA ILE A 179 23.56 21.28 23.34
C ILE A 179 23.92 22.31 22.27
N HIS A 180 24.00 23.58 22.67
CA HIS A 180 24.38 24.63 21.73
C HIS A 180 25.86 24.97 21.88
N ASP A 181 26.61 24.81 20.79
CA ASP A 181 28.03 25.08 20.82
C ASP A 181 28.32 26.53 20.45
N THR A 182 28.91 27.27 21.40
CA THR A 182 29.41 28.60 21.06
C THR A 182 30.74 28.35 20.36
N PHE A 183 30.81 28.73 19.09
CA PHE A 183 31.88 28.27 18.23
C PHE A 183 32.09 29.20 17.04
N ARG A 184 33.22 29.05 16.37
CA ARG A 184 33.59 29.88 15.22
C ARG A 184 33.64 31.35 15.61
N TRP A 185 34.27 31.63 16.75
CA TRP A 185 34.49 33.00 17.21
C TRP A 185 35.48 33.65 16.26
N VAL A 186 35.52 34.98 16.25
CA VAL A 186 36.42 35.72 15.36
C VAL A 186 37.87 35.26 15.55
N GLY A 187 38.50 34.85 14.46
CA GLY A 187 39.82 34.25 14.51
C GLY A 187 40.91 35.21 14.97
N LYS A 188 41.59 34.83 16.04
CA LYS A 188 42.69 35.62 16.61
C LYS A 188 42.28 37.07 16.90
N LYS A 189 41.00 37.27 17.22
CA LYS A 189 40.51 38.58 17.60
C LYS A 189 39.89 38.51 18.98
N SER A 190 40.45 39.25 19.93
CA SER A 190 40.02 39.17 21.32
C SER A 190 38.63 39.77 21.52
N ALA A 191 37.72 38.96 22.03
CA ALA A 191 36.38 39.41 22.38
C ALA A 191 36.35 39.88 23.83
N PRO A 192 35.45 40.82 24.16
CA PRO A 192 35.31 41.24 25.56
C PRO A 192 34.80 40.11 26.44
N GLU A 193 34.02 39.20 25.86
CA GLU A 193 33.49 38.05 26.59
C GLU A 193 34.53 36.95 26.73
N LYS A 194 35.37 36.80 25.71
CA LYS A 194 36.39 35.76 25.70
C LYS A 194 37.41 35.96 26.81
N ASP A 195 37.76 37.22 27.06
CA ASP A 195 38.73 37.55 28.11
C ASP A 195 38.22 37.11 29.47
N ILE A 196 36.90 37.18 29.66
CA ILE A 196 36.28 36.67 30.88
C ILE A 196 36.21 35.15 30.81
N TRP A 197 35.82 34.63 29.65
CA TRP A 197 35.73 33.19 29.39
C TRP A 197 37.01 32.47 29.78
N VAL A 198 38.11 32.79 29.13
CA VAL A 198 39.40 32.18 29.41
C VAL A 198 39.83 32.46 30.86
N GLY A 199 39.37 33.57 31.40
CA GLY A 199 39.67 33.93 32.77
C GLY A 199 38.93 33.06 33.76
N GLU A 200 37.75 32.58 33.37
CA GLU A 200 36.96 31.70 34.21
C GLU A 200 37.63 30.35 34.40
N TRP A 201 38.18 29.80 33.32
CA TRP A 201 38.81 28.49 33.36
C TRP A 201 40.15 28.52 34.09
N LYS A 202 40.78 29.69 34.13
CA LYS A 202 42.07 29.84 34.80
C LYS A 202 41.95 29.60 36.31
N GLU A 203 40.75 29.83 36.84
CA GLU A 203 40.50 29.60 38.26
C GLU A 203 40.11 28.15 38.52
N VAL A 204 39.83 27.43 37.44
CA VAL A 204 39.48 26.01 37.52
C VAL A 204 40.75 25.17 37.44
N LEU A 205 41.46 25.29 36.32
CA LEU A 205 42.70 24.54 36.09
C LEU A 205 43.76 24.84 37.14
N ALA A 206 43.56 25.91 37.92
CA ALA A 206 44.48 26.24 39.00
C ALA A 206 44.34 25.26 40.17
N HIS A 207 43.10 24.97 40.55
CA HIS A 207 42.83 24.09 41.68
C HIS A 207 43.15 22.63 41.35
N ASN A 208 42.60 22.13 40.26
CA ASN A 208 42.80 20.74 39.86
C ASN A 208 43.04 20.61 38.36
N PRO A 209 44.30 20.82 37.92
CA PRO A 209 44.69 20.85 36.51
C PRO A 209 44.40 19.54 35.76
N GLU A 210 44.16 18.47 36.51
CA GLU A 210 44.02 17.14 35.94
C GLU A 210 42.81 16.96 35.02
N LEU A 211 41.62 17.31 35.52
CA LEU A 211 40.37 16.97 34.84
C LEU A 211 40.01 17.84 33.64
N GLU A 212 40.19 19.15 33.76
CA GLU A 212 39.72 20.06 32.71
C GLU A 212 40.51 19.94 31.42
N ARG A 213 41.81 19.72 31.53
CA ARG A 213 42.65 19.56 30.35
C ARG A 213 42.45 18.17 29.75
N TYR A 214 42.03 17.23 30.58
CA TYR A 214 41.78 15.86 30.15
C TYR A 214 40.73 15.83 29.04
N VAL A 215 39.60 16.49 29.30
CA VAL A 215 38.54 16.62 28.31
C VAL A 215 37.88 18.01 28.39
N LYS A 216 37.57 18.57 27.24
CA LYS A 216 37.05 19.94 27.16
C LYS A 216 36.35 20.21 25.83
N ARG A 217 36.01 21.49 25.61
CA ARG A 217 35.49 21.98 24.33
C ARG A 217 34.13 21.38 23.96
N CYS A 218 33.33 21.04 24.95
CA CYS A 218 31.97 20.56 24.69
C CYS A 218 30.97 21.70 24.83
N MET A 219 31.48 22.89 25.16
CA MET A 219 30.70 24.11 25.27
C MET A 219 29.60 24.04 26.35
N ASP A 220 28.36 24.34 25.96
CA ASP A 220 27.27 24.44 26.92
C ASP A 220 25.91 23.96 26.38
N ASP A 221 25.09 23.38 27.24
CA ASP A 221 23.77 22.91 26.83
C ASP A 221 22.66 23.81 27.36
N LEU A 222 21.42 23.44 27.06
CA LEU A 222 20.27 24.11 27.64
C LEU A 222 19.33 23.10 28.29
N ASN A 223 19.18 23.20 29.60
CA ASN A 223 18.28 22.34 30.33
C ASN A 223 16.82 22.67 30.00
N PRO A 224 15.98 21.65 29.83
CA PRO A 224 14.55 21.79 29.52
C PRO A 224 13.83 22.76 30.44
N LEU A 225 14.28 22.86 31.69
CA LEU A 225 13.69 23.78 32.65
C LEU A 225 14.04 25.23 32.32
N LYS A 226 15.32 25.46 32.02
CA LYS A 226 15.83 26.81 31.81
C LYS A 226 15.54 27.36 30.42
N THR A 227 15.28 26.47 29.46
CA THR A 227 14.86 26.91 28.13
C THR A 227 13.37 27.21 28.17
N LEU A 228 12.69 26.66 29.16
CA LEU A 228 11.27 26.96 29.40
C LEU A 228 11.15 28.32 30.07
N ASN A 229 12.10 28.63 30.95
CA ASN A 229 12.19 29.95 31.56
C ASN A 229 12.74 30.96 30.56
N LEU A 230 13.35 30.45 29.50
CA LEU A 230 13.88 31.30 28.44
C LEU A 230 12.79 31.63 27.42
N PHE A 231 11.70 30.87 27.46
CA PHE A 231 10.56 31.10 26.57
C PHE A 231 9.52 32.01 27.20
N LYS A 232 9.70 32.34 28.48
CA LYS A 232 8.70 33.11 29.22
C LYS A 232 8.95 34.61 29.17
N GLN A 233 10.00 35.02 28.47
CA GLN A 233 10.28 36.44 28.26
C GLN A 233 9.47 36.96 27.08
N ILE A 234 9.70 36.40 25.91
CA ILE A 234 8.99 36.86 24.73
C ILE A 234 7.51 36.54 24.81
N LYS A 235 6.70 37.58 24.75
CA LYS A 235 5.25 37.49 24.65
C LYS A 235 4.82 38.72 23.88
N SER A 236 3.66 38.63 23.23
CA SER A 236 3.24 39.65 22.26
C SER A 236 4.33 39.81 21.21
N ALA A 237 4.72 41.06 20.94
CA ALA A 237 5.78 41.36 19.97
C ALA A 237 5.52 40.63 18.66
N ASP A 238 6.48 39.80 18.24
CA ASP A 238 6.25 38.91 17.12
C ASP A 238 6.59 37.46 17.46
N CYS A 239 5.55 36.62 17.57
CA CYS A 239 5.72 35.18 17.56
C CYS A 239 5.39 34.66 16.17
N GLU A 240 4.97 35.59 15.31
CA GLU A 240 4.49 35.27 13.98
C GLU A 240 5.63 34.86 13.06
N LEU A 241 6.79 35.49 13.22
CA LEU A 241 7.98 35.12 12.47
C LEU A 241 8.49 33.76 12.94
N LEU A 242 8.06 33.36 14.13
CA LEU A 242 8.44 32.07 14.70
C LEU A 242 7.39 31.02 14.38
N GLY A 243 6.32 31.43 13.70
CA GLY A 243 5.29 30.52 13.26
C GLY A 243 4.07 30.45 14.16
N ILE A 244 4.11 31.14 15.29
CA ILE A 244 3.02 31.10 16.25
C ILE A 244 2.18 32.37 16.21
N ASP A 245 0.93 32.24 15.78
CA ASP A 245 -0.01 33.35 15.78
C ASP A 245 -0.83 33.33 17.06
N ALA A 246 -1.01 34.50 17.67
CA ALA A 246 -1.72 34.55 18.95
C ALA A 246 -3.05 35.30 18.88
N THR A 247 -4.13 34.54 18.90
CA THR A 247 -5.45 35.06 19.26
C THR A 247 -5.67 34.73 20.73
N VAL A 248 -4.60 34.17 21.32
CA VAL A 248 -4.47 33.74 22.72
C VAL A 248 -5.63 33.00 23.41
N PRO A 249 -6.20 31.97 22.77
CA PRO A 249 -6.78 30.95 23.65
C PRO A 249 -5.64 30.19 24.32
N SER A 250 -4.57 30.03 23.53
CA SER A 250 -3.34 29.36 23.95
C SER A 250 -2.31 30.40 24.38
N GLY A 251 -1.47 30.03 25.35
CA GLY A 251 -0.54 30.96 25.96
C GLY A 251 0.81 31.09 25.28
N ARG A 252 0.86 30.78 23.98
CA ARG A 252 2.07 30.93 23.17
C ARG A 252 3.09 29.86 23.54
N PRO A 253 4.16 29.68 22.73
CA PRO A 253 4.95 28.45 22.90
C PRO A 253 5.69 28.28 24.23
N GLU A 254 4.94 28.30 25.34
CA GLU A 254 5.40 27.76 26.60
C GLU A 254 4.83 26.36 26.71
N THR A 255 4.03 25.99 25.71
CA THR A 255 3.20 24.79 25.76
C THR A 255 3.87 23.60 25.09
N TYR A 256 5.03 23.83 24.49
CA TYR A 256 5.70 22.78 23.73
C TYR A 256 6.57 21.94 24.65
N ILE A 257 6.54 22.25 25.93
CA ILE A 257 7.23 21.46 26.94
C ILE A 257 6.21 20.87 27.92
N TRP A 258 6.34 19.59 28.21
CA TRP A 258 5.41 18.91 29.10
C TRP A 258 5.48 19.44 30.53
N ARG A 259 4.33 19.80 31.08
CA ARG A 259 4.21 20.12 32.50
C ARG A 259 3.10 19.25 33.08
N TYR A 260 1.89 19.49 32.59
CA TYR A 260 0.76 18.60 32.87
C TYR A 260 0.78 17.44 31.90
N LEU A 261 -0.33 16.70 31.84
CA LEU A 261 -0.43 15.53 30.97
C LEU A 261 -1.86 15.00 31.00
N PRO A 262 -2.40 14.68 29.82
CA PRO A 262 -3.77 14.18 29.63
C PRO A 262 -3.86 12.66 29.75
N ALA A 263 -3.92 12.13 30.96
CA ALA A 263 -4.08 10.70 31.17
C ALA A 263 -5.35 10.21 30.47
N PRO A 264 -5.18 9.30 29.51
CA PRO A 264 -6.27 8.81 28.65
C PRO A 264 -7.34 8.04 29.40
N PRO A 265 -8.59 8.09 28.92
CA PRO A 265 -9.71 7.33 29.48
C PRO A 265 -9.51 5.82 29.34
N VAL A 266 -10.49 5.05 29.83
CA VAL A 266 -10.43 3.60 29.73
C VAL A 266 -11.02 3.17 28.38
N CYS A 267 -11.55 4.13 27.64
CA CYS A 267 -12.08 3.87 26.31
C CYS A 267 -10.94 3.87 25.29
N ILE A 268 -9.78 4.37 25.70
CA ILE A 268 -8.58 4.32 24.88
C ILE A 268 -8.01 2.91 24.92
N ARG A 269 -7.60 2.48 26.11
CA ARG A 269 -7.32 1.06 26.33
C ARG A 269 -8.15 0.56 27.52
N PRO A 270 -8.71 -0.65 27.38
CA PRO A 270 -9.50 -1.27 28.45
C PRO A 270 -8.66 -2.20 29.32
N SER A 271 -9.29 -2.84 30.29
CA SER A 271 -8.69 -3.96 30.99
C SER A 271 -9.16 -5.23 30.30
N VAL A 272 -8.25 -5.92 29.62
CA VAL A 272 -8.64 -7.02 28.74
C VAL A 272 -9.18 -8.22 29.50
N MET A 273 -10.29 -8.75 28.98
CA MET A 273 -10.96 -9.92 29.52
C MET A 273 -10.41 -11.18 28.85
N MET A 274 -9.31 -11.01 28.13
CA MET A 274 -8.79 -12.00 27.19
C MET A 274 -8.46 -13.34 27.84
N GLN A 275 -8.37 -14.36 26.98
CA GLN A 275 -8.34 -15.78 27.35
C GLN A 275 -9.60 -16.18 28.12
N ASP A 276 -9.41 -17.02 29.13
CA ASP A 276 -10.53 -17.57 29.90
C ASP A 276 -10.31 -17.42 31.40
N SER A 277 -9.21 -18.03 31.87
CA SER A 277 -8.87 -18.09 33.28
C SER A 277 -8.90 -16.72 33.96
N PRO A 278 -9.26 -16.69 35.26
CA PRO A 278 -9.45 -15.49 36.08
C PRO A 278 -8.20 -14.62 36.22
N ALA A 279 -8.27 -13.61 37.09
CA ALA A 279 -7.27 -12.56 37.21
C ALA A 279 -7.17 -11.76 35.91
N SER A 280 -8.18 -10.94 35.67
CA SER A 280 -8.29 -10.10 34.46
C SER A 280 -7.03 -9.29 34.21
N ASN A 281 -6.65 -9.20 32.94
CA ASN A 281 -5.36 -8.65 32.55
C ASN A 281 -5.40 -7.15 32.19
N GLU A 282 -4.34 -6.45 32.60
CA GLU A 282 -4.12 -5.06 32.19
C GLU A 282 -3.59 -4.96 30.76
N ASP A 283 -3.66 -3.77 30.19
CA ASP A 283 -3.11 -3.52 28.85
C ASP A 283 -1.90 -2.59 28.96
N ASP A 284 -1.02 -2.67 27.97
CA ASP A 284 0.29 -2.02 28.02
C ASP A 284 0.27 -0.53 28.35
N LEU A 285 -0.69 0.20 27.81
CA LEU A 285 -0.77 1.65 28.04
C LEU A 285 -1.09 1.98 29.50
N THR A 286 -1.76 1.07 30.18
CA THR A 286 -2.06 1.25 31.60
C THR A 286 -0.79 1.10 32.42
N VAL A 287 0.08 0.18 32.00
CA VAL A 287 1.35 -0.06 32.68
C VAL A 287 2.27 1.13 32.54
N LYS A 288 2.19 1.82 31.40
CA LYS A 288 3.02 2.98 31.12
C LYS A 288 2.85 4.09 32.16
N LEU A 289 1.65 4.66 32.21
CA LEU A 289 1.39 5.82 33.06
C LEU A 289 1.42 5.51 34.55
N THR A 290 1.14 4.26 34.92
CA THR A 290 1.17 3.88 36.33
C THR A 290 2.62 3.75 36.78
N GLU A 291 3.52 3.55 35.83
CA GLU A 291 4.95 3.55 36.09
C GLU A 291 5.45 4.99 36.17
N ILE A 292 4.83 5.86 35.38
CA ILE A 292 5.18 7.28 35.35
C ILE A 292 4.98 7.93 36.71
N VAL A 293 3.85 7.64 37.35
CA VAL A 293 3.52 8.18 38.68
C VAL A 293 4.61 7.83 39.70
N TRP A 294 5.28 6.70 39.49
CA TRP A 294 6.35 6.26 40.36
C TRP A 294 7.60 7.10 40.14
N THR A 295 8.15 7.03 38.93
CA THR A 295 9.37 7.77 38.58
C THR A 295 9.18 9.29 38.68
N SER A 296 7.93 9.73 38.66
CA SER A 296 7.61 11.14 38.88
C SER A 296 7.75 11.49 40.35
N SER A 297 6.94 10.83 41.17
CA SER A 297 6.93 11.06 42.62
C SER A 297 8.28 10.76 43.28
N LEU A 298 9.16 10.09 42.54
CA LEU A 298 10.52 9.83 43.01
C LEU A 298 11.25 11.15 43.24
N ILE A 299 11.05 12.10 42.33
CA ILE A 299 11.62 13.44 42.47
C ILE A 299 10.82 14.25 43.50
N LYS A 300 9.51 14.01 43.53
CA LYS A 300 8.64 14.64 44.51
C LYS A 300 9.12 14.34 45.93
N ALA A 301 9.49 13.07 46.16
CA ALA A 301 10.05 12.65 47.43
C ALA A 301 11.52 13.06 47.56
N GLY A 302 12.06 13.63 46.49
CA GLY A 302 13.43 14.10 46.47
C GLY A 302 13.48 15.48 47.09
N LEU A 303 14.42 16.32 46.62
CA LEU A 303 14.50 17.70 47.10
C LEU A 303 14.73 17.74 48.62
N ASP A 304 13.73 18.23 49.35
CA ASP A 304 13.87 18.67 50.73
C ASP A 304 14.59 17.74 51.71
N LYS A 305 14.51 16.43 51.52
CA LYS A 305 15.09 15.54 52.53
C LYS A 305 16.45 14.92 52.15
N GLY A 306 16.45 13.95 51.24
CA GLY A 306 17.61 13.11 51.04
C GLY A 306 18.48 13.31 49.80
N ILE A 307 19.10 12.21 49.39
CA ILE A 307 19.93 12.06 48.18
C ILE A 307 20.97 13.16 47.94
N SER A 308 21.14 13.55 46.68
CA SER A 308 22.26 14.38 46.27
C SER A 308 22.05 15.04 44.91
N ILE A 309 23.12 15.61 44.37
CA ILE A 309 23.07 16.32 43.10
C ILE A 309 23.04 15.38 41.88
N ASN A 310 24.08 14.58 41.69
CA ASN A 310 24.28 13.85 40.44
C ASN A 310 23.52 12.52 40.34
N ASN A 311 22.77 12.17 41.38
CA ASN A 311 21.92 10.99 41.34
C ASN A 311 20.57 11.30 40.69
N MET A 312 19.84 12.26 41.28
CA MET A 312 18.57 12.72 40.76
C MET A 312 18.63 13.09 39.27
N MET A 313 19.79 13.57 38.83
CA MET A 313 20.00 14.04 37.46
C MET A 313 19.55 13.06 36.37
N GLU A 314 20.21 11.90 36.29
CA GLU A 314 19.92 10.95 35.22
C GLU A 314 18.52 10.34 35.36
N HIS A 315 17.99 10.35 36.58
CA HIS A 315 16.63 9.86 36.82
C HIS A 315 15.61 10.78 36.19
N TRP A 316 15.89 12.08 36.22
CA TRP A 316 15.04 13.06 35.55
C TRP A 316 15.27 13.02 34.04
N ASP A 317 16.48 12.63 33.66
CA ASP A 317 16.82 12.41 32.26
C ASP A 317 16.24 11.08 31.80
N TYR A 318 15.94 10.21 32.76
CA TYR A 318 15.30 8.94 32.49
C TYR A 318 13.80 9.13 32.27
N LEU A 319 13.28 10.23 32.81
CA LEU A 319 11.86 10.53 32.70
C LEU A 319 11.48 10.94 31.29
N GLN A 320 12.36 11.70 30.63
CA GLN A 320 12.10 12.14 29.27
C GLN A 320 12.24 10.99 28.28
N LEU A 321 12.88 9.92 28.72
CA LEU A 321 13.01 8.71 27.91
C LEU A 321 11.71 7.92 27.93
N THR A 322 11.03 7.94 29.08
CA THR A 322 9.78 7.21 29.26
C THR A 322 8.63 7.83 28.48
N VAL A 323 8.44 9.13 28.64
CA VAL A 323 7.34 9.84 28.01
C VAL A 323 7.50 9.88 26.49
N ALA A 324 8.74 9.97 26.03
CA ALA A 324 9.01 9.96 24.60
C ALA A 324 8.67 8.61 23.99
N MET A 325 8.92 7.54 24.76
CA MET A 325 8.58 6.19 24.34
C MET A 325 7.07 5.98 24.41
N TYR A 326 6.44 6.59 25.41
CA TYR A 326 5.01 6.45 25.63
C TYR A 326 4.20 6.79 24.37
N ILE A 327 4.44 7.98 23.81
CA ILE A 327 3.70 8.43 22.64
C ILE A 327 4.42 8.23 21.30
N ASN A 328 5.60 7.61 21.31
CA ASN A 328 6.34 7.41 20.08
C ASN A 328 7.06 6.05 19.99
N SER A 329 7.90 5.89 18.98
CA SER A 329 8.46 4.58 18.65
C SER A 329 9.97 4.44 18.86
N ASP A 330 10.76 5.18 18.08
CA ASP A 330 12.20 4.95 18.01
C ASP A 330 12.98 5.72 19.06
N SER A 331 12.27 6.41 19.96
CA SER A 331 12.90 7.24 20.97
C SER A 331 13.32 6.45 22.21
N VAL A 332 13.11 5.13 22.19
CA VAL A 332 13.45 4.31 23.35
C VAL A 332 14.80 3.60 23.16
N ASN A 333 14.84 2.58 22.30
CA ASN A 333 16.07 1.91 21.91
C ASN A 333 16.74 1.14 23.07
N PRO A 334 17.70 0.26 22.73
CA PRO A 334 18.52 -0.39 23.76
C PRO A 334 19.28 0.62 24.63
N ALA A 335 19.79 0.16 25.77
CA ALA A 335 20.38 0.96 26.86
C ALA A 335 19.29 1.45 27.79
N MET A 336 18.04 1.13 27.46
CA MET A 336 16.92 1.34 28.36
C MET A 336 17.15 0.58 29.66
N LEU A 337 17.09 1.30 30.79
CA LEU A 337 17.36 0.72 32.09
C LEU A 337 16.41 1.25 33.15
N LYS A 348 10.51 -7.05 22.88
CA LYS A 348 11.12 -5.81 23.34
C LYS A 348 10.19 -4.59 23.23
N PRO A 349 9.75 -4.23 22.00
CA PRO A 349 8.96 -3.00 21.96
C PRO A 349 7.59 -3.13 22.61
N ILE A 350 7.26 -2.21 23.51
CA ILE A 350 5.98 -2.19 24.20
C ILE A 350 5.01 -1.16 23.59
N ARG A 351 5.42 -0.52 22.49
CA ARG A 351 4.82 0.74 22.05
C ARG A 351 3.29 0.69 21.96
N GLY A 352 2.65 1.60 22.69
CA GLY A 352 1.20 1.61 22.81
C GLY A 352 0.39 2.69 22.11
N PHE A 353 1.04 3.75 21.64
CA PHE A 353 0.29 4.92 21.19
C PHE A 353 0.40 5.24 19.70
N CYS A 354 1.57 5.73 19.29
CA CYS A 354 1.77 6.16 17.90
C CYS A 354 1.65 4.98 16.93
N GLN A 355 1.69 3.77 17.48
CA GLN A 355 1.60 2.54 16.70
C GLN A 355 0.19 2.24 16.24
N ARG A 356 -0.74 2.11 17.18
CA ARG A 356 -2.15 1.82 16.85
C ARG A 356 -2.75 2.79 15.84
N LEU A 357 -2.18 3.99 15.73
CA LEU A 357 -2.61 4.97 14.73
C LEU A 357 -2.00 4.63 13.37
N LYS A 358 -0.94 3.83 13.39
CA LYS A 358 -0.23 3.38 12.19
C LYS A 358 -0.82 2.06 11.67
N GLY A 359 -0.05 1.38 10.81
CA GLY A 359 -0.55 0.22 10.08
C GLY A 359 -1.33 0.63 8.84
N LYS A 360 -0.71 1.54 8.10
CA LYS A 360 -1.24 2.03 6.83
C LYS A 360 -1.00 1.04 5.69
N GLN A 361 -0.24 -0.02 5.98
CA GLN A 361 0.08 -1.04 4.99
C GLN A 361 -0.05 -2.43 5.59
N GLY A 362 -0.44 -3.40 4.77
CA GLY A 362 -0.57 -4.77 5.21
C GLY A 362 -1.63 -4.94 6.29
N ARG A 363 -2.76 -5.49 5.87
CA ARG A 363 -3.92 -5.74 6.73
C ARG A 363 -4.78 -4.48 6.83
N PHE A 364 -4.30 -3.40 6.23
CA PHE A 364 -5.09 -2.19 6.10
C PHE A 364 -6.28 -2.49 5.19
N ARG A 365 -6.01 -3.23 4.13
CA ARG A 365 -7.03 -3.65 3.19
C ARG A 365 -8.06 -4.57 3.84
N GLY A 366 -7.58 -5.47 4.69
CA GLY A 366 -8.46 -6.42 5.34
C GLY A 366 -9.04 -5.98 6.67
N ASN A 367 -8.17 -5.59 7.60
CA ASN A 367 -8.60 -5.27 8.96
C ASN A 367 -9.28 -3.92 9.09
N LEU A 368 -8.65 -2.86 8.58
CA LEU A 368 -9.10 -1.49 8.86
C LEU A 368 -10.42 -1.12 8.20
N SER A 369 -10.47 -1.24 6.87
CA SER A 369 -11.67 -0.86 6.13
C SER A 369 -12.57 -2.05 5.83
N GLY A 370 -12.10 -3.24 6.19
CA GLY A 370 -12.85 -4.46 5.90
C GLY A 370 -13.45 -5.12 7.11
N LYS A 371 -13.43 -4.43 8.25
CA LYS A 371 -13.92 -5.01 9.49
C LYS A 371 -15.44 -4.93 9.58
N ARG A 372 -15.98 -3.71 9.61
CA ARG A 372 -17.44 -3.58 9.69
C ARG A 372 -18.07 -3.24 8.34
N VAL A 373 -18.71 -4.25 7.75
CA VAL A 373 -19.66 -4.08 6.65
C VAL A 373 -20.82 -5.02 6.94
N ASP A 374 -22.01 -4.48 7.12
CA ASP A 374 -23.14 -5.29 7.56
C ASP A 374 -23.94 -5.84 6.38
N PHE A 375 -24.90 -6.71 6.68
CA PHE A 375 -25.78 -7.32 5.69
C PHE A 375 -25.05 -7.77 4.42
N SER A 376 -24.21 -8.78 4.55
CA SER A 376 -23.38 -9.24 3.44
C SER A 376 -23.39 -10.75 3.30
N GLY A 377 -22.66 -11.25 2.31
CA GLY A 377 -22.58 -12.68 2.06
C GLY A 377 -21.50 -13.03 1.07
N ARG A 378 -21.06 -14.29 1.09
CA ARG A 378 -20.01 -14.76 0.20
C ARG A 378 -20.22 -16.24 -0.13
N THR A 379 -19.85 -16.64 -1.34
CA THR A 379 -20.12 -18.00 -1.85
C THR A 379 -19.43 -18.14 -3.22
N VAL A 380 -19.29 -19.36 -3.69
CA VAL A 380 -18.63 -19.63 -4.96
C VAL A 380 -19.48 -19.24 -6.17
N ILE A 381 -19.01 -19.58 -7.36
CA ILE A 381 -19.65 -19.17 -8.60
C ILE A 381 -20.05 -20.38 -9.45
N SER A 382 -20.92 -20.14 -10.44
CA SER A 382 -21.46 -21.17 -11.31
C SER A 382 -22.31 -20.53 -12.40
N PRO A 383 -22.23 -21.06 -13.62
CA PRO A 383 -22.85 -20.43 -14.80
C PRO A 383 -24.35 -20.67 -14.91
N ASP A 384 -24.96 -20.04 -15.93
CA ASP A 384 -26.36 -20.28 -16.32
C ASP A 384 -26.67 -19.39 -17.52
N PRO A 385 -27.26 -19.98 -18.58
CA PRO A 385 -27.76 -19.27 -19.76
C PRO A 385 -29.08 -18.54 -19.53
N ASN A 386 -29.90 -19.08 -18.63
CA ASN A 386 -31.30 -18.70 -18.55
C ASN A 386 -31.53 -17.36 -17.85
N LEU A 387 -30.58 -16.96 -17.01
CA LEU A 387 -30.68 -15.67 -16.34
C LEU A 387 -30.25 -14.56 -17.27
N SER A 388 -31.16 -13.63 -17.52
CA SER A 388 -30.84 -12.45 -18.31
C SER A 388 -29.84 -11.59 -17.57
N ILE A 389 -29.03 -10.82 -18.31
CA ILE A 389 -28.08 -9.93 -17.68
C ILE A 389 -28.81 -8.91 -16.82
N ASP A 390 -28.16 -8.51 -15.72
CA ASP A 390 -28.65 -7.64 -14.64
C ASP A 390 -29.45 -8.45 -13.60
N GLU A 391 -29.60 -9.75 -13.85
CA GLU A 391 -30.19 -10.66 -12.87
C GLU A 391 -29.14 -11.54 -12.21
N VAL A 392 -29.24 -11.70 -10.89
CA VAL A 392 -28.37 -12.61 -10.15
C VAL A 392 -29.18 -13.47 -9.18
N ALA A 393 -29.05 -14.78 -9.32
CA ALA A 393 -29.82 -15.70 -8.48
C ALA A 393 -29.18 -15.91 -7.11
N VAL A 394 -29.93 -15.57 -6.07
CA VAL A 394 -29.47 -15.75 -4.69
C VAL A 394 -30.20 -16.92 -4.03
N PRO A 395 -29.44 -17.89 -3.50
CA PRO A 395 -30.04 -19.06 -2.85
C PRO A 395 -30.90 -18.68 -1.66
N ASP A 396 -32.02 -19.38 -1.48
CA ASP A 396 -32.99 -19.05 -0.44
C ASP A 396 -32.41 -19.26 0.96
N ARG A 397 -31.42 -20.14 1.08
CA ARG A 397 -30.85 -20.48 2.37
C ARG A 397 -30.09 -19.29 2.99
N VAL A 398 -29.42 -18.52 2.15
CA VAL A 398 -28.74 -17.31 2.62
C VAL A 398 -29.67 -16.11 2.52
N ALA A 399 -30.82 -16.30 1.90
CA ALA A 399 -31.81 -15.24 1.75
C ALA A 399 -32.69 -15.15 2.99
N LYS A 400 -32.64 -16.20 3.82
CA LYS A 400 -33.39 -16.21 5.08
C LYS A 400 -32.70 -15.32 6.11
N VAL A 401 -31.37 -15.32 6.08
CA VAL A 401 -30.59 -14.53 7.02
C VAL A 401 -30.27 -13.15 6.45
N LEU A 402 -30.67 -12.90 5.21
CA LEU A 402 -30.45 -11.60 4.60
C LEU A 402 -31.74 -10.78 4.59
N THR A 403 -31.78 -9.77 5.43
CA THR A 403 -32.98 -8.94 5.61
C THR A 403 -32.93 -7.65 4.81
N TYR A 404 -33.90 -6.78 5.07
CA TYR A 404 -34.02 -5.47 4.43
C TYR A 404 -35.18 -4.72 5.05
N PRO A 405 -34.98 -3.42 5.36
CA PRO A 405 -36.01 -2.63 6.04
C PRO A 405 -37.16 -2.23 5.13
N GLU A 406 -38.39 -2.29 5.66
CA GLU A 406 -39.56 -1.86 4.91
C GLU A 406 -40.54 -1.11 5.80
N LYS A 407 -40.89 0.11 5.38
CA LYS A 407 -41.89 0.89 6.09
C LYS A 407 -43.23 0.79 5.36
N VAL A 408 -44.21 0.16 6.00
CA VAL A 408 -45.48 -0.12 5.35
C VAL A 408 -46.39 1.11 5.33
N THR A 409 -46.74 1.56 4.13
CA THR A 409 -47.66 2.68 3.96
C THR A 409 -48.65 2.53 2.82
N ARG A 410 -49.93 2.55 3.14
CA ARG A 410 -51.02 2.77 2.17
C ARG A 410 -51.17 1.64 1.14
N TYR A 411 -50.14 0.80 1.02
CA TYR A 411 -50.10 -0.24 0.00
C TYR A 411 -49.72 -1.57 0.62
N ASN A 412 -48.52 -1.62 1.18
CA ASN A 412 -47.96 -2.83 1.78
C ASN A 412 -48.84 -3.42 2.89
N ARG A 413 -49.77 -2.62 3.40
CA ARG A 413 -50.69 -3.03 4.45
C ARG A 413 -51.34 -4.38 4.16
N HIS A 414 -51.77 -4.57 2.93
CA HIS A 414 -52.37 -5.82 2.49
C HIS A 414 -51.42 -7.02 2.65
N LYS A 415 -50.32 -7.01 1.91
CA LYS A 415 -49.44 -8.17 1.82
C LYS A 415 -48.50 -8.34 3.02
N LEU A 416 -48.00 -7.24 3.57
CA LEU A 416 -47.00 -7.31 4.64
C LEU A 416 -47.57 -7.92 5.92
N GLN A 417 -48.85 -7.71 6.17
CA GLN A 417 -49.49 -8.31 7.34
C GLN A 417 -49.64 -9.81 7.15
N GLU A 418 -49.63 -10.24 5.89
CA GLU A 418 -49.66 -11.66 5.56
C GLU A 418 -48.27 -12.26 5.73
N LEU A 419 -47.25 -11.44 5.51
CA LEU A 419 -45.86 -11.87 5.71
C LEU A 419 -45.55 -12.08 7.19
N ILE A 420 -46.26 -11.34 8.04
CA ILE A 420 -46.07 -11.44 9.48
C ILE A 420 -46.58 -12.77 10.02
N VAL A 421 -47.78 -13.15 9.59
CA VAL A 421 -48.41 -14.38 10.05
C VAL A 421 -47.78 -15.61 9.40
N ASN A 422 -46.93 -15.38 8.40
CA ASN A 422 -46.29 -16.46 7.67
C ASN A 422 -45.23 -17.17 8.50
N GLY A 423 -44.39 -16.38 9.19
CA GLY A 423 -43.37 -16.94 10.06
C GLY A 423 -41.98 -16.92 9.45
N PRO A 424 -40.94 -16.86 10.31
CA PRO A 424 -39.54 -16.82 9.87
C PRO A 424 -38.97 -18.22 9.64
N ASN A 425 -39.68 -19.04 8.86
CA ASN A 425 -39.20 -20.35 8.49
C ASN A 425 -39.30 -20.52 6.97
N VAL A 426 -40.52 -20.47 6.46
CA VAL A 426 -40.73 -20.43 5.02
C VAL A 426 -40.17 -19.12 4.46
N HIS A 427 -39.86 -19.12 3.16
CA HIS A 427 -39.21 -17.98 2.53
C HIS A 427 -39.97 -16.65 2.65
N PRO A 428 -41.28 -16.62 2.31
CA PRO A 428 -41.93 -15.31 2.39
C PRO A 428 -42.36 -14.93 3.81
N GLY A 429 -41.43 -14.42 4.60
CA GLY A 429 -41.73 -14.04 5.97
C GLY A 429 -40.85 -12.91 6.50
N ALA A 430 -41.06 -12.54 7.75
CA ALA A 430 -40.30 -11.46 8.38
C ALA A 430 -39.67 -11.90 9.70
N ASN A 431 -38.39 -11.59 9.87
CA ASN A 431 -37.67 -11.98 11.09
C ASN A 431 -37.74 -10.94 12.20
N TYR A 432 -38.20 -9.74 11.88
CA TYR A 432 -38.23 -8.66 12.85
C TYR A 432 -39.41 -7.71 12.64
N LEU A 433 -39.75 -6.98 13.70
CA LEU A 433 -40.82 -5.99 13.66
C LEU A 433 -40.45 -4.81 14.55
N LEU A 434 -40.76 -3.60 14.09
CA LEU A 434 -40.47 -2.40 14.88
C LEU A 434 -41.65 -1.44 14.88
N LYS A 435 -42.20 -1.19 16.06
CA LYS A 435 -43.34 -0.28 16.21
C LYS A 435 -42.90 1.17 16.42
N ARG A 436 -43.69 2.10 15.89
CA ARG A 436 -43.37 3.52 15.94
C ARG A 436 -43.36 4.08 17.36
N ASN A 437 -43.79 3.27 18.33
CA ASN A 437 -43.83 3.69 19.72
C ASN A 437 -42.45 3.52 20.37
N GLU A 438 -41.48 3.08 19.57
CA GLU A 438 -40.09 2.96 19.98
C GLU A 438 -39.91 2.01 21.17
N ASP A 439 -40.13 0.72 20.93
CA ASP A 439 -39.76 -0.30 21.91
C ASP A 439 -38.27 -0.58 21.74
N ALA A 440 -37.76 -1.57 22.48
CA ALA A 440 -36.41 -2.07 22.22
C ALA A 440 -36.36 -2.54 20.77
N ARG A 441 -37.10 -3.62 20.51
CA ARG A 441 -37.38 -4.12 19.17
C ARG A 441 -38.27 -5.34 19.32
N ARG A 442 -38.97 -5.71 18.26
CA ARG A 442 -39.76 -6.93 18.28
C ARG A 442 -39.18 -7.94 17.31
N ASN A 443 -38.54 -8.97 17.84
CA ASN A 443 -38.03 -10.07 17.05
C ASN A 443 -39.07 -11.16 16.99
N LEU A 444 -39.50 -11.53 15.79
CA LEU A 444 -40.50 -12.57 15.71
C LEU A 444 -39.85 -13.89 15.35
N ARG A 445 -39.56 -14.67 16.39
CA ARG A 445 -39.15 -16.06 16.30
C ARG A 445 -39.82 -16.82 17.43
N TYR A 446 -39.44 -16.41 18.64
CA TYR A 446 -39.71 -17.05 19.92
C TYR A 446 -41.19 -17.32 20.19
N GLY A 447 -42.07 -16.57 19.51
CA GLY A 447 -43.49 -16.68 19.79
C GLY A 447 -44.32 -15.62 19.10
N ASP A 448 -45.46 -15.29 19.70
CA ASP A 448 -46.38 -14.27 19.19
C ASP A 448 -46.93 -14.59 17.81
N ARG A 449 -46.64 -13.73 16.84
CA ARG A 449 -47.29 -13.73 15.54
C ARG A 449 -48.80 -13.59 15.73
N MET A 450 -49.57 -14.31 14.91
CA MET A 450 -51.03 -14.38 15.06
C MET A 450 -51.68 -13.00 15.15
N LYS A 451 -52.29 -12.72 16.30
CA LYS A 451 -52.99 -11.47 16.57
C LYS A 451 -52.14 -10.22 16.31
N LEU A 452 -50.82 -10.36 16.45
CA LEU A 452 -49.90 -9.23 16.29
C LEU A 452 -50.01 -8.58 14.90
N ALA A 453 -50.46 -9.36 13.92
CA ALA A 453 -50.57 -8.87 12.55
C ALA A 453 -51.90 -8.14 12.31
N LYS A 454 -52.75 -8.09 13.32
CA LYS A 454 -54.06 -7.47 13.18
C LYS A 454 -53.98 -5.95 13.26
N ASN A 455 -53.11 -5.44 14.12
CA ASN A 455 -53.00 -3.99 14.29
C ASN A 455 -52.10 -3.36 13.23
N LEU A 456 -50.79 -3.56 13.38
CA LEU A 456 -49.79 -3.08 12.41
C LEU A 456 -50.03 -1.64 11.96
N GLN A 457 -49.82 -0.69 12.85
CA GLN A 457 -50.04 0.73 12.52
C GLN A 457 -49.06 1.20 11.44
N ILE A 458 -49.45 2.25 10.74
CA ILE A 458 -48.74 2.73 9.55
C ILE A 458 -47.27 3.07 9.80
N GLY A 459 -46.99 3.72 10.92
CA GLY A 459 -45.66 4.24 11.17
C GLY A 459 -44.61 3.22 11.60
N ASP A 460 -44.93 1.94 11.48
CA ASP A 460 -44.02 0.89 11.92
C ASP A 460 -42.98 0.54 10.86
N VAL A 461 -42.07 -0.37 11.22
CA VAL A 461 -41.03 -0.84 10.32
C VAL A 461 -40.84 -2.34 10.48
N VAL A 462 -40.89 -3.08 9.38
CA VAL A 462 -40.74 -4.52 9.41
C VAL A 462 -39.74 -5.00 8.36
N GLU A 463 -38.85 -5.91 8.75
CA GLU A 463 -37.84 -6.40 7.83
C GLU A 463 -38.26 -7.71 7.16
N ARG A 464 -38.55 -7.62 5.87
CA ARG A 464 -38.93 -8.79 5.06
C ARG A 464 -37.70 -9.55 4.58
N HIS A 465 -37.89 -10.84 4.30
CA HIS A 465 -36.84 -11.64 3.66
C HIS A 465 -36.54 -11.13 2.26
N LEU A 466 -35.32 -11.35 1.79
CA LEU A 466 -34.95 -10.94 0.44
C LEU A 466 -35.72 -11.74 -0.60
N GLU A 467 -36.21 -11.05 -1.63
CA GLU A 467 -37.01 -11.69 -2.67
C GLU A 467 -36.76 -11.06 -4.04
N ASP A 468 -37.55 -11.46 -5.01
CA ASP A 468 -37.41 -10.98 -6.38
C ASP A 468 -37.81 -9.51 -6.49
N GLY A 469 -37.23 -8.80 -7.45
CA GLY A 469 -37.56 -7.41 -7.70
C GLY A 469 -36.77 -6.43 -6.84
N ASP A 470 -35.75 -6.94 -6.15
CA ASP A 470 -34.93 -6.09 -5.28
C ASP A 470 -33.63 -5.69 -5.96
N VAL A 471 -32.83 -4.90 -5.27
CA VAL A 471 -31.56 -4.42 -5.81
C VAL A 471 -30.38 -4.81 -4.93
N VAL A 472 -29.39 -5.45 -5.53
CA VAL A 472 -28.19 -5.86 -4.81
C VAL A 472 -26.95 -5.64 -5.68
N LEU A 473 -25.91 -5.08 -5.09
CA LEU A 473 -24.68 -4.79 -5.83
C LEU A 473 -23.67 -5.94 -5.70
N PHE A 474 -22.97 -6.21 -6.79
CA PHE A 474 -22.05 -7.35 -6.85
C PHE A 474 -20.60 -6.88 -6.77
N ASN A 475 -19.75 -7.70 -6.15
CA ASN A 475 -18.36 -7.32 -5.92
C ASN A 475 -17.39 -8.51 -5.90
N ARG A 476 -16.17 -8.26 -6.37
CA ARG A 476 -15.07 -9.20 -6.22
C ARG A 476 -13.92 -8.48 -5.51
N GLN A 477 -13.33 -9.14 -4.51
CA GLN A 477 -12.34 -8.50 -3.64
C GLN A 477 -11.11 -7.93 -4.39
N PRO A 478 -10.47 -8.73 -5.28
CA PRO A 478 -9.35 -8.11 -5.98
C PRO A 478 -9.80 -7.06 -6.99
N SER A 479 -10.22 -5.90 -6.50
CA SER A 479 -10.71 -4.82 -7.37
C SER A 479 -9.58 -4.20 -8.18
N LEU A 480 -9.87 -3.90 -9.44
CA LEU A 480 -8.90 -3.27 -10.32
C LEU A 480 -9.38 -1.92 -10.82
N HIS A 481 -10.47 -1.93 -11.58
CA HIS A 481 -10.98 -0.71 -12.22
C HIS A 481 -12.46 -0.47 -11.91
N ARG A 482 -13.02 0.55 -12.55
CA ARG A 482 -14.39 1.00 -12.31
C ARG A 482 -15.45 -0.08 -12.60
N LEU A 483 -15.08 -1.07 -13.40
CA LEU A 483 -16.04 -2.09 -13.84
C LEU A 483 -16.14 -3.23 -12.85
N SER A 484 -15.47 -3.09 -11.71
CA SER A 484 -15.52 -4.10 -10.66
C SER A 484 -16.88 -4.09 -9.98
N ILE A 485 -17.20 -2.98 -9.32
CA ILE A 485 -18.49 -2.86 -8.63
C ILE A 485 -19.63 -2.62 -9.61
N LEU A 486 -20.61 -3.52 -9.60
CA LEU A 486 -21.82 -3.36 -10.39
C LEU A 486 -23.04 -3.61 -9.51
N SER A 487 -24.23 -3.48 -10.09
CA SER A 487 -25.46 -3.72 -9.36
C SER A 487 -26.48 -4.48 -10.21
N HIS A 488 -27.08 -5.51 -9.63
CA HIS A 488 -28.05 -6.31 -10.37
C HIS A 488 -29.36 -6.47 -9.60
N TYR A 489 -30.33 -7.11 -10.24
CA TYR A 489 -31.53 -7.57 -9.57
C TYR A 489 -31.24 -8.90 -8.89
N ALA A 490 -31.96 -9.22 -7.83
CA ALA A 490 -31.76 -10.51 -7.16
C ALA A 490 -32.84 -11.51 -7.57
N LYS A 491 -32.68 -12.75 -7.11
CA LYS A 491 -33.59 -13.85 -7.41
C LYS A 491 -33.50 -14.90 -6.32
N ILE A 492 -34.49 -15.80 -6.27
CA ILE A 492 -34.50 -16.87 -5.29
C ILE A 492 -34.51 -18.24 -5.96
N ARG A 493 -33.44 -19.01 -5.77
CA ARG A 493 -33.32 -20.32 -6.41
C ARG A 493 -32.84 -21.37 -5.41
N PRO A 494 -32.79 -22.66 -5.84
CA PRO A 494 -32.39 -23.70 -4.87
C PRO A 494 -30.87 -23.91 -4.71
N TRP A 495 -30.56 -24.96 -3.96
CA TRP A 495 -29.20 -25.36 -3.58
C TRP A 495 -28.42 -24.24 -2.88
N ARG A 496 -27.12 -24.19 -3.13
CA ARG A 496 -26.29 -23.09 -2.65
C ARG A 496 -25.21 -22.70 -3.65
N THR A 497 -25.22 -21.44 -4.09
CA THR A 497 -24.17 -20.85 -4.92
C THR A 497 -24.57 -19.44 -5.35
N PHE A 498 -23.58 -18.67 -5.82
CA PHE A 498 -23.89 -17.41 -6.48
C PHE A 498 -23.74 -17.58 -7.98
N ARG A 499 -24.86 -17.58 -8.69
CA ARG A 499 -24.86 -17.83 -10.12
C ARG A 499 -25.34 -16.62 -10.92
N LEU A 500 -24.59 -16.27 -11.96
CA LEU A 500 -24.94 -15.14 -12.82
C LEU A 500 -24.77 -15.50 -14.28
N ASN A 501 -25.28 -14.64 -15.17
CA ASN A 501 -25.21 -14.88 -16.60
C ASN A 501 -23.76 -14.97 -17.09
N GLU A 502 -23.53 -15.85 -18.06
CA GLU A 502 -22.21 -16.06 -18.62
C GLU A 502 -21.87 -15.00 -19.65
N CYS A 503 -22.86 -14.18 -19.99
CA CYS A 503 -22.66 -13.09 -20.93
C CYS A 503 -21.57 -12.15 -20.41
N VAL A 504 -21.49 -11.98 -19.10
CA VAL A 504 -20.41 -11.20 -18.54
C VAL A 504 -19.47 -12.04 -17.67
N CYS A 505 -18.31 -12.40 -18.23
CA CYS A 505 -17.17 -12.81 -17.42
C CYS A 505 -16.12 -11.71 -17.40
N THR A 506 -16.34 -10.69 -18.21
CA THR A 506 -15.35 -9.64 -18.45
C THR A 506 -15.09 -8.66 -17.29
N PRO A 507 -16.15 -8.05 -16.72
CA PRO A 507 -15.84 -6.98 -15.76
C PRO A 507 -15.17 -7.49 -14.48
N TYR A 508 -15.58 -8.68 -14.03
CA TYR A 508 -15.05 -9.25 -12.80
C TYR A 508 -13.83 -10.13 -13.08
N ASN A 509 -13.56 -10.37 -14.36
CA ASN A 509 -12.54 -11.32 -14.79
C ASN A 509 -12.75 -12.67 -14.11
N ALA A 510 -13.89 -13.30 -14.39
CA ALA A 510 -14.28 -14.53 -13.72
C ALA A 510 -14.05 -15.76 -14.58
N ASP A 511 -13.12 -16.60 -14.14
CA ASP A 511 -12.83 -17.87 -14.80
C ASP A 511 -13.65 -18.99 -14.16
N PHE A 512 -14.57 -18.62 -13.27
CA PHE A 512 -15.26 -19.55 -12.40
C PHE A 512 -14.21 -20.29 -11.57
N ASP A 513 -14.08 -21.60 -11.76
CA ASP A 513 -13.01 -22.37 -11.13
C ASP A 513 -13.21 -22.51 -9.63
N GLY A 514 -14.31 -21.96 -9.12
CA GLY A 514 -14.55 -21.89 -7.69
C GLY A 514 -13.87 -20.73 -6.99
N ASP A 515 -13.94 -19.56 -7.61
CA ASP A 515 -13.49 -18.33 -6.96
C ASP A 515 -14.51 -17.87 -5.92
N GLU A 516 -14.27 -16.70 -5.34
CA GLU A 516 -15.17 -16.15 -4.33
C GLU A 516 -15.75 -14.81 -4.77
N MET A 517 -16.98 -14.53 -4.34
CA MET A 517 -17.67 -13.31 -4.74
C MET A 517 -18.39 -12.63 -3.57
N ASN A 518 -18.21 -11.32 -3.45
CA ASN A 518 -18.84 -10.54 -2.40
C ASN A 518 -20.29 -10.18 -2.74
N LEU A 519 -21.10 -9.95 -1.70
CA LEU A 519 -22.50 -9.58 -1.87
C LEU A 519 -22.90 -8.49 -0.88
N HIS A 520 -23.50 -7.42 -1.38
CA HIS A 520 -23.90 -6.30 -0.53
C HIS A 520 -25.32 -5.80 -0.85
N VAL A 521 -26.19 -5.80 0.15
CA VAL A 521 -27.55 -5.28 0.00
C VAL A 521 -27.72 -3.95 0.72
N PRO A 522 -28.19 -2.92 -0.01
CA PRO A 522 -28.43 -1.58 0.55
C PRO A 522 -29.56 -1.56 1.59
N GLN A 523 -29.82 -0.39 2.16
CA GLN A 523 -30.83 -0.26 3.21
C GLN A 523 -31.92 0.73 2.85
N THR A 524 -31.59 2.02 2.88
CA THR A 524 -32.56 3.07 2.60
C THR A 524 -33.02 3.05 1.16
N GLU A 525 -34.21 3.61 0.91
CA GLU A 525 -34.77 3.67 -0.44
C GLU A 525 -33.93 4.58 -1.33
N GLU A 526 -33.30 5.59 -0.72
CA GLU A 526 -32.43 6.52 -1.42
C GLU A 526 -31.28 5.79 -2.11
N ALA A 527 -30.42 5.16 -1.31
CA ALA A 527 -29.23 4.48 -1.83
C ALA A 527 -29.58 3.31 -2.74
N ARG A 528 -30.74 2.70 -2.54
CA ARG A 528 -31.16 1.57 -3.36
C ARG A 528 -31.49 2.04 -4.78
N ALA A 529 -32.22 3.13 -4.89
CA ALA A 529 -32.56 3.71 -6.19
C ALA A 529 -31.32 4.29 -6.86
N GLU A 530 -30.36 4.68 -6.04
CA GLU A 530 -29.10 5.23 -6.53
C GLU A 530 -28.26 4.16 -7.25
N ALA A 531 -28.22 2.96 -6.67
CA ALA A 531 -27.38 1.90 -7.18
C ALA A 531 -27.84 1.36 -8.53
N ILE A 532 -29.14 1.10 -8.66
CA ILE A 532 -29.67 0.46 -9.85
C ILE A 532 -29.83 1.42 -11.03
N ASN A 533 -30.21 2.66 -10.75
CA ASN A 533 -30.51 3.64 -11.79
C ASN A 533 -29.26 4.34 -12.32
N LEU A 534 -28.12 4.09 -11.69
CA LEU A 534 -26.87 4.71 -12.09
C LEU A 534 -25.78 3.67 -12.31
N MET A 535 -25.42 2.97 -11.24
CA MET A 535 -24.36 1.97 -11.27
C MET A 535 -24.81 0.69 -11.99
N GLY A 536 -26.08 0.66 -12.38
CA GLY A 536 -26.67 -0.51 -13.03
C GLY A 536 -25.92 -0.98 -14.27
N VAL A 537 -26.09 -2.26 -14.58
CA VAL A 537 -25.37 -2.91 -15.67
C VAL A 537 -25.63 -2.29 -17.04
N LYS A 538 -26.91 -1.99 -17.30
CA LYS A 538 -27.32 -1.46 -18.61
C LYS A 538 -26.59 -0.17 -18.96
N ASN A 539 -26.37 0.69 -17.96
CA ASN A 539 -25.64 1.93 -18.16
C ASN A 539 -24.13 1.73 -18.20
N ASN A 540 -23.67 0.65 -17.58
CA ASN A 540 -22.26 0.34 -17.50
C ASN A 540 -21.76 -0.56 -18.62
N LEU A 541 -22.65 -0.83 -19.58
CA LEU A 541 -22.35 -1.72 -20.71
C LEU A 541 -21.08 -1.34 -21.45
N LEU A 542 -20.74 -0.05 -21.45
CA LEU A 542 -19.54 0.43 -22.12
C LEU A 542 -18.39 0.66 -21.14
N THR A 543 -17.17 0.38 -21.58
CA THR A 543 -15.98 0.58 -20.75
C THR A 543 -15.78 2.08 -20.49
N PRO A 544 -15.30 2.44 -19.30
CA PRO A 544 -15.12 3.84 -18.94
C PRO A 544 -14.02 4.55 -19.73
N LYS A 545 -13.03 3.80 -20.20
CA LYS A 545 -11.90 4.41 -20.88
C LYS A 545 -12.05 4.43 -22.41
N SER A 546 -11.93 3.27 -23.04
CA SER A 546 -11.88 3.18 -24.50
C SER A 546 -13.16 3.62 -25.19
N GLY A 547 -14.29 3.51 -24.49
CA GLY A 547 -15.57 3.85 -25.08
C GLY A 547 -16.07 2.76 -25.99
N GLU A 548 -15.59 1.54 -25.76
CA GLU A 548 -16.00 0.37 -26.55
C GLU A 548 -16.75 -0.60 -25.65
N PRO A 549 -17.65 -1.41 -26.23
CA PRO A 549 -18.37 -2.36 -25.38
C PRO A 549 -17.43 -3.35 -24.70
N ILE A 550 -17.51 -3.44 -23.38
CA ILE A 550 -16.65 -4.33 -22.62
C ILE A 550 -17.33 -5.68 -22.37
N ILE A 551 -18.62 -5.76 -22.67
CA ILE A 551 -19.38 -6.96 -22.38
C ILE A 551 -20.20 -7.45 -23.57
N ALA A 552 -20.04 -8.74 -23.88
CA ALA A 552 -20.76 -9.37 -24.98
C ALA A 552 -20.62 -10.89 -24.91
N ALA A 553 -21.12 -11.59 -25.92
CA ALA A 553 -21.01 -13.05 -25.99
C ALA A 553 -19.54 -13.49 -25.97
N THR A 554 -19.28 -14.64 -25.37
CA THR A 554 -17.90 -15.13 -25.22
C THR A 554 -17.79 -16.63 -25.40
N GLN A 555 -16.65 -17.07 -25.92
CA GLN A 555 -16.32 -18.49 -26.08
C GLN A 555 -17.38 -19.26 -26.87
N ASP A 556 -18.01 -20.23 -26.22
CA ASP A 556 -19.00 -21.11 -26.85
C ASP A 556 -20.12 -20.34 -27.56
N PHE A 557 -20.44 -19.15 -27.04
CA PHE A 557 -21.47 -18.31 -27.65
C PHE A 557 -21.01 -17.78 -29.01
N ILE A 558 -19.73 -17.49 -29.12
CA ILE A 558 -19.16 -16.96 -30.36
C ILE A 558 -19.04 -18.04 -31.43
N THR A 559 -18.44 -19.17 -31.06
CA THR A 559 -18.24 -20.26 -32.01
C THR A 559 -19.56 -20.98 -32.31
N GLY A 560 -20.54 -20.80 -31.43
CA GLY A 560 -21.86 -21.38 -31.63
C GLY A 560 -22.63 -20.62 -32.69
N SER A 561 -22.54 -19.29 -32.64
CA SER A 561 -23.21 -18.44 -33.62
C SER A 561 -22.60 -18.62 -35.00
N TYR A 562 -21.32 -18.96 -35.02
CA TYR A 562 -20.60 -19.26 -36.25
C TYR A 562 -21.27 -20.39 -37.04
N LEU A 563 -21.30 -21.58 -36.43
CA LEU A 563 -21.86 -22.77 -37.06
C LEU A 563 -23.32 -22.59 -37.48
N ILE A 564 -24.08 -21.80 -36.72
CA ILE A 564 -25.47 -21.52 -37.04
C ILE A 564 -25.56 -20.72 -38.34
N SER A 565 -24.86 -19.59 -38.38
CA SER A 565 -24.89 -18.68 -39.51
C SER A 565 -24.04 -19.19 -40.67
N HIS A 566 -23.34 -20.31 -40.47
CA HIS A 566 -22.37 -20.82 -41.43
C HIS A 566 -22.94 -20.93 -42.85
N LYS A 567 -22.17 -20.40 -43.80
CA LYS A 567 -22.58 -20.31 -45.19
C LYS A 567 -22.93 -21.68 -45.79
N ASP A 568 -22.35 -22.73 -45.22
CA ASP A 568 -22.56 -24.09 -45.70
C ASP A 568 -23.89 -24.67 -45.21
N SER A 569 -24.28 -24.33 -44.00
CA SER A 569 -25.43 -24.94 -43.35
C SER A 569 -26.78 -24.44 -43.90
N PHE A 570 -27.74 -25.34 -43.96
CA PHE A 570 -29.12 -25.00 -44.34
C PHE A 570 -30.08 -25.61 -43.34
N TYR A 571 -31.32 -25.13 -43.33
CA TYR A 571 -32.32 -25.62 -42.39
C TYR A 571 -33.72 -25.71 -43.01
N ASP A 572 -34.61 -26.41 -42.32
CA ASP A 572 -35.97 -26.62 -42.81
C ASP A 572 -36.97 -25.99 -41.84
N ARG A 573 -38.19 -25.74 -42.33
CA ARG A 573 -39.22 -25.05 -41.56
C ARG A 573 -39.46 -25.65 -40.18
N ALA A 574 -39.56 -26.97 -40.10
CA ALA A 574 -39.79 -27.65 -38.83
C ALA A 574 -38.60 -27.47 -37.90
N THR A 575 -37.39 -27.54 -38.46
CA THR A 575 -36.17 -27.34 -37.68
C THR A 575 -36.01 -25.88 -37.29
N LEU A 576 -36.35 -25.00 -38.22
CA LEU A 576 -36.30 -23.56 -37.97
C LEU A 576 -37.35 -23.13 -36.97
N THR A 577 -38.47 -23.86 -36.97
CA THR A 577 -39.57 -23.59 -36.04
C THR A 577 -39.12 -23.61 -34.59
N GLN A 578 -38.66 -24.77 -34.14
CA GLN A 578 -38.21 -24.94 -32.76
C GLN A 578 -37.01 -24.04 -32.44
N LEU A 579 -36.16 -23.81 -33.44
CA LEU A 579 -35.01 -22.93 -33.28
C LEU A 579 -35.45 -21.50 -32.93
N LEU A 580 -36.52 -21.05 -33.60
CA LEU A 580 -37.12 -19.76 -33.27
C LEU A 580 -37.80 -19.85 -31.92
N SER A 581 -38.33 -21.03 -31.60
CA SER A 581 -38.96 -21.27 -30.31
C SER A 581 -37.90 -21.47 -29.23
N MET A 582 -36.68 -21.80 -29.64
CA MET A 582 -35.55 -21.87 -28.73
C MET A 582 -35.04 -20.46 -28.45
N MET A 583 -35.15 -19.60 -29.45
CA MET A 583 -34.80 -18.19 -29.29
C MET A 583 -35.70 -17.55 -28.26
N SER A 584 -37.01 -17.69 -28.45
CA SER A 584 -37.98 -17.27 -27.45
C SER A 584 -38.84 -18.46 -27.07
N ASP A 585 -38.75 -18.88 -25.81
CA ASP A 585 -39.49 -20.03 -25.32
C ASP A 585 -41.01 -19.82 -25.41
N GLY A 586 -41.41 -18.56 -25.56
CA GLY A 586 -42.81 -18.21 -25.71
C GLY A 586 -43.00 -16.71 -25.62
N ILE A 587 -44.23 -16.30 -25.33
CA ILE A 587 -44.59 -14.90 -25.04
C ILE A 587 -44.45 -13.97 -26.25
N GLU A 588 -43.81 -14.46 -27.32
CA GLU A 588 -43.55 -13.61 -28.49
C GLU A 588 -44.09 -14.22 -29.78
N HIS A 589 -44.48 -13.34 -30.70
CA HIS A 589 -45.02 -13.74 -32.00
C HIS A 589 -44.01 -13.44 -33.11
N PHE A 590 -43.88 -14.35 -34.05
CA PHE A 590 -42.90 -14.20 -35.13
C PHE A 590 -43.55 -14.17 -36.51
N ASP A 591 -42.84 -13.61 -37.49
CA ASP A 591 -43.26 -13.66 -38.87
C ASP A 591 -42.13 -14.21 -39.73
N ILE A 592 -42.34 -15.37 -40.32
CA ILE A 592 -41.31 -16.03 -41.11
C ILE A 592 -41.23 -15.44 -42.51
N PRO A 593 -40.05 -14.90 -42.87
CA PRO A 593 -39.81 -14.34 -44.20
C PRO A 593 -39.82 -15.41 -45.28
N PRO A 594 -40.02 -15.02 -46.54
CA PRO A 594 -40.00 -15.98 -47.66
C PRO A 594 -38.69 -16.76 -47.70
N PRO A 595 -38.75 -18.04 -48.10
CA PRO A 595 -37.57 -18.93 -48.14
C PRO A 595 -36.47 -18.38 -49.04
N ALA A 596 -35.23 -18.80 -48.80
CA ALA A 596 -34.09 -18.29 -49.55
C ALA A 596 -34.08 -18.87 -50.95
N ILE A 597 -33.91 -20.17 -51.06
CA ILE A 597 -33.97 -20.85 -52.35
C ILE A 597 -35.45 -21.11 -52.65
N MET A 598 -35.76 -21.64 -53.82
CA MET A 598 -37.12 -22.04 -54.13
C MET A 598 -37.16 -23.38 -54.89
N LYS A 599 -38.00 -24.28 -54.38
CA LYS A 599 -38.01 -25.70 -54.66
C LYS A 599 -36.66 -26.46 -54.45
N PRO A 600 -35.95 -26.10 -53.38
CA PRO A 600 -34.73 -26.76 -52.95
C PRO A 600 -35.04 -27.57 -51.70
N TYR A 601 -36.32 -27.88 -51.52
CA TYR A 601 -36.91 -28.30 -50.25
C TYR A 601 -37.28 -27.07 -49.43
N TYR A 602 -37.22 -25.91 -50.07
CA TYR A 602 -37.57 -24.65 -49.44
C TYR A 602 -36.72 -24.41 -48.20
N LEU A 603 -35.44 -24.78 -48.31
CA LEU A 603 -34.53 -24.66 -47.18
C LEU A 603 -34.18 -23.21 -46.85
N TRP A 604 -34.43 -22.82 -45.60
CA TRP A 604 -34.01 -21.51 -45.11
C TRP A 604 -32.54 -21.55 -44.71
N THR A 605 -31.80 -20.53 -45.12
CA THR A 605 -30.36 -20.48 -44.84
C THR A 605 -30.08 -20.05 -43.39
N GLY A 606 -28.81 -19.93 -43.05
CA GLY A 606 -28.40 -19.54 -41.71
C GLY A 606 -28.54 -18.06 -41.46
N LYS A 607 -28.84 -17.31 -42.51
CA LYS A 607 -29.02 -15.87 -42.41
C LYS A 607 -30.42 -15.52 -41.90
N GLN A 608 -31.42 -15.90 -42.69
CA GLN A 608 -32.82 -15.60 -42.40
C GLN A 608 -33.25 -16.03 -41.00
N VAL A 609 -32.70 -17.14 -40.51
CA VAL A 609 -33.03 -17.62 -39.17
C VAL A 609 -32.35 -16.75 -38.12
N PHE A 610 -31.12 -16.32 -38.40
CA PHE A 610 -30.36 -15.48 -37.49
C PHE A 610 -30.81 -14.02 -37.60
N SER A 611 -31.34 -13.65 -38.76
CA SER A 611 -31.79 -12.28 -38.99
C SER A 611 -33.03 -11.96 -38.16
N LEU A 612 -33.77 -12.99 -37.78
CA LEU A 612 -34.99 -12.82 -37.00
C LEU A 612 -34.66 -12.60 -35.52
N LEU A 613 -33.39 -12.74 -35.16
CA LEU A 613 -32.95 -12.46 -33.80
C LEU A 613 -33.09 -10.97 -33.49
N ILE A 614 -32.55 -10.15 -34.38
CA ILE A 614 -32.64 -8.70 -34.26
C ILE A 614 -34.08 -8.19 -34.21
N LYS A 615 -34.81 -8.40 -35.30
CA LYS A 615 -36.19 -7.91 -35.42
C LYS A 615 -37.17 -9.05 -35.67
N PRO A 616 -37.50 -9.80 -34.61
CA PRO A 616 -38.46 -10.91 -34.71
C PRO A 616 -39.90 -10.43 -34.94
N ASN A 617 -40.25 -9.30 -34.34
CA ASN A 617 -41.62 -8.79 -34.41
C ASN A 617 -41.75 -7.60 -35.35
N HIS A 618 -42.90 -7.51 -36.01
CA HIS A 618 -43.17 -6.39 -36.92
C HIS A 618 -43.33 -5.09 -36.13
N ASN A 619 -43.78 -5.22 -34.89
CA ASN A 619 -43.99 -4.06 -34.02
C ASN A 619 -42.68 -3.57 -33.40
N SER A 620 -41.67 -4.44 -33.37
CA SER A 620 -40.38 -4.09 -32.79
C SER A 620 -39.65 -3.08 -33.68
N PRO A 621 -39.38 -1.89 -33.11
CA PRO A 621 -38.75 -0.80 -33.85
C PRO A 621 -37.22 -0.83 -33.76
N VAL A 622 -36.59 -1.72 -34.53
CA VAL A 622 -35.14 -1.82 -34.56
C VAL A 622 -34.60 -1.86 -35.99
N VAL A 623 -33.72 -0.92 -36.30
CA VAL A 623 -33.11 -0.84 -37.62
C VAL A 623 -31.59 -0.82 -37.51
N ILE A 624 -30.94 -1.82 -38.09
CA ILE A 624 -29.49 -1.92 -38.02
C ILE A 624 -28.85 -1.94 -39.40
N ASN A 625 -27.86 -1.07 -39.60
CA ASN A 625 -27.01 -1.15 -40.78
C ASN A 625 -25.55 -0.89 -40.42
N LEU A 626 -24.69 -1.85 -40.74
CA LEU A 626 -23.28 -1.71 -40.41
C LEU A 626 -22.40 -2.51 -41.38
N ASP A 627 -21.21 -1.99 -41.65
CA ASP A 627 -20.23 -2.69 -42.48
C ASP A 627 -18.92 -2.83 -41.70
N ALA A 628 -18.54 -4.06 -41.41
CA ALA A 628 -17.34 -4.31 -40.61
C ALA A 628 -16.36 -5.22 -41.36
N LYS A 629 -15.08 -4.88 -41.28
CA LYS A 629 -14.03 -5.69 -41.88
C LYS A 629 -13.45 -6.63 -40.84
N ASN A 630 -13.69 -7.92 -41.00
CA ASN A 630 -13.33 -8.90 -39.99
C ASN A 630 -11.98 -9.59 -40.24
N LYS A 631 -11.66 -10.55 -39.38
CA LYS A 631 -10.35 -11.18 -39.37
C LYS A 631 -10.09 -12.18 -40.50
N VAL A 632 -8.80 -12.41 -40.73
CA VAL A 632 -8.23 -13.39 -41.68
C VAL A 632 -8.35 -12.91 -43.14
N PHE A 633 -9.32 -12.04 -43.40
CA PHE A 633 -9.32 -11.11 -44.53
C PHE A 633 -8.67 -11.61 -45.82
N VAL A 634 -9.27 -12.59 -46.48
CA VAL A 634 -8.67 -13.10 -47.72
C VAL A 634 -9.04 -12.19 -48.90
N PRO A 635 -8.03 -11.51 -49.46
CA PRO A 635 -8.22 -10.48 -50.49
C PRO A 635 -8.69 -11.04 -51.83
N PRO A 636 -9.66 -10.36 -52.46
CA PRO A 636 -10.09 -10.65 -53.83
C PRO A 636 -9.21 -9.94 -54.84
N LYS A 637 -9.59 -9.96 -56.12
CA LYS A 637 -8.85 -9.26 -57.15
C LYS A 637 -8.73 -7.77 -56.81
N SER A 638 -7.49 -7.27 -56.83
CA SER A 638 -7.22 -5.89 -56.44
C SER A 638 -7.88 -4.88 -57.38
N LYS A 639 -8.06 -5.27 -58.63
CA LYS A 639 -8.70 -4.41 -59.61
C LYS A 639 -10.19 -4.29 -59.34
N SER A 640 -10.80 -5.38 -58.88
CA SER A 640 -12.22 -5.41 -58.56
C SER A 640 -12.53 -4.56 -57.33
N LEU A 641 -13.49 -3.66 -57.47
CA LEU A 641 -13.86 -2.75 -56.38
C LEU A 641 -14.50 -3.44 -55.16
N PRO A 642 -15.57 -4.25 -55.36
CA PRO A 642 -16.19 -4.82 -54.16
C PRO A 642 -15.31 -5.84 -53.44
N ASN A 643 -15.18 -5.69 -52.12
CA ASN A 643 -14.40 -6.61 -51.30
C ASN A 643 -15.26 -7.66 -50.60
N GLU A 644 -16.58 -7.57 -50.79
CA GLU A 644 -17.53 -8.40 -50.06
C GLU A 644 -17.51 -9.86 -50.50
N MET A 645 -16.88 -10.12 -51.64
CA MET A 645 -16.96 -11.43 -52.29
C MET A 645 -15.86 -12.39 -51.88
N SER A 646 -15.06 -11.99 -50.88
CA SER A 646 -13.98 -12.81 -50.38
C SER A 646 -14.45 -14.22 -50.02
N GLN A 647 -13.62 -15.22 -50.35
CA GLN A 647 -13.96 -16.63 -50.24
C GLN A 647 -14.55 -17.02 -48.87
N ASN A 648 -13.86 -16.65 -47.80
CA ASN A 648 -14.34 -16.94 -46.46
C ASN A 648 -14.62 -15.66 -45.68
N ASP A 649 -15.60 -15.72 -44.78
CA ASP A 649 -16.01 -14.57 -43.98
C ASP A 649 -16.36 -13.38 -44.87
N GLY A 650 -15.61 -12.29 -44.71
CA GLY A 650 -15.82 -11.11 -45.52
C GLY A 650 -16.53 -10.01 -44.76
N PHE A 651 -16.93 -8.97 -45.47
CA PHE A 651 -17.60 -7.83 -44.83
C PHE A 651 -18.99 -8.23 -44.38
N VAL A 652 -19.26 -8.05 -43.09
CA VAL A 652 -20.62 -8.21 -42.60
C VAL A 652 -21.38 -6.92 -42.88
N ILE A 653 -22.43 -7.03 -43.69
CA ILE A 653 -23.17 -5.86 -44.13
C ILE A 653 -24.66 -6.05 -43.90
N ILE A 654 -25.28 -5.09 -43.22
CA ILE A 654 -26.68 -5.21 -42.84
C ILE A 654 -27.51 -4.10 -43.47
N ARG A 655 -28.65 -4.47 -44.06
CA ARG A 655 -29.56 -3.49 -44.64
C ARG A 655 -31.00 -3.77 -44.19
N GLY A 656 -31.58 -2.81 -43.48
CA GLY A 656 -32.93 -2.96 -42.95
C GLY A 656 -33.02 -4.09 -41.97
N SER A 657 -31.97 -4.24 -41.16
CA SER A 657 -31.83 -5.33 -40.19
C SER A 657 -32.01 -6.70 -40.86
N GLN A 658 -31.12 -7.00 -41.80
CA GLN A 658 -31.06 -8.30 -42.46
C GLN A 658 -29.61 -8.64 -42.79
N ILE A 659 -29.25 -9.91 -42.59
CA ILE A 659 -27.87 -10.31 -42.85
C ILE A 659 -27.67 -10.57 -44.34
N LEU A 660 -26.80 -9.76 -44.95
CA LEU A 660 -26.51 -9.91 -46.37
C LEU A 660 -25.47 -10.99 -46.67
N SER A 661 -24.37 -10.97 -45.94
CA SER A 661 -23.22 -11.80 -46.29
C SER A 661 -22.39 -12.26 -45.10
N GLY A 662 -21.90 -13.49 -45.20
CA GLY A 662 -20.96 -14.02 -44.24
C GLY A 662 -21.56 -14.26 -42.87
N VAL A 663 -20.75 -14.85 -41.99
CA VAL A 663 -21.14 -15.13 -40.63
C VAL A 663 -20.73 -13.98 -39.74
N MET A 664 -21.52 -13.71 -38.70
CA MET A 664 -21.13 -12.70 -37.74
C MET A 664 -20.29 -13.36 -36.65
N ASP A 665 -19.01 -13.03 -36.66
CA ASP A 665 -18.06 -13.79 -35.86
C ASP A 665 -16.96 -12.92 -35.25
N LYS A 666 -16.79 -13.00 -33.94
CA LYS A 666 -15.62 -12.44 -33.25
C LYS A 666 -15.30 -10.99 -33.62
N SER A 667 -16.00 -10.07 -32.97
CA SER A 667 -15.92 -8.61 -33.14
C SER A 667 -16.87 -8.10 -34.21
N VAL A 668 -17.50 -9.03 -34.91
CA VAL A 668 -18.80 -8.72 -35.49
C VAL A 668 -19.81 -8.96 -34.38
N LEU A 669 -19.59 -10.05 -33.64
CA LEU A 669 -20.25 -10.31 -32.36
C LEU A 669 -19.19 -10.57 -31.30
N GLY A 670 -19.58 -10.47 -30.04
CA GLY A 670 -18.65 -10.67 -28.94
C GLY A 670 -17.82 -9.43 -28.68
N ASP A 671 -16.75 -9.58 -27.90
CA ASP A 671 -15.84 -8.47 -27.63
C ASP A 671 -15.19 -8.04 -28.94
N GLY A 672 -14.98 -6.73 -29.10
CA GLY A 672 -14.58 -6.19 -30.38
C GLY A 672 -14.35 -4.69 -30.39
N LYS A 673 -14.46 -4.11 -31.58
CA LYS A 673 -14.20 -2.70 -31.79
C LYS A 673 -15.51 -1.97 -32.08
N LYS A 674 -15.40 -0.69 -32.43
CA LYS A 674 -16.56 0.19 -32.60
C LYS A 674 -17.69 -0.42 -33.42
N HIS A 675 -17.34 -1.14 -34.47
CA HIS A 675 -18.33 -1.82 -35.30
C HIS A 675 -18.84 -3.09 -34.63
N SER A 676 -20.17 -3.22 -34.55
CA SER A 676 -20.81 -4.36 -33.90
C SER A 676 -22.33 -4.27 -34.06
N VAL A 677 -23.00 -5.40 -33.80
CA VAL A 677 -24.46 -5.46 -33.86
C VAL A 677 -25.05 -5.12 -32.49
N PHE A 678 -24.17 -5.04 -31.49
CA PHE A 678 -24.55 -4.68 -30.13
C PHE A 678 -24.39 -3.18 -29.90
N TYR A 679 -23.16 -2.70 -30.06
CA TYR A 679 -22.83 -1.29 -29.90
C TYR A 679 -23.67 -0.37 -30.81
N THR A 680 -24.27 -0.96 -31.84
CA THR A 680 -25.13 -0.23 -32.75
C THR A 680 -26.45 0.12 -32.07
N ILE A 681 -27.21 -0.90 -31.70
CA ILE A 681 -28.48 -0.72 -30.99
C ILE A 681 -28.34 0.15 -29.74
N LEU A 682 -27.28 -0.10 -28.98
CA LEU A 682 -27.03 0.62 -27.73
C LEU A 682 -26.87 2.11 -27.94
N ARG A 683 -26.04 2.48 -28.91
CA ARG A 683 -25.78 3.89 -29.22
C ARG A 683 -26.99 4.54 -29.89
N ASP A 684 -27.90 3.70 -30.37
CA ASP A 684 -29.08 4.21 -31.09
C ASP A 684 -30.34 4.15 -30.23
N TYR A 685 -30.82 2.94 -29.97
CA TYR A 685 -32.12 2.76 -29.34
C TYR A 685 -32.05 2.57 -27.82
N GLY A 686 -30.85 2.62 -27.26
CA GLY A 686 -30.69 2.55 -25.82
C GLY A 686 -30.28 1.20 -25.29
N PRO A 687 -29.97 1.14 -23.98
CA PRO A 687 -29.49 -0.07 -23.29
C PRO A 687 -30.53 -1.17 -23.17
N GLN A 688 -31.81 -0.80 -23.03
CA GLN A 688 -32.89 -1.76 -22.82
C GLN A 688 -32.97 -2.81 -23.92
N GLU A 689 -33.28 -2.36 -25.13
CA GLU A 689 -33.43 -3.27 -26.26
C GLU A 689 -32.11 -3.97 -26.59
N ALA A 690 -31.00 -3.25 -26.41
CA ALA A 690 -29.67 -3.79 -26.66
C ALA A 690 -29.38 -4.96 -25.74
N ALA A 691 -29.76 -4.84 -24.48
CA ALA A 691 -29.57 -5.91 -23.50
C ALA A 691 -30.51 -7.07 -23.79
N ASN A 692 -31.69 -6.77 -24.33
CA ASN A 692 -32.69 -7.77 -24.64
C ASN A 692 -32.21 -8.72 -25.74
N ALA A 693 -31.46 -8.18 -26.69
CA ALA A 693 -30.96 -8.97 -27.81
C ALA A 693 -29.91 -9.98 -27.37
N MET A 694 -29.05 -9.56 -26.44
CA MET A 694 -27.98 -10.42 -25.95
C MET A 694 -28.53 -11.54 -25.07
N ASN A 695 -29.69 -11.30 -24.47
CA ASN A 695 -30.33 -12.31 -23.62
C ASN A 695 -30.89 -13.46 -24.45
N ARG A 696 -31.33 -13.14 -25.67
CA ARG A 696 -31.83 -14.15 -26.59
C ARG A 696 -30.69 -14.98 -27.15
N MET A 697 -29.53 -14.33 -27.31
CA MET A 697 -28.32 -14.99 -27.79
C MET A 697 -27.92 -16.17 -26.92
N ALA A 698 -27.59 -15.89 -25.65
CA ALA A 698 -27.09 -16.90 -24.73
C ALA A 698 -28.01 -18.11 -24.60
N LYS A 699 -29.32 -17.85 -24.57
CA LYS A 699 -30.29 -18.93 -24.43
C LYS A 699 -30.36 -19.81 -25.67
N LEU A 700 -30.20 -19.20 -26.85
CA LEU A 700 -30.28 -19.92 -28.11
C LEU A 700 -29.07 -20.83 -28.32
N CYS A 701 -27.88 -20.27 -28.16
CA CYS A 701 -26.65 -21.01 -28.41
C CYS A 701 -26.41 -22.13 -27.40
N ALA A 702 -26.92 -21.95 -26.19
CA ALA A 702 -26.74 -22.93 -25.14
C ALA A 702 -27.40 -24.27 -25.47
N ARG A 703 -28.66 -24.21 -25.89
CA ARG A 703 -29.42 -25.42 -26.20
C ARG A 703 -29.01 -26.01 -27.56
N PHE A 704 -28.81 -25.12 -28.53
CA PHE A 704 -28.46 -25.54 -29.90
C PHE A 704 -27.18 -26.38 -29.94
N LEU A 705 -26.07 -25.76 -29.57
CA LEU A 705 -24.76 -26.40 -29.65
C LEU A 705 -24.70 -27.69 -28.84
N GLY A 706 -25.55 -27.77 -27.81
CA GLY A 706 -25.69 -28.98 -27.02
C GLY A 706 -26.38 -30.08 -27.82
N ASN A 707 -27.32 -29.67 -28.67
CA ASN A 707 -28.07 -30.62 -29.49
C ASN A 707 -27.27 -31.08 -30.71
N ARG A 708 -26.59 -30.13 -31.35
CA ARG A 708 -25.83 -30.43 -32.57
C ARG A 708 -24.60 -31.29 -32.27
N GLY A 709 -23.77 -30.82 -31.35
CA GLY A 709 -22.57 -31.55 -30.98
C GLY A 709 -21.31 -31.02 -31.64
N PHE A 710 -20.17 -31.31 -31.03
CA PHE A 710 -18.86 -30.85 -31.50
C PHE A 710 -17.79 -31.43 -30.56
N SER A 711 -16.54 -31.49 -31.04
CA SER A 711 -15.46 -32.11 -30.27
C SER A 711 -14.11 -32.02 -30.98
N ILE A 712 -13.06 -32.40 -30.24
CA ILE A 712 -11.72 -32.55 -30.79
C ILE A 712 -11.36 -34.03 -30.71
N GLY A 713 -10.13 -34.37 -31.11
CA GLY A 713 -9.68 -35.75 -31.02
C GLY A 713 -8.23 -35.94 -31.40
N ILE A 714 -7.71 -37.14 -31.15
CA ILE A 714 -6.35 -37.48 -31.54
C ILE A 714 -6.23 -37.47 -33.06
N ASN A 715 -7.25 -37.99 -33.73
CA ASN A 715 -7.34 -37.96 -35.19
C ASN A 715 -7.11 -36.57 -35.74
N ASP A 716 -7.72 -35.58 -35.10
CA ASP A 716 -7.62 -34.18 -35.48
C ASP A 716 -6.17 -33.68 -35.50
N VAL A 717 -5.55 -33.64 -34.32
CA VAL A 717 -4.22 -33.08 -34.16
C VAL A 717 -3.15 -33.87 -34.91
N THR A 718 -3.35 -35.18 -35.01
CA THR A 718 -2.37 -36.07 -35.64
C THR A 718 -2.09 -35.72 -37.09
N PRO A 719 -0.82 -35.45 -37.42
CA PRO A 719 -0.38 -35.20 -38.80
C PRO A 719 -0.38 -36.47 -39.63
N ALA A 720 -0.75 -36.37 -40.91
CA ALA A 720 -0.80 -37.52 -41.78
C ALA A 720 0.16 -37.38 -42.97
N ASP A 721 1.18 -38.24 -42.99
CA ASP A 721 2.23 -38.19 -44.01
C ASP A 721 2.81 -36.78 -44.08
N ASP A 722 3.04 -36.28 -45.29
CA ASP A 722 3.31 -34.86 -45.49
C ASP A 722 4.49 -34.35 -44.67
N LEU A 723 4.18 -33.49 -43.70
CA LEU A 723 5.12 -32.70 -42.93
C LEU A 723 6.36 -33.46 -42.41
N LYS A 724 6.18 -34.72 -42.00
CA LYS A 724 7.29 -35.53 -41.50
C LYS A 724 8.48 -35.47 -42.46
N GLN A 725 8.19 -35.62 -43.75
CA GLN A 725 9.18 -35.33 -44.79
C GLN A 725 9.67 -33.89 -44.70
N LYS A 726 8.75 -32.96 -44.90
CA LYS A 726 9.06 -31.53 -44.94
C LYS A 726 9.79 -31.02 -43.70
N LYS A 727 9.29 -31.38 -42.52
CA LYS A 727 9.87 -30.91 -41.27
C LYS A 727 11.31 -31.38 -41.11
N GLU A 728 11.54 -32.67 -41.32
CA GLU A 728 12.86 -33.26 -41.15
C GLU A 728 13.90 -32.62 -42.07
N GLU A 729 13.51 -32.36 -43.31
CA GLU A 729 14.43 -31.80 -44.30
C GLU A 729 14.75 -30.33 -43.98
N LEU A 730 13.73 -29.56 -43.63
CA LEU A 730 13.90 -28.14 -43.36
C LEU A 730 14.65 -27.88 -42.06
N VAL A 731 14.56 -28.83 -41.12
CA VAL A 731 15.26 -28.71 -39.85
C VAL A 731 16.74 -29.06 -40.01
N GLU A 732 17.02 -30.13 -40.73
CA GLU A 732 18.38 -30.58 -40.96
C GLU A 732 19.17 -29.62 -41.84
N ILE A 733 18.48 -28.97 -42.77
CA ILE A 733 19.12 -28.03 -43.68
C ILE A 733 19.44 -26.72 -42.96
N ALA A 734 18.80 -26.52 -41.81
CA ALA A 734 19.03 -25.32 -41.01
C ALA A 734 20.06 -25.56 -39.92
N TYR A 735 20.56 -26.79 -39.85
CA TYR A 735 21.55 -27.16 -38.83
C TYR A 735 22.98 -26.95 -39.32
N HIS A 736 23.37 -27.70 -40.35
CA HIS A 736 24.74 -27.67 -40.85
C HIS A 736 25.13 -26.30 -41.39
N LYS A 737 24.13 -25.50 -41.78
CA LYS A 737 24.38 -24.14 -42.22
C LYS A 737 24.92 -23.30 -41.07
N CYS A 738 24.32 -23.46 -39.90
CA CYS A 738 24.79 -22.78 -38.70
C CYS A 738 26.09 -23.41 -38.22
N ASP A 739 26.24 -24.71 -38.47
CA ASP A 739 27.46 -25.43 -38.13
C ASP A 739 28.61 -24.94 -39.01
N GLU A 740 28.27 -24.49 -40.21
CA GLU A 740 29.25 -23.92 -41.12
C GLU A 740 29.61 -22.50 -40.68
N LEU A 741 28.65 -21.82 -40.06
CA LEU A 741 28.87 -20.48 -39.56
C LEU A 741 29.65 -20.51 -38.25
N ILE A 742 29.43 -21.55 -37.46
CA ILE A 742 30.06 -21.64 -36.14
C ILE A 742 31.49 -22.16 -36.20
N THR A 743 31.85 -22.81 -37.30
CA THR A 743 33.22 -23.29 -37.47
C THR A 743 34.10 -22.13 -37.94
N LEU A 744 33.45 -21.07 -38.41
CA LEU A 744 34.14 -19.85 -38.82
C LEU A 744 34.22 -18.85 -37.68
N PHE A 745 33.56 -19.18 -36.56
CA PHE A 745 33.54 -18.31 -35.39
C PHE A 745 34.95 -18.04 -34.85
N ASN A 746 35.58 -19.08 -34.30
CA ASN A 746 36.89 -18.94 -33.69
C ASN A 746 38.03 -18.93 -34.69
N LYS A 747 37.94 -19.80 -35.70
CA LYS A 747 39.04 -20.03 -36.63
C LYS A 747 38.94 -19.17 -37.90
N GLY A 748 37.94 -18.30 -37.96
CA GLY A 748 37.73 -17.52 -39.16
C GLY A 748 37.18 -16.12 -38.94
N GLU A 749 37.14 -15.33 -40.01
CA GLU A 749 36.68 -13.95 -39.94
C GLU A 749 35.43 -13.73 -40.79
N LEU A 750 34.53 -12.88 -40.30
CA LEU A 750 33.31 -12.56 -41.01
C LEU A 750 32.86 -11.12 -40.74
N GLU A 751 32.01 -10.60 -41.62
CA GLU A 751 31.45 -9.26 -41.43
C GLU A 751 30.52 -9.23 -40.23
N THR A 752 30.76 -8.29 -39.32
CA THR A 752 29.95 -8.17 -38.12
C THR A 752 29.09 -6.91 -38.16
N GLN A 753 27.83 -7.06 -37.79
CA GLN A 753 26.91 -5.93 -37.68
C GLN A 753 27.41 -4.98 -36.60
N PRO A 754 27.05 -3.69 -36.70
CA PRO A 754 27.41 -2.75 -35.63
C PRO A 754 26.59 -3.00 -34.36
N GLY A 755 26.60 -4.26 -33.91
CA GLY A 755 25.95 -4.69 -32.69
C GLY A 755 27.00 -4.86 -31.61
N CYS A 756 28.10 -4.12 -31.77
CA CYS A 756 29.33 -4.20 -30.99
C CYS A 756 30.05 -5.55 -31.15
N ASN A 757 30.49 -6.15 -30.05
CA ASN A 757 31.55 -7.17 -30.14
C ASN A 757 31.16 -8.53 -30.69
N GLU A 758 32.14 -9.43 -30.76
CA GLU A 758 32.01 -10.74 -31.38
C GLU A 758 31.22 -11.73 -30.54
N GLU A 759 30.76 -12.79 -31.20
CA GLU A 759 29.98 -13.90 -30.62
C GLU A 759 28.52 -13.49 -30.38
N GLN A 760 28.27 -12.19 -30.36
CA GLN A 760 26.91 -11.67 -30.40
C GLN A 760 26.44 -11.62 -31.85
N THR A 761 27.40 -11.50 -32.77
CA THR A 761 27.11 -11.38 -34.20
C THR A 761 26.36 -12.59 -34.73
N LEU A 762 26.92 -13.77 -34.54
CA LEU A 762 26.27 -14.99 -35.00
C LEU A 762 25.10 -15.36 -34.10
N GLU A 763 25.14 -14.86 -32.87
CA GLU A 763 24.06 -15.09 -31.90
C GLU A 763 22.77 -14.46 -32.40
N ALA A 764 22.91 -13.32 -33.09
CA ALA A 764 21.76 -12.67 -33.71
C ALA A 764 21.40 -13.37 -35.01
N LYS A 765 22.38 -13.99 -35.63
CA LYS A 765 22.18 -14.71 -36.89
C LYS A 765 21.53 -16.07 -36.65
N ILE A 766 21.99 -16.79 -35.63
CA ILE A 766 21.42 -18.09 -35.29
C ILE A 766 20.00 -17.91 -34.75
N GLY A 767 19.74 -16.76 -34.16
CA GLY A 767 18.43 -16.44 -33.64
C GLY A 767 17.47 -16.10 -34.76
N GLY A 768 17.98 -15.45 -35.80
CA GLY A 768 17.18 -15.07 -36.95
C GLY A 768 16.90 -16.22 -37.89
N LEU A 769 17.91 -17.05 -38.11
CA LEU A 769 17.78 -18.20 -39.02
C LEU A 769 16.79 -19.24 -38.50
N LEU A 770 17.01 -19.69 -37.27
CA LEU A 770 16.16 -20.73 -36.67
C LEU A 770 14.73 -20.23 -36.46
N SER A 771 14.59 -18.92 -36.26
CA SER A 771 13.28 -18.29 -36.15
C SER A 771 12.43 -18.55 -37.39
N LYS A 772 12.91 -18.05 -38.53
CA LYS A 772 12.21 -18.19 -39.80
C LYS A 772 11.93 -19.66 -40.15
N VAL A 773 12.91 -20.53 -39.95
CA VAL A 773 12.76 -21.95 -40.24
C VAL A 773 11.63 -22.55 -39.43
N ARG A 774 11.57 -22.21 -38.15
CA ARG A 774 10.48 -22.64 -37.27
C ARG A 774 9.12 -22.27 -37.87
N GLU A 775 8.88 -20.97 -38.04
CA GLU A 775 7.64 -20.47 -38.60
C GLU A 775 7.33 -21.06 -39.97
N GLU A 776 8.37 -21.27 -40.77
CA GLU A 776 8.20 -21.82 -42.12
C GLU A 776 7.67 -23.24 -42.09
N VAL A 777 8.19 -24.05 -41.17
CA VAL A 777 7.74 -25.43 -41.01
C VAL A 777 6.28 -25.47 -40.57
N GLY A 778 5.93 -24.60 -39.62
CA GLY A 778 4.57 -24.53 -39.11
C GLY A 778 3.63 -23.84 -40.07
N ASP A 779 4.17 -23.16 -41.07
CA ASP A 779 3.37 -22.44 -42.05
C ASP A 779 2.65 -23.40 -42.99
N VAL A 780 3.40 -24.34 -43.56
CA VAL A 780 2.84 -25.31 -44.49
C VAL A 780 1.96 -26.33 -43.78
N CYS A 781 2.19 -26.49 -42.47
CA CYS A 781 1.42 -27.39 -41.64
C CYS A 781 -0.08 -27.07 -41.66
N ILE A 782 -0.42 -25.91 -41.09
CA ILE A 782 -1.82 -25.49 -40.96
C ILE A 782 -2.47 -25.28 -42.34
N ASN A 783 -1.66 -24.92 -43.32
CA ASN A 783 -2.15 -24.66 -44.68
C ASN A 783 -2.78 -25.90 -45.31
N GLU A 784 -2.14 -27.05 -45.11
CA GLU A 784 -2.60 -28.29 -45.71
C GLU A 784 -3.50 -29.10 -44.79
N LEU A 785 -3.80 -28.55 -43.62
CA LEU A 785 -4.63 -29.25 -42.63
C LEU A 785 -6.07 -29.33 -43.10
N ASP A 786 -6.73 -30.44 -42.77
CA ASP A 786 -8.08 -30.74 -43.26
C ASP A 786 -9.13 -29.80 -42.67
N ASN A 787 -10.24 -29.65 -43.40
CA ASN A 787 -11.37 -28.84 -42.95
C ASN A 787 -12.16 -29.52 -41.85
N TRP A 788 -12.98 -28.74 -41.14
CA TRP A 788 -13.92 -29.21 -40.12
C TRP A 788 -13.24 -29.62 -38.81
N ASN A 789 -11.91 -29.58 -38.79
CA ASN A 789 -11.16 -29.85 -37.57
C ASN A 789 -11.45 -28.84 -36.47
N ALA A 790 -11.44 -29.29 -35.23
CA ALA A 790 -11.78 -28.43 -34.09
C ALA A 790 -10.77 -27.29 -33.82
N PRO A 791 -9.47 -27.59 -33.67
CA PRO A 791 -8.56 -26.52 -33.27
C PRO A 791 -8.48 -25.39 -34.30
N LEU A 792 -8.55 -25.73 -35.59
CA LEU A 792 -8.53 -24.71 -36.63
C LEU A 792 -9.72 -23.78 -36.49
N ILE A 793 -10.92 -24.35 -36.52
CA ILE A 793 -12.16 -23.57 -36.41
C ILE A 793 -12.24 -22.79 -35.10
N MET A 794 -11.81 -23.42 -34.01
CA MET A 794 -11.83 -22.79 -32.71
C MET A 794 -10.85 -21.62 -32.63
N ALA A 795 -9.65 -21.83 -33.16
CA ALA A 795 -8.65 -20.76 -33.20
C ALA A 795 -8.97 -19.79 -34.32
N THR A 796 -9.87 -20.19 -35.21
CA THR A 796 -10.30 -19.34 -36.32
C THR A 796 -11.15 -18.18 -35.84
N CYS A 797 -12.10 -18.45 -34.94
CA CYS A 797 -13.11 -17.43 -34.70
C CYS A 797 -12.95 -16.61 -33.42
N GLY A 798 -13.61 -17.01 -32.34
CA GLY A 798 -13.45 -16.35 -31.07
C GLY A 798 -12.92 -17.15 -29.90
N SER A 799 -12.96 -18.48 -30.03
CA SER A 799 -12.92 -19.35 -28.86
C SER A 799 -11.68 -19.23 -27.99
N LYS A 800 -10.57 -19.78 -28.48
CA LYS A 800 -9.35 -19.89 -27.68
C LYS A 800 -8.11 -19.87 -28.57
N GLY A 801 -7.04 -19.26 -28.07
CA GLY A 801 -5.74 -19.33 -28.70
C GLY A 801 -5.64 -18.75 -30.09
N SER A 802 -4.51 -19.02 -30.74
CA SER A 802 -4.24 -18.51 -32.09
C SER A 802 -3.56 -19.58 -32.93
N THR A 803 -3.44 -19.31 -34.24
CA THR A 803 -2.77 -20.23 -35.17
C THR A 803 -1.36 -20.60 -34.71
N LEU A 804 -0.73 -19.71 -33.95
CA LEU A 804 0.60 -19.97 -33.41
C LEU A 804 0.59 -21.11 -32.40
N ASN A 805 -0.50 -21.20 -31.64
CA ASN A 805 -0.63 -22.23 -30.60
C ASN A 805 -0.78 -23.63 -31.19
N VAL A 806 -1.68 -23.76 -32.16
CA VAL A 806 -1.96 -25.06 -32.77
C VAL A 806 -0.76 -25.53 -33.60
N SER A 807 0.05 -24.58 -34.05
CA SER A 807 1.24 -24.89 -34.84
C SER A 807 2.30 -25.59 -33.98
N GLN A 808 2.35 -25.22 -32.70
CA GLN A 808 3.30 -25.82 -31.77
C GLN A 808 2.88 -27.24 -31.39
N MET A 809 1.56 -27.48 -31.40
CA MET A 809 1.03 -28.80 -31.08
C MET A 809 1.38 -29.82 -32.15
N VAL A 810 1.28 -29.40 -33.40
CA VAL A 810 1.38 -30.32 -34.54
C VAL A 810 2.77 -30.34 -35.17
N ALA A 811 3.19 -29.20 -35.72
CA ALA A 811 4.37 -29.18 -36.56
C ALA A 811 5.68 -29.14 -35.78
N VAL A 812 6.02 -27.98 -35.23
CA VAL A 812 7.27 -27.86 -34.49
C VAL A 812 7.23 -26.69 -33.50
N VAL A 813 8.02 -26.80 -32.44
CA VAL A 813 8.28 -25.67 -31.55
C VAL A 813 9.71 -25.19 -31.84
N GLY A 814 10.14 -24.12 -31.17
CA GLY A 814 11.51 -23.67 -31.34
C GLY A 814 11.93 -22.51 -30.47
N GLN A 815 13.24 -22.40 -30.26
CA GLN A 815 13.86 -21.26 -29.57
C GLN A 815 13.18 -20.84 -28.28
N GLN A 816 13.26 -21.67 -27.25
CA GLN A 816 12.81 -21.27 -25.93
C GLN A 816 13.79 -20.23 -25.39
N ILE A 817 13.27 -19.05 -25.06
CA ILE A 817 14.14 -17.94 -24.68
C ILE A 817 13.62 -17.16 -23.48
N ILE A 818 14.40 -17.13 -22.41
CA ILE A 818 14.13 -16.25 -21.29
C ILE A 818 15.12 -15.08 -21.29
N SER A 819 14.93 -14.12 -20.39
CA SER A 819 15.92 -13.09 -20.10
C SER A 819 16.27 -12.18 -21.28
N GLY A 820 15.79 -12.53 -22.46
CA GLY A 820 16.15 -11.80 -23.67
C GLY A 820 17.29 -12.45 -24.43
N ASN A 821 17.74 -13.61 -23.95
CA ASN A 821 18.82 -14.34 -24.59
C ASN A 821 18.64 -15.85 -24.50
N ARG A 822 19.65 -16.61 -24.91
CA ARG A 822 19.51 -18.05 -24.99
C ARG A 822 20.18 -18.80 -23.84
N VAL A 823 19.36 -19.35 -22.94
CA VAL A 823 19.74 -20.37 -21.94
C VAL A 823 21.17 -20.27 -21.40
N PRO A 824 21.45 -19.21 -20.61
CA PRO A 824 22.79 -18.99 -20.05
C PRO A 824 23.36 -20.23 -19.35
N ASP A 825 24.65 -20.47 -19.51
CA ASP A 825 25.29 -21.69 -19.03
C ASP A 825 25.24 -21.83 -17.51
N GLY A 826 24.71 -22.96 -17.05
CA GLY A 826 24.71 -23.28 -15.64
C GLY A 826 26.08 -23.75 -15.19
N PHE A 827 26.67 -24.64 -15.98
CA PHE A 827 28.02 -25.12 -15.74
C PHE A 827 29.03 -24.24 -16.48
N GLN A 828 30.28 -24.66 -16.51
CA GLN A 828 31.30 -23.88 -17.19
C GLN A 828 31.26 -24.11 -18.70
N ASP A 829 30.93 -23.05 -19.43
CA ASP A 829 30.93 -23.04 -20.89
C ASP A 829 30.10 -24.16 -21.51
N ARG A 830 29.11 -24.66 -20.78
CA ARG A 830 28.23 -25.69 -21.30
C ARG A 830 26.84 -25.63 -20.66
N SER A 831 25.81 -25.88 -21.47
CA SER A 831 24.45 -26.00 -20.96
C SER A 831 24.33 -27.15 -19.97
N LEU A 832 24.47 -28.37 -20.48
CA LEU A 832 24.35 -29.58 -19.67
C LEU A 832 25.58 -30.48 -19.86
N PRO A 833 25.88 -31.32 -18.85
CA PRO A 833 27.00 -32.27 -18.95
C PRO A 833 26.83 -33.27 -20.09
N HIS A 834 25.61 -33.40 -20.61
CA HIS A 834 25.32 -34.33 -21.69
C HIS A 834 25.86 -33.83 -23.03
N PHE A 835 26.35 -32.59 -23.04
CA PHE A 835 26.87 -31.99 -24.27
C PHE A 835 28.36 -31.69 -24.13
N PRO A 836 29.10 -31.75 -25.24
CA PRO A 836 30.54 -31.46 -25.27
C PRO A 836 30.86 -30.05 -24.79
N LYS A 837 32.11 -29.83 -24.40
CA LYS A 837 32.55 -28.52 -23.92
C LYS A 837 32.47 -27.50 -25.03
N ASN A 838 32.36 -26.22 -24.66
CA ASN A 838 32.17 -25.14 -25.62
C ASN A 838 30.96 -25.41 -26.51
N SER A 839 29.75 -25.35 -25.96
CA SER A 839 28.59 -25.72 -26.76
C SER A 839 28.01 -24.51 -27.47
N LYS A 840 28.29 -24.43 -28.76
CA LYS A 840 27.69 -23.43 -29.64
C LYS A 840 26.63 -24.02 -30.55
N THR A 841 26.44 -25.33 -30.48
CA THR A 841 25.68 -26.08 -31.49
C THR A 841 24.18 -25.84 -31.36
N PRO A 842 23.47 -25.76 -32.50
CA PRO A 842 22.00 -25.80 -32.42
C PRO A 842 21.54 -27.11 -31.81
N GLN A 843 20.40 -27.09 -31.12
CA GLN A 843 19.87 -28.22 -30.35
C GLN A 843 20.63 -28.44 -29.04
N SER A 844 21.81 -27.85 -28.93
CA SER A 844 22.58 -27.93 -27.69
C SER A 844 22.16 -26.81 -26.74
N LYS A 845 21.52 -25.78 -27.27
CA LYS A 845 21.04 -24.67 -26.46
C LYS A 845 19.62 -24.23 -26.85
N GLY A 846 18.69 -24.37 -25.92
CA GLY A 846 17.36 -23.80 -26.04
C GLY A 846 16.61 -24.03 -27.34
N PHE A 847 16.77 -25.21 -27.93
CA PHE A 847 16.10 -25.51 -29.19
C PHE A 847 15.53 -26.93 -29.21
N VAL A 848 14.30 -27.05 -29.69
CA VAL A 848 13.63 -28.35 -29.77
C VAL A 848 12.95 -28.52 -31.12
N ARG A 849 13.28 -29.61 -31.82
CA ARG A 849 12.70 -29.88 -33.13
C ARG A 849 11.49 -30.78 -33.04
N ASN A 850 11.11 -31.15 -31.82
CA ASN A 850 9.99 -32.05 -31.59
C ASN A 850 8.74 -31.31 -31.11
N SER A 851 7.58 -31.78 -31.55
CA SER A 851 6.30 -31.19 -31.14
C SER A 851 5.86 -31.76 -29.80
N PHE A 852 4.69 -31.33 -29.34
CA PHE A 852 4.12 -31.86 -28.11
C PHE A 852 3.53 -33.24 -28.35
N PHE A 853 3.19 -33.50 -29.61
CA PHE A 853 2.58 -34.78 -30.01
C PHE A 853 3.61 -35.90 -30.07
N SER A 854 4.75 -35.62 -30.69
CA SER A 854 5.78 -36.63 -30.91
C SER A 854 6.54 -36.98 -29.64
N GLY A 855 6.48 -36.09 -28.65
CA GLY A 855 7.21 -36.28 -27.41
C GLY A 855 8.43 -35.41 -27.32
N LEU A 856 9.12 -35.45 -26.18
CA LEU A 856 10.28 -34.59 -25.96
C LEU A 856 11.53 -35.41 -25.62
N SER A 857 12.61 -35.13 -26.33
CA SER A 857 13.92 -35.71 -26.03
C SER A 857 14.34 -35.26 -24.63
N PRO A 858 15.14 -36.09 -23.93
CA PRO A 858 15.46 -35.75 -22.53
C PRO A 858 16.08 -34.36 -22.32
N PRO A 859 17.11 -33.97 -23.09
CA PRO A 859 17.39 -32.55 -22.84
C PRO A 859 16.67 -31.62 -23.82
N GLU A 860 15.41 -31.91 -24.13
CA GLU A 860 14.51 -30.93 -24.73
C GLU A 860 13.52 -30.44 -23.68
N PHE A 861 13.63 -31.02 -22.48
CA PHE A 861 12.63 -30.84 -21.44
C PHE A 861 13.00 -29.71 -20.49
N LEU A 862 14.15 -29.87 -19.83
CA LEU A 862 14.65 -28.88 -18.87
C LEU A 862 14.62 -27.45 -19.43
N PHE A 863 14.95 -27.32 -20.72
CA PHE A 863 14.88 -26.03 -21.39
C PHE A 863 13.46 -25.45 -21.36
N HIS A 864 12.47 -26.31 -21.57
CA HIS A 864 11.08 -25.88 -21.54
C HIS A 864 10.63 -25.61 -20.10
N ALA A 865 11.23 -26.33 -19.16
CA ALA A 865 10.92 -26.13 -17.75
C ALA A 865 11.39 -24.76 -17.28
N ILE A 866 12.51 -24.31 -17.81
CA ILE A 866 13.05 -22.98 -17.54
C ILE A 866 12.03 -21.89 -17.89
N SER A 867 11.69 -21.80 -19.17
CA SER A 867 10.75 -20.80 -19.67
C SER A 867 9.41 -20.87 -18.96
N GLY A 868 8.99 -22.08 -18.60
CA GLY A 868 7.75 -22.26 -17.85
C GLY A 868 7.87 -21.68 -16.45
N ARG A 869 8.98 -21.95 -15.80
CA ARG A 869 9.26 -21.44 -14.46
C ARG A 869 9.41 -19.92 -14.48
N GLU A 870 10.08 -19.42 -15.50
CA GLU A 870 10.34 -17.98 -15.62
C GLU A 870 9.06 -17.18 -15.82
N GLY A 871 8.21 -17.65 -16.72
CA GLY A 871 6.95 -16.96 -17.00
C GLY A 871 5.95 -17.08 -15.86
N LEU A 872 6.07 -18.15 -15.09
CA LEU A 872 5.17 -18.38 -13.97
C LEU A 872 5.47 -17.47 -12.79
N VAL A 873 6.75 -17.36 -12.44
CA VAL A 873 7.16 -16.52 -11.31
C VAL A 873 7.03 -15.05 -11.67
N ASP A 874 7.08 -14.76 -12.97
CA ASP A 874 6.91 -13.39 -13.47
C ASP A 874 5.58 -12.78 -13.03
N THR A 875 4.50 -13.38 -13.50
CA THR A 875 3.15 -12.90 -13.18
C THR A 875 2.87 -12.90 -11.68
N ALA A 876 3.40 -13.91 -10.99
CA ALA A 876 3.17 -14.07 -9.55
C ALA A 876 3.67 -12.86 -8.75
N VAL A 877 4.83 -12.34 -9.12
CA VAL A 877 5.40 -11.19 -8.45
C VAL A 877 4.69 -9.90 -8.88
N LYS A 878 4.26 -9.88 -10.14
CA LYS A 878 3.62 -8.70 -10.72
C LYS A 878 2.28 -8.39 -10.04
N THR A 879 1.66 -9.42 -9.46
CA THR A 879 0.36 -9.26 -8.82
C THR A 879 0.40 -8.29 -7.63
N ALA A 880 1.46 -8.37 -6.84
CA ALA A 880 1.59 -7.54 -5.65
C ALA A 880 1.95 -6.10 -6.00
N GLU A 881 2.62 -5.92 -7.13
CA GLU A 881 3.05 -4.59 -7.57
C GLU A 881 1.90 -3.79 -8.17
N THR A 882 0.89 -4.49 -8.64
CA THR A 882 -0.25 -3.87 -9.34
C THR A 882 -0.96 -2.81 -8.50
N GLY A 883 -1.05 -3.04 -7.19
CA GLY A 883 -1.81 -2.18 -6.32
C GLY A 883 -1.18 -0.84 -5.97
N TYR A 884 0.15 -0.81 -5.90
CA TYR A 884 0.87 0.38 -5.44
C TYR A 884 0.75 1.55 -6.41
N MET A 885 0.97 1.29 -7.70
CA MET A 885 0.96 2.32 -8.72
C MET A 885 -0.35 3.11 -8.76
N SER A 886 -1.44 2.41 -9.09
CA SER A 886 -2.76 3.03 -9.23
C SER A 886 -3.19 3.75 -7.95
N ARG A 887 -2.83 3.18 -6.80
CA ARG A 887 -3.13 3.79 -5.51
C ARG A 887 -2.54 5.20 -5.39
N ARG A 888 -1.22 5.30 -5.44
CA ARG A 888 -0.54 6.58 -5.26
C ARG A 888 -0.88 7.57 -6.38
N LEU A 889 -1.24 7.05 -7.55
CA LEU A 889 -1.65 7.90 -8.65
C LEU A 889 -3.03 8.47 -8.37
N MET A 890 -3.85 7.70 -7.67
CA MET A 890 -5.19 8.12 -7.30
C MET A 890 -5.20 9.27 -6.30
N LYS A 891 -4.51 9.07 -5.17
CA LYS A 891 -4.54 10.01 -4.05
C LYS A 891 -4.18 11.44 -4.42
N SER A 892 -3.44 11.59 -5.52
CA SER A 892 -3.14 12.91 -6.06
C SER A 892 -4.36 13.47 -6.78
N LEU A 893 -4.80 12.75 -7.81
CA LEU A 893 -5.89 13.19 -8.68
C LEU A 893 -7.26 12.82 -8.10
N GLU A 894 -7.27 12.27 -6.89
CA GLU A 894 -8.49 11.78 -6.25
C GLU A 894 -9.66 12.75 -6.27
N ASP A 895 -9.42 13.99 -5.88
CA ASP A 895 -10.49 14.98 -5.85
C ASP A 895 -10.39 15.93 -7.05
N LEU A 896 -11.31 15.75 -7.98
CA LEU A 896 -11.44 16.63 -9.14
C LEU A 896 -12.86 16.54 -9.67
N SER A 897 -13.33 17.59 -10.34
CA SER A 897 -14.69 17.59 -10.87
C SER A 897 -14.87 18.61 -11.99
N CYS A 898 -16.07 18.65 -12.55
CA CYS A 898 -16.40 19.59 -13.61
C CYS A 898 -17.62 20.43 -13.22
N GLN A 899 -17.42 21.73 -13.08
CA GLN A 899 -18.50 22.62 -12.64
C GLN A 899 -19.41 23.02 -13.80
N TYR A 900 -20.40 23.85 -13.50
CA TYR A 900 -21.36 24.30 -14.51
C TYR A 900 -20.76 25.42 -15.37
N ASP A 901 -19.58 25.88 -15.00
CA ASP A 901 -18.85 26.87 -15.78
C ASP A 901 -18.03 26.19 -16.88
N ASN A 902 -18.18 24.87 -16.96
CA ASN A 902 -17.47 24.03 -17.94
C ASN A 902 -15.98 23.89 -17.64
N THR A 903 -15.52 24.61 -16.62
CA THR A 903 -14.13 24.54 -16.20
C THR A 903 -13.92 23.46 -15.15
N VAL A 904 -12.93 22.61 -15.37
CA VAL A 904 -12.58 21.57 -14.40
C VAL A 904 -11.75 22.17 -13.26
N ARG A 905 -12.25 22.07 -12.04
CA ARG A 905 -11.60 22.70 -10.89
C ARG A 905 -11.37 21.73 -9.74
N THR A 906 -10.51 22.13 -8.82
CA THR A 906 -10.12 21.30 -7.69
C THR A 906 -10.94 21.59 -6.43
N SER A 907 -10.54 20.98 -5.32
CA SER A 907 -11.23 21.16 -4.05
C SER A 907 -11.02 22.55 -3.46
N ALA A 908 -9.90 23.17 -3.83
CA ALA A 908 -9.58 24.52 -3.36
C ALA A 908 -10.23 25.56 -4.27
N ASN A 909 -11.00 25.08 -5.24
CA ASN A 909 -11.67 25.92 -6.24
C ASN A 909 -10.67 26.68 -7.10
N GLY A 910 -9.46 26.14 -7.19
CA GLY A 910 -8.48 26.65 -8.14
C GLY A 910 -8.74 26.01 -9.49
N ILE A 911 -8.54 26.76 -10.56
CA ILE A 911 -8.80 26.23 -11.90
C ILE A 911 -7.52 25.70 -12.54
N VAL A 912 -7.47 24.39 -12.72
CA VAL A 912 -6.32 23.76 -13.36
C VAL A 912 -6.41 23.87 -14.87
N GLN A 913 -7.62 23.79 -15.41
CA GLN A 913 -7.85 23.84 -16.84
C GLN A 913 -9.19 24.51 -17.16
N PHE A 914 -9.21 25.31 -18.22
CA PHE A 914 -10.42 26.04 -18.59
C PHE A 914 -11.42 25.14 -19.30
N THR A 915 -10.93 24.28 -20.20
CA THR A 915 -11.78 23.33 -20.90
C THR A 915 -11.11 21.97 -20.98
N TYR A 916 -11.87 20.91 -20.74
CA TYR A 916 -11.32 19.56 -20.68
C TYR A 916 -10.88 19.08 -22.06
N GLY A 917 -9.62 18.70 -22.17
CA GLY A 917 -9.04 18.21 -23.41
C GLY A 917 -9.07 19.20 -24.56
N GLY A 918 -9.35 20.46 -24.24
CA GLY A 918 -9.46 21.50 -25.26
C GLY A 918 -10.72 21.34 -26.10
N ASP A 919 -11.57 20.40 -25.68
CA ASP A 919 -12.79 20.08 -26.40
C ASP A 919 -14.00 20.12 -25.48
N GLY A 920 -13.99 19.25 -24.47
CA GLY A 920 -15.10 19.16 -23.54
C GLY A 920 -15.96 17.93 -23.78
N LEU A 921 -15.49 17.05 -24.65
CA LEU A 921 -16.21 15.82 -24.97
C LEU A 921 -15.65 14.64 -24.17
N ASP A 922 -16.54 13.81 -23.65
CA ASP A 922 -16.15 12.68 -22.81
C ASP A 922 -15.89 11.44 -23.67
N PRO A 923 -14.73 10.79 -23.45
CA PRO A 923 -14.36 9.57 -24.17
C PRO A 923 -15.27 8.38 -23.88
N LEU A 924 -16.01 8.44 -22.75
CA LEU A 924 -16.94 7.38 -22.40
C LEU A 924 -18.04 7.28 -23.45
N GLU A 925 -18.72 8.39 -23.69
CA GLU A 925 -19.74 8.44 -24.74
C GLU A 925 -19.17 9.15 -25.97
N MET A 926 -18.88 8.37 -27.00
CA MET A 926 -18.24 8.86 -28.21
C MET A 926 -18.33 7.82 -29.31
N GLU A 927 -17.67 8.06 -30.44
CA GLU A 927 -17.69 7.12 -31.56
C GLU A 927 -16.31 6.96 -32.18
N GLY A 928 -16.26 6.26 -33.31
CA GLY A 928 -15.00 5.90 -33.94
C GLY A 928 -14.09 7.05 -34.31
N ASN A 929 -12.79 6.74 -34.42
CA ASN A 929 -11.76 7.71 -34.78
C ASN A 929 -11.67 8.88 -33.80
N ALA A 930 -11.95 8.59 -32.53
CA ALA A 930 -11.86 9.58 -31.44
C ALA A 930 -12.77 10.79 -31.67
N GLN A 931 -13.82 10.61 -32.46
CA GLN A 931 -14.84 11.64 -32.64
C GLN A 931 -16.22 11.01 -32.68
N PRO A 932 -17.22 11.69 -32.08
CA PRO A 932 -18.59 11.17 -32.03
C PRO A 932 -19.38 11.47 -33.30
N VAL A 933 -18.86 11.08 -34.45
CA VAL A 933 -19.53 11.34 -35.72
C VAL A 933 -19.82 10.05 -36.49
N ASN A 934 -18.76 9.45 -37.04
CA ASN A 934 -18.88 8.29 -37.91
C ASN A 934 -19.80 8.57 -39.09
N PHE A 935 -19.33 9.41 -40.00
CA PHE A 935 -20.09 9.86 -41.17
C PHE A 935 -20.74 8.72 -41.95
N ASN A 936 -19.91 7.85 -42.51
CA ASN A 936 -20.36 6.76 -43.37
C ASN A 936 -21.48 5.93 -42.76
N ARG A 937 -21.39 5.66 -41.47
CA ARG A 937 -22.43 4.91 -40.76
C ARG A 937 -23.73 5.70 -40.71
N SER A 938 -23.65 6.95 -40.25
CA SER A 938 -24.83 7.79 -40.08
C SER A 938 -25.50 8.12 -41.41
N TRP A 939 -24.71 8.19 -42.47
CA TRP A 939 -25.25 8.47 -43.80
C TRP A 939 -26.15 7.34 -44.28
N ASP A 940 -25.63 6.12 -44.24
CA ASP A 940 -26.39 4.95 -44.66
C ASP A 940 -27.52 4.67 -43.67
N HIS A 941 -27.36 5.13 -42.44
CA HIS A 941 -28.35 4.91 -41.39
C HIS A 941 -29.65 5.61 -41.73
N ALA A 942 -29.55 6.87 -42.13
CA ALA A 942 -30.72 7.64 -42.52
C ALA A 942 -31.16 7.28 -43.94
N TYR A 943 -30.23 6.79 -44.74
CA TYR A 943 -30.49 6.48 -46.15
C TYR A 943 -31.56 5.42 -46.33
N ASN A 944 -31.36 4.24 -45.74
CA ASN A 944 -32.27 3.12 -45.93
C ASN A 944 -33.58 3.28 -45.15
N ILE A 945 -33.56 4.12 -44.12
CA ILE A 945 -34.74 4.34 -43.30
C ILE A 945 -35.74 5.24 -44.01
N THR A 946 -35.27 6.36 -44.56
CA THR A 946 -36.13 7.30 -45.25
C THR A 946 -36.31 6.93 -46.72
N PHE A 947 -35.67 5.83 -47.13
CA PHE A 947 -35.73 5.36 -48.50
C PHE A 947 -37.17 5.12 -48.96
N ASN A 948 -37.50 5.64 -50.14
CA ASN A 948 -38.84 5.49 -50.69
C ASN A 948 -38.82 5.43 -52.20
N ASN A 949 -39.80 4.75 -52.78
CA ASN A 949 -39.90 4.58 -54.22
C ASN A 949 -40.93 5.53 -54.83
N GLN A 950 -40.68 5.95 -56.07
CA GLN A 950 -41.58 6.78 -56.86
C GLN A 950 -41.56 8.25 -56.40
N ASP A 951 -40.81 8.54 -55.34
CA ASP A 951 -40.80 9.88 -54.77
C ASP A 951 -39.47 10.63 -54.93
N LYS A 952 -39.54 11.74 -55.64
CA LYS A 952 -38.44 12.71 -55.74
C LYS A 952 -37.10 12.14 -56.21
N GLY A 953 -36.02 12.61 -55.58
CA GLY A 953 -34.68 12.21 -55.96
C GLY A 953 -34.12 13.06 -57.08
N LEU A 954 -34.71 14.23 -57.29
CA LEU A 954 -34.36 15.07 -58.43
C LEU A 954 -33.10 15.93 -58.24
N LEU A 955 -32.96 16.53 -57.05
CA LEU A 955 -31.99 17.60 -56.86
C LEU A 955 -30.52 17.19 -57.01
N PRO A 956 -29.87 17.71 -58.06
CA PRO A 956 -28.43 17.55 -58.38
C PRO A 956 -27.48 18.38 -57.50
N TYR A 957 -27.91 19.58 -57.13
CA TYR A 957 -27.00 20.60 -56.61
C TYR A 957 -27.45 21.16 -55.26
N ALA A 958 -28.70 21.63 -55.20
CA ALA A 958 -29.22 22.47 -54.11
C ALA A 958 -29.03 21.88 -52.72
N ILE A 959 -28.58 20.63 -52.64
CA ILE A 959 -28.17 20.02 -51.38
C ILE A 959 -27.28 20.97 -50.57
N MET A 960 -26.40 21.70 -51.26
CA MET A 960 -25.57 22.72 -50.62
C MET A 960 -26.41 23.80 -49.96
N GLU A 961 -27.51 24.17 -50.60
CA GLU A 961 -28.40 25.19 -50.05
C GLU A 961 -29.14 24.65 -48.83
N THR A 962 -29.41 23.35 -48.83
CA THR A 962 -30.00 22.70 -47.68
C THR A 962 -28.92 22.51 -46.60
N ALA A 963 -27.67 22.54 -47.04
CA ALA A 963 -26.54 22.48 -46.11
C ALA A 963 -26.23 23.88 -45.59
N ASN A 964 -26.83 24.89 -46.23
CA ASN A 964 -26.72 26.26 -45.75
C ASN A 964 -27.72 26.53 -44.64
N GLU A 965 -28.68 25.62 -44.48
CA GLU A 965 -29.63 25.67 -43.38
C GLU A 965 -28.90 25.39 -42.07
N ILE A 966 -27.84 24.59 -42.16
CA ILE A 966 -26.98 24.31 -41.03
C ILE A 966 -26.34 25.56 -40.45
N LEU A 967 -25.48 26.19 -41.25
CA LEU A 967 -24.59 27.25 -40.79
C LEU A 967 -25.29 28.47 -40.19
N GLY A 968 -26.27 29.02 -40.91
CA GLY A 968 -26.89 30.28 -40.52
C GLY A 968 -27.39 30.40 -39.10
N PRO A 969 -28.28 29.49 -38.68
CA PRO A 969 -28.76 29.48 -37.29
C PRO A 969 -27.67 29.08 -36.28
N LEU A 970 -26.78 28.18 -36.68
CA LEU A 970 -25.77 27.65 -35.76
C LEU A 970 -24.59 28.61 -35.56
N GLU A 971 -24.20 29.32 -36.61
CA GLU A 971 -23.03 30.19 -36.54
C GLU A 971 -23.38 31.61 -36.07
N GLU A 972 -24.66 31.91 -35.96
CA GLU A 972 -25.10 33.24 -35.54
C GLU A 972 -25.02 33.41 -34.03
N ARG A 973 -25.02 32.29 -33.31
CA ARG A 973 -25.00 32.31 -31.85
C ARG A 973 -23.60 32.63 -31.33
N LEU A 974 -22.60 32.03 -31.96
CA LEU A 974 -21.22 32.15 -31.50
C LEU A 974 -20.58 33.48 -31.89
N VAL A 975 -20.98 33.99 -33.06
CA VAL A 975 -20.45 35.22 -33.68
C VAL A 975 -18.93 35.31 -33.53
N ARG A 976 -18.42 36.48 -33.15
CA ARG A 976 -16.99 36.67 -32.94
C ARG A 976 -16.72 37.66 -31.81
N TYR A 977 -15.72 37.36 -31.00
CA TYR A 977 -15.28 38.27 -29.95
C TYR A 977 -13.77 38.50 -30.02
N ASP A 978 -13.38 39.74 -30.33
CA ASP A 978 -11.98 40.10 -30.43
C ASP A 978 -11.46 40.64 -29.11
N ASN A 979 -10.41 40.01 -28.60
CA ASN A 979 -9.72 40.45 -27.39
C ASN A 979 -10.68 40.59 -26.21
N SER A 980 -10.82 41.82 -25.71
CA SER A 980 -11.69 42.08 -24.56
C SER A 980 -12.82 43.04 -24.90
N GLY A 981 -14.04 42.53 -24.90
CA GLY A 981 -15.24 43.34 -25.10
C GLY A 981 -15.32 44.06 -26.43
N CYS A 982 -14.77 43.45 -27.48
CA CYS A 982 -14.80 44.05 -28.82
C CYS A 982 -14.99 43.00 -29.90
N LEU A 983 -15.76 43.36 -30.93
CA LEU A 983 -15.94 42.50 -32.10
C LEU A 983 -14.76 42.64 -33.07
N VAL A 984 -14.50 41.60 -33.83
CA VAL A 984 -13.46 41.66 -34.86
C VAL A 984 -14.10 42.10 -36.18
N LYS A 985 -13.29 42.34 -37.21
CA LYS A 985 -13.85 42.75 -38.50
C LYS A 985 -13.25 42.04 -39.72
N ARG A 986 -14.06 41.22 -40.38
CA ARG A 986 -13.91 40.91 -41.81
C ARG A 986 -12.61 40.23 -42.25
N GLU A 987 -11.61 40.16 -41.37
CA GLU A 987 -10.28 39.71 -41.77
C GLU A 987 -9.72 38.61 -40.88
N ASP A 988 -9.55 38.92 -39.60
CA ASP A 988 -8.86 38.05 -38.65
C ASP A 988 -9.53 36.68 -38.52
N LEU A 989 -10.73 36.54 -39.06
CA LEU A 989 -11.42 35.25 -39.14
C LEU A 989 -10.50 34.17 -39.68
N ASN A 990 -9.77 34.50 -40.74
CA ASN A 990 -8.75 33.63 -41.29
C ASN A 990 -7.47 33.67 -40.47
N LYS A 991 -7.06 34.87 -40.10
CA LYS A 991 -5.84 35.09 -39.33
C LYS A 991 -5.89 34.37 -37.98
N ALA A 992 -6.92 34.68 -37.20
CA ALA A 992 -7.20 33.99 -35.95
C ALA A 992 -6.03 34.00 -34.97
N GLU A 993 -5.52 35.18 -34.65
CA GLU A 993 -4.50 35.30 -33.61
C GLU A 993 -5.12 35.53 -32.24
N TYR A 994 -6.41 35.84 -32.21
CA TYR A 994 -7.12 36.08 -30.97
C TYR A 994 -7.50 34.75 -30.29
N VAL A 995 -8.02 33.82 -31.10
CA VAL A 995 -8.29 32.45 -30.67
C VAL A 995 -9.08 32.32 -29.37
N ASP A 996 -10.36 32.69 -29.41
CA ASP A 996 -11.25 32.35 -28.31
C ASP A 996 -11.60 30.86 -28.42
N GLN A 997 -12.11 30.27 -27.35
CA GLN A 997 -12.50 28.87 -27.37
C GLN A 997 -13.75 28.71 -28.24
N TYR A 998 -14.30 27.49 -28.27
CA TYR A 998 -15.42 27.07 -29.13
C TYR A 998 -14.93 26.67 -30.53
N ASP A 999 -13.63 26.79 -30.77
CA ASP A 999 -13.05 26.42 -32.07
C ASP A 999 -13.39 25.00 -32.49
N ALA A 1000 -13.62 24.12 -31.51
CA ALA A 1000 -14.01 22.73 -31.79
C ALA A 1000 -15.40 22.68 -32.40
N GLU A 1001 -16.23 23.66 -32.07
CA GLU A 1001 -17.61 23.71 -32.56
C GLU A 1001 -17.66 24.17 -34.01
N ARG A 1002 -16.75 25.09 -34.37
CA ARG A 1002 -16.71 25.62 -35.73
C ARG A 1002 -16.23 24.57 -36.73
N ASP A 1003 -15.11 23.93 -36.42
CA ASP A 1003 -14.48 22.95 -37.31
C ASP A 1003 -15.37 21.73 -37.55
N PHE A 1004 -16.24 21.44 -36.59
CA PHE A 1004 -17.17 20.32 -36.73
C PHE A 1004 -18.22 20.63 -37.79
N TYR A 1005 -18.76 21.83 -37.76
CA TYR A 1005 -19.75 22.26 -38.74
C TYR A 1005 -19.10 22.38 -40.12
N HIS A 1006 -17.87 22.88 -40.14
CA HIS A 1006 -17.08 23.00 -41.37
C HIS A 1006 -16.91 21.64 -42.06
N SER A 1007 -16.23 20.73 -41.38
CA SER A 1007 -15.94 19.39 -41.92
C SER A 1007 -17.21 18.64 -42.31
N LEU A 1008 -18.29 18.87 -41.57
CA LEU A 1008 -19.57 18.23 -41.88
C LEU A 1008 -20.14 18.78 -43.19
N ARG A 1009 -19.95 20.07 -43.41
CA ARG A 1009 -20.44 20.72 -44.62
C ARG A 1009 -19.65 20.27 -45.85
N GLU A 1010 -18.33 20.26 -45.73
CA GLU A 1010 -17.46 19.91 -46.85
C GLU A 1010 -17.57 18.43 -47.20
N TYR A 1011 -17.98 17.62 -46.22
CA TYR A 1011 -18.20 16.20 -46.46
C TYR A 1011 -19.36 15.99 -47.43
N ILE A 1012 -20.41 16.80 -47.27
CA ILE A 1012 -21.56 16.76 -48.16
C ILE A 1012 -21.15 17.29 -49.53
N ASN A 1013 -20.22 18.25 -49.53
CA ASN A 1013 -19.70 18.82 -50.77
C ASN A 1013 -18.93 17.78 -51.57
N GLY A 1014 -18.12 16.99 -50.87
CA GLY A 1014 -17.35 15.93 -51.51
C GLY A 1014 -18.23 14.89 -52.15
N LYS A 1015 -19.38 14.63 -51.55
CA LYS A 1015 -20.34 13.69 -52.09
C LYS A 1015 -21.13 14.35 -53.22
N ALA A 1016 -21.32 15.66 -53.12
CA ALA A 1016 -22.04 16.42 -54.14
C ALA A 1016 -21.22 16.57 -55.41
N THR A 1017 -19.92 16.85 -55.25
CA THR A 1017 -19.04 17.00 -56.40
C THR A 1017 -18.73 15.65 -57.02
N ALA A 1018 -19.00 14.58 -56.27
CA ALA A 1018 -18.84 13.23 -56.80
C ALA A 1018 -19.97 12.92 -57.77
N LEU A 1019 -21.14 13.49 -57.50
CA LEU A 1019 -22.29 13.35 -58.39
C LEU A 1019 -22.06 14.12 -59.68
N ALA A 1020 -21.26 15.18 -59.58
CA ALA A 1020 -20.93 16.02 -60.74
C ALA A 1020 -20.16 15.23 -61.79
N ASN A 1021 -19.05 14.63 -61.37
CA ASN A 1021 -18.22 13.83 -62.27
C ASN A 1021 -18.96 12.60 -62.77
N LEU A 1022 -19.90 12.12 -61.97
CA LEU A 1022 -20.71 10.96 -62.32
C LEU A 1022 -21.76 11.32 -63.35
N ARG A 1023 -22.25 12.55 -63.29
CA ARG A 1023 -23.29 13.02 -64.20
C ARG A 1023 -22.70 13.40 -65.55
N LYS A 1024 -21.51 13.99 -65.54
CA LYS A 1024 -20.86 14.44 -66.78
C LYS A 1024 -20.15 13.30 -67.49
N SER A 1025 -20.00 12.17 -66.79
CA SER A 1025 -19.38 10.99 -67.38
C SER A 1025 -20.30 10.34 -68.41
N ARG A 1026 -21.59 10.62 -68.27
CA ARG A 1026 -22.60 10.09 -69.17
C ARG A 1026 -22.79 10.98 -70.38
N GLY A 1027 -21.99 12.04 -70.46
CA GLY A 1027 -22.09 13.01 -71.53
C GLY A 1027 -23.21 14.00 -71.29
N MET A 1028 -23.42 14.33 -70.02
CA MET A 1028 -24.45 15.28 -69.65
C MET A 1028 -23.81 16.56 -69.12
N LEU A 1029 -24.52 17.67 -69.27
CA LEU A 1029 -23.98 18.99 -68.97
C LEU A 1029 -23.70 19.19 -67.47
N GLY A 1030 -22.87 20.18 -67.18
CA GLY A 1030 -22.27 20.37 -65.87
C GLY A 1030 -23.07 21.23 -64.90
N LEU A 1031 -24.38 21.21 -65.06
CA LEU A 1031 -25.29 22.19 -64.44
C LEU A 1031 -25.08 22.47 -62.95
N LEU A 1032 -24.51 21.53 -62.19
CA LEU A 1032 -24.51 21.72 -60.75
C LEU A 1032 -23.32 22.57 -60.33
N GLU A 1033 -23.66 23.77 -59.87
CA GLU A 1033 -22.75 24.85 -59.54
C GLU A 1033 -23.67 25.87 -58.88
N PRO A 1034 -23.20 27.10 -58.60
CA PRO A 1034 -24.24 28.09 -58.26
C PRO A 1034 -25.37 28.10 -59.30
N PRO A 1035 -26.63 28.09 -58.82
CA PRO A 1035 -27.84 27.75 -59.58
C PRO A 1035 -28.01 28.47 -60.91
N ALA A 1036 -28.59 27.77 -61.88
CA ALA A 1036 -28.91 28.35 -63.18
C ALA A 1036 -29.84 29.55 -63.00
N LYS A 1037 -29.57 30.63 -63.71
CA LYS A 1037 -30.26 31.87 -63.44
C LYS A 1037 -31.63 31.94 -64.12
N GLU A 1038 -31.64 32.26 -65.42
CA GLU A 1038 -32.84 32.25 -66.26
C GLU A 1038 -34.04 32.84 -65.50
N LEU A 1039 -35.09 32.05 -65.39
CA LEU A 1039 -36.15 32.23 -64.40
C LEU A 1039 -36.51 30.84 -63.88
N GLN A 1040 -36.43 30.64 -62.57
CA GLN A 1040 -36.51 29.30 -61.97
C GLN A 1040 -37.76 28.54 -62.39
N GLY A 1041 -37.62 27.23 -62.58
CA GLY A 1041 -38.70 26.40 -63.10
C GLY A 1041 -38.53 26.03 -64.55
N ILE A 1042 -37.32 26.21 -65.08
CA ILE A 1042 -37.00 25.87 -66.46
C ILE A 1042 -37.26 24.40 -66.78
N ASP A 1043 -37.04 23.55 -65.79
CA ASP A 1043 -36.95 22.10 -65.99
C ASP A 1043 -35.88 21.79 -67.05
N PRO A 1044 -34.61 22.04 -66.70
CA PRO A 1044 -33.47 22.00 -67.64
C PRO A 1044 -33.17 20.62 -68.18
N ASP A 1045 -33.68 19.59 -67.53
CA ASP A 1045 -33.42 18.20 -67.92
C ASP A 1045 -34.13 17.81 -69.21
N GLU A 1046 -34.95 18.72 -69.72
CA GLU A 1046 -35.75 18.50 -70.93
C GLU A 1046 -34.97 17.93 -72.12
N THR A 1047 -33.99 18.69 -72.60
CA THR A 1047 -33.27 18.35 -73.82
C THR A 1047 -32.53 17.01 -73.78
N VAL A 1048 -32.38 16.45 -72.57
CA VAL A 1048 -31.73 15.15 -72.41
C VAL A 1048 -32.59 14.05 -73.01
N PRO A 1049 -32.00 13.20 -73.87
CA PRO A 1049 -32.73 12.17 -74.62
C PRO A 1049 -33.22 10.99 -73.77
N ASP A 1050 -34.30 11.20 -73.03
CA ASP A 1050 -35.05 10.12 -72.38
C ASP A 1050 -34.24 9.27 -71.41
N ASN A 1051 -34.19 7.97 -71.69
CA ASN A 1051 -33.70 6.96 -70.75
C ASN A 1051 -32.26 7.15 -70.26
N VAL A 1052 -31.47 7.91 -70.99
CA VAL A 1052 -30.08 8.16 -70.62
C VAL A 1052 -30.01 8.85 -69.26
N LYS A 1053 -30.93 9.78 -69.03
CA LYS A 1053 -31.02 10.48 -67.74
C LYS A 1053 -31.65 9.58 -66.68
N THR A 1054 -32.67 8.83 -67.09
CA THR A 1054 -33.38 7.94 -66.18
C THR A 1054 -32.46 6.81 -65.69
N SER A 1055 -31.51 6.43 -66.53
CA SER A 1055 -30.55 5.39 -66.18
C SER A 1055 -29.62 5.82 -65.07
N VAL A 1056 -29.27 7.10 -65.06
CA VAL A 1056 -28.40 7.65 -64.02
C VAL A 1056 -29.16 7.76 -62.70
N SER A 1057 -30.47 7.98 -62.81
CA SER A 1057 -31.31 8.18 -61.63
C SER A 1057 -31.43 6.93 -60.76
N GLN A 1058 -31.30 5.76 -61.39
CA GLN A 1058 -31.41 4.51 -60.64
C GLN A 1058 -30.10 4.14 -59.93
N LEU A 1059 -28.97 4.51 -60.54
CA LEU A 1059 -27.67 4.09 -60.02
C LEU A 1059 -27.35 4.83 -58.72
N TYR A 1060 -27.37 6.16 -58.77
CA TYR A 1060 -27.27 6.97 -57.55
C TYR A 1060 -28.52 7.82 -57.41
N ARG A 1061 -28.63 8.53 -56.28
CA ARG A 1061 -29.68 9.52 -56.06
C ARG A 1061 -29.57 10.13 -54.67
N ILE A 1062 -30.14 11.33 -54.51
CA ILE A 1062 -30.27 11.98 -53.21
C ILE A 1062 -31.61 12.72 -53.17
N SER A 1063 -32.40 12.50 -52.12
CA SER A 1063 -33.71 13.15 -52.05
C SER A 1063 -34.05 13.76 -50.68
N GLU A 1064 -34.15 15.08 -50.64
CA GLU A 1064 -34.88 15.79 -49.58
C GLU A 1064 -34.53 15.36 -48.17
N LYS A 1065 -35.53 14.77 -47.51
CA LYS A 1065 -35.46 14.34 -46.12
C LYS A 1065 -34.21 13.53 -45.78
N SER A 1066 -33.71 12.79 -46.76
CA SER A 1066 -32.47 12.03 -46.61
C SER A 1066 -31.37 12.88 -46.00
N VAL A 1067 -31.01 13.96 -46.70
CA VAL A 1067 -30.05 14.93 -46.17
C VAL A 1067 -30.50 15.46 -44.81
N ARG A 1068 -31.79 15.77 -44.70
CA ARG A 1068 -32.34 16.29 -43.45
C ARG A 1068 -32.25 15.27 -42.32
N LYS A 1069 -32.59 14.03 -42.60
CA LYS A 1069 -32.47 12.96 -41.63
C LYS A 1069 -31.01 12.71 -41.27
N PHE A 1070 -30.13 12.94 -42.24
CA PHE A 1070 -28.70 12.84 -42.03
C PHE A 1070 -28.21 13.95 -41.10
N LEU A 1071 -28.67 15.17 -41.36
CA LEU A 1071 -28.30 16.32 -40.54
C LEU A 1071 -29.01 16.27 -39.20
N GLU A 1072 -30.17 15.61 -39.16
CA GLU A 1072 -30.90 15.38 -37.92
C GLU A 1072 -30.02 14.65 -36.91
N ILE A 1073 -29.64 13.42 -37.26
CA ILE A 1073 -28.81 12.58 -36.39
C ILE A 1073 -27.41 13.17 -36.20
N ALA A 1074 -26.96 13.97 -37.16
CA ALA A 1074 -25.62 14.55 -37.13
C ALA A 1074 -25.34 15.35 -35.87
N LEU A 1075 -26.02 16.48 -35.72
CA LEU A 1075 -25.82 17.35 -34.56
C LEU A 1075 -26.48 16.78 -33.31
N PHE A 1076 -27.37 15.80 -33.51
CA PHE A 1076 -28.04 15.14 -32.40
C PHE A 1076 -27.04 14.33 -31.57
N LYS A 1077 -26.26 13.49 -32.24
CA LYS A 1077 -25.23 12.70 -31.57
C LYS A 1077 -24.11 13.58 -31.05
N TYR A 1078 -23.87 14.70 -31.72
CA TYR A 1078 -22.83 15.63 -31.30
C TYR A 1078 -23.21 16.30 -29.99
N ARG A 1079 -24.48 16.67 -29.86
CA ARG A 1079 -24.99 17.28 -28.64
C ARG A 1079 -25.12 16.24 -27.54
N LYS A 1080 -25.47 15.02 -27.92
CA LYS A 1080 -25.64 13.93 -26.95
C LYS A 1080 -24.32 13.55 -26.30
N ALA A 1081 -23.20 13.79 -26.97
CA ALA A 1081 -21.91 13.51 -26.39
C ALA A 1081 -21.22 14.81 -25.95
N ARG A 1082 -21.20 15.01 -24.64
CA ARG A 1082 -20.54 16.16 -24.01
C ARG A 1082 -20.29 15.84 -22.54
N LEU A 1083 -19.40 16.60 -21.90
CA LEU A 1083 -19.16 16.41 -20.48
C LEU A 1083 -20.35 16.88 -19.66
N GLU A 1084 -20.87 15.98 -18.83
CA GLU A 1084 -21.96 16.31 -17.92
C GLU A 1084 -21.39 16.69 -16.56
N PRO A 1085 -21.69 17.91 -16.10
CA PRO A 1085 -21.13 18.52 -14.87
C PRO A 1085 -21.29 17.64 -13.63
N GLY A 1086 -20.33 17.74 -12.73
CA GLY A 1086 -20.30 16.90 -11.54
C GLY A 1086 -19.67 15.57 -11.85
N THR A 1087 -18.81 15.55 -12.87
CA THR A 1087 -18.22 14.32 -13.37
C THR A 1087 -17.10 13.83 -12.45
N ALA A 1088 -16.82 12.54 -12.53
CA ALA A 1088 -15.87 11.86 -11.67
C ALA A 1088 -14.45 11.81 -12.26
N ILE A 1089 -14.24 12.55 -13.35
CA ILE A 1089 -13.04 12.43 -14.19
C ILE A 1089 -11.72 12.30 -13.42
N GLY A 1090 -11.59 13.05 -12.34
CA GLY A 1090 -10.41 12.95 -11.49
C GLY A 1090 -10.14 11.54 -11.02
N ALA A 1091 -11.19 10.85 -10.60
CA ALA A 1091 -11.09 9.45 -10.19
C ALA A 1091 -11.06 8.52 -11.41
N ILE A 1092 -11.74 8.93 -12.48
CA ILE A 1092 -11.82 8.13 -13.70
C ILE A 1092 -10.46 8.01 -14.38
N GLY A 1093 -9.73 9.11 -14.44
CA GLY A 1093 -8.43 9.14 -15.07
C GLY A 1093 -7.42 8.25 -14.37
N ALA A 1094 -7.57 8.09 -13.07
CA ALA A 1094 -6.65 7.27 -12.28
C ALA A 1094 -6.82 5.78 -12.59
N GLN A 1095 -8.07 5.36 -12.74
CA GLN A 1095 -8.38 3.95 -13.01
C GLN A 1095 -8.05 3.55 -14.43
N SER A 1096 -8.13 4.51 -15.35
CA SER A 1096 -7.90 4.24 -16.76
C SER A 1096 -6.40 4.14 -17.09
N ILE A 1097 -5.61 4.99 -16.44
CA ILE A 1097 -4.18 5.08 -16.76
C ILE A 1097 -3.35 3.95 -16.15
N GLY A 1098 -3.63 3.62 -14.89
CA GLY A 1098 -2.81 2.64 -14.19
C GLY A 1098 -2.85 1.27 -14.82
N GLU A 1099 -4.04 0.68 -14.89
CA GLU A 1099 -4.33 -0.50 -15.71
C GLU A 1099 -3.56 -1.76 -15.28
N PRO A 1100 -4.01 -2.95 -15.72
CA PRO A 1100 -3.24 -4.16 -15.44
C PRO A 1100 -1.96 -4.24 -16.29
N MET A 1117 20.97 -1.59 -28.49
CA MET A 1117 21.11 -0.48 -27.55
C MET A 1117 20.12 -0.59 -26.41
N ASN A 1118 20.60 -0.40 -25.19
CA ASN A 1118 19.76 -0.48 -24.00
C ASN A 1118 18.79 0.70 -23.89
N VAL A 1119 17.50 0.40 -23.81
CA VAL A 1119 16.48 1.42 -23.65
C VAL A 1119 15.32 0.91 -22.79
N THR A 1120 14.87 1.74 -21.86
CA THR A 1120 13.72 1.37 -21.02
C THR A 1120 12.41 1.63 -21.75
N LEU A 1121 11.46 0.71 -21.60
CA LEU A 1121 10.20 0.78 -22.33
C LEU A 1121 8.98 0.67 -21.41
N GLY A 1122 8.87 -0.45 -20.71
CA GLY A 1122 7.66 -0.79 -19.99
C GLY A 1122 7.42 -0.01 -18.71
N VAL A 1123 6.59 -0.58 -17.83
CA VAL A 1123 6.15 0.09 -16.60
C VAL A 1123 7.24 0.78 -15.73
N PRO A 1124 8.45 0.19 -15.60
CA PRO A 1124 9.40 0.95 -14.78
C PRO A 1124 9.81 2.30 -15.40
N ARG A 1125 9.59 2.47 -16.70
CA ARG A 1125 9.85 3.75 -17.36
C ARG A 1125 8.78 4.76 -16.95
N ILE A 1126 7.54 4.30 -16.84
CA ILE A 1126 6.43 5.14 -16.39
C ILE A 1126 6.67 5.56 -14.95
N LYS A 1127 7.31 4.68 -14.18
CA LYS A 1127 7.70 4.97 -12.81
C LYS A 1127 8.70 6.12 -12.78
N GLU A 1128 9.61 6.12 -13.75
CA GLU A 1128 10.63 7.18 -13.84
C GLU A 1128 9.99 8.53 -14.16
N ILE A 1129 8.92 8.51 -14.94
CA ILE A 1129 8.21 9.72 -15.32
C ILE A 1129 7.37 10.22 -14.15
N ILE A 1130 6.42 9.40 -13.72
CA ILE A 1130 5.52 9.71 -12.61
C ILE A 1130 6.25 10.23 -11.37
N ASN A 1131 7.36 9.59 -11.01
CA ASN A 1131 8.16 10.00 -9.86
C ASN A 1131 8.81 11.37 -10.11
N ALA A 1132 9.14 11.64 -11.37
CA ALA A 1132 9.80 12.87 -11.77
C ALA A 1132 11.11 13.09 -11.01
N SER A 1133 11.89 12.03 -10.90
CA SER A 1133 13.18 12.09 -10.20
C SER A 1133 14.22 12.85 -11.01
N LYS A 1134 15.24 13.35 -10.32
CA LYS A 1134 16.33 14.07 -10.97
C LYS A 1134 17.03 13.21 -12.02
N VAL A 1135 17.70 12.16 -11.56
CA VAL A 1135 18.42 11.26 -12.47
C VAL A 1135 17.48 10.24 -13.09
N ILE A 1136 18.05 9.37 -13.92
CA ILE A 1136 17.28 8.36 -14.65
C ILE A 1136 18.24 7.49 -15.46
N SER A 1137 17.76 6.33 -15.91
CA SER A 1137 18.60 5.39 -16.64
C SER A 1137 18.62 5.67 -18.14
N THR A 1138 19.81 5.58 -18.74
CA THR A 1138 20.06 5.78 -20.17
C THR A 1138 19.18 6.83 -20.85
N PRO A 1139 19.36 8.11 -20.48
CA PRO A 1139 18.57 9.22 -21.00
C PRO A 1139 19.05 9.70 -22.36
N ILE A 1140 18.63 9.02 -23.43
CA ILE A 1140 19.07 9.37 -24.78
C ILE A 1140 18.57 10.75 -25.21
N ILE A 1141 19.35 11.41 -26.05
CA ILE A 1141 18.99 12.71 -26.60
C ILE A 1141 19.03 12.66 -28.13
N ASN A 1142 17.99 13.18 -28.76
CA ASN A 1142 17.92 13.20 -30.22
C ASN A 1142 18.26 14.58 -30.78
N ALA A 1143 19.00 14.61 -31.87
CA ALA A 1143 19.40 15.86 -32.50
C ALA A 1143 19.55 15.73 -34.01
N VAL A 1144 19.23 16.80 -34.72
CA VAL A 1144 19.40 16.85 -36.17
C VAL A 1144 20.62 17.71 -36.51
N LEU A 1145 21.31 17.37 -37.60
CA LEU A 1145 22.61 17.97 -37.85
C LEU A 1145 22.57 19.07 -38.91
N VAL A 1146 22.58 18.68 -40.18
CA VAL A 1146 22.34 19.62 -41.29
C VAL A 1146 21.42 18.97 -42.31
N ASN A 1147 21.95 17.94 -42.95
CA ASN A 1147 21.28 17.22 -44.04
C ASN A 1147 21.70 15.76 -44.01
N ASP A 1148 21.38 15.02 -45.07
CA ASP A 1148 21.73 13.61 -45.13
C ASP A 1148 22.97 13.38 -45.98
N ASN A 1149 24.08 13.05 -45.32
CA ASN A 1149 25.34 12.76 -45.99
C ASN A 1149 26.22 11.83 -45.15
N ASP A 1150 27.07 11.06 -45.83
CA ASP A 1150 27.92 10.08 -45.17
C ASP A 1150 29.19 10.68 -44.56
N GLU A 1151 29.84 11.58 -45.29
CA GLU A 1151 31.17 12.06 -44.92
C GLU A 1151 31.11 13.38 -44.15
N ARG A 1152 32.28 13.85 -43.73
CA ARG A 1152 32.43 15.15 -43.06
C ARG A 1152 31.55 15.27 -41.81
N ALA A 1153 30.59 16.19 -41.85
CA ALA A 1153 29.82 16.61 -40.67
C ALA A 1153 29.21 15.46 -39.88
N ALA A 1154 28.92 14.35 -40.57
CA ALA A 1154 28.39 13.17 -39.91
C ALA A 1154 29.35 12.67 -38.83
N ARG A 1155 30.60 12.43 -39.22
CA ARG A 1155 31.62 11.95 -38.29
C ARG A 1155 32.31 13.08 -37.53
N VAL A 1156 32.16 14.31 -38.01
CA VAL A 1156 32.79 15.46 -37.37
C VAL A 1156 32.17 15.77 -36.02
N VAL A 1157 30.85 15.97 -36.02
CA VAL A 1157 30.13 16.26 -34.77
C VAL A 1157 30.07 15.01 -33.90
N LYS A 1158 30.42 13.87 -34.49
CA LYS A 1158 30.50 12.63 -33.75
C LYS A 1158 31.74 12.62 -32.86
N GLY A 1159 32.87 13.05 -33.42
CA GLY A 1159 34.12 13.05 -32.69
C GLY A 1159 34.39 14.32 -31.90
N ARG A 1160 33.47 15.28 -32.02
CA ARG A 1160 33.62 16.56 -31.34
C ARG A 1160 33.31 16.54 -29.85
N VAL A 1161 32.16 15.95 -29.51
CA VAL A 1161 31.53 16.22 -28.22
C VAL A 1161 31.84 15.26 -27.05
N GLU A 1162 32.52 14.15 -27.31
CA GLU A 1162 32.59 13.13 -26.27
C GLU A 1162 33.97 12.82 -25.68
N LYS A 1163 34.00 12.79 -24.35
CA LYS A 1163 35.08 12.18 -23.55
C LYS A 1163 36.49 12.70 -23.80
N THR A 1164 37.42 11.75 -23.81
CA THR A 1164 38.85 12.05 -23.93
C THR A 1164 39.55 11.07 -24.86
N LEU A 1165 40.19 11.60 -25.88
CA LEU A 1165 41.00 10.78 -26.79
C LEU A 1165 42.46 10.85 -26.37
N LEU A 1166 42.72 11.54 -25.27
CA LEU A 1166 44.08 11.73 -24.77
C LEU A 1166 44.76 10.39 -24.50
N SER A 1167 44.06 9.48 -23.83
CA SER A 1167 44.61 8.17 -23.51
C SER A 1167 44.78 7.30 -24.75
N ASP A 1168 44.12 7.70 -25.84
CA ASP A 1168 44.19 6.96 -27.10
C ASP A 1168 45.37 7.42 -27.95
N VAL A 1169 45.36 8.68 -28.35
CA VAL A 1169 46.35 9.25 -29.25
C VAL A 1169 47.73 9.44 -28.59
N ALA A 1170 47.80 9.16 -27.28
CA ALA A 1170 49.00 9.43 -26.50
C ALA A 1170 50.27 8.71 -26.97
N PHE A 1171 50.11 7.73 -27.86
CA PHE A 1171 51.22 6.90 -28.31
C PHE A 1171 51.85 6.24 -27.09
N TYR A 1172 53.11 6.53 -26.81
CA TYR A 1172 53.76 6.00 -25.62
C TYR A 1172 54.03 7.11 -24.60
N VAL A 1173 53.80 6.80 -23.33
CA VAL A 1173 54.06 7.75 -22.25
C VAL A 1173 55.38 7.39 -21.56
N GLN A 1174 56.32 8.33 -21.59
CA GLN A 1174 57.65 8.07 -21.06
C GLN A 1174 57.93 8.90 -19.79
N ASP A 1175 58.56 8.27 -18.81
CA ASP A 1175 58.95 8.95 -17.58
C ASP A 1175 60.47 8.95 -17.44
N VAL A 1176 61.06 10.14 -17.51
CA VAL A 1176 62.50 10.28 -17.53
C VAL A 1176 63.04 11.15 -16.40
N TYR A 1177 64.13 10.71 -15.79
CA TYR A 1177 64.82 11.52 -14.78
C TYR A 1177 66.28 11.69 -15.16
N LYS A 1178 66.67 12.93 -15.46
CA LYS A 1178 68.04 13.24 -15.84
C LYS A 1178 68.60 14.38 -15.00
N ASP A 1179 69.70 14.10 -14.30
CA ASP A 1179 70.38 15.09 -13.47
C ASP A 1179 69.44 15.73 -12.45
N ASN A 1180 69.31 17.05 -12.50
CA ASN A 1180 68.51 17.79 -11.52
C ASN A 1180 67.09 18.08 -12.00
N LEU A 1181 66.75 17.65 -13.22
CA LEU A 1181 65.44 17.95 -13.79
C LEU A 1181 64.51 16.73 -13.75
N SER A 1182 63.23 17.00 -13.50
CA SER A 1182 62.21 15.97 -13.54
C SER A 1182 61.40 16.10 -14.82
N PHE A 1183 61.26 14.99 -15.55
CA PHE A 1183 60.64 15.03 -16.87
C PHE A 1183 59.45 14.09 -17.02
N ILE A 1184 58.30 14.65 -17.40
CA ILE A 1184 57.18 13.85 -17.89
C ILE A 1184 57.16 13.97 -19.41
N GLN A 1185 57.24 12.82 -20.09
CA GLN A 1185 57.33 12.84 -21.55
C GLN A 1185 56.15 12.14 -22.21
N VAL A 1186 55.33 12.92 -22.90
CA VAL A 1186 54.24 12.38 -23.70
C VAL A 1186 54.33 12.88 -25.14
N ARG A 1187 54.58 11.95 -26.06
CA ARG A 1187 54.73 12.31 -27.47
C ARG A 1187 53.53 11.80 -28.28
N ILE A 1188 52.76 12.74 -28.82
CA ILE A 1188 51.54 12.40 -29.53
C ILE A 1188 51.81 11.98 -30.98
N ASP A 1189 51.18 10.90 -31.40
CA ASP A 1189 51.25 10.46 -32.79
C ASP A 1189 50.21 11.19 -33.63
N LEU A 1190 50.67 11.84 -34.70
CA LEU A 1190 49.79 12.65 -35.54
C LEU A 1190 48.83 11.82 -36.39
N GLY A 1191 49.10 10.53 -36.49
CA GLY A 1191 48.32 9.65 -37.35
C GLY A 1191 46.84 9.52 -36.99
N THR A 1192 46.54 9.56 -35.69
CA THR A 1192 45.17 9.37 -35.23
C THR A 1192 44.32 10.62 -35.42
N ILE A 1193 44.91 11.78 -35.14
CA ILE A 1193 44.20 13.06 -35.25
C ILE A 1193 43.87 13.37 -36.71
N ASP A 1194 44.62 12.77 -37.63
CA ASP A 1194 44.36 12.97 -39.05
C ASP A 1194 43.15 12.16 -39.51
N LYS A 1195 43.11 10.88 -39.11
CA LYS A 1195 41.99 10.01 -39.49
C LYS A 1195 40.73 10.34 -38.69
N LEU A 1196 40.88 10.42 -37.37
CA LEU A 1196 39.77 10.82 -36.51
C LEU A 1196 39.77 12.33 -36.36
N GLN A 1197 38.68 12.97 -36.78
CA GLN A 1197 38.66 14.42 -36.87
C GLN A 1197 38.43 15.11 -35.54
N LEU A 1198 39.41 15.90 -35.13
CA LEU A 1198 39.33 16.78 -33.97
C LEU A 1198 40.06 18.06 -34.35
N GLU A 1199 39.49 19.22 -34.01
CA GLU A 1199 40.04 20.46 -34.54
C GLU A 1199 41.05 21.10 -33.59
N LEU A 1200 42.32 21.01 -33.99
CA LEU A 1200 43.47 21.61 -33.31
C LEU A 1200 44.74 21.13 -34.01
N THR A 1201 45.88 21.65 -33.57
CA THR A 1201 47.16 21.11 -34.03
C THR A 1201 47.93 20.51 -32.86
N ILE A 1202 48.51 21.37 -32.02
CA ILE A 1202 49.18 20.93 -30.81
C ILE A 1202 48.73 21.76 -29.60
N GLU A 1203 48.95 23.07 -29.66
CA GLU A 1203 48.77 23.98 -28.53
C GLU A 1203 47.44 23.83 -27.78
N ASP A 1204 46.38 23.45 -28.50
CA ASP A 1204 45.07 23.34 -27.89
C ASP A 1204 44.94 22.15 -26.93
N ILE A 1205 45.76 21.12 -27.12
CA ILE A 1205 45.84 20.08 -26.11
C ILE A 1205 46.77 20.54 -24.99
N ALA A 1206 47.73 21.39 -25.35
CA ALA A 1206 48.68 21.93 -24.38
C ALA A 1206 47.96 22.86 -23.41
N VAL A 1207 46.96 23.56 -23.91
CA VAL A 1207 46.12 24.38 -23.05
C VAL A 1207 45.11 23.48 -22.35
N ALA A 1208 44.87 22.31 -22.93
CA ALA A 1208 44.03 21.29 -22.28
C ALA A 1208 44.84 20.54 -21.24
N ILE A 1209 46.14 20.42 -21.48
CA ILE A 1209 47.06 19.85 -20.50
C ILE A 1209 47.15 20.76 -19.29
N THR A 1210 47.20 22.07 -19.54
CA THR A 1210 47.28 23.04 -18.46
C THR A 1210 45.92 23.21 -17.80
N ARG A 1211 44.86 22.77 -18.47
CA ARG A 1211 43.53 22.70 -17.84
C ARG A 1211 43.58 21.68 -16.73
N ALA A 1212 44.05 20.48 -17.07
CA ALA A 1212 44.23 19.40 -16.11
C ALA A 1212 45.13 19.85 -14.96
N SER A 1213 46.18 20.57 -15.31
CA SER A 1213 47.10 21.12 -14.32
C SER A 1213 46.37 22.08 -13.39
N LYS A 1214 45.56 22.95 -13.96
CA LYS A 1214 44.80 23.92 -13.18
C LYS A 1214 43.73 23.27 -12.32
N LEU A 1215 43.26 22.08 -12.72
CA LEU A 1215 42.16 21.45 -12.01
C LEU A 1215 42.60 20.68 -10.77
N LYS A 1216 43.17 19.50 -10.98
CA LYS A 1216 43.51 18.62 -9.85
C LYS A 1216 44.97 18.59 -9.40
N ILE A 1217 45.86 19.26 -10.10
CA ILE A 1217 47.29 19.06 -9.79
C ILE A 1217 48.09 20.30 -9.40
N GLN A 1218 48.51 21.10 -10.38
CA GLN A 1218 49.49 22.15 -10.11
C GLN A 1218 49.54 23.21 -11.21
N ALA A 1219 50.04 24.40 -10.88
CA ALA A 1219 50.44 25.35 -11.91
C ALA A 1219 51.94 25.58 -11.81
N SER A 1220 52.71 25.04 -12.75
CA SER A 1220 54.16 25.20 -12.73
C SER A 1220 54.75 25.61 -14.08
N ASP A 1221 54.77 24.67 -15.02
CA ASP A 1221 55.42 24.90 -16.31
C ASP A 1221 54.91 23.94 -17.38
N VAL A 1222 55.15 24.29 -18.64
CA VAL A 1222 54.81 23.42 -19.76
C VAL A 1222 55.82 23.63 -20.89
N ASN A 1223 56.12 22.57 -21.64
CA ASN A 1223 57.13 22.65 -22.69
C ASN A 1223 56.66 22.07 -24.03
N ILE A 1224 57.12 22.69 -25.11
CA ILE A 1224 56.80 22.25 -26.47
C ILE A 1224 58.04 22.27 -27.35
N ILE A 1225 58.36 21.14 -27.97
CA ILE A 1225 59.54 21.05 -28.82
C ILE A 1225 59.23 20.45 -30.21
N GLY A 1226 58.86 19.18 -30.25
CA GLY A 1226 58.60 18.52 -31.53
C GLY A 1226 57.85 17.21 -31.36
N LYS A 1227 57.17 16.79 -32.42
CA LYS A 1227 56.32 15.60 -32.40
C LYS A 1227 55.32 15.64 -31.25
N ASP A 1228 54.88 16.84 -30.90
CA ASP A 1228 53.93 17.08 -29.82
C ASP A 1228 54.39 16.46 -28.49
N ARG A 1229 55.61 16.78 -28.08
CA ARG A 1229 56.10 16.34 -26.79
C ARG A 1229 55.84 17.39 -25.73
N ILE A 1230 55.25 16.98 -24.61
CA ILE A 1230 54.92 17.90 -23.53
C ILE A 1230 55.66 17.52 -22.25
N ALA A 1231 56.50 18.43 -21.76
CA ALA A 1231 57.29 18.18 -20.57
C ALA A 1231 56.72 18.87 -19.34
N ILE A 1232 56.66 18.15 -18.22
CA ILE A 1232 56.17 18.69 -16.97
C ILE A 1232 57.24 18.65 -15.89
N ASN A 1233 57.47 19.79 -15.25
CA ASN A 1233 58.51 19.88 -14.22
C ASN A 1233 57.93 20.16 -12.84
N VAL A 1234 58.45 19.48 -11.83
CA VAL A 1234 57.98 19.64 -10.46
C VAL A 1234 59.15 19.78 -9.48
N PHE A 1235 58.87 20.42 -8.34
CA PHE A 1235 59.85 20.61 -7.26
C PHE A 1235 59.18 21.31 -6.08
N PRO A 1236 59.60 20.97 -4.85
CA PRO A 1236 59.03 21.58 -3.66
C PRO A 1236 59.42 23.05 -3.51
N SER A 1252 57.11 12.94 5.05
CA SER A 1252 57.05 14.04 4.08
C SER A 1252 58.31 14.10 3.24
N GLU A 1253 59.35 13.39 3.68
CA GLU A 1253 60.62 13.37 2.96
C GLU A 1253 60.47 12.62 1.63
N ASN A 1254 61.29 13.02 0.66
CA ASN A 1254 61.25 12.44 -0.69
C ASN A 1254 59.87 12.51 -1.30
N ASP A 1255 59.21 13.64 -1.13
CA ASP A 1255 57.84 13.83 -1.60
C ASP A 1255 57.76 13.84 -3.13
N VAL A 1256 58.84 14.29 -3.76
CA VAL A 1256 58.89 14.43 -5.22
C VAL A 1256 58.61 13.10 -5.92
N PHE A 1257 59.21 12.03 -5.42
CA PHE A 1257 59.00 10.70 -5.98
C PHE A 1257 57.56 10.24 -5.80
N TYR A 1258 57.00 10.51 -4.62
CA TYR A 1258 55.63 10.14 -4.33
C TYR A 1258 54.65 11.06 -5.06
N ARG A 1259 55.03 12.33 -5.20
CA ARG A 1259 54.28 13.29 -5.99
C ARG A 1259 54.12 12.79 -7.43
N MET A 1260 55.26 12.68 -8.12
CA MET A 1260 55.31 12.28 -9.52
C MET A 1260 54.63 10.93 -9.76
N GLN A 1261 54.72 10.03 -8.79
CA GLN A 1261 54.13 8.70 -8.89
C GLN A 1261 52.62 8.79 -9.11
N GLN A 1262 51.98 9.71 -8.40
CA GLN A 1262 50.54 9.90 -8.52
C GLN A 1262 50.17 10.68 -9.78
N LEU A 1263 51.00 11.65 -10.13
CA LEU A 1263 50.78 12.47 -11.32
C LEU A 1263 50.96 11.65 -12.59
N ARG A 1264 51.82 10.64 -12.50
CA ARG A 1264 52.06 9.71 -13.59
C ARG A 1264 50.78 9.02 -14.05
N ARG A 1265 50.19 8.23 -13.15
CA ARG A 1265 49.02 7.42 -13.47
C ARG A 1265 47.79 8.26 -13.81
N ALA A 1266 47.73 9.48 -13.29
CA ALA A 1266 46.57 10.33 -13.48
C ALA A 1266 46.60 11.07 -14.82
N LEU A 1267 47.77 11.08 -15.46
CA LEU A 1267 47.95 11.81 -16.72
C LEU A 1267 47.14 11.25 -17.90
N PRO A 1268 47.21 9.93 -18.17
CA PRO A 1268 46.45 9.47 -19.34
C PRO A 1268 44.94 9.35 -19.08
N ASP A 1269 44.34 10.41 -18.56
CA ASP A 1269 42.92 10.44 -18.24
C ASP A 1269 42.22 11.67 -18.81
N VAL A 1270 42.68 12.84 -18.36
CA VAL A 1270 42.00 14.12 -18.53
C VAL A 1270 41.56 14.45 -19.97
N VAL A 1271 40.38 15.06 -20.05
CA VAL A 1271 39.71 15.39 -21.31
C VAL A 1271 40.49 16.36 -22.20
N VAL A 1272 40.71 15.95 -23.45
CA VAL A 1272 41.31 16.82 -24.47
C VAL A 1272 40.27 17.74 -25.10
N LYS A 1273 39.10 17.18 -25.43
CA LYS A 1273 38.05 17.92 -26.12
C LYS A 1273 36.69 17.31 -25.78
N GLY A 1274 35.61 17.92 -26.25
CA GLY A 1274 34.28 17.43 -25.94
C GLY A 1274 33.81 17.87 -24.58
N LEU A 1275 32.68 17.32 -24.12
CA LEU A 1275 32.13 17.73 -22.83
C LEU A 1275 32.45 16.69 -21.76
N PRO A 1276 32.15 17.01 -20.49
CA PRO A 1276 32.20 15.99 -19.43
C PRO A 1276 30.83 15.38 -19.12
N ASP A 1277 30.14 14.85 -20.13
CA ASP A 1277 28.81 14.30 -19.90
C ASP A 1277 28.61 12.92 -20.54
N ILE A 1278 28.64 12.90 -21.87
CA ILE A 1278 28.23 11.76 -22.68
C ILE A 1278 28.92 10.44 -22.34
N SER A 1279 28.12 9.40 -22.12
CA SER A 1279 28.62 8.06 -21.87
C SER A 1279 29.02 7.35 -23.16
N ARG A 1280 28.33 7.71 -24.25
CA ARG A 1280 28.62 7.25 -25.61
C ARG A 1280 27.62 7.84 -26.60
N ALA A 1281 27.95 7.82 -27.88
CA ALA A 1281 27.01 8.25 -28.90
C ALA A 1281 26.86 7.19 -29.98
N VAL A 1282 25.92 7.43 -30.89
CA VAL A 1282 25.62 6.50 -31.99
C VAL A 1282 25.17 7.25 -33.23
N ILE A 1283 25.62 6.82 -34.40
CA ILE A 1283 25.08 7.35 -35.65
C ILE A 1283 24.17 6.30 -36.29
N ASN A 1284 22.89 6.64 -36.40
CA ASN A 1284 21.88 5.70 -36.88
C ASN A 1284 21.18 6.21 -38.13
N ILE A 1285 20.57 5.29 -38.89
CA ILE A 1285 19.83 5.66 -40.07
C ILE A 1285 18.44 6.16 -39.69
N ARG A 1286 18.16 7.42 -40.06
CA ARG A 1286 16.89 8.05 -39.67
C ARG A 1286 15.85 7.93 -40.78
N ASP A 1287 14.63 7.63 -40.37
CA ASP A 1287 13.48 7.46 -41.28
C ASP A 1287 13.80 6.46 -42.39
N ASP A 1288 13.30 6.75 -43.59
CA ASP A 1288 13.51 5.86 -44.73
C ASP A 1288 14.99 5.69 -45.11
N GLY A 1289 15.54 6.71 -45.76
CA GLY A 1289 16.94 6.70 -46.17
C GLY A 1289 17.87 7.67 -45.46
N LYS A 1290 17.31 8.50 -44.59
CA LYS A 1290 18.06 9.61 -44.03
C LYS A 1290 18.99 9.17 -42.90
N ARG A 1291 19.74 10.13 -42.36
CA ARG A 1291 20.70 9.84 -41.29
C ARG A 1291 20.64 10.90 -40.20
N GLU A 1292 21.02 10.51 -38.99
CA GLU A 1292 21.05 11.38 -37.80
C GLU A 1292 21.65 10.62 -36.63
N LEU A 1293 21.86 11.32 -35.51
CA LEU A 1293 22.48 10.70 -34.35
C LEU A 1293 21.63 10.79 -33.10
N LEU A 1294 21.87 9.88 -32.17
CA LEU A 1294 21.24 9.92 -30.85
C LEU A 1294 22.32 9.85 -29.78
N VAL A 1295 22.21 10.72 -28.76
CA VAL A 1295 23.26 10.86 -27.76
C VAL A 1295 22.75 10.59 -26.35
N GLU A 1296 23.53 9.86 -25.57
CA GLU A 1296 23.18 9.58 -24.18
C GLU A 1296 23.95 10.49 -23.23
N GLY A 1297 23.25 11.40 -22.57
CA GLY A 1297 23.88 12.32 -21.64
C GLY A 1297 22.95 13.38 -21.09
N TYR A 1298 23.44 14.14 -20.11
CA TYR A 1298 22.66 15.20 -19.49
C TYR A 1298 22.92 16.56 -20.14
N GLY A 1299 23.73 16.57 -21.19
CA GLY A 1299 24.20 17.80 -21.79
C GLY A 1299 23.14 18.74 -22.32
N LEU A 1300 22.31 18.27 -23.25
CA LEU A 1300 21.26 19.08 -23.86
C LEU A 1300 21.83 20.38 -24.45
N ARG A 1301 21.45 21.51 -23.85
CA ARG A 1301 21.72 22.84 -24.38
C ARG A 1301 23.14 23.03 -24.91
N ASP A 1302 24.13 22.50 -24.20
CA ASP A 1302 25.52 22.62 -24.61
C ASP A 1302 25.79 21.89 -25.93
N VAL A 1303 25.17 20.72 -26.12
CA VAL A 1303 25.32 19.99 -27.38
C VAL A 1303 24.38 20.59 -28.42
N MET A 1304 23.39 21.34 -27.96
CA MET A 1304 22.51 22.09 -28.84
C MET A 1304 23.21 23.38 -29.26
N CYS A 1305 23.91 23.99 -28.32
CA CYS A 1305 24.73 25.18 -28.58
C CYS A 1305 25.93 24.80 -29.43
N THR A 1306 26.33 23.54 -29.36
CA THR A 1306 27.46 23.03 -30.13
C THR A 1306 27.25 23.26 -31.61
N ASP A 1307 28.22 23.91 -32.23
CA ASP A 1307 28.15 24.29 -33.64
C ASP A 1307 28.19 23.06 -34.56
N GLY A 1308 27.55 23.19 -35.72
CA GLY A 1308 27.53 22.13 -36.71
C GLY A 1308 26.20 21.41 -36.81
N VAL A 1309 25.36 21.54 -35.78
CA VAL A 1309 24.05 20.91 -35.79
C VAL A 1309 22.93 21.94 -35.63
N ILE A 1310 21.83 21.73 -36.34
CA ILE A 1310 20.67 22.59 -36.18
C ILE A 1310 19.89 22.15 -34.94
N GLY A 1311 19.74 23.08 -34.01
CA GLY A 1311 19.12 22.78 -32.73
C GLY A 1311 17.65 23.13 -32.67
N SER A 1312 17.11 23.62 -33.78
CA SER A 1312 15.73 24.08 -33.85
C SER A 1312 14.75 22.98 -33.44
N ARG A 1313 14.79 21.85 -34.12
CA ARG A 1313 13.94 20.72 -33.78
C ARG A 1313 14.75 19.61 -33.10
N THR A 1314 14.53 19.43 -31.81
CA THR A 1314 15.23 18.39 -31.04
C THR A 1314 14.30 17.79 -29.98
N THR A 1315 14.81 16.80 -29.26
CA THR A 1315 14.04 16.15 -28.20
C THR A 1315 14.98 15.60 -27.13
N THR A 1316 14.48 15.53 -25.89
CA THR A 1316 15.26 14.99 -24.79
C THR A 1316 14.37 14.33 -23.74
N ASN A 1317 14.90 13.31 -23.09
CA ASN A 1317 14.16 12.58 -22.06
C ASN A 1317 14.31 13.24 -20.69
N HIS A 1318 13.86 12.54 -19.64
CA HIS A 1318 13.87 13.03 -18.25
C HIS A 1318 13.39 14.48 -18.17
N VAL A 1319 12.08 14.64 -18.33
CA VAL A 1319 11.41 15.94 -18.50
C VAL A 1319 11.85 17.01 -17.50
N LEU A 1320 12.12 16.61 -16.26
CA LEU A 1320 12.53 17.54 -15.21
C LEU A 1320 13.66 18.48 -15.64
N GLU A 1321 14.62 17.96 -16.41
CA GLU A 1321 15.73 18.77 -16.88
C GLU A 1321 15.32 19.65 -18.06
N VAL A 1322 14.31 19.23 -18.80
CA VAL A 1322 13.75 20.03 -19.88
C VAL A 1322 13.08 21.27 -19.29
N PHE A 1323 12.62 21.14 -18.05
CA PHE A 1323 12.04 22.25 -17.31
C PHE A 1323 13.12 23.26 -16.92
N SER A 1324 14.37 22.81 -16.88
CA SER A 1324 15.48 23.66 -16.49
C SER A 1324 16.00 24.49 -17.66
N VAL A 1325 15.49 24.22 -18.85
CA VAL A 1325 15.91 24.96 -20.05
C VAL A 1325 14.73 25.62 -20.78
N LEU A 1326 13.82 24.83 -21.32
CA LEU A 1326 12.62 25.38 -21.95
C LEU A 1326 11.59 25.76 -20.89
N GLY A 1327 11.31 24.83 -19.99
CA GLY A 1327 10.50 25.12 -18.82
C GLY A 1327 8.99 25.06 -19.02
N ILE A 1328 8.28 24.71 -17.94
CA ILE A 1328 6.83 24.80 -17.87
C ILE A 1328 6.12 24.14 -19.06
N GLU A 1329 5.47 24.95 -19.90
CA GLU A 1329 4.66 24.49 -21.03
C GLU A 1329 5.34 23.43 -21.88
N ALA A 1330 6.48 23.78 -22.48
CA ALA A 1330 7.23 22.86 -23.33
C ALA A 1330 7.54 21.54 -22.62
N ALA A 1331 7.77 21.60 -21.32
CA ALA A 1331 8.01 20.40 -20.52
C ALA A 1331 6.73 19.59 -20.36
N ARG A 1332 5.61 20.29 -20.19
CA ARG A 1332 4.31 19.65 -20.07
C ARG A 1332 3.92 18.98 -21.39
N TYR A 1333 4.33 19.58 -22.50
CA TYR A 1333 4.05 19.03 -23.82
C TYR A 1333 4.92 17.80 -24.07
N SER A 1334 6.08 17.76 -23.44
CA SER A 1334 7.01 16.65 -23.60
C SER A 1334 6.62 15.45 -22.74
N ILE A 1335 6.11 15.71 -21.54
CA ILE A 1335 5.78 14.63 -20.61
C ILE A 1335 4.53 13.88 -21.05
N ILE A 1336 3.62 14.56 -21.75
CA ILE A 1336 2.44 13.92 -22.29
C ILE A 1336 2.76 13.24 -23.61
N ARG A 1337 3.90 13.60 -24.19
CA ARG A 1337 4.35 13.03 -25.44
C ARG A 1337 4.99 11.65 -25.21
N GLU A 1338 5.74 11.54 -24.13
CA GLU A 1338 6.42 10.28 -23.81
C GLU A 1338 5.46 9.28 -23.19
N ILE A 1339 4.58 9.76 -22.32
CA ILE A 1339 3.56 8.92 -21.69
C ILE A 1339 2.68 8.24 -22.74
N ASN A 1340 2.25 9.01 -23.72
CA ASN A 1340 1.43 8.50 -24.80
C ASN A 1340 2.17 7.46 -25.64
N TYR A 1341 3.43 7.78 -25.97
CA TYR A 1341 4.27 6.91 -26.79
C TYR A 1341 4.45 5.51 -26.21
N THR A 1342 5.11 5.43 -25.07
CA THR A 1342 5.48 4.14 -24.46
C THR A 1342 4.27 3.29 -24.12
N MET A 1343 3.11 3.92 -23.95
CA MET A 1343 1.90 3.20 -23.58
C MET A 1343 1.06 2.87 -24.82
N SER A 1344 1.49 3.34 -25.98
CA SER A 1344 0.80 3.07 -27.24
C SER A 1344 1.42 1.88 -27.97
N ASN A 1345 2.48 1.34 -27.41
CA ASN A 1345 3.21 0.24 -28.04
C ASN A 1345 2.75 -1.12 -27.55
N HIS A 1346 2.93 -1.36 -26.25
CA HIS A 1346 2.61 -2.66 -25.65
C HIS A 1346 1.18 -3.13 -25.89
N GLY A 1347 0.23 -2.21 -25.94
CA GLY A 1347 -1.14 -2.59 -26.24
C GLY A 1347 -2.25 -1.59 -25.94
N MET A 1348 -3.46 -2.01 -26.30
CA MET A 1348 -4.75 -1.33 -26.05
C MET A 1348 -4.75 0.15 -26.44
N SER A 1349 -5.50 0.96 -25.68
CA SER A 1349 -5.47 2.41 -25.84
C SER A 1349 -5.86 3.09 -24.52
N VAL A 1350 -5.19 4.18 -24.19
CA VAL A 1350 -5.57 4.97 -23.01
C VAL A 1350 -6.37 6.22 -23.39
N ASP A 1351 -6.51 6.45 -24.69
CA ASP A 1351 -7.18 7.63 -25.25
C ASP A 1351 -6.39 8.91 -24.98
N PRO A 1352 -6.52 9.92 -25.86
CA PRO A 1352 -5.78 11.18 -25.71
C PRO A 1352 -6.25 12.06 -24.55
N ARG A 1353 -7.51 11.95 -24.17
CA ARG A 1353 -8.10 12.85 -23.18
C ARG A 1353 -7.51 12.70 -21.78
N HIS A 1354 -7.45 11.46 -21.30
CA HIS A 1354 -7.04 11.19 -19.93
C HIS A 1354 -5.57 11.51 -19.65
N ILE A 1355 -4.77 11.52 -20.70
CA ILE A 1355 -3.33 11.78 -20.56
C ILE A 1355 -3.06 13.27 -20.32
N GLN A 1356 -3.73 14.13 -21.10
CA GLN A 1356 -3.51 15.57 -21.03
C GLN A 1356 -3.83 16.15 -19.66
N LEU A 1357 -4.83 15.57 -18.99
CA LEU A 1357 -5.23 16.05 -17.68
C LEU A 1357 -4.22 15.67 -16.61
N LEU A 1358 -3.57 14.52 -16.79
CA LEU A 1358 -2.57 14.04 -15.85
C LEU A 1358 -1.33 14.93 -15.85
N GLY A 1359 -0.91 15.35 -17.04
CA GLY A 1359 0.26 16.19 -17.18
C GLY A 1359 -0.01 17.63 -16.79
N ASP A 1360 -1.26 18.04 -16.86
CA ASP A 1360 -1.64 19.42 -16.57
C ASP A 1360 -1.69 19.68 -15.07
N VAL A 1361 -2.27 18.75 -14.32
CA VAL A 1361 -2.42 18.92 -12.88
C VAL A 1361 -1.06 18.88 -12.17
N MET A 1362 -0.07 18.29 -12.82
CA MET A 1362 1.30 18.26 -12.31
C MET A 1362 2.02 19.57 -12.61
N THR A 1363 1.86 20.06 -13.83
CA THR A 1363 2.60 21.23 -14.32
C THR A 1363 2.00 22.57 -13.90
N TYR A 1364 0.68 22.62 -13.74
CA TYR A 1364 -0.06 23.88 -13.64
C TYR A 1364 0.46 24.86 -12.58
N LYS A 1365 1.10 24.33 -11.55
CA LYS A 1365 1.62 25.17 -10.47
C LYS A 1365 2.84 25.98 -10.95
N GLY A 1366 3.42 25.56 -12.07
CA GLY A 1366 4.58 26.24 -12.64
C GLY A 1366 5.87 25.48 -12.43
N GLU A 1367 5.79 24.35 -11.75
CA GLU A 1367 6.94 23.48 -11.54
C GLU A 1367 6.50 22.02 -11.57
N VAL A 1368 7.32 21.16 -12.19
CA VAL A 1368 6.97 19.76 -12.29
C VAL A 1368 7.31 19.01 -11.00
N LEU A 1369 6.27 18.52 -10.33
CA LEU A 1369 6.43 17.71 -9.12
C LEU A 1369 5.15 16.93 -8.86
N GLY A 1370 5.24 15.83 -8.11
CA GLY A 1370 4.03 15.17 -7.66
C GLY A 1370 4.09 13.66 -7.45
N ILE A 1371 2.96 13.12 -6.97
CA ILE A 1371 2.68 11.68 -6.86
C ILE A 1371 3.57 10.97 -5.83
N THR A 1372 4.61 11.63 -5.36
CA THR A 1372 5.48 11.06 -4.34
C THR A 1372 5.34 11.83 -3.03
N ARG A 1373 5.52 11.13 -1.91
CA ARG A 1373 5.28 11.71 -0.59
C ARG A 1373 6.05 13.00 -0.35
N PHE A 1374 7.25 13.09 -0.91
CA PHE A 1374 8.05 14.31 -0.81
C PHE A 1374 7.48 15.39 -1.72
N GLY A 1375 6.91 14.96 -2.85
CA GLY A 1375 6.37 15.88 -3.83
C GLY A 1375 4.86 16.00 -3.78
N LEU A 1376 4.21 15.19 -2.96
CA LEU A 1376 2.75 15.25 -2.86
C LEU A 1376 2.31 16.41 -1.97
N SER A 1377 3.23 16.95 -1.18
CA SER A 1377 2.90 18.19 -0.50
C SER A 1377 3.39 19.33 -1.37
N LYS A 1378 2.45 19.91 -2.09
CA LYS A 1378 2.68 21.07 -2.94
C LYS A 1378 1.53 22.05 -2.77
N MET A 1379 0.37 21.59 -3.22
CA MET A 1379 -0.86 22.38 -3.24
C MET A 1379 -1.74 22.11 -2.03
N ARG A 1380 -2.19 20.87 -1.90
CA ARG A 1380 -3.19 20.49 -0.90
C ARG A 1380 -2.77 20.89 0.52
N ASP A 1381 -3.63 21.66 1.18
CA ASP A 1381 -3.38 22.11 2.54
C ASP A 1381 -4.09 21.22 3.55
N SER A 1382 -4.80 20.21 3.05
CA SER A 1382 -5.54 19.31 3.92
C SER A 1382 -4.61 18.31 4.58
N VAL A 1383 -4.56 18.34 5.90
CA VAL A 1383 -3.62 17.54 6.67
C VAL A 1383 -4.04 16.08 6.85
N LEU A 1384 -5.35 15.84 6.90
CA LEU A 1384 -5.86 14.50 7.17
C LEU A 1384 -5.67 13.55 5.99
N GLN A 1385 -5.85 14.06 4.78
CA GLN A 1385 -5.70 13.25 3.58
C GLN A 1385 -4.23 13.02 3.24
N LEU A 1386 -3.38 13.95 3.66
CA LEU A 1386 -1.94 13.80 3.48
C LEU A 1386 -1.36 12.85 4.52
N ALA A 1387 -1.94 12.89 5.72
CA ALA A 1387 -1.58 11.92 6.77
C ALA A 1387 -2.24 10.59 6.46
N SER A 1388 -3.14 10.59 5.49
CA SER A 1388 -3.82 9.38 5.05
C SER A 1388 -2.95 8.61 4.04
N PHE A 1389 -2.65 9.25 2.91
CA PHE A 1389 -1.91 8.58 1.84
C PHE A 1389 -0.59 7.99 2.31
N GLU A 1390 0.41 8.83 2.56
CA GLU A 1390 1.55 8.40 3.35
C GLU A 1390 2.07 9.51 4.25
N LYS A 1391 1.89 9.32 5.56
CA LYS A 1391 2.68 9.90 6.67
C LYS A 1391 1.94 9.56 7.95
N THR A 1392 2.61 9.69 9.09
CA THR A 1392 1.96 9.41 10.36
C THR A 1392 2.16 10.51 11.41
N THR A 1393 3.37 10.61 11.94
CA THR A 1393 3.65 11.48 13.08
C THR A 1393 3.82 12.95 12.72
N ASP A 1394 4.62 13.21 11.69
CA ASP A 1394 5.09 14.56 11.38
C ASP A 1394 3.97 15.56 11.08
N HIS A 1395 3.06 15.20 10.18
CA HIS A 1395 2.02 16.12 9.72
C HIS A 1395 1.08 16.56 10.84
N LEU A 1396 0.83 15.66 11.79
CA LEU A 1396 -0.06 15.98 12.91
C LEU A 1396 0.57 17.00 13.85
N PHE A 1397 1.85 16.80 14.15
CA PHE A 1397 2.56 17.72 15.05
C PHE A 1397 2.94 19.01 14.36
N ASP A 1398 3.25 18.93 13.07
CA ASP A 1398 3.66 20.09 12.29
C ASP A 1398 2.51 21.08 12.15
N ALA A 1399 1.32 20.55 11.85
CA ALA A 1399 0.13 21.39 11.69
C ALA A 1399 -0.28 22.04 13.01
N ALA A 1400 0.02 21.35 14.10
CA ALA A 1400 -0.29 21.87 15.43
C ALA A 1400 0.69 22.95 15.84
N PHE A 1401 1.96 22.74 15.51
CA PHE A 1401 3.02 23.71 15.78
C PHE A 1401 2.72 25.06 15.12
N TYR A 1402 2.67 25.07 13.80
CA TYR A 1402 2.39 26.28 13.04
C TYR A 1402 0.95 26.78 13.23
N MET A 1403 0.15 25.99 13.95
CA MET A 1403 -1.24 26.33 14.23
C MET A 1403 -2.05 26.52 12.95
N LYS A 1404 -2.01 25.50 12.09
CA LYS A 1404 -2.74 25.52 10.83
C LYS A 1404 -4.24 25.34 11.04
N LYS A 1405 -5.02 25.76 10.06
CA LYS A 1405 -6.48 25.70 10.14
C LYS A 1405 -7.08 24.92 8.98
N ASP A 1406 -6.91 25.46 7.78
CA ASP A 1406 -7.46 24.91 6.54
C ASP A 1406 -8.99 24.73 6.62
N ALA A 1407 -9.49 23.64 6.05
CA ALA A 1407 -10.92 23.39 5.98
C ALA A 1407 -11.22 21.93 5.69
N VAL A 1408 -12.45 21.50 5.96
CA VAL A 1408 -12.91 20.20 5.46
C VAL A 1408 -13.63 20.42 4.13
N GLU A 1409 -13.00 19.96 3.06
CA GLU A 1409 -13.49 20.21 1.70
C GLU A 1409 -13.55 18.93 0.87
N GLY A 1410 -12.39 18.33 0.67
CA GLY A 1410 -12.24 17.21 -0.25
C GLY A 1410 -13.03 15.96 0.09
N VAL A 1411 -12.93 14.97 -0.79
CA VAL A 1411 -13.73 13.76 -0.68
C VAL A 1411 -13.24 12.86 0.47
N SER A 1412 -11.99 12.40 0.39
CA SER A 1412 -11.39 11.58 1.44
C SER A 1412 -11.41 12.28 2.80
N GLU A 1413 -11.54 13.60 2.76
CA GLU A 1413 -11.65 14.40 3.98
C GLU A 1413 -13.04 14.28 4.58
N CYS A 1414 -14.07 14.21 3.73
CA CYS A 1414 -15.45 14.16 4.18
C CYS A 1414 -15.88 12.77 4.66
N ILE A 1415 -15.30 11.73 4.06
CA ILE A 1415 -15.66 10.35 4.42
C ILE A 1415 -15.18 10.00 5.82
N ILE A 1416 -14.29 10.82 6.36
CA ILE A 1416 -13.82 10.68 7.73
C ILE A 1416 -14.89 11.19 8.69
N LEU A 1417 -15.20 12.48 8.58
CA LEU A 1417 -16.21 13.12 9.42
C LEU A 1417 -17.61 12.57 9.15
N GLY A 1418 -17.75 11.78 8.09
CA GLY A 1418 -19.01 11.12 7.77
C GLY A 1418 -20.13 12.05 7.34
N GLN A 1419 -19.87 12.85 6.32
CA GLN A 1419 -20.90 13.73 5.76
C GLN A 1419 -20.96 13.60 4.24
N THR A 1420 -21.76 14.46 3.61
CA THR A 1420 -22.04 14.35 2.17
C THR A 1420 -20.84 14.70 1.30
N MET A 1421 -21.03 14.64 -0.01
CA MET A 1421 -19.97 14.92 -0.97
C MET A 1421 -20.35 16.07 -1.89
N SER A 1422 -19.35 16.83 -2.32
CA SER A 1422 -19.59 18.03 -3.13
C SER A 1422 -19.59 17.75 -4.62
N ILE A 1423 -19.38 16.49 -5.00
CA ILE A 1423 -19.36 16.11 -6.41
C ILE A 1423 -20.37 15.01 -6.71
N GLY A 1424 -20.68 14.82 -7.99
CA GLY A 1424 -21.63 13.82 -8.41
C GLY A 1424 -23.06 14.14 -8.03
N THR A 1425 -23.71 13.20 -7.35
CA THR A 1425 -25.11 13.36 -6.97
C THR A 1425 -25.33 14.53 -6.02
N GLY A 1426 -24.30 14.83 -5.22
CA GLY A 1426 -24.40 15.88 -4.23
C GLY A 1426 -23.97 17.26 -4.73
N SER A 1427 -24.02 17.43 -6.05
CA SER A 1427 -23.59 18.69 -6.66
C SER A 1427 -24.71 19.72 -6.70
N PHE A 1428 -25.93 19.30 -6.38
CA PHE A 1428 -27.07 20.20 -6.43
C PHE A 1428 -28.02 19.99 -5.25
N LYS A 1429 -28.84 20.99 -4.97
CA LYS A 1429 -29.79 20.94 -3.87
C LYS A 1429 -31.22 20.77 -4.38
N VAL A 1430 -31.91 19.75 -3.87
CA VAL A 1430 -33.30 19.50 -4.27
C VAL A 1430 -34.25 20.41 -3.50
N VAL A 1431 -35.19 21.04 -4.22
CA VAL A 1431 -36.14 21.97 -3.63
C VAL A 1431 -37.53 21.75 -4.21
N LYS A 1432 -38.56 21.85 -3.36
CA LYS A 1432 -39.94 21.76 -3.83
C LYS A 1432 -40.67 23.09 -3.64
N GLY A 1433 -41.64 23.36 -4.52
CA GLY A 1433 -42.40 24.59 -4.46
C GLY A 1433 -43.48 24.57 -3.39
N THR A 1434 -43.69 25.74 -2.76
CA THR A 1434 -44.68 25.85 -1.69
C THR A 1434 -46.10 26.03 -2.23
N ASN A 1435 -46.21 26.49 -3.48
CA ASN A 1435 -47.48 26.62 -4.19
C ASN A 1435 -48.44 27.66 -3.59
N ILE A 1436 -48.04 28.25 -2.46
CA ILE A 1436 -48.90 29.20 -1.75
C ILE A 1436 -49.01 30.53 -2.53
N SER A 1437 -50.19 31.13 -2.47
CA SER A 1437 -50.45 32.41 -3.15
C SER A 1437 -49.81 33.57 -2.40
N GLU A 1438 -49.49 34.63 -3.14
CA GLU A 1438 -48.87 35.82 -2.58
C GLU A 1438 -49.90 36.89 -2.22
N LYS A 1439 -51.18 36.55 -2.40
CA LYS A 1439 -52.26 37.52 -2.21
C LYS A 1439 -52.81 37.53 -0.79
N ASP A 1440 -53.38 36.40 -0.37
CA ASP A 1440 -54.15 36.32 0.88
C ASP A 1440 -53.30 36.55 2.14
N LEU A 1441 -51.99 36.63 1.98
CA LEU A 1441 -51.08 36.79 3.12
C LEU A 1441 -51.31 38.06 3.92
N VAL A 1442 -51.87 39.09 3.28
CA VAL A 1442 -52.06 40.39 3.93
C VAL A 1442 -53.02 40.31 5.13
N PRO A 1443 -52.59 40.87 6.27
CA PRO A 1443 -53.36 40.90 7.52
C PRO A 1443 -54.52 41.90 7.49
N LYS A 1444 -55.45 41.76 8.42
CA LYS A 1444 -56.56 42.70 8.55
C LYS A 1444 -56.66 43.23 9.99
N ARG A 1445 -56.57 44.54 10.12
CA ARG A 1445 -56.67 45.19 11.43
C ARG A 1445 -57.97 45.98 11.53
N CYS A 1446 -58.64 45.88 12.68
CA CYS A 1446 -59.92 46.57 12.85
C CYS A 1446 -60.12 47.10 14.28
N LEU A 1447 -60.60 48.35 14.35
CA LEU A 1447 -61.08 48.98 15.58
C LEU A 1447 -59.97 49.41 16.54
N PHE A 1448 -58.77 48.86 16.36
CA PHE A 1448 -57.63 49.22 17.20
C PHE A 1448 -56.92 50.48 16.71
N GLU A 1449 -56.77 50.61 15.40
CA GLU A 1449 -56.00 51.70 14.81
C GLU A 1449 -56.85 52.93 14.53
N SER A 1450 -58.13 52.84 14.88
CA SER A 1450 -59.06 53.95 14.65
C SER A 1450 -59.13 54.89 15.84
N LEU A 1451 -59.64 54.37 16.96
CA LEU A 1451 -59.84 55.18 18.16
C LEU A 1451 -58.53 55.68 18.76
N SER A 1452 -57.54 54.80 18.82
CA SER A 1452 -56.27 55.08 19.49
C SER A 1452 -55.54 56.31 18.96
N ASN A 1453 -55.05 56.22 17.73
CA ASN A 1453 -54.17 57.25 17.18
C ASN A 1453 -54.89 58.56 16.85
N GLU A 1454 -56.09 58.45 16.29
CA GLU A 1454 -56.85 59.63 15.85
C GLU A 1454 -57.26 60.54 17.01
N ALA A 1455 -57.27 59.98 18.22
CA ALA A 1455 -57.66 60.75 19.40
C ALA A 1455 -56.57 61.73 19.80
N ALA A 1456 -55.32 61.28 19.74
CA ALA A 1456 -54.18 62.09 20.16
C ALA A 1456 -53.71 63.05 19.06
N LEU A 1457 -54.13 62.79 17.82
CA LEU A 1457 -53.63 63.55 16.69
C LEU A 1457 -54.51 64.74 16.30
N LYS A 1458 -55.61 64.95 17.02
CA LYS A 1458 -56.48 66.09 16.72
C LYS A 1458 -56.17 67.28 17.62
N ALA A 1459 -55.82 68.40 16.97
CA ALA A 1459 -55.56 69.68 17.63
C ALA A 1459 -54.28 69.69 18.48
N ASN A 1460 -53.73 68.50 18.74
CA ASN A 1460 -52.48 68.36 19.50
C ASN A 1460 -51.94 66.95 19.45
N ASP B 36 12.20 -65.25 -22.61
CA ASP B 36 12.80 -64.07 -23.23
C ASP B 36 14.25 -63.91 -22.83
N GLU B 37 15.10 -63.62 -23.81
CA GLU B 37 16.52 -63.41 -23.55
C GLU B 37 16.75 -62.09 -22.83
N ILE B 38 17.89 -61.97 -22.16
CA ILE B 38 18.22 -60.74 -21.45
C ILE B 38 18.89 -59.74 -22.37
N ASN B 39 18.28 -58.56 -22.52
CA ASN B 39 18.81 -57.53 -23.38
C ASN B 39 19.50 -56.43 -22.57
N THR B 40 20.09 -55.46 -23.26
CA THR B 40 20.81 -54.37 -22.62
C THR B 40 19.85 -53.27 -22.13
N ALA B 41 18.70 -53.16 -22.79
CA ALA B 41 17.71 -52.13 -22.46
C ALA B 41 16.87 -52.49 -21.24
N GLN B 42 16.51 -53.76 -21.13
CA GLN B 42 15.56 -54.21 -20.12
C GLN B 42 16.12 -54.13 -18.69
N ASP B 43 17.37 -54.54 -18.52
CA ASP B 43 17.97 -54.66 -17.21
C ASP B 43 18.22 -53.31 -16.52
N LYS B 44 18.45 -52.29 -17.31
CA LYS B 44 18.76 -50.95 -16.79
C LYS B 44 17.62 -50.39 -15.95
N TRP B 45 16.40 -50.77 -16.30
CA TRP B 45 15.23 -50.34 -15.54
C TRP B 45 15.08 -51.12 -14.24
N HIS B 46 15.61 -52.35 -14.24
CA HIS B 46 15.53 -53.21 -13.07
C HIS B 46 16.51 -52.80 -11.96
N LEU B 47 17.35 -51.81 -12.26
CA LEU B 47 18.36 -51.36 -11.30
C LEU B 47 17.78 -50.55 -10.15
N LEU B 48 16.77 -49.74 -10.45
CA LEU B 48 16.14 -48.90 -9.43
C LEU B 48 15.45 -49.70 -8.32
N PRO B 49 14.66 -50.74 -8.68
CA PRO B 49 14.05 -51.52 -7.58
C PRO B 49 15.09 -52.18 -6.66
N ALA B 50 16.24 -52.55 -7.21
CA ALA B 50 17.31 -53.16 -6.42
C ALA B 50 17.96 -52.12 -5.51
N PHE B 51 18.01 -50.88 -5.99
CA PHE B 51 18.61 -49.79 -5.23
C PHE B 51 17.68 -49.24 -4.16
N LEU B 52 16.39 -49.12 -4.50
CA LEU B 52 15.41 -48.50 -3.62
C LEU B 52 14.91 -49.46 -2.54
N LYS B 53 15.14 -50.75 -2.74
CA LYS B 53 14.70 -51.76 -1.77
C LYS B 53 15.64 -51.80 -0.56
N VAL B 54 16.92 -51.54 -0.82
CA VAL B 54 17.91 -51.51 0.26
C VAL B 54 17.76 -50.22 1.06
N LYS B 55 18.04 -49.09 0.41
CA LYS B 55 17.83 -47.79 1.02
C LYS B 55 16.43 -47.27 0.67
N GLY B 56 15.62 -47.00 1.69
CA GLY B 56 14.25 -46.60 1.48
C GLY B 56 14.12 -45.25 0.79
N LEU B 57 12.89 -44.87 0.46
CA LEU B 57 12.63 -43.63 -0.25
C LEU B 57 13.11 -42.43 0.58
N VAL B 58 12.87 -42.49 1.89
CA VAL B 58 13.41 -41.46 2.76
C VAL B 58 14.62 -41.99 3.51
N LYS B 59 15.80 -41.58 3.07
CA LYS B 59 17.06 -41.87 3.74
C LYS B 59 17.37 -40.84 4.82
N GLN B 60 17.05 -39.59 4.53
CA GLN B 60 17.54 -38.41 5.25
C GLN B 60 17.43 -38.49 6.76
N HIS B 61 16.19 -38.47 7.27
CA HIS B 61 15.95 -38.44 8.70
C HIS B 61 16.47 -39.69 9.39
N LEU B 62 16.21 -40.85 8.78
CA LEU B 62 16.64 -42.14 9.32
C LEU B 62 18.15 -42.24 9.52
N ASP B 63 18.89 -42.19 8.41
CA ASP B 63 20.34 -42.38 8.42
C ASP B 63 21.08 -41.39 9.32
N SER B 64 20.60 -40.15 9.36
CA SER B 64 21.23 -39.12 10.17
C SER B 64 21.01 -39.35 11.66
N PHE B 65 19.80 -39.75 12.01
CA PHE B 65 19.44 -39.99 13.42
C PHE B 65 20.17 -41.22 13.96
N ASN B 66 20.42 -42.20 13.10
CA ASN B 66 21.16 -43.39 13.47
C ASN B 66 22.62 -43.08 13.73
N TYR B 67 23.20 -42.24 12.87
CA TYR B 67 24.57 -41.79 13.03
C TYR B 67 24.69 -40.89 14.26
N PHE B 68 23.66 -40.10 14.50
CA PHE B 68 23.59 -39.20 15.65
C PHE B 68 23.72 -39.94 16.98
N VAL B 69 22.77 -40.82 17.27
CA VAL B 69 22.66 -41.48 18.57
C VAL B 69 23.88 -42.33 18.93
N ASP B 70 24.74 -42.62 17.95
CA ASP B 70 25.93 -43.41 18.19
C ASP B 70 27.19 -42.57 18.19
N THR B 71 27.54 -42.04 17.02
CA THR B 71 28.77 -41.27 16.86
C THR B 71 28.76 -39.96 17.63
N ASP B 72 27.73 -39.15 17.40
CA ASP B 72 27.64 -37.82 18.01
C ASP B 72 27.53 -37.90 19.54
N LEU B 73 26.72 -38.84 20.02
CA LEU B 73 26.49 -39.00 21.44
C LEU B 73 27.79 -39.31 22.20
N LYS B 74 28.60 -40.20 21.63
CA LYS B 74 29.86 -40.59 22.27
C LYS B 74 30.92 -39.50 22.15
N LYS B 75 30.81 -38.67 21.11
CA LYS B 75 31.77 -37.60 20.88
C LYS B 75 31.49 -36.38 21.75
N ILE B 76 30.21 -36.02 21.88
CA ILE B 76 29.81 -34.86 22.66
C ILE B 76 30.11 -35.04 24.14
N ILE B 77 29.86 -36.23 24.66
CA ILE B 77 30.15 -36.54 26.06
C ILE B 77 31.65 -36.58 26.31
N LYS B 78 32.42 -36.77 25.24
CA LYS B 78 33.88 -36.81 25.33
C LYS B 78 34.46 -35.40 25.40
N ALA B 79 33.68 -34.42 24.94
CA ALA B 79 34.11 -33.02 25.00
C ALA B 79 34.30 -32.61 26.44
N ASN B 80 33.25 -32.71 27.23
CA ASN B 80 33.39 -32.56 28.69
C ASN B 80 33.04 -33.88 29.38
N GLN B 81 34.07 -34.57 29.87
CA GLN B 81 33.87 -35.80 30.62
C GLN B 81 33.99 -35.54 32.12
N LEU B 82 34.29 -34.30 32.48
CA LEU B 82 34.61 -33.97 33.86
C LEU B 82 33.94 -32.67 34.33
N ILE B 83 33.68 -32.61 35.63
CA ILE B 83 33.26 -31.36 36.27
C ILE B 83 34.16 -31.09 37.47
N LEU B 84 34.78 -29.92 37.49
CA LEU B 84 35.70 -29.57 38.57
C LEU B 84 35.34 -28.22 39.19
N SER B 85 35.01 -28.24 40.48
CA SER B 85 34.63 -27.03 41.20
C SER B 85 35.66 -26.70 42.27
N ASP B 86 35.76 -25.42 42.64
CA ASP B 86 36.77 -25.02 43.62
C ASP B 86 36.18 -24.77 45.00
N VAL B 87 36.46 -25.73 45.90
CA VAL B 87 36.26 -25.70 47.35
C VAL B 87 36.59 -27.15 47.74
N ASP B 88 36.85 -27.43 49.01
CA ASP B 88 37.11 -28.79 49.50
C ASP B 88 38.52 -29.21 49.07
N PRO B 89 39.18 -30.10 49.84
CA PRO B 89 40.55 -30.44 49.46
C PRO B 89 40.68 -31.02 48.05
N GLU B 90 39.87 -32.01 47.70
CA GLU B 90 39.81 -32.48 46.32
C GLU B 90 38.42 -33.01 45.95
N PHE B 91 37.95 -32.65 44.77
CA PHE B 91 36.75 -33.25 44.20
C PHE B 91 36.88 -33.37 42.68
N TYR B 92 36.57 -34.55 42.15
CA TYR B 92 36.51 -34.71 40.69
C TYR B 92 35.47 -35.75 40.31
N LEU B 93 34.78 -35.51 39.20
CA LEU B 93 33.69 -36.36 38.77
C LEU B 93 33.79 -36.66 37.28
N LYS B 94 33.73 -37.94 36.91
CA LYS B 94 33.94 -38.33 35.52
C LYS B 94 32.81 -39.17 34.95
N TYR B 95 32.36 -38.80 33.75
CA TYR B 95 31.38 -39.61 33.02
C TYR B 95 32.10 -40.55 32.07
N VAL B 96 32.05 -41.84 32.36
CA VAL B 96 32.77 -42.81 31.54
C VAL B 96 32.02 -43.18 30.26
N ASP B 97 30.70 -43.37 30.35
CA ASP B 97 29.92 -43.78 29.19
C ASP B 97 28.48 -43.29 29.25
N ILE B 98 27.92 -42.99 28.10
CA ILE B 98 26.51 -42.57 27.99
C ILE B 98 25.81 -43.39 26.90
N ARG B 99 24.71 -44.04 27.27
CA ARG B 99 23.97 -44.89 26.33
C ARG B 99 22.48 -44.57 26.38
N VAL B 100 21.75 -45.08 25.39
CA VAL B 100 20.30 -44.86 25.34
C VAL B 100 19.49 -46.10 25.67
N GLY B 101 18.87 -46.07 26.85
CA GLY B 101 17.93 -47.11 27.28
C GLY B 101 18.43 -48.55 27.20
N LYS B 102 19.73 -48.76 27.33
CA LYS B 102 20.28 -50.11 27.24
C LYS B 102 21.36 -50.39 28.28
N LYS B 103 21.13 -51.43 29.08
CA LYS B 103 22.14 -51.94 30.01
C LYS B 103 21.71 -53.31 30.56
N SER B 104 22.57 -53.90 31.38
CA SER B 104 22.32 -55.20 32.02
C SER B 104 21.95 -56.29 31.03
N SER B 105 20.98 -57.12 31.41
CA SER B 105 20.53 -58.22 30.56
C SER B 105 19.29 -57.82 29.77
N SER B 106 18.80 -56.62 29.99
CA SER B 106 17.60 -56.14 29.32
C SER B 106 17.92 -55.66 27.91
N SER B 107 17.26 -56.23 26.93
CA SER B 107 17.44 -55.84 25.53
C SER B 107 16.97 -54.41 25.33
N THR B 108 15.92 -54.04 26.04
CA THR B 108 15.35 -52.70 25.97
C THR B 108 14.47 -52.44 27.19
N LYS B 109 13.76 -51.31 27.16
CA LYS B 109 12.75 -51.00 28.17
C LYS B 109 11.72 -52.13 28.18
N ASP B 110 11.16 -52.43 29.36
CA ASP B 110 10.18 -53.51 29.49
C ASP B 110 9.09 -53.40 28.44
N TYR B 111 8.31 -52.32 28.50
CA TYR B 111 7.45 -51.95 27.38
C TYR B 111 7.56 -50.46 27.09
N LEU B 112 8.07 -50.14 25.90
CA LEU B 112 8.13 -48.76 25.44
C LEU B 112 6.83 -48.48 24.67
N THR B 113 6.16 -47.39 25.04
CA THR B 113 4.88 -47.04 24.46
C THR B 113 4.93 -46.97 22.93
N PRO B 114 4.03 -47.69 22.26
CA PRO B 114 4.00 -47.74 20.79
C PRO B 114 3.68 -46.36 20.18
N PRO B 115 3.73 -46.24 18.85
CA PRO B 115 3.37 -44.94 18.25
C PRO B 115 1.89 -44.60 18.41
N HIS B 116 1.02 -45.60 18.24
CA HIS B 116 -0.41 -45.40 18.35
C HIS B 116 -0.84 -44.88 19.72
N GLU B 117 -0.63 -45.71 20.75
CA GLU B 117 -1.02 -45.39 22.11
C GLU B 117 -0.43 -44.07 22.59
N CYS B 118 0.78 -43.77 22.13
CA CYS B 118 1.45 -42.51 22.45
C CYS B 118 0.66 -41.32 21.90
N ARG B 119 0.04 -41.52 20.73
CA ARG B 119 -0.69 -40.46 20.06
C ARG B 119 -2.06 -40.21 20.70
N LEU B 120 -2.64 -41.27 21.26
CA LEU B 120 -3.98 -41.19 21.84
C LEU B 120 -3.98 -40.52 23.22
N ARG B 121 -2.93 -40.78 24.00
CA ARG B 121 -2.86 -40.28 25.37
C ARG B 121 -2.18 -38.92 25.46
N ASP B 122 -1.83 -38.37 24.29
CA ASP B 122 -1.18 -37.06 24.18
C ASP B 122 0.25 -37.06 24.75
N MET B 123 0.66 -38.20 25.31
CA MET B 123 2.00 -38.35 25.84
C MET B 123 3.04 -38.26 24.73
N THR B 124 4.27 -37.91 25.09
CA THR B 124 5.35 -37.83 24.11
C THR B 124 5.90 -39.21 23.80
N TYR B 125 6.84 -39.26 22.85
CA TYR B 125 7.51 -40.50 22.50
C TYR B 125 8.99 -40.39 22.86
N SER B 126 9.42 -41.12 23.86
CA SER B 126 10.78 -40.96 24.37
C SER B 126 11.37 -42.22 24.99
N ALA B 127 12.69 -42.26 25.05
CA ALA B 127 13.42 -43.33 25.72
C ALA B 127 14.42 -42.74 26.70
N PRO B 128 14.60 -43.39 27.85
CA PRO B 128 15.47 -42.85 28.90
C PRO B 128 16.95 -42.82 28.51
N ILE B 129 17.69 -41.87 29.06
CA ILE B 129 19.11 -41.74 28.79
C ILE B 129 19.95 -42.31 29.94
N TYR B 130 20.67 -43.39 29.66
CA TYR B 130 21.50 -44.03 30.68
C TYR B 130 22.90 -43.44 30.72
N VAL B 131 23.33 -43.05 31.91
CA VAL B 131 24.68 -42.49 32.10
C VAL B 131 25.44 -43.24 33.20
N ASP B 132 26.76 -43.24 33.08
CA ASP B 132 27.62 -43.88 34.07
C ASP B 132 28.67 -42.90 34.57
N ILE B 133 28.66 -42.64 35.88
CA ILE B 133 29.52 -41.61 36.46
C ILE B 133 30.36 -42.17 37.60
N GLU B 134 31.53 -41.56 37.84
CA GLU B 134 32.42 -42.00 38.91
C GLU B 134 32.56 -40.93 40.00
N TYR B 135 32.09 -41.24 41.19
CA TYR B 135 32.04 -40.26 42.29
C TYR B 135 33.22 -40.40 43.26
N THR B 136 33.76 -39.26 43.69
CA THR B 136 34.89 -39.25 44.62
C THR B 136 34.69 -38.22 45.74
N ARG B 137 34.77 -38.69 46.99
CA ARG B 137 34.61 -37.83 48.16
C ARG B 137 35.95 -37.57 48.83
N GLY B 138 35.94 -36.81 49.92
CA GLY B 138 37.12 -36.63 50.75
C GLY B 138 37.28 -37.81 51.69
N ARG B 139 36.44 -38.82 51.49
CA ARG B 139 36.52 -40.09 52.21
C ARG B 139 37.43 -41.03 51.42
N ASN B 140 38.08 -40.47 50.41
CA ASN B 140 38.96 -41.17 49.47
C ASN B 140 38.34 -42.44 48.90
N ILE B 141 37.31 -42.25 48.07
CA ILE B 141 36.60 -43.35 47.45
C ILE B 141 36.60 -43.21 45.93
N ILE B 142 36.58 -44.35 45.24
CA ILE B 142 36.30 -44.36 43.81
C ILE B 142 35.26 -45.44 43.52
N MET B 143 34.08 -45.01 43.06
CA MET B 143 32.98 -45.93 42.84
C MET B 143 32.18 -45.53 41.61
N HIS B 144 31.16 -46.33 41.27
CA HIS B 144 30.39 -46.08 40.07
C HIS B 144 28.90 -46.33 40.29
N LYS B 145 28.10 -46.07 39.26
CA LYS B 145 26.66 -46.31 39.29
C LYS B 145 26.05 -46.17 37.90
N ASP B 146 24.74 -46.37 37.81
CA ASP B 146 24.00 -46.14 36.57
C ASP B 146 22.79 -45.26 36.85
N VAL B 147 22.77 -44.07 36.27
CA VAL B 147 21.73 -43.09 36.56
C VAL B 147 21.04 -42.64 35.27
N GLU B 148 19.85 -42.04 35.41
CA GLU B 148 19.14 -41.46 34.28
C GLU B 148 19.07 -39.94 34.41
N ILE B 149 19.77 -39.24 33.52
CA ILE B 149 19.82 -37.79 33.56
C ILE B 149 18.54 -37.15 33.04
N GLY B 150 17.79 -37.91 32.25
CA GLY B 150 16.55 -37.40 31.68
C GLY B 150 16.09 -38.17 30.45
N ARG B 151 15.02 -37.68 29.83
CA ARG B 151 14.45 -38.33 28.66
C ARG B 151 15.02 -37.75 27.37
N MET B 152 14.42 -38.16 26.25
CA MET B 152 14.85 -37.75 24.91
C MET B 152 13.92 -38.35 23.87
N PRO B 153 13.49 -37.54 22.89
CA PRO B 153 12.59 -38.02 21.84
C PRO B 153 13.27 -38.98 20.87
N ILE B 154 12.57 -40.04 20.49
CA ILE B 154 13.08 -41.01 19.52
C ILE B 154 12.22 -40.97 18.26
N MET B 155 12.88 -40.87 17.11
CA MET B 155 12.19 -40.79 15.83
C MET B 155 11.68 -42.17 15.40
N LEU B 156 10.58 -42.18 14.67
CA LEU B 156 10.01 -43.43 14.17
C LEU B 156 10.92 -44.08 13.13
N ARG B 157 10.80 -45.40 12.99
CA ARG B 157 11.62 -46.18 12.07
C ARG B 157 13.11 -45.98 12.32
N SER B 158 13.52 -46.14 13.58
CA SER B 158 14.91 -46.01 13.97
C SER B 158 15.39 -47.28 14.66
N ASN B 159 16.71 -47.43 14.77
CA ASN B 159 17.31 -48.61 15.38
C ASN B 159 16.88 -48.82 16.83
N LYS B 160 16.56 -47.72 17.51
CA LYS B 160 16.16 -47.79 18.91
C LYS B 160 14.64 -47.84 19.08
N CYS B 161 13.92 -47.83 17.96
CA CYS B 161 12.46 -47.89 18.01
C CYS B 161 11.96 -49.33 18.07
N ILE B 162 10.65 -49.50 18.20
CA ILE B 162 10.05 -50.82 18.26
C ILE B 162 9.60 -51.28 16.88
N LEU B 163 9.62 -50.36 15.92
CA LEU B 163 9.10 -50.65 14.59
C LEU B 163 10.21 -51.06 13.62
N TYR B 164 11.44 -51.11 14.10
CA TYR B 164 12.57 -51.49 13.25
C TYR B 164 12.56 -52.97 12.94
N ASP B 165 12.57 -53.29 11.65
CA ASP B 165 12.52 -54.67 11.17
C ASP B 165 11.35 -55.46 11.76
N ALA B 166 10.13 -55.05 11.41
CA ALA B 166 8.93 -55.74 11.85
C ALA B 166 8.04 -56.03 10.64
N ASP B 167 7.29 -57.13 10.70
CA ASP B 167 6.50 -57.55 9.55
C ASP B 167 5.12 -58.10 9.92
N GLU B 168 4.11 -57.64 9.20
CA GLU B 168 2.75 -58.19 9.27
C GLU B 168 2.16 -58.18 10.69
N SER B 169 1.89 -59.37 11.21
CA SER B 169 1.18 -59.55 12.47
C SER B 169 1.75 -58.74 13.64
N LYS B 170 3.04 -58.44 13.57
CA LYS B 170 3.69 -57.59 14.57
C LYS B 170 3.05 -56.20 14.57
N MET B 171 2.66 -55.73 13.39
CA MET B 171 2.00 -54.44 13.26
C MET B 171 0.54 -54.53 13.66
N ALA B 172 -0.09 -55.66 13.36
CA ALA B 172 -1.49 -55.88 13.71
C ALA B 172 -1.68 -55.92 15.22
N LYS B 173 -0.70 -56.46 15.92
CA LYS B 173 -0.72 -56.52 17.38
C LYS B 173 -0.43 -55.15 17.97
N LEU B 174 0.44 -54.40 17.30
CA LEU B 174 0.82 -53.07 17.77
C LEU B 174 -0.13 -51.99 17.27
N ASN B 175 -1.12 -52.40 16.47
CA ASN B 175 -2.18 -51.50 16.02
C ASN B 175 -1.65 -50.29 15.26
N GLU B 176 -1.21 -50.50 14.02
CA GLU B 176 -0.55 -49.46 13.25
C GLU B 176 -0.28 -49.94 11.82
N CYS B 177 -0.04 -49.01 10.91
CA CYS B 177 0.08 -49.32 9.49
C CYS B 177 1.51 -49.61 9.05
N PRO B 178 1.70 -50.70 8.29
CA PRO B 178 3.00 -51.11 7.75
C PRO B 178 3.54 -50.17 6.67
N LEU B 179 2.65 -49.47 5.99
CA LEU B 179 3.04 -48.66 4.84
C LEU B 179 3.38 -47.21 5.18
N ASP B 180 3.37 -46.88 6.47
CA ASP B 180 3.70 -45.52 6.90
C ASP B 180 5.16 -45.20 6.57
N PRO B 181 5.41 -44.00 6.06
CA PRO B 181 6.76 -43.56 5.67
C PRO B 181 7.73 -43.54 6.84
N GLY B 182 7.30 -43.01 7.97
CA GLY B 182 8.16 -42.92 9.14
C GLY B 182 9.15 -41.78 9.02
N GLY B 183 9.99 -41.62 10.05
CA GLY B 183 11.00 -40.59 10.04
C GLY B 183 10.54 -39.27 10.62
N TYR B 184 9.52 -39.31 11.47
CA TYR B 184 8.98 -38.12 12.09
C TYR B 184 8.93 -38.22 13.61
N PHE B 185 8.92 -37.07 14.28
CA PHE B 185 8.88 -37.01 15.73
C PHE B 185 7.45 -36.74 16.24
N ILE B 186 6.97 -37.57 17.15
CA ILE B 186 5.66 -37.37 17.74
C ILE B 186 5.77 -36.99 19.22
N VAL B 187 5.35 -35.76 19.53
CA VAL B 187 5.44 -35.23 20.88
C VAL B 187 4.21 -34.40 21.24
N ASN B 188 3.72 -34.56 22.47
CA ASN B 188 2.65 -33.72 22.99
C ASN B 188 1.40 -33.69 22.11
N GLY B 189 0.64 -34.78 22.11
CA GLY B 189 -0.47 -34.92 21.18
C GLY B 189 0.03 -35.17 19.77
N THR B 190 -0.34 -34.28 18.84
CA THR B 190 -0.07 -34.54 17.43
C THR B 190 1.41 -34.49 17.10
N GLU B 191 1.75 -34.73 15.84
CA GLU B 191 3.12 -34.97 15.43
C GLU B 191 3.66 -33.92 14.47
N LYS B 192 4.93 -33.56 14.64
CA LYS B 192 5.59 -32.56 13.79
C LYS B 192 6.84 -33.14 13.14
N VAL B 193 7.29 -32.51 12.06
CA VAL B 193 8.44 -33.01 11.30
C VAL B 193 9.53 -31.93 11.17
N ILE B 194 10.77 -32.33 11.38
CA ILE B 194 11.90 -31.44 11.14
C ILE B 194 12.19 -31.38 9.65
N LEU B 195 12.12 -30.17 9.08
CA LEU B 195 12.28 -30.00 7.65
C LEU B 195 13.74 -29.81 7.25
N VAL B 196 14.14 -30.38 6.12
CA VAL B 196 15.50 -30.24 5.61
C VAL B 196 15.79 -28.78 5.27
N GLN B 197 16.88 -28.25 5.80
CA GLN B 197 17.21 -26.84 5.62
C GLN B 197 18.50 -26.64 4.82
N GLU B 198 18.41 -25.83 3.77
CA GLU B 198 19.55 -25.53 2.92
C GLU B 198 20.45 -24.47 3.58
N GLN B 199 21.76 -24.57 3.33
CA GLN B 199 22.71 -23.62 3.90
C GLN B 199 23.75 -23.22 2.85
N LEU B 200 24.22 -21.98 2.95
CA LEU B 200 25.28 -21.49 2.07
C LEU B 200 26.58 -22.24 2.33
N SER B 201 27.47 -22.25 1.35
CA SER B 201 28.74 -22.96 1.46
C SER B 201 29.54 -22.52 2.68
N LYS B 202 29.97 -23.49 3.47
CA LYS B 202 30.68 -23.22 4.71
C LYS B 202 32.18 -23.43 4.55
N ASN B 203 32.97 -22.52 5.12
CA ASN B 203 34.44 -22.59 5.05
C ASN B 203 34.95 -22.67 3.62
N ARG B 204 34.50 -21.74 2.77
CA ARG B 204 34.92 -21.72 1.38
C ARG B 204 34.90 -20.29 0.83
N ILE B 205 35.81 -20.00 -0.09
CA ILE B 205 35.93 -18.67 -0.67
C ILE B 205 34.91 -18.44 -1.79
N ILE B 206 34.17 -17.35 -1.69
CA ILE B 206 33.23 -16.95 -2.73
C ILE B 206 33.48 -15.49 -3.12
N VAL B 207 33.55 -15.23 -4.42
CA VAL B 207 33.90 -13.90 -4.91
C VAL B 207 32.79 -13.29 -5.77
N GLU B 208 32.33 -12.11 -5.39
CA GLU B 208 31.29 -11.42 -6.15
C GLU B 208 31.77 -10.06 -6.65
N ALA B 209 31.28 -9.65 -7.82
CA ALA B 209 31.65 -8.38 -8.42
C ALA B 209 30.47 -7.41 -8.41
N ASP B 210 30.77 -6.12 -8.32
CA ASP B 210 29.72 -5.11 -8.24
C ASP B 210 30.04 -3.87 -9.08
N GLU B 211 28.98 -3.19 -9.51
CA GLU B 211 29.09 -1.89 -10.17
C GLU B 211 29.58 -0.86 -9.17
N LYS B 212 30.08 0.27 -9.65
CA LYS B 212 30.64 1.32 -8.80
C LYS B 212 31.83 0.81 -7.98
N LYS B 213 31.65 0.77 -6.66
CA LYS B 213 32.76 0.63 -5.70
C LYS B 213 33.80 -0.43 -6.04
N GLY B 214 33.37 -1.65 -6.32
CA GLY B 214 34.33 -2.68 -6.71
C GLY B 214 33.96 -4.12 -6.43
N ILE B 215 34.98 -4.97 -6.34
CA ILE B 215 34.82 -6.40 -6.17
C ILE B 215 34.93 -6.80 -4.69
N VAL B 216 34.11 -7.77 -4.28
CA VAL B 216 34.08 -8.22 -2.89
C VAL B 216 34.08 -9.74 -2.79
N GLN B 217 34.90 -10.29 -1.90
CA GLN B 217 34.86 -11.71 -1.60
C GLN B 217 34.55 -11.94 -0.13
N ALA B 218 33.70 -12.91 0.15
CA ALA B 218 33.27 -13.19 1.53
C ALA B 218 33.80 -14.53 2.01
N SER B 219 34.18 -14.59 3.29
CA SER B 219 34.68 -15.82 3.88
C SER B 219 34.05 -16.06 5.25
N VAL B 220 33.34 -17.18 5.39
CA VAL B 220 32.70 -17.53 6.64
C VAL B 220 33.08 -18.93 7.09
N THR B 221 33.26 -19.11 8.39
CA THR B 221 33.52 -20.43 8.95
C THR B 221 33.10 -20.51 10.41
N SER B 222 33.21 -21.70 10.99
CA SER B 222 32.94 -21.89 12.41
C SER B 222 33.91 -22.89 13.03
N SER B 223 34.57 -22.48 14.10
CA SER B 223 35.40 -23.40 14.86
C SER B 223 34.82 -23.56 16.26
N THR B 224 34.23 -24.74 16.52
CA THR B 224 33.63 -25.06 17.81
C THR B 224 32.63 -23.99 18.27
N HIS B 225 32.96 -23.33 19.37
CA HIS B 225 32.07 -22.40 20.05
C HIS B 225 31.54 -21.23 19.21
N GLU B 226 32.39 -20.66 18.37
CA GLU B 226 32.01 -19.40 17.70
C GLU B 226 31.97 -19.48 16.17
N ARG B 227 31.18 -18.59 15.58
CA ARG B 227 31.13 -18.41 14.13
C ARG B 227 31.54 -16.99 13.77
N LYS B 228 32.44 -16.86 12.80
CA LYS B 228 32.96 -15.54 12.45
C LYS B 228 33.03 -15.35 10.94
N SER B 229 32.87 -14.10 10.50
CA SER B 229 32.84 -13.78 9.07
C SER B 229 33.88 -12.73 8.70
N LYS B 230 34.70 -13.04 7.70
CA LYS B 230 35.68 -12.09 7.18
C LYS B 230 35.18 -11.47 5.88
N THR B 231 35.39 -10.17 5.73
CA THR B 231 35.01 -9.48 4.49
C THR B 231 36.16 -8.66 3.91
N TYR B 232 36.61 -9.07 2.72
CA TYR B 232 37.64 -8.35 1.98
C TYR B 232 36.98 -7.31 1.07
N VAL B 233 37.60 -6.14 0.95
CA VAL B 233 36.99 -5.06 0.18
C VAL B 233 38.03 -4.14 -0.48
N ILE B 234 37.71 -3.68 -1.68
CA ILE B 234 38.49 -2.63 -2.33
C ILE B 234 37.64 -1.36 -2.46
N THR B 235 38.00 -0.34 -1.68
CA THR B 235 37.24 0.90 -1.71
C THR B 235 37.60 1.78 -2.90
N LYS B 236 38.89 2.01 -3.10
CA LYS B 236 39.39 2.96 -4.10
C LYS B 236 40.83 2.66 -4.53
N ASN B 237 41.23 3.27 -5.65
CA ASN B 237 42.63 3.35 -6.06
C ASN B 237 43.24 2.02 -6.51
N GLY B 238 42.53 0.92 -6.28
CA GLY B 238 43.05 -0.40 -6.57
C GLY B 238 43.76 -0.95 -5.33
N LYS B 239 44.14 -0.04 -4.44
CA LYS B 239 44.64 -0.41 -3.13
C LYS B 239 43.51 -1.04 -2.34
N ILE B 240 43.74 -2.22 -1.78
CA ILE B 240 42.67 -3.02 -1.22
C ILE B 240 42.74 -3.13 0.30
N TYR B 241 41.57 -3.31 0.91
CA TYR B 241 41.43 -3.25 2.36
C TYR B 241 40.87 -4.54 2.96
N LEU B 242 41.03 -4.70 4.27
CA LEU B 242 40.47 -5.83 4.99
C LEU B 242 39.50 -5.38 6.08
N LYS B 243 38.22 -5.73 5.91
CA LYS B 243 37.21 -5.40 6.89
C LYS B 243 36.93 -6.57 7.83
N HIS B 244 36.76 -6.26 9.11
CA HIS B 244 36.40 -7.26 10.10
C HIS B 244 35.76 -6.60 11.32
N ASN B 245 35.02 -7.40 12.09
CA ASN B 245 34.39 -6.90 13.31
C ASN B 245 35.39 -6.83 14.46
N SER B 246 36.49 -7.55 14.31
CA SER B 246 37.55 -7.55 15.31
C SER B 246 38.38 -6.27 15.21
N ILE B 247 39.06 -6.10 14.09
CA ILE B 247 39.86 -4.91 13.85
C ILE B 247 38.96 -3.73 13.46
N ALA B 248 39.19 -2.59 14.12
CA ALA B 248 38.36 -1.40 13.92
C ALA B 248 38.37 -0.89 12.48
N GLU B 249 39.52 -0.41 12.03
CA GLU B 249 39.63 0.21 10.70
C GLU B 249 40.28 -0.71 9.68
N GLU B 250 39.88 -0.56 8.42
CA GLU B 250 40.42 -1.35 7.33
C GLU B 250 41.93 -1.23 7.25
N ILE B 251 42.61 -2.36 7.25
CA ILE B 251 44.06 -2.40 7.20
C ILE B 251 44.58 -2.46 5.76
N PRO B 252 45.73 -1.81 5.51
CA PRO B 252 46.48 -1.89 4.25
C PRO B 252 47.18 -3.24 4.11
N ILE B 253 46.48 -4.22 3.52
CA ILE B 253 46.86 -5.63 3.50
C ILE B 253 48.34 -5.89 3.25
N ALA B 254 48.96 -5.08 2.39
CA ALA B 254 50.40 -5.16 2.17
C ALA B 254 51.17 -5.08 3.49
N ILE B 255 50.60 -4.40 4.49
CA ILE B 255 51.14 -4.39 5.84
C ILE B 255 50.77 -5.67 6.58
N VAL B 256 49.53 -6.13 6.37
CA VAL B 256 49.06 -7.37 6.99
C VAL B 256 49.92 -8.56 6.56
N LEU B 257 50.23 -8.61 5.28
CA LEU B 257 51.04 -9.69 4.74
C LEU B 257 52.44 -9.67 5.35
N LYS B 258 52.93 -8.48 5.69
CA LYS B 258 54.18 -8.35 6.42
C LYS B 258 54.04 -8.99 7.79
N ALA B 259 52.88 -8.79 8.42
CA ALA B 259 52.59 -9.41 9.71
C ALA B 259 52.25 -10.89 9.52
N CYS B 260 52.12 -11.30 8.27
CA CYS B 260 51.87 -12.70 7.95
C CYS B 260 53.18 -13.46 7.78
N GLY B 261 54.28 -12.78 8.06
CA GLY B 261 55.58 -13.43 8.12
C GLY B 261 56.53 -13.15 6.98
N ILE B 262 56.04 -12.54 5.90
CA ILE B 262 56.87 -12.29 4.74
C ILE B 262 57.44 -10.86 4.76
N LEU B 263 58.69 -10.74 4.30
CA LEU B 263 59.46 -9.50 4.34
C LEU B 263 59.73 -8.96 2.95
N SER B 264 60.34 -9.82 2.13
CA SER B 264 61.14 -9.44 0.96
C SER B 264 60.47 -8.59 -0.11
N ASP B 265 59.20 -8.23 0.06
CA ASP B 265 58.47 -7.47 -0.96
C ASP B 265 58.37 -8.30 -2.23
N LEU B 266 59.12 -7.94 -3.27
CA LEU B 266 58.91 -8.41 -4.64
C LEU B 266 58.54 -9.90 -4.75
N GLU B 267 59.02 -10.72 -3.82
CA GLU B 267 58.51 -12.07 -3.65
C GLU B 267 56.97 -12.07 -3.54
N ILE B 268 56.43 -11.08 -2.84
CA ILE B 268 54.99 -10.89 -2.73
C ILE B 268 54.37 -10.59 -4.10
N MET B 269 54.97 -9.63 -4.80
CA MET B 269 54.52 -9.25 -6.13
C MET B 269 54.58 -10.44 -7.07
N GLN B 270 55.65 -11.21 -6.98
CA GLN B 270 55.83 -12.38 -7.83
C GLN B 270 54.90 -13.52 -7.42
N LEU B 271 54.18 -13.32 -6.31
CA LEU B 271 53.25 -14.32 -5.81
C LEU B 271 51.81 -14.02 -6.26
N VAL B 272 51.27 -12.90 -5.79
CA VAL B 272 49.88 -12.52 -6.11
C VAL B 272 49.71 -12.07 -7.56
N CYS B 273 50.82 -11.66 -8.19
CA CYS B 273 50.82 -11.22 -9.57
C CYS B 273 51.60 -12.21 -10.43
N GLY B 274 52.87 -12.40 -10.09
CA GLY B 274 53.73 -13.29 -10.84
C GLY B 274 54.30 -12.73 -12.13
N ASN B 275 54.23 -13.51 -13.19
CA ASN B 275 55.10 -13.32 -14.36
C ASN B 275 54.84 -12.10 -15.22
N ASP B 276 53.69 -12.04 -15.89
CA ASP B 276 53.54 -11.10 -17.00
C ASP B 276 52.20 -10.38 -17.10
N SER B 277 52.02 -9.71 -18.24
CA SER B 277 50.85 -8.90 -18.56
C SER B 277 50.56 -7.74 -17.60
N SER B 278 49.28 -7.51 -17.34
CA SER B 278 48.84 -6.28 -16.69
C SER B 278 48.61 -6.39 -15.18
N TYR B 279 48.87 -7.57 -14.62
CA TYR B 279 48.58 -7.81 -13.22
C TYR B 279 49.56 -7.09 -12.28
N GLN B 280 50.59 -6.48 -12.86
CA GLN B 280 51.62 -5.81 -12.07
C GLN B 280 51.19 -4.45 -11.52
N ASP B 281 50.94 -3.51 -12.42
CA ASP B 281 50.70 -2.11 -12.06
C ASP B 281 49.56 -1.89 -11.07
N ILE B 282 48.54 -2.74 -11.14
CA ILE B 282 47.37 -2.60 -10.27
C ILE B 282 47.74 -2.80 -8.80
N PHE B 283 48.38 -3.92 -8.50
CA PHE B 283 48.76 -4.22 -7.13
C PHE B 283 50.01 -3.45 -6.72
N ALA B 284 50.71 -2.91 -7.70
CA ALA B 284 51.93 -2.14 -7.45
C ALA B 284 51.62 -0.81 -6.78
N VAL B 285 50.40 -0.33 -6.95
CA VAL B 285 49.97 0.92 -6.34
C VAL B 285 49.93 0.79 -4.82
N ASN B 286 49.26 -0.24 -4.33
CA ASN B 286 49.21 -0.51 -2.90
C ASN B 286 50.61 -0.83 -2.37
N LEU B 287 51.37 -1.60 -3.13
CA LEU B 287 52.72 -1.97 -2.77
C LEU B 287 53.59 -0.74 -2.57
N GLU B 288 53.41 0.24 -3.46
CA GLU B 288 54.13 1.51 -3.38
C GLU B 288 53.90 2.25 -2.06
N GLU B 289 52.66 2.68 -1.83
CA GLU B 289 52.36 3.58 -0.73
C GLU B 289 52.21 2.89 0.62
N SER B 290 52.29 1.56 0.62
CA SER B 290 52.25 0.84 1.89
C SER B 290 53.62 0.88 2.56
N SER B 291 54.67 0.78 1.75
CA SER B 291 56.02 0.68 2.28
C SER B 291 56.71 2.04 2.44
N LYS B 292 56.08 3.11 1.97
CA LYS B 292 56.72 4.43 2.10
C LYS B 292 56.69 4.94 3.53
N LEU B 293 55.52 4.99 4.14
CA LEU B 293 55.37 5.48 5.50
C LEU B 293 55.83 4.46 6.53
N ASP B 294 55.30 3.24 6.43
CA ASP B 294 55.67 2.17 7.34
C ASP B 294 55.96 0.87 6.60
N ILE B 295 57.21 0.42 6.67
CA ILE B 295 57.62 -0.83 6.06
C ILE B 295 58.51 -1.62 7.00
N TYR B 296 58.15 -2.88 7.25
CA TYR B 296 58.97 -3.97 7.82
C TYR B 296 58.02 -5.15 7.96
N THR B 297 58.55 -6.34 8.24
CA THR B 297 57.69 -7.50 8.46
C THR B 297 57.43 -7.79 9.93
N GLN B 298 58.06 -7.01 10.81
CA GLN B 298 57.98 -7.30 12.25
C GLN B 298 57.44 -6.14 13.09
N GLN B 299 58.24 -5.10 13.23
CA GLN B 299 57.98 -4.03 14.19
C GLN B 299 56.63 -3.34 14.03
N GLN B 300 56.48 -2.56 12.96
CA GLN B 300 55.25 -1.79 12.78
C GLN B 300 54.12 -2.66 12.26
N ALA B 301 54.48 -3.85 11.77
CA ALA B 301 53.50 -4.81 11.26
C ALA B 301 52.45 -5.13 12.32
N LEU B 302 52.90 -5.73 13.42
CA LEU B 302 52.01 -6.09 14.51
C LEU B 302 51.49 -4.87 15.25
N GLU B 303 52.40 -4.02 15.72
CA GLU B 303 52.08 -2.88 16.57
C GLU B 303 50.97 -2.00 15.99
N TYR B 304 50.94 -1.87 14.67
CA TYR B 304 49.87 -1.18 13.97
C TYR B 304 48.52 -1.79 14.32
N ILE B 305 48.35 -3.07 13.99
CA ILE B 305 47.12 -3.80 14.23
C ILE B 305 46.63 -3.73 15.67
N GLY B 306 47.54 -3.96 16.61
CA GLY B 306 47.18 -4.03 18.03
C GLY B 306 46.75 -2.72 18.65
N ALA B 307 47.30 -1.61 18.16
CA ALA B 307 46.93 -0.29 18.67
C ALA B 307 45.59 0.14 18.07
N LYS B 308 45.28 -0.40 16.89
CA LYS B 308 44.08 -0.03 16.15
C LYS B 308 42.93 -1.01 16.42
N VAL B 309 43.13 -1.93 17.35
CA VAL B 309 42.20 -3.04 17.56
C VAL B 309 41.12 -2.72 18.60
N LYS B 310 39.93 -3.30 18.39
CA LYS B 310 38.74 -3.04 19.19
C LYS B 310 38.78 -3.70 20.57
N THR B 311 37.61 -3.72 21.22
CA THR B 311 37.48 -4.04 22.65
C THR B 311 38.17 -5.33 23.09
N MET B 312 38.72 -5.27 24.30
CA MET B 312 39.68 -6.25 24.80
C MET B 312 39.09 -7.36 25.68
N ARG B 313 37.77 -7.35 25.88
CA ARG B 313 37.05 -8.36 26.66
C ARG B 313 37.35 -8.30 28.18
N ARG B 314 38.27 -7.41 28.56
CA ARG B 314 38.42 -6.93 29.94
C ARG B 314 39.10 -7.87 30.95
N GLN B 315 39.25 -9.15 30.62
CA GLN B 315 39.79 -10.09 31.62
C GLN B 315 41.10 -10.75 31.20
N LYS B 316 42.06 -10.76 32.13
CA LYS B 316 43.39 -11.32 31.92
C LYS B 316 43.98 -10.80 30.62
N LEU B 317 43.77 -9.50 30.38
CA LEU B 317 44.05 -8.90 29.09
C LEU B 317 45.52 -8.61 28.86
N THR B 318 46.30 -8.37 29.92
CA THR B 318 47.60 -7.79 29.63
C THR B 318 48.61 -8.88 29.39
N ILE B 319 48.81 -9.16 28.12
CA ILE B 319 49.98 -9.81 27.57
C ILE B 319 50.79 -8.73 26.87
N LEU B 320 50.33 -7.49 27.01
CA LEU B 320 50.53 -6.43 26.01
C LEU B 320 51.97 -6.24 25.55
N GLN B 321 52.12 -6.35 24.24
CA GLN B 321 53.41 -6.44 23.56
C GLN B 321 53.07 -6.71 22.10
N GLU B 322 54.08 -6.86 21.25
CA GLU B 322 53.84 -7.35 19.89
C GLU B 322 53.10 -8.70 19.90
N GLY B 323 53.07 -9.35 21.06
CA GLY B 323 52.39 -10.62 21.22
C GLY B 323 50.86 -10.59 21.29
N ILE B 324 50.27 -9.42 21.51
CA ILE B 324 48.81 -9.35 21.51
C ILE B 324 48.30 -9.57 20.08
N GLU B 325 49.13 -9.18 19.11
CA GLU B 325 48.83 -9.43 17.72
C GLU B 325 49.16 -10.87 17.34
N ALA B 326 50.11 -11.46 18.06
CA ALA B 326 50.48 -12.86 17.85
C ALA B 326 49.26 -13.77 17.98
N ILE B 327 48.65 -13.78 19.16
CA ILE B 327 47.42 -14.54 19.38
C ILE B 327 46.31 -14.05 18.45
N ALA B 328 46.42 -12.81 17.99
CA ALA B 328 45.48 -12.25 17.03
C ALA B 328 45.78 -12.76 15.62
N THR B 329 47.05 -12.76 15.25
CA THR B 329 47.46 -13.19 13.91
C THR B 329 47.27 -14.70 13.75
N THR B 330 46.86 -15.36 14.83
CA THR B 330 46.49 -16.76 14.78
C THR B 330 44.97 -16.94 14.79
N VAL B 331 44.34 -16.52 15.88
CA VAL B 331 42.89 -16.76 16.08
C VAL B 331 41.98 -15.85 15.27
N ILE B 332 42.24 -14.54 15.30
CA ILE B 332 41.37 -13.55 14.63
C ILE B 332 41.85 -13.35 13.19
N ALA B 333 42.71 -14.26 12.75
CA ALA B 333 43.47 -14.15 11.50
C ALA B 333 42.60 -14.44 10.28
N HIS B 334 41.29 -14.52 10.53
CA HIS B 334 40.21 -14.49 9.53
C HIS B 334 39.79 -15.84 8.97
N LEU B 335 40.54 -16.91 9.25
CA LEU B 335 40.15 -18.22 8.74
C LEU B 335 40.53 -19.40 9.64
N THR B 336 40.29 -20.59 9.11
CA THR B 336 40.45 -21.84 9.86
C THR B 336 41.92 -22.31 9.93
N VAL B 337 42.72 -21.86 8.98
CA VAL B 337 44.10 -22.35 8.83
C VAL B 337 44.92 -22.36 10.12
N GLU B 338 45.28 -21.19 10.63
CA GLU B 338 45.90 -21.06 11.95
C GLU B 338 47.17 -21.91 12.12
N ALA B 339 47.07 -22.88 13.02
CA ALA B 339 48.19 -23.69 13.53
C ALA B 339 49.31 -22.82 14.12
N LEU B 340 50.56 -23.28 13.96
CA LEU B 340 51.67 -22.58 14.60
C LEU B 340 52.56 -21.71 13.72
N ASP B 341 52.41 -21.77 12.41
CA ASP B 341 53.32 -20.99 11.55
C ASP B 341 52.65 -19.77 10.92
N PHE B 342 53.47 -18.95 10.27
CA PHE B 342 52.95 -17.83 9.48
C PHE B 342 52.95 -18.08 7.98
N ARG B 343 53.53 -19.20 7.54
CA ARG B 343 53.73 -19.42 6.11
C ARG B 343 52.48 -19.91 5.40
N GLU B 344 51.79 -20.87 6.02
CA GLU B 344 50.56 -21.42 5.48
C GLU B 344 49.54 -20.31 5.25
N LYS B 345 49.15 -19.66 6.34
CA LYS B 345 48.18 -18.57 6.32
C LYS B 345 48.51 -17.46 5.34
N ALA B 346 49.78 -17.07 5.28
CA ALA B 346 50.23 -15.98 4.42
C ALA B 346 49.87 -16.21 2.96
N LEU B 347 50.41 -17.27 2.38
CA LEU B 347 50.18 -17.62 0.98
C LEU B 347 48.69 -17.75 0.66
N TYR B 348 47.92 -18.25 1.63
CA TYR B 348 46.48 -18.41 1.45
C TYR B 348 45.80 -17.06 1.26
N ILE B 349 46.13 -16.11 2.11
CA ILE B 349 45.60 -14.74 1.98
C ILE B 349 46.10 -14.12 0.68
N ALA B 350 47.33 -14.45 0.31
CA ALA B 350 47.91 -13.99 -0.94
C ALA B 350 47.17 -14.58 -2.14
N MET B 351 46.86 -15.86 -2.07
CA MET B 351 46.10 -16.52 -3.12
C MET B 351 44.64 -16.05 -3.13
N MET B 352 44.19 -15.58 -1.97
CA MET B 352 42.86 -14.99 -1.87
C MET B 352 42.86 -13.63 -2.53
N THR B 353 44.02 -12.97 -2.50
CA THR B 353 44.22 -11.69 -3.17
C THR B 353 44.44 -11.92 -4.66
N ARG B 354 44.96 -13.10 -5.00
CA ARG B 354 45.26 -13.46 -6.38
C ARG B 354 44.05 -13.43 -7.29
N ARG B 355 42.92 -13.95 -6.82
CA ARG B 355 41.75 -14.10 -7.68
C ARG B 355 41.01 -12.79 -7.91
N VAL B 356 40.89 -11.97 -6.87
CA VAL B 356 40.12 -10.74 -6.94
C VAL B 356 40.77 -9.68 -7.82
N VAL B 357 42.09 -9.73 -7.95
CA VAL B 357 42.82 -8.77 -8.78
C VAL B 357 42.70 -9.17 -10.25
N MET B 358 42.33 -10.42 -10.49
CA MET B 358 42.13 -10.91 -11.84
C MET B 358 40.79 -10.44 -12.41
N ALA B 359 39.77 -10.42 -11.55
CA ALA B 359 38.44 -9.96 -11.95
C ALA B 359 38.35 -8.43 -11.84
N MET B 360 39.37 -7.83 -11.24
CA MET B 360 39.45 -6.37 -11.18
C MET B 360 39.93 -5.84 -12.52
N TYR B 361 40.78 -6.63 -13.17
CA TYR B 361 41.26 -6.33 -14.52
C TYR B 361 40.10 -6.22 -15.51
N ASN B 362 39.39 -7.33 -15.71
CA ASN B 362 38.27 -7.36 -16.64
C ASN B 362 37.02 -7.95 -15.98
N PRO B 363 35.83 -7.66 -16.54
CA PRO B 363 34.58 -8.26 -16.04
C PRO B 363 34.53 -9.77 -16.22
N LYS B 364 33.39 -10.37 -15.88
CA LYS B 364 33.23 -11.82 -15.82
C LYS B 364 34.28 -12.41 -14.88
N MET B 365 34.84 -13.56 -15.25
CA MET B 365 35.90 -14.22 -14.48
C MET B 365 35.60 -14.29 -12.98
N ILE B 366 34.34 -14.54 -12.62
CA ILE B 366 33.94 -14.57 -11.22
C ILE B 366 33.11 -15.81 -10.89
N ASP B 367 32.73 -15.93 -9.63
CA ASP B 367 31.84 -17.00 -9.20
C ASP B 367 30.56 -16.43 -8.60
N ASP B 368 29.45 -16.60 -9.31
CA ASP B 368 28.16 -16.16 -8.81
C ASP B 368 27.64 -17.17 -7.78
N ARG B 369 26.81 -16.71 -6.85
CA ARG B 369 26.20 -17.65 -5.93
C ARG B 369 24.76 -17.89 -6.35
N ASP B 370 24.55 -19.01 -7.04
CA ASP B 370 23.21 -19.46 -7.41
C ASP B 370 23.05 -20.96 -7.24
N TYR B 371 23.79 -21.68 -8.08
CA TYR B 371 23.57 -23.10 -8.34
C TYR B 371 24.03 -24.03 -7.23
N VAL B 372 23.52 -25.26 -7.26
CA VAL B 372 23.75 -26.29 -6.26
C VAL B 372 25.24 -26.55 -5.98
N GLY B 373 26.08 -26.31 -6.98
CA GLY B 373 27.50 -26.51 -6.84
C GLY B 373 28.11 -25.75 -5.68
N ASN B 374 27.62 -24.53 -5.45
CA ASN B 374 28.09 -23.71 -4.35
C ASN B 374 27.19 -23.86 -3.12
N LYS B 375 26.17 -24.69 -3.22
CA LYS B 375 25.22 -24.86 -2.13
C LYS B 375 25.31 -26.25 -1.49
N ARG B 376 25.05 -26.31 -0.19
CA ARG B 376 25.07 -27.57 0.54
C ARG B 376 23.92 -27.65 1.54
N LEU B 377 23.25 -28.80 1.57
CA LEU B 377 22.14 -28.99 2.49
C LEU B 377 22.57 -29.81 3.70
N GLU B 378 21.99 -29.49 4.86
CA GLU B 378 22.36 -30.13 6.11
C GLU B 378 21.16 -30.80 6.77
N LEU B 379 21.26 -32.10 6.98
CA LEU B 379 20.17 -32.88 7.58
C LEU B 379 20.04 -32.63 9.07
N ALA B 380 18.87 -32.96 9.62
CA ALA B 380 18.53 -32.67 11.01
C ALA B 380 19.47 -33.30 12.03
N GLY B 381 20.27 -34.27 11.58
CA GLY B 381 21.20 -34.96 12.45
C GLY B 381 22.14 -34.03 13.19
N GLN B 382 22.64 -33.01 12.50
CA GLN B 382 23.56 -32.05 13.11
C GLN B 382 22.81 -31.02 13.96
N LEU B 383 21.62 -30.64 13.53
CA LEU B 383 20.79 -29.68 14.25
C LEU B 383 20.40 -30.16 15.66
N ILE B 384 20.02 -31.42 15.77
CA ILE B 384 19.65 -31.98 17.07
C ILE B 384 20.86 -32.02 18.00
N SER B 385 22.04 -32.27 17.44
CA SER B 385 23.27 -32.31 18.22
C SER B 385 23.61 -30.93 18.77
N LEU B 386 23.35 -29.89 17.98
CA LEU B 386 23.61 -28.52 18.40
C LEU B 386 22.68 -28.10 19.53
N LEU B 387 21.43 -28.55 19.45
CA LEU B 387 20.42 -28.19 20.46
C LEU B 387 20.59 -28.98 21.74
N PHE B 388 21.06 -30.22 21.62
CA PHE B 388 21.22 -31.10 22.77
C PHE B 388 22.45 -30.72 23.61
N GLU B 389 23.50 -30.28 22.95
CA GLU B 389 24.75 -29.94 23.63
C GLU B 389 24.63 -28.64 24.42
N ASP B 390 23.70 -27.79 24.02
CA ASP B 390 23.49 -26.52 24.71
C ASP B 390 22.80 -26.71 26.06
N LEU B 391 21.80 -27.59 26.09
CA LEU B 391 21.07 -27.87 27.32
C LEU B 391 21.93 -28.67 28.29
N PHE B 392 22.90 -29.40 27.76
CA PHE B 392 23.83 -30.16 28.59
C PHE B 392 24.84 -29.23 29.22
N LYS B 393 25.27 -28.21 28.48
CA LYS B 393 26.21 -27.22 28.99
C LYS B 393 25.57 -26.38 30.09
N LYS B 394 24.29 -26.06 29.92
CA LYS B 394 23.55 -25.28 30.89
C LYS B 394 23.41 -26.04 32.21
N PHE B 395 23.28 -27.36 32.11
CA PHE B 395 23.14 -28.21 33.28
C PHE B 395 24.43 -28.26 34.09
N ASN B 396 25.56 -28.26 33.39
CA ASN B 396 26.87 -28.36 34.03
C ASN B 396 27.11 -27.31 35.12
N ASN B 397 27.13 -26.04 34.73
CA ASN B 397 27.39 -24.94 35.66
C ASN B 397 26.39 -24.92 36.82
N ASP B 398 25.15 -25.28 36.55
CA ASP B 398 24.12 -25.35 37.58
C ASP B 398 24.38 -26.54 38.50
N PHE B 399 24.87 -27.63 37.93
CA PHE B 399 25.21 -28.82 38.69
C PHE B 399 26.48 -28.62 39.51
N LYS B 400 27.43 -27.89 38.95
CA LYS B 400 28.66 -27.56 39.65
C LYS B 400 28.36 -26.65 40.85
N LEU B 401 27.44 -25.71 40.64
CA LEU B 401 27.07 -24.77 41.70
C LEU B 401 26.14 -25.43 42.71
N SER B 402 25.48 -26.51 42.29
CA SER B 402 24.55 -27.23 43.16
C SER B 402 25.27 -27.81 44.37
N ILE B 403 26.45 -28.39 44.14
CA ILE B 403 27.23 -28.98 45.21
C ILE B 403 27.96 -27.89 46.00
N ASP B 404 28.14 -26.73 45.36
CA ASP B 404 28.86 -25.61 45.98
C ASP B 404 28.15 -25.09 47.23
N LYS B 405 26.85 -25.35 47.32
CA LYS B 405 26.06 -24.96 48.49
C LYS B 405 26.62 -25.58 49.77
N VAL B 406 26.54 -26.91 49.86
CA VAL B 406 27.05 -27.64 51.02
C VAL B 406 28.57 -27.49 51.12
N LEU B 407 29.20 -27.26 49.97
CA LEU B 407 30.65 -27.06 49.92
C LEU B 407 31.07 -25.84 50.76
N LYS B 408 30.27 -24.78 50.72
CA LYS B 408 30.53 -23.59 51.52
C LYS B 408 29.96 -23.74 52.92
N LYS B 409 29.23 -24.83 53.16
CA LYS B 409 28.68 -25.11 54.47
C LYS B 409 29.72 -25.81 55.34
N PRO B 410 29.80 -25.42 56.63
CA PRO B 410 30.89 -25.75 57.55
C PRO B 410 31.23 -27.24 57.72
N ASN B 411 30.23 -28.09 57.90
CA ASN B 411 30.50 -29.47 58.32
C ASN B 411 29.89 -30.56 57.44
N ARG B 412 30.12 -31.80 57.86
CA ARG B 412 29.59 -33.02 57.23
C ARG B 412 29.62 -33.00 55.70
N ALA B 413 30.83 -33.13 55.14
CA ALA B 413 31.01 -33.22 53.69
C ALA B 413 30.13 -34.32 53.11
N MET B 414 29.57 -34.06 51.94
CA MET B 414 28.49 -34.90 51.42
C MET B 414 28.94 -35.85 50.32
N GLU B 415 28.68 -37.13 50.50
CA GLU B 415 29.00 -38.17 49.52
C GLU B 415 28.03 -38.16 48.36
N TYR B 416 26.74 -38.04 48.69
CA TYR B 416 25.67 -38.14 47.72
C TYR B 416 24.79 -36.90 47.76
N ASP B 417 23.64 -36.98 47.10
CA ASP B 417 22.72 -35.87 46.79
C ASP B 417 23.21 -35.20 45.51
N ALA B 418 24.32 -35.69 44.98
CA ALA B 418 24.66 -35.41 43.59
C ALA B 418 23.95 -36.45 42.73
N LEU B 419 23.21 -37.33 43.40
CA LEU B 419 22.40 -38.35 42.75
C LEU B 419 20.91 -37.98 42.83
N LEU B 420 20.40 -37.95 44.05
CA LEU B 420 18.97 -37.74 44.28
C LEU B 420 18.48 -36.32 44.02
N SER B 421 19.33 -35.33 44.31
CA SER B 421 18.92 -33.93 44.16
C SER B 421 19.01 -33.47 42.70
N ILE B 422 19.98 -33.99 41.97
CA ILE B 422 20.13 -33.61 40.57
C ILE B 422 19.08 -34.33 39.72
N ASN B 423 18.52 -35.40 40.27
CA ASN B 423 17.45 -36.12 39.59
C ASN B 423 16.17 -35.30 39.54
N VAL B 424 15.86 -34.63 40.65
CA VAL B 424 14.70 -33.74 40.70
C VAL B 424 15.07 -32.40 40.09
N HIS B 425 16.37 -32.12 40.03
CA HIS B 425 16.87 -30.90 39.39
C HIS B 425 16.92 -31.09 37.87
N SER B 426 16.89 -32.35 37.44
CA SER B 426 16.94 -32.69 36.03
C SER B 426 15.58 -32.44 35.37
N ASN B 427 15.45 -32.94 34.14
CA ASN B 427 14.25 -32.79 33.30
C ASN B 427 14.20 -31.41 32.65
N ASN B 428 15.17 -30.57 32.99
CA ASN B 428 15.38 -29.32 32.26
C ASN B 428 15.72 -29.64 30.81
N ILE B 429 16.41 -30.76 30.62
CA ILE B 429 16.71 -31.27 29.28
C ILE B 429 15.45 -31.82 28.63
N THR B 430 14.62 -32.51 29.41
CA THR B 430 13.36 -33.07 28.93
C THR B 430 12.44 -31.98 28.38
N SER B 431 11.97 -31.10 29.27
CA SER B 431 11.04 -30.04 28.89
C SER B 431 11.70 -29.05 27.94
N GLY B 432 12.98 -28.77 28.16
CA GLY B 432 13.71 -27.84 27.32
C GLY B 432 13.81 -28.28 25.88
N LEU B 433 14.03 -29.57 25.67
CA LEU B 433 14.12 -30.13 24.32
C LEU B 433 12.73 -30.33 23.73
N ASN B 434 11.76 -30.68 24.58
CA ASN B 434 10.40 -30.89 24.14
C ASN B 434 9.72 -29.58 23.72
N ARG B 435 9.97 -28.52 24.47
CA ARG B 435 9.43 -27.21 24.13
C ARG B 435 10.09 -26.66 22.87
N ALA B 436 11.38 -26.93 22.72
CA ALA B 436 12.14 -26.45 21.57
C ALA B 436 11.68 -27.11 20.27
N ILE B 437 11.40 -28.40 20.33
CA ILE B 437 10.99 -29.15 19.15
C ILE B 437 9.52 -28.91 18.81
N SER B 438 8.71 -28.58 19.83
CA SER B 438 7.30 -28.30 19.63
C SER B 438 7.07 -26.88 19.12
N THR B 439 7.84 -25.94 19.65
CA THR B 439 7.70 -24.53 19.28
C THR B 439 8.29 -24.27 17.90
N GLY B 440 9.59 -24.52 17.78
CA GLY B 440 10.30 -24.22 16.55
C GLY B 440 11.25 -23.04 16.73
N ASN B 441 11.29 -22.52 17.96
CA ASN B 441 12.24 -21.48 18.32
C ASN B 441 13.38 -22.05 19.15
N TRP B 442 14.58 -22.09 18.57
CA TRP B 442 15.73 -22.67 19.24
C TRP B 442 16.62 -21.59 19.83
N SER B 443 16.85 -21.68 21.14
CA SER B 443 17.68 -20.70 21.84
C SER B 443 19.08 -21.25 22.11
N LEU B 444 20.08 -20.64 21.50
CA LEU B 444 21.47 -21.05 21.68
C LEU B 444 22.25 -20.00 22.44
N LYS B 445 23.04 -20.43 23.43
CA LYS B 445 23.91 -19.53 24.16
C LYS B 445 25.36 -19.57 23.64
N ARG B 446 25.61 -20.42 22.66
CA ARG B 446 26.96 -20.60 22.12
C ARG B 446 27.15 -19.81 20.83
N PHE B 447 26.51 -20.28 19.76
CA PHE B 447 26.49 -19.54 18.51
C PHE B 447 25.57 -18.32 18.63
N LYS B 448 24.65 -18.43 19.59
CA LYS B 448 23.57 -17.46 19.76
C LYS B 448 22.86 -17.19 18.44
N MET B 449 22.22 -18.23 17.92
CA MET B 449 21.43 -18.13 16.71
C MET B 449 20.02 -18.62 16.99
N GLU B 450 19.05 -17.72 16.90
CA GLU B 450 17.66 -18.08 17.17
C GLU B 450 16.93 -18.29 15.84
N ARG B 451 16.60 -19.55 15.57
CA ARG B 451 16.02 -19.92 14.29
C ARG B 451 14.54 -20.27 14.43
N ALA B 452 13.72 -19.68 13.57
CA ALA B 452 12.28 -19.90 13.61
C ALA B 452 11.78 -20.56 12.32
N GLY B 453 10.67 -21.27 12.42
CA GLY B 453 10.08 -21.93 11.28
C GLY B 453 10.87 -23.14 10.81
N VAL B 454 11.30 -23.95 11.76
CA VAL B 454 12.06 -25.16 11.46
C VAL B 454 11.14 -26.37 11.38
N THR B 455 10.55 -26.73 12.52
CA THR B 455 9.66 -27.88 12.59
C THR B 455 8.30 -27.57 11.98
N HIS B 456 7.74 -28.53 11.25
CA HIS B 456 6.43 -28.39 10.64
C HIS B 456 5.54 -29.58 10.95
N VAL B 457 4.26 -29.32 11.19
CA VAL B 457 3.30 -30.38 11.43
C VAL B 457 2.99 -31.13 10.13
N LEU B 458 3.11 -32.45 10.18
CA LEU B 458 2.85 -33.27 9.00
C LEU B 458 1.36 -33.25 8.68
N SER B 459 1.04 -32.86 7.45
CA SER B 459 -0.35 -32.75 7.02
C SER B 459 -0.83 -34.05 6.41
N ARG B 460 -1.85 -34.65 7.03
CA ARG B 460 -2.40 -35.91 6.54
C ARG B 460 -3.74 -35.71 5.86
N LEU B 461 -3.75 -35.85 4.54
CA LEU B 461 -4.97 -35.79 3.74
C LEU B 461 -5.03 -37.05 2.88
N SER B 462 -4.07 -37.17 1.97
CA SER B 462 -3.90 -38.37 1.16
C SER B 462 -2.60 -39.05 1.52
N TYR B 463 -2.29 -40.15 0.85
CA TYR B 463 -1.06 -40.88 1.09
C TYR B 463 0.14 -40.13 0.52
N ILE B 464 -0.11 -39.33 -0.52
CA ILE B 464 0.94 -38.57 -1.17
C ILE B 464 1.44 -37.42 -0.31
N SER B 465 0.51 -36.71 0.32
CA SER B 465 0.83 -35.54 1.14
C SER B 465 1.81 -35.86 2.27
N ALA B 466 1.71 -37.07 2.82
CA ALA B 466 2.60 -37.49 3.88
C ALA B 466 4.01 -37.72 3.33
N LEU B 467 4.10 -38.43 2.21
CA LEU B 467 5.37 -38.72 1.57
C LEU B 467 5.88 -37.50 0.79
N GLY B 468 4.96 -36.63 0.41
CA GLY B 468 5.30 -35.47 -0.39
C GLY B 468 5.94 -34.33 0.39
N MET B 469 5.48 -34.13 1.62
CA MET B 469 6.02 -33.06 2.45
C MET B 469 7.45 -33.39 2.86
N MET B 470 7.70 -34.67 3.13
CA MET B 470 9.07 -35.15 3.35
C MET B 470 9.80 -35.22 2.00
N THR B 471 11.13 -35.26 2.07
CA THR B 471 11.99 -35.20 0.89
C THR B 471 11.73 -33.88 0.17
N ARG B 472 11.73 -32.80 0.95
CA ARG B 472 11.49 -31.45 0.44
C ARG B 472 12.55 -30.50 0.97
N ILE B 473 13.15 -29.72 0.07
CA ILE B 473 14.23 -28.82 0.45
C ILE B 473 13.73 -27.41 0.77
N SER B 474 13.93 -27.00 2.02
CA SER B 474 13.59 -25.65 2.44
C SER B 474 14.79 -24.73 2.28
N SER B 475 14.61 -23.46 2.65
CA SER B 475 15.69 -22.48 2.54
C SER B 475 15.56 -21.41 3.61
N GLN B 476 16.66 -20.72 3.91
CA GLN B 476 16.66 -19.69 4.93
C GLN B 476 17.24 -18.37 4.43
N PHE B 477 16.56 -17.28 4.76
CA PHE B 477 17.04 -15.92 4.52
C PHE B 477 17.35 -15.62 3.05
N GLU B 478 18.57 -15.13 2.82
CA GLU B 478 19.01 -14.63 1.52
C GLU B 478 18.10 -13.48 1.05
N LYS B 479 17.59 -12.73 2.01
CA LYS B 479 16.90 -11.45 1.79
C LYS B 479 15.64 -11.45 0.93
N SER B 480 15.65 -10.58 -0.06
CA SER B 480 14.44 -10.02 -0.64
C SER B 480 13.56 -10.96 -1.48
N ARG B 481 12.28 -10.60 -1.51
CA ARG B 481 11.28 -11.21 -2.38
C ARG B 481 11.39 -10.64 -3.79
N LYS B 482 11.95 -9.44 -3.87
CA LYS B 482 12.03 -8.68 -5.12
C LYS B 482 13.04 -9.27 -6.09
N VAL B 483 14.17 -9.73 -5.57
CA VAL B 483 15.23 -10.28 -6.40
C VAL B 483 14.80 -11.56 -7.10
N SER B 484 14.95 -11.58 -8.43
CA SER B 484 14.54 -12.73 -9.22
C SER B 484 15.70 -13.69 -9.45
N GLY B 485 16.86 -13.38 -8.87
CA GLY B 485 18.05 -14.20 -9.05
C GLY B 485 17.93 -15.59 -8.47
N PRO B 486 17.66 -15.70 -7.15
CA PRO B 486 17.44 -17.01 -6.56
C PRO B 486 15.99 -17.46 -6.67
N ARG B 487 15.44 -17.40 -7.87
CA ARG B 487 14.04 -17.78 -8.12
C ARG B 487 13.95 -18.75 -9.28
N ALA B 488 14.32 -18.28 -10.46
CA ALA B 488 14.28 -19.09 -11.69
C ALA B 488 15.18 -20.31 -11.59
N LEU B 489 14.76 -21.38 -12.26
CA LEU B 489 15.49 -22.64 -12.24
C LEU B 489 16.80 -22.54 -13.02
N GLN B 490 17.80 -23.34 -12.63
CA GLN B 490 19.09 -23.35 -13.30
C GLN B 490 19.41 -24.76 -13.81
N PRO B 491 20.07 -24.84 -14.98
CA PRO B 491 20.39 -26.11 -15.66
C PRO B 491 21.17 -27.11 -14.80
N SER B 492 21.91 -26.61 -13.80
CA SER B 492 22.71 -27.49 -12.95
C SER B 492 21.84 -28.32 -12.01
N GLN B 493 20.59 -27.89 -11.83
CA GLN B 493 19.65 -28.56 -10.94
C GLN B 493 19.26 -29.94 -11.46
N PHE B 494 19.47 -30.17 -12.76
CA PHE B 494 19.02 -31.37 -13.43
C PHE B 494 19.51 -32.66 -12.78
N GLY B 495 18.57 -33.53 -12.44
CA GLY B 495 18.86 -34.85 -11.90
C GLY B 495 19.16 -34.89 -10.43
N MET B 496 19.55 -33.75 -9.86
CA MET B 496 19.82 -33.66 -8.43
C MET B 496 18.59 -33.17 -7.66
N LEU B 497 17.59 -32.70 -8.40
CA LEU B 497 16.39 -32.13 -7.81
C LEU B 497 15.20 -32.28 -8.75
N CYS B 498 13.99 -32.10 -8.21
CA CYS B 498 12.79 -32.16 -9.03
C CYS B 498 12.60 -30.85 -9.82
N THR B 499 12.43 -30.98 -11.13
CA THR B 499 12.24 -29.82 -11.98
C THR B 499 10.77 -29.51 -12.21
N ALA B 500 9.90 -30.27 -11.55
CA ALA B 500 8.46 -30.12 -11.73
C ALA B 500 7.79 -29.54 -10.48
N ASP B 501 7.85 -30.29 -9.38
CA ASP B 501 7.18 -29.92 -8.14
C ASP B 501 7.58 -28.53 -7.64
N THR B 502 6.60 -27.78 -7.17
CA THR B 502 6.79 -26.43 -6.62
C THR B 502 5.45 -25.89 -6.11
N PRO B 503 5.47 -25.29 -4.91
CA PRO B 503 4.30 -24.67 -4.28
C PRO B 503 3.97 -23.29 -4.86
N GLU B 504 3.24 -23.26 -5.96
CA GLU B 504 2.81 -21.99 -6.57
C GLU B 504 2.11 -21.09 -5.56
N GLY B 505 2.54 -19.84 -5.49
CA GLY B 505 2.05 -18.90 -4.49
C GLY B 505 3.05 -17.81 -4.20
N GLU B 506 2.97 -17.23 -3.01
CA GLU B 506 3.89 -16.17 -2.59
C GLU B 506 5.34 -16.63 -2.67
N ALA B 507 5.60 -17.84 -2.20
CA ALA B 507 6.94 -18.43 -2.27
C ALA B 507 7.07 -19.31 -3.50
N CYS B 508 7.91 -18.89 -4.44
CA CYS B 508 8.08 -19.63 -5.69
C CYS B 508 9.56 -19.92 -5.97
N GLY B 509 9.90 -21.21 -6.00
CA GLY B 509 11.26 -21.63 -6.30
C GLY B 509 12.17 -21.60 -5.08
N LEU B 510 11.66 -21.11 -3.97
CA LEU B 510 12.44 -21.03 -2.74
C LEU B 510 12.44 -22.36 -2.00
N VAL B 511 11.54 -23.25 -2.41
CA VAL B 511 11.47 -24.59 -1.84
C VAL B 511 11.39 -25.64 -2.96
N LYS B 512 12.33 -26.60 -2.92
CA LYS B 512 12.43 -27.60 -3.98
C LYS B 512 12.30 -29.02 -3.41
N ASN B 513 12.40 -30.01 -4.30
CA ASN B 513 12.28 -31.40 -3.90
C ASN B 513 13.34 -32.28 -4.55
N LEU B 514 13.75 -33.33 -3.85
CA LEU B 514 14.75 -34.27 -4.36
C LEU B 514 14.14 -35.23 -5.37
N ALA B 515 14.99 -35.77 -6.25
CA ALA B 515 14.56 -36.74 -7.25
C ALA B 515 14.41 -38.13 -6.63
N LEU B 516 14.15 -39.12 -7.46
CA LEU B 516 13.97 -40.50 -6.99
C LEU B 516 15.29 -41.09 -6.51
N MET B 517 16.32 -40.99 -7.33
CA MET B 517 17.63 -41.53 -6.96
C MET B 517 18.62 -40.42 -6.62
N THR B 518 18.92 -40.30 -5.33
CA THR B 518 19.86 -39.30 -4.82
C THR B 518 20.51 -39.83 -3.54
N HIS B 519 21.66 -39.26 -3.18
CA HIS B 519 22.29 -39.60 -1.91
C HIS B 519 22.92 -38.38 -1.27
N ILE B 520 22.65 -38.17 0.02
CA ILE B 520 23.23 -37.05 0.75
C ILE B 520 24.54 -37.48 1.42
N THR B 521 25.59 -36.70 1.17
CA THR B 521 26.94 -37.05 1.58
C THR B 521 27.19 -36.85 3.08
N THR B 522 27.84 -37.83 3.71
CA THR B 522 28.28 -37.71 5.09
C THR B 522 29.71 -37.19 5.16
N ASP B 523 30.29 -37.19 6.34
CA ASP B 523 31.68 -36.76 6.52
C ASP B 523 32.55 -37.94 6.95
N ASP B 524 33.73 -38.04 6.36
CA ASP B 524 34.60 -39.19 6.62
C ASP B 524 35.74 -38.85 7.57
N GLU B 525 36.75 -38.14 7.07
CA GLU B 525 37.96 -37.83 7.83
C GLU B 525 38.91 -36.95 7.02
N GLU B 526 39.88 -36.35 7.68
CA GLU B 526 40.83 -35.46 7.04
C GLU B 526 42.22 -36.08 6.90
N GLU B 527 42.85 -36.38 8.03
CA GLU B 527 44.25 -36.81 8.07
C GLU B 527 44.68 -37.86 7.03
N PRO B 528 43.88 -38.93 6.82
CA PRO B 528 44.39 -39.91 5.86
C PRO B 528 44.15 -39.56 4.39
N ILE B 529 44.51 -38.35 3.97
CA ILE B 529 44.51 -37.99 2.56
C ILE B 529 45.88 -37.38 2.19
N LYS B 530 46.24 -36.30 2.89
CA LYS B 530 47.51 -35.60 2.70
C LYS B 530 48.70 -36.54 2.61
N LYS B 531 48.94 -37.30 3.68
CA LYS B 531 50.02 -38.28 3.72
C LYS B 531 50.00 -39.22 2.51
N LEU B 532 48.80 -39.61 2.09
CA LEU B 532 48.66 -40.45 0.89
C LEU B 532 48.92 -39.64 -0.36
N CYS B 533 48.52 -38.37 -0.34
CA CYS B 533 48.73 -37.47 -1.48
C CYS B 533 50.22 -37.22 -1.67
N TYR B 534 50.96 -37.15 -0.56
CA TYR B 534 52.40 -36.97 -0.60
C TYR B 534 53.09 -38.17 -1.26
N VAL B 535 52.54 -39.36 -1.03
CA VAL B 535 53.05 -40.58 -1.64
C VAL B 535 52.89 -40.53 -3.15
N LEU B 536 51.82 -39.87 -3.61
CA LEU B 536 51.53 -39.79 -5.03
C LEU B 536 52.50 -38.84 -5.73
N GLY B 537 53.36 -38.19 -4.95
CA GLY B 537 54.41 -37.36 -5.51
C GLY B 537 54.24 -35.86 -5.33
N VAL B 538 53.18 -35.45 -4.65
CA VAL B 538 53.04 -34.03 -4.30
C VAL B 538 53.96 -33.73 -3.12
N GLU B 539 54.33 -32.47 -2.96
CA GLU B 539 55.30 -32.09 -1.92
C GLU B 539 54.74 -31.01 -0.99
N ASP B 540 55.35 -30.88 0.18
CA ASP B 540 54.94 -29.90 1.16
C ASP B 540 55.17 -28.47 0.66
N ILE B 541 54.25 -27.58 1.01
CA ILE B 541 54.31 -26.20 0.53
C ILE B 541 55.47 -25.42 1.16
N THR B 542 55.92 -25.89 2.32
CA THR B 542 56.99 -25.21 3.05
C THR B 542 58.32 -25.25 2.30
N LEU B 543 58.69 -26.43 1.82
CA LEU B 543 59.95 -26.59 1.10
C LEU B 543 59.92 -25.88 -0.25
N ILE B 544 58.74 -25.78 -0.84
CA ILE B 544 58.59 -25.09 -2.11
C ILE B 544 58.94 -23.61 -1.95
N ASP B 545 59.89 -23.14 -2.74
CA ASP B 545 60.13 -21.71 -2.86
C ASP B 545 58.84 -21.07 -3.37
N SER B 546 58.28 -20.15 -2.59
CA SER B 546 56.94 -19.65 -2.87
C SER B 546 56.88 -18.50 -3.87
N ALA B 547 57.28 -18.75 -5.11
CA ALA B 547 57.06 -17.80 -6.18
C ALA B 547 56.68 -18.52 -7.47
N SER B 548 55.56 -19.26 -7.45
CA SER B 548 55.14 -19.96 -8.66
C SER B 548 53.67 -19.72 -9.03
N LEU B 549 53.47 -19.15 -10.21
CA LEU B 549 52.18 -19.15 -10.90
C LEU B 549 52.39 -19.94 -12.18
N HIS B 550 53.52 -20.62 -12.24
CA HIS B 550 54.10 -21.12 -13.49
C HIS B 550 53.93 -22.61 -13.77
N LEU B 551 54.07 -23.47 -12.76
CA LEU B 551 54.00 -24.90 -13.05
C LEU B 551 52.59 -25.45 -12.86
N ASN B 552 51.96 -25.75 -13.99
CA ASN B 552 50.70 -26.47 -14.07
C ASN B 552 49.64 -26.08 -13.03
N TYR B 553 49.02 -27.11 -12.44
CA TYR B 553 48.00 -26.92 -11.42
C TYR B 553 48.56 -27.09 -10.01
N GLY B 554 47.67 -27.11 -9.03
CA GLY B 554 48.04 -27.43 -7.67
C GLY B 554 46.84 -28.05 -6.96
N VAL B 555 47.11 -28.85 -5.93
CA VAL B 555 46.03 -29.59 -5.27
C VAL B 555 45.48 -28.83 -4.07
N TYR B 556 44.17 -28.57 -4.11
CA TYR B 556 43.49 -27.89 -3.02
C TYR B 556 42.72 -28.90 -2.17
N LEU B 557 42.94 -28.85 -0.86
CA LEU B 557 42.19 -29.67 0.07
C LEU B 557 41.18 -28.81 0.82
N ASN B 558 39.91 -28.99 0.48
CA ASN B 558 38.82 -28.18 1.05
C ASN B 558 39.08 -26.68 0.91
N GLY B 559 39.74 -26.30 -0.18
CA GLY B 559 40.02 -24.90 -0.45
C GLY B 559 41.42 -24.46 -0.03
N THR B 560 42.17 -25.37 0.56
CA THR B 560 43.51 -25.05 1.06
C THR B 560 44.60 -25.58 0.13
N LEU B 561 45.47 -24.68 -0.32
CA LEU B 561 46.58 -25.05 -1.20
C LEU B 561 47.64 -25.82 -0.42
N ILE B 562 47.98 -27.02 -0.89
CA ILE B 562 48.96 -27.85 -0.20
C ILE B 562 50.14 -28.26 -1.10
N GLY B 563 49.89 -29.20 -2.01
CA GLY B 563 50.96 -29.84 -2.77
C GLY B 563 51.60 -29.05 -3.89
N SER B 564 50.78 -28.46 -4.76
CA SER B 564 51.26 -27.80 -5.97
C SER B 564 52.14 -28.72 -6.80
N ILE B 565 51.54 -29.75 -7.38
CA ILE B 565 52.29 -30.79 -8.08
C ILE B 565 52.15 -30.71 -9.61
N ARG B 566 53.21 -31.10 -10.30
CA ARG B 566 53.19 -31.24 -11.75
C ARG B 566 52.48 -32.54 -12.13
N PHE B 567 52.32 -32.79 -13.44
CA PHE B 567 51.71 -34.01 -13.96
C PHE B 567 50.34 -34.32 -13.35
N PRO B 568 49.31 -33.54 -13.73
CA PRO B 568 47.95 -33.72 -13.23
C PRO B 568 47.31 -35.02 -13.73
N THR B 569 47.69 -35.45 -14.93
CA THR B 569 47.11 -36.63 -15.56
C THR B 569 47.22 -37.88 -14.67
N LYS B 570 48.44 -38.29 -14.41
CA LYS B 570 48.69 -39.48 -13.60
C LYS B 570 48.18 -39.29 -12.17
N PHE B 571 48.13 -38.04 -11.72
CA PHE B 571 47.61 -37.72 -10.39
C PHE B 571 46.13 -38.03 -10.29
N VAL B 572 45.34 -37.44 -11.19
CA VAL B 572 43.90 -37.65 -11.25
C VAL B 572 43.52 -39.12 -11.43
N THR B 573 43.92 -39.69 -12.57
CA THR B 573 43.55 -41.05 -12.95
C THR B 573 43.83 -42.10 -11.87
N GLN B 574 45.04 -42.10 -11.34
CA GLN B 574 45.44 -43.07 -10.32
C GLN B 574 44.66 -42.88 -9.02
N PHE B 575 44.34 -41.63 -8.70
CA PHE B 575 43.59 -41.32 -7.49
C PHE B 575 42.15 -41.81 -7.60
N ARG B 576 41.56 -41.64 -8.78
CA ARG B 576 40.19 -42.10 -9.02
C ARG B 576 40.16 -43.63 -9.05
N HIS B 577 41.28 -44.23 -9.45
CA HIS B 577 41.40 -45.68 -9.48
C HIS B 577 41.42 -46.26 -8.06
N LEU B 578 42.12 -45.56 -7.16
CA LEU B 578 42.17 -45.97 -5.76
C LEU B 578 40.82 -45.77 -5.09
N ARG B 579 40.02 -44.89 -5.66
CA ARG B 579 38.67 -44.62 -5.15
C ARG B 579 37.70 -45.69 -5.62
N ARG B 580 37.53 -45.79 -6.93
CA ARG B 580 36.59 -46.73 -7.55
C ARG B 580 36.77 -48.18 -7.14
N THR B 581 37.98 -48.56 -6.75
CA THR B 581 38.28 -49.98 -6.53
C THR B 581 38.34 -50.40 -5.06
N GLY B 582 39.45 -50.06 -4.39
CA GLY B 582 39.72 -50.63 -3.08
C GLY B 582 39.55 -49.76 -1.84
N LYS B 583 39.34 -48.46 -2.03
CA LYS B 583 39.34 -47.56 -0.87
C LYS B 583 38.51 -46.30 -1.12
N VAL B 584 38.09 -45.67 -0.01
CA VAL B 584 37.36 -44.39 0.02
C VAL B 584 36.32 -44.23 -1.09
N SER B 585 35.27 -45.03 -1.03
CA SER B 585 34.20 -44.98 -2.02
C SER B 585 33.35 -43.72 -1.82
N GLU B 586 32.30 -43.59 -2.63
CA GLU B 586 31.40 -42.44 -2.57
C GLU B 586 32.16 -41.12 -2.75
N PHE B 587 32.19 -40.31 -1.70
CA PHE B 587 32.72 -38.95 -1.77
C PHE B 587 34.25 -38.94 -1.82
N ILE B 588 34.82 -37.73 -1.63
CA ILE B 588 36.22 -37.43 -1.90
C ILE B 588 36.48 -37.64 -3.39
N SER B 589 35.89 -36.77 -4.19
CA SER B 589 36.01 -36.81 -5.65
C SER B 589 36.94 -35.71 -6.13
N ILE B 590 37.67 -36.01 -7.21
CA ILE B 590 38.67 -35.08 -7.73
C ILE B 590 38.31 -34.59 -9.13
N TYR B 591 38.43 -33.28 -9.34
CA TYR B 591 38.14 -32.69 -10.64
C TYR B 591 39.15 -31.61 -11.03
N SER B 592 39.48 -31.56 -12.32
CA SER B 592 40.45 -30.60 -12.83
C SER B 592 39.81 -29.24 -13.14
N ASN B 593 40.59 -28.18 -12.96
CA ASN B 593 40.16 -26.83 -13.30
C ASN B 593 41.06 -26.24 -14.39
N SER B 594 40.48 -26.03 -15.58
CA SER B 594 41.26 -25.66 -16.76
C SER B 594 41.80 -24.23 -16.72
N HIS B 595 40.91 -23.25 -16.54
CA HIS B 595 41.31 -21.84 -16.61
C HIS B 595 41.99 -21.40 -15.33
N GLN B 596 41.24 -21.33 -14.24
CA GLN B 596 41.85 -21.16 -12.92
C GLN B 596 42.71 -22.38 -12.69
N MET B 597 43.99 -22.18 -12.40
CA MET B 597 44.92 -23.29 -12.42
C MET B 597 45.06 -23.94 -11.06
N ALA B 598 44.52 -25.15 -10.95
CA ALA B 598 44.49 -25.93 -9.71
C ALA B 598 43.75 -27.25 -9.95
N VAL B 599 43.88 -28.18 -9.02
CA VAL B 599 43.10 -29.40 -9.03
C VAL B 599 42.47 -29.62 -7.65
N HIS B 600 41.16 -29.76 -7.61
CA HIS B 600 40.44 -29.76 -6.34
C HIS B 600 40.12 -31.15 -5.82
N ILE B 601 40.34 -31.35 -4.52
CA ILE B 601 39.90 -32.55 -3.82
C ILE B 601 39.09 -32.15 -2.59
N ALA B 602 37.80 -32.46 -2.61
CA ALA B 602 36.91 -32.04 -1.53
C ALA B 602 36.33 -33.23 -0.77
N THR B 603 36.66 -33.31 0.51
CA THR B 603 36.13 -34.36 1.38
C THR B 603 34.94 -33.88 2.21
N ASP B 604 34.56 -32.62 2.07
CA ASP B 604 33.51 -32.03 2.89
C ASP B 604 32.12 -32.49 2.44
N GLY B 605 31.40 -33.13 3.34
CA GLY B 605 30.11 -33.74 3.01
C GLY B 605 28.93 -32.80 3.10
N GLY B 606 27.75 -33.36 3.32
CA GLY B 606 26.53 -32.59 3.37
C GLY B 606 26.09 -32.11 2.00
N ARG B 607 26.09 -33.01 1.04
CA ARG B 607 25.74 -32.65 -0.33
C ARG B 607 25.12 -33.83 -1.10
N ILE B 608 24.35 -33.51 -2.14
CA ILE B 608 23.65 -34.52 -2.93
C ILE B 608 24.59 -35.31 -3.85
N CYS B 609 24.35 -36.61 -3.96
CA CYS B 609 25.09 -37.47 -4.87
C CYS B 609 24.13 -38.24 -5.78
N ARG B 610 24.53 -38.46 -7.03
CA ARG B 610 23.70 -39.22 -7.96
C ARG B 610 24.46 -40.40 -8.58
N PRO B 611 23.78 -41.55 -8.71
CA PRO B 611 24.35 -42.76 -9.32
C PRO B 611 24.35 -42.75 -10.84
N LEU B 612 25.31 -43.46 -11.44
CA LEU B 612 25.37 -43.66 -12.89
C LEU B 612 26.38 -44.76 -13.23
N ILE B 613 26.54 -45.06 -14.52
CA ILE B 613 27.37 -46.17 -14.96
C ILE B 613 28.64 -45.70 -15.69
N ILE B 614 29.77 -46.32 -15.36
CA ILE B 614 31.03 -46.06 -16.03
C ILE B 614 31.13 -46.80 -17.36
N VAL B 615 31.53 -46.09 -18.41
CA VAL B 615 31.85 -46.73 -19.68
C VAL B 615 33.36 -46.71 -19.94
N SER B 616 33.96 -47.89 -19.89
CA SER B 616 35.39 -48.02 -20.15
C SER B 616 35.63 -48.27 -21.63
N ASP B 617 36.65 -47.61 -22.19
CA ASP B 617 36.96 -47.69 -23.61
C ASP B 617 35.75 -47.29 -24.45
N GLY B 618 35.25 -48.22 -25.26
CA GLY B 618 34.13 -47.93 -26.15
C GLY B 618 32.78 -48.45 -25.69
N GLN B 619 32.78 -49.29 -24.66
CA GLN B 619 31.55 -49.96 -24.23
C GLN B 619 31.33 -49.90 -22.73
N SER B 620 30.12 -50.27 -22.30
CA SER B 620 29.74 -50.22 -20.88
C SER B 620 30.47 -51.26 -20.05
N ARG B 621 30.53 -51.02 -18.74
CA ARG B 621 31.18 -51.92 -17.80
C ARG B 621 30.22 -52.99 -17.30
N VAL B 622 28.94 -52.83 -17.62
CA VAL B 622 27.89 -53.72 -17.15
C VAL B 622 27.93 -55.07 -17.89
N LYS B 623 27.67 -55.01 -19.19
CA LYS B 623 27.81 -56.18 -20.08
C LYS B 623 26.94 -57.40 -19.73
N ASP B 624 25.64 -57.29 -19.99
CA ASP B 624 24.78 -58.47 -20.08
C ASP B 624 24.77 -59.36 -18.83
N ILE B 625 25.39 -60.53 -18.95
CA ILE B 625 25.24 -61.66 -18.03
C ILE B 625 25.44 -61.30 -16.55
N HIS B 626 26.01 -60.14 -16.28
CA HIS B 626 26.21 -59.68 -14.92
C HIS B 626 24.87 -59.33 -14.29
N LEU B 627 24.16 -58.36 -14.86
CA LEU B 627 22.84 -57.96 -14.37
C LEU B 627 21.82 -59.10 -14.38
N ARG B 628 22.06 -60.13 -15.18
CA ARG B 628 21.17 -61.30 -15.18
C ARG B 628 21.43 -62.13 -13.93
N LYS B 629 22.70 -62.18 -13.51
CA LYS B 629 23.09 -62.85 -12.27
C LYS B 629 22.46 -62.12 -11.07
N LEU B 630 22.13 -60.85 -11.28
CA LEU B 630 21.51 -60.04 -10.24
C LEU B 630 20.04 -60.39 -10.05
N LEU B 631 19.24 -60.17 -11.08
CA LEU B 631 17.79 -60.27 -10.95
C LEU B 631 17.32 -61.65 -10.50
N ASP B 632 17.91 -62.72 -11.03
CA ASP B 632 17.47 -64.07 -10.70
C ASP B 632 17.55 -64.43 -9.22
N GLY B 633 18.74 -64.77 -8.75
CA GLY B 633 18.90 -65.18 -7.36
C GLY B 633 19.69 -64.37 -6.35
N GLU B 634 20.48 -63.41 -6.78
CA GLU B 634 21.52 -62.88 -5.90
C GLU B 634 22.17 -61.56 -6.32
N LEU B 635 23.26 -61.24 -5.62
CA LEU B 635 24.20 -60.15 -5.94
C LEU B 635 23.70 -58.76 -5.55
N ASP B 636 22.40 -58.64 -5.32
CA ASP B 636 21.77 -57.44 -4.71
C ASP B 636 22.32 -56.12 -5.23
N PHE B 637 22.65 -55.21 -4.31
CA PHE B 637 23.19 -53.90 -4.67
C PHE B 637 24.40 -53.58 -3.81
N ASP B 638 25.11 -52.51 -4.20
CA ASP B 638 26.35 -52.06 -3.53
C ASP B 638 27.52 -52.98 -3.84
N ASP B 639 27.26 -54.08 -4.52
CA ASP B 639 28.30 -54.99 -4.96
C ASP B 639 28.96 -54.45 -6.23
N PHE B 640 28.20 -53.70 -7.00
CA PHE B 640 28.70 -53.11 -8.25
C PHE B 640 29.73 -52.03 -7.95
N LEU B 641 29.63 -51.42 -6.77
CA LEU B 641 30.61 -50.44 -6.33
C LEU B 641 31.93 -51.13 -6.02
N LYS B 642 31.85 -52.36 -5.52
CA LYS B 642 33.03 -53.15 -5.22
C LYS B 642 33.70 -53.63 -6.50
N LEU B 643 32.89 -53.86 -7.54
CA LEU B 643 33.41 -54.29 -8.83
C LEU B 643 33.71 -53.11 -9.73
N GLY B 644 33.39 -51.91 -9.25
CA GLY B 644 33.65 -50.69 -10.00
C GLY B 644 32.77 -50.53 -11.23
N LEU B 645 31.47 -50.74 -11.05
CA LEU B 645 30.52 -50.58 -12.14
C LEU B 645 29.77 -49.26 -12.02
N VAL B 646 28.95 -49.13 -10.98
CA VAL B 646 28.22 -47.90 -10.73
C VAL B 646 28.81 -47.13 -9.57
N GLU B 647 28.73 -45.81 -9.64
CA GLU B 647 29.29 -44.94 -8.61
C GLU B 647 28.57 -43.60 -8.59
N TYR B 648 29.07 -42.68 -7.77
CA TYR B 648 28.42 -41.37 -7.62
C TYR B 648 29.32 -40.23 -8.07
N LEU B 649 28.81 -39.41 -8.98
CA LEU B 649 29.46 -38.14 -9.28
C LEU B 649 28.99 -37.13 -8.25
N ASP B 650 29.53 -35.92 -8.28
CA ASP B 650 29.25 -34.94 -7.23
C ASP B 650 29.93 -33.60 -7.49
N VAL B 651 29.64 -32.64 -6.60
CA VAL B 651 30.26 -31.30 -6.54
C VAL B 651 30.43 -30.65 -7.91
N ASN B 652 31.61 -30.08 -8.15
CA ASN B 652 31.91 -29.47 -9.43
C ASN B 652 32.54 -30.49 -10.38
N GLU B 653 32.64 -31.72 -9.92
CA GLU B 653 33.21 -32.81 -10.71
C GLU B 653 32.22 -33.26 -11.78
N GLU B 654 30.93 -33.05 -11.52
CA GLU B 654 29.90 -33.38 -12.49
C GLU B 654 30.01 -32.50 -13.73
N ASN B 655 30.68 -31.37 -13.59
CA ASN B 655 30.94 -30.47 -14.70
C ASN B 655 32.05 -30.99 -15.61
N ASP B 656 33.06 -31.60 -15.00
CA ASP B 656 34.23 -32.08 -15.74
C ASP B 656 33.92 -33.34 -16.54
N SER B 657 33.05 -34.18 -16.01
CA SER B 657 32.75 -35.46 -16.64
C SER B 657 31.86 -35.30 -17.88
N TYR B 658 31.57 -36.41 -18.53
CA TYR B 658 30.72 -36.41 -19.72
C TYR B 658 29.68 -37.53 -19.61
N ILE B 659 28.41 -37.16 -19.62
CA ILE B 659 27.34 -38.13 -19.41
C ILE B 659 26.53 -38.36 -20.69
N ALA B 660 26.25 -39.62 -20.97
CA ALA B 660 25.47 -39.99 -22.15
C ALA B 660 23.97 -40.00 -21.86
N LEU B 661 23.19 -40.40 -22.85
CA LEU B 661 21.74 -40.53 -22.70
C LEU B 661 21.31 -41.98 -22.75
N TYR B 662 21.50 -42.60 -23.91
CA TYR B 662 21.14 -43.99 -24.12
C TYR B 662 22.35 -44.82 -24.52
N GLU B 663 22.24 -46.14 -24.38
CA GLU B 663 23.33 -47.05 -24.75
C GLU B 663 23.58 -47.01 -26.26
N LYS B 664 22.55 -46.65 -27.01
CA LYS B 664 22.64 -46.54 -28.46
C LYS B 664 23.46 -45.32 -28.87
N ASP B 665 23.40 -44.28 -28.05
CA ASP B 665 23.96 -42.97 -28.39
C ASP B 665 25.47 -42.90 -28.21
N ILE B 666 26.06 -43.94 -27.63
CA ILE B 666 27.46 -43.86 -27.21
C ILE B 666 28.47 -43.60 -28.35
N VAL B 667 29.23 -42.52 -28.17
CA VAL B 667 30.42 -42.24 -28.96
C VAL B 667 31.60 -42.33 -28.01
N PRO B 668 32.58 -43.21 -28.30
CA PRO B 668 33.53 -43.53 -27.23
C PRO B 668 34.52 -42.40 -26.89
N SER B 669 34.00 -41.20 -26.73
CA SER B 669 34.70 -40.13 -26.03
C SER B 669 34.14 -39.99 -24.62
N MET B 670 33.13 -40.80 -24.32
CA MET B 670 32.30 -40.62 -23.14
C MET B 670 32.88 -41.28 -21.87
N THR B 671 32.82 -40.54 -20.77
CA THR B 671 33.25 -41.04 -19.47
C THR B 671 32.18 -41.89 -18.79
N HIS B 672 30.92 -41.44 -18.86
CA HIS B 672 29.82 -42.13 -18.19
C HIS B 672 28.52 -42.09 -18.99
N LEU B 673 27.67 -43.09 -18.80
CA LEU B 673 26.30 -43.04 -19.30
C LEU B 673 25.33 -42.82 -18.13
N GLU B 674 24.04 -42.77 -18.43
CA GLU B 674 23.02 -42.65 -17.38
C GLU B 674 22.07 -43.85 -17.41
N ILE B 675 21.56 -44.22 -16.24
CA ILE B 675 20.73 -45.41 -16.12
C ILE B 675 19.28 -45.19 -16.56
N GLU B 676 18.53 -44.40 -15.79
CA GLU B 676 17.11 -44.20 -16.04
C GLU B 676 16.78 -42.71 -16.11
N PRO B 677 16.78 -42.14 -17.32
CA PRO B 677 16.62 -40.70 -17.57
C PRO B 677 15.30 -40.12 -17.08
N PHE B 678 14.32 -40.96 -16.78
CA PHE B 678 13.01 -40.48 -16.35
C PHE B 678 12.97 -40.20 -14.85
N THR B 679 14.11 -40.37 -14.19
CA THR B 679 14.20 -40.12 -12.75
C THR B 679 14.38 -38.63 -12.46
N ILE B 680 14.45 -37.83 -13.52
CA ILE B 680 14.62 -36.39 -13.40
C ILE B 680 13.48 -35.75 -12.60
N LEU B 681 12.26 -36.21 -12.82
CA LEU B 681 11.11 -35.73 -12.09
C LEU B 681 11.09 -36.30 -10.66
N GLY B 682 10.41 -35.59 -9.77
CA GLY B 682 10.31 -36.01 -8.38
C GLY B 682 9.36 -37.17 -8.18
N ALA B 683 9.15 -37.55 -6.93
CA ALA B 683 8.26 -38.67 -6.59
C ALA B 683 6.79 -38.25 -6.71
N VAL B 684 6.50 -37.01 -6.33
CA VAL B 684 5.14 -36.49 -6.37
C VAL B 684 4.70 -36.24 -7.81
N ALA B 685 5.66 -35.89 -8.67
CA ALA B 685 5.36 -35.54 -10.05
C ALA B 685 5.32 -36.77 -10.95
N GLY B 686 5.51 -37.95 -10.36
CA GLY B 686 5.50 -39.19 -11.11
C GLY B 686 4.10 -39.75 -11.32
N LEU B 687 3.10 -39.01 -10.85
CA LEU B 687 1.71 -39.44 -10.98
C LEU B 687 1.15 -39.17 -12.37
N ILE B 688 1.56 -38.05 -12.96
CA ILE B 688 1.03 -37.61 -14.25
C ILE B 688 1.42 -38.55 -15.39
N PRO B 689 0.43 -39.10 -16.09
CA PRO B 689 0.70 -39.91 -17.28
C PRO B 689 1.14 -39.04 -18.45
N TYR B 690 2.14 -39.53 -19.20
CA TYR B 690 2.73 -38.78 -20.33
C TYR B 690 3.03 -37.32 -19.99
N PRO B 691 3.98 -37.10 -19.06
CA PRO B 691 4.31 -35.73 -18.63
C PRO B 691 4.97 -34.89 -19.72
N HIS B 692 5.79 -35.53 -20.55
CA HIS B 692 6.57 -34.82 -21.56
C HIS B 692 5.70 -34.25 -22.67
N HIS B 693 4.53 -34.83 -22.87
CA HIS B 693 3.60 -34.34 -23.89
C HIS B 693 3.05 -32.97 -23.54
N ASN B 694 3.02 -32.66 -22.25
CA ASN B 694 2.47 -31.40 -21.77
C ASN B 694 3.51 -30.30 -21.64
N GLN B 695 3.10 -29.18 -21.04
CA GLN B 695 4.01 -28.07 -20.77
C GLN B 695 4.23 -27.91 -19.27
N SER B 696 5.38 -27.36 -18.91
CA SER B 696 5.79 -27.21 -17.50
C SER B 696 4.76 -26.52 -16.57
N PRO B 697 4.06 -25.47 -17.04
CA PRO B 697 3.08 -24.88 -16.12
C PRO B 697 1.94 -25.81 -15.74
N ARG B 698 1.60 -26.74 -16.61
CA ARG B 698 0.51 -27.69 -16.35
C ARG B 698 0.92 -28.75 -15.33
N ASN B 699 2.17 -29.21 -15.43
CA ASN B 699 2.68 -30.22 -14.50
C ASN B 699 2.92 -29.64 -13.11
N THR B 700 3.18 -28.34 -13.05
CA THR B 700 3.42 -27.68 -11.78
C THR B 700 2.14 -27.58 -10.94
N TYR B 701 1.04 -27.26 -11.60
CA TYR B 701 -0.26 -27.13 -10.93
C TYR B 701 -0.73 -28.45 -10.35
N GLN B 702 -0.44 -29.55 -11.05
CA GLN B 702 -0.87 -30.86 -10.61
C GLN B 702 -0.14 -31.31 -9.34
N CYS B 703 1.13 -30.92 -9.23
CA CYS B 703 1.94 -31.25 -8.05
C CYS B 703 1.34 -30.63 -6.79
N ALA B 704 0.75 -29.44 -6.94
CA ALA B 704 0.12 -28.75 -5.82
C ALA B 704 -1.26 -29.32 -5.53
N MET B 705 -2.02 -29.59 -6.58
CA MET B 705 -3.38 -30.11 -6.43
C MET B 705 -3.41 -31.61 -6.13
N GLY B 706 -2.39 -32.32 -6.59
CA GLY B 706 -2.32 -33.77 -6.43
C GLY B 706 -2.23 -34.22 -4.98
N LYS B 707 -1.66 -33.37 -4.14
CA LYS B 707 -1.53 -33.69 -2.72
C LYS B 707 -2.76 -33.25 -1.94
N GLN B 708 -3.66 -32.53 -2.60
CA GLN B 708 -4.90 -32.09 -1.98
C GLN B 708 -6.04 -33.06 -2.26
N ALA B 709 -5.74 -34.13 -3.00
CA ALA B 709 -6.71 -35.16 -3.29
C ALA B 709 -7.06 -35.94 -2.02
N ILE B 710 -8.21 -36.60 -2.02
CA ILE B 710 -8.65 -37.33 -0.84
C ILE B 710 -8.53 -38.84 -1.03
N GLY B 711 -7.65 -39.46 -0.24
CA GLY B 711 -7.43 -40.89 -0.33
C GLY B 711 -7.98 -41.67 0.85
N ALA B 712 -7.59 -42.94 0.93
CA ALA B 712 -7.97 -43.80 2.05
C ALA B 712 -6.88 -43.80 3.11
N ILE B 713 -5.81 -43.07 2.83
CA ILE B 713 -4.64 -42.96 3.70
C ILE B 713 -4.11 -44.36 4.08
N ALA B 714 -4.13 -44.69 5.36
CA ALA B 714 -3.53 -45.93 5.84
C ALA B 714 -4.56 -47.00 6.19
N TYR B 715 -4.07 -48.15 6.65
CA TYR B 715 -4.92 -49.27 7.04
C TYR B 715 -5.51 -49.08 8.44
N ASN B 716 -4.71 -48.53 9.35
CA ASN B 716 -5.13 -48.28 10.73
C ASN B 716 -6.11 -47.12 10.83
N GLN B 717 -6.40 -46.51 9.70
CA GLN B 717 -7.23 -45.31 9.58
C GLN B 717 -8.52 -45.33 10.40
N PHE B 718 -9.23 -46.46 10.38
CA PHE B 718 -10.48 -46.56 11.11
C PHE B 718 -10.27 -46.61 12.63
N LYS B 719 -9.10 -47.10 13.04
CA LYS B 719 -8.77 -47.17 14.46
C LYS B 719 -8.05 -45.90 14.91
N ARG B 720 -7.91 -44.95 14.00
CA ARG B 720 -7.18 -43.71 14.27
C ARG B 720 -8.13 -42.51 14.40
N ILE B 721 -7.91 -41.70 15.43
CA ILE B 721 -8.69 -40.48 15.63
C ILE B 721 -7.86 -39.24 15.27
N ASP B 722 -8.24 -38.57 14.19
CA ASP B 722 -7.51 -37.38 13.77
C ASP B 722 -8.29 -36.10 14.12
N THR B 723 -7.68 -34.94 13.88
CA THR B 723 -8.35 -33.67 14.09
C THR B 723 -9.28 -33.32 12.93
N LEU B 724 -8.78 -33.45 11.70
CA LEU B 724 -9.56 -33.24 10.50
C LEU B 724 -9.17 -34.24 9.43
N LEU B 725 -10.14 -34.96 8.88
CA LEU B 725 -9.85 -35.96 7.87
C LEU B 725 -11.00 -36.13 6.87
N TYR B 726 -10.64 -36.37 5.61
CA TYR B 726 -11.62 -36.67 4.57
C TYR B 726 -11.42 -38.08 4.04
N LEU B 727 -12.52 -38.79 3.83
CA LEU B 727 -12.45 -40.20 3.44
C LEU B 727 -13.10 -40.43 2.08
N MET B 728 -12.74 -41.55 1.44
CA MET B 728 -13.36 -41.95 0.19
C MET B 728 -14.00 -43.33 0.32
N THR B 729 -15.14 -43.52 -0.32
CA THR B 729 -15.91 -44.76 -0.17
C THR B 729 -15.37 -45.90 -1.04
N TYR B 730 -15.43 -45.74 -2.35
CA TYR B 730 -15.01 -46.78 -3.28
C TYR B 730 -13.85 -46.34 -4.17
N PRO B 731 -12.62 -46.39 -3.63
CA PRO B 731 -11.43 -45.96 -4.38
C PRO B 731 -11.03 -46.94 -5.48
N GLN B 732 -10.43 -46.42 -6.56
CA GLN B 732 -9.97 -47.25 -7.66
C GLN B 732 -8.64 -46.74 -8.22
N GLN B 733 -7.82 -47.67 -8.72
CA GLN B 733 -6.54 -47.30 -9.33
C GLN B 733 -6.77 -46.57 -10.65
N PRO B 734 -5.77 -45.78 -11.09
CA PRO B 734 -5.84 -45.18 -12.43
C PRO B 734 -5.74 -46.26 -13.52
N MET B 735 -6.49 -46.09 -14.59
CA MET B 735 -6.47 -47.05 -15.69
C MET B 735 -5.10 -47.09 -16.34
N VAL B 736 -4.44 -45.94 -16.39
CA VAL B 736 -3.06 -45.86 -16.87
C VAL B 736 -2.11 -45.59 -15.71
N LYS B 737 -1.17 -46.50 -15.51
CA LYS B 737 -0.24 -46.39 -14.39
C LYS B 737 1.11 -45.83 -14.82
N THR B 738 2.03 -45.72 -13.87
CA THR B 738 3.36 -45.22 -14.13
C THR B 738 4.38 -46.13 -13.45
N LYS B 739 5.61 -46.16 -13.95
CA LYS B 739 6.66 -46.97 -13.36
C LYS B 739 7.03 -46.48 -11.96
N THR B 740 6.76 -45.21 -11.70
CA THR B 740 7.09 -44.61 -10.41
C THR B 740 6.08 -44.94 -9.31
N ILE B 741 4.80 -45.03 -9.68
CA ILE B 741 3.73 -45.21 -8.70
C ILE B 741 3.74 -46.60 -8.08
N GLU B 742 4.36 -47.56 -8.76
CA GLU B 742 4.45 -48.92 -8.24
C GLU B 742 5.56 -49.03 -7.19
N LEU B 743 6.66 -48.33 -7.44
CA LEU B 743 7.81 -48.37 -6.54
C LEU B 743 7.52 -47.63 -5.23
N ILE B 744 6.67 -46.60 -5.31
CA ILE B 744 6.33 -45.81 -4.14
C ILE B 744 5.07 -46.33 -3.46
N ASP B 745 4.54 -47.43 -3.98
CA ASP B 745 3.32 -48.05 -3.47
C ASP B 745 2.16 -47.06 -3.46
N TYR B 746 1.72 -46.65 -4.66
CA TYR B 746 0.62 -45.72 -4.81
C TYR B 746 -0.70 -46.45 -5.02
N ASP B 747 -0.76 -47.23 -6.10
CA ASP B 747 -1.99 -47.90 -6.52
C ASP B 747 -2.56 -48.84 -5.45
N LYS B 748 -1.75 -49.19 -4.46
CA LYS B 748 -2.23 -49.97 -3.33
C LYS B 748 -3.16 -49.12 -2.47
N LEU B 749 -2.95 -47.81 -2.50
CA LEU B 749 -3.78 -46.86 -1.78
C LEU B 749 -4.10 -45.64 -2.64
N PRO B 750 -4.89 -45.84 -3.71
CA PRO B 750 -5.15 -44.78 -4.68
C PRO B 750 -6.16 -43.74 -4.17
N ALA B 751 -6.13 -42.55 -4.75
CA ALA B 751 -7.09 -41.51 -4.42
C ALA B 751 -7.76 -40.99 -5.68
N GLY B 752 -9.05 -41.28 -5.82
CA GLY B 752 -9.81 -40.84 -6.97
C GLY B 752 -10.93 -41.79 -7.34
N GLN B 753 -11.69 -41.43 -8.36
CA GLN B 753 -12.72 -42.30 -8.90
C GLN B 753 -12.57 -42.46 -10.41
N ASN B 754 -12.26 -43.67 -10.86
CA ASN B 754 -12.16 -43.94 -12.28
C ASN B 754 -13.53 -43.89 -12.91
N ALA B 755 -13.70 -43.06 -13.93
CA ALA B 755 -15.01 -42.86 -14.54
C ALA B 755 -14.91 -42.58 -16.02
N THR B 756 -15.99 -42.85 -16.74
CA THR B 756 -16.08 -42.51 -18.16
C THR B 756 -16.28 -41.02 -18.31
N VAL B 757 -16.41 -40.57 -19.55
CA VAL B 757 -16.50 -39.15 -19.86
C VAL B 757 -16.73 -38.97 -21.35
N ALA B 758 -17.14 -37.76 -21.74
CA ALA B 758 -17.32 -37.45 -23.16
C ALA B 758 -16.90 -36.01 -23.42
N VAL B 759 -16.25 -35.78 -24.55
CA VAL B 759 -15.85 -34.43 -24.92
C VAL B 759 -16.84 -33.90 -25.95
N MET B 760 -17.67 -32.96 -25.52
CA MET B 760 -18.71 -32.39 -26.36
C MET B 760 -19.13 -31.04 -25.80
N SER B 761 -19.72 -30.20 -26.64
CA SER B 761 -20.38 -29.01 -26.15
C SER B 761 -21.84 -29.35 -25.90
N TYR B 762 -22.21 -29.37 -24.62
CA TYR B 762 -23.56 -29.70 -24.18
C TYR B 762 -23.92 -28.68 -23.13
N SER B 763 -25.05 -28.86 -22.45
CA SER B 763 -25.40 -27.98 -21.35
C SER B 763 -25.46 -26.52 -21.82
N GLY B 764 -24.46 -25.75 -21.44
CA GLY B 764 -24.50 -24.31 -21.53
C GLY B 764 -24.46 -23.76 -20.12
N TYR B 765 -24.58 -24.68 -19.15
CA TYR B 765 -24.19 -24.40 -17.79
C TYR B 765 -22.72 -24.78 -17.65
N ASP B 766 -22.14 -25.24 -18.75
CA ASP B 766 -20.74 -25.68 -18.80
C ASP B 766 -19.82 -24.51 -19.10
N ILE B 767 -19.81 -24.09 -20.36
CA ILE B 767 -19.05 -22.91 -20.81
C ILE B 767 -17.59 -22.93 -20.35
N GLU B 768 -17.22 -21.96 -19.52
CA GLU B 768 -15.82 -21.75 -19.13
C GLU B 768 -15.48 -22.41 -17.80
N ASP B 769 -14.60 -23.41 -17.86
CA ASP B 769 -14.05 -24.06 -16.66
C ASP B 769 -15.11 -24.57 -15.69
N ALA B 770 -16.18 -25.14 -16.22
CA ALA B 770 -17.22 -25.73 -15.38
C ALA B 770 -17.71 -27.04 -15.99
N LEU B 771 -17.80 -28.08 -15.16
CA LEU B 771 -18.19 -29.40 -15.64
C LEU B 771 -19.68 -29.65 -15.50
N VAL B 772 -20.12 -30.81 -15.95
CA VAL B 772 -21.51 -31.24 -15.80
C VAL B 772 -21.57 -32.71 -15.40
N LEU B 773 -22.24 -33.00 -14.29
CA LEU B 773 -22.36 -34.36 -13.80
C LEU B 773 -23.65 -35.02 -14.28
N ASN B 774 -23.84 -36.28 -13.88
CA ASN B 774 -25.01 -37.04 -14.28
C ASN B 774 -25.65 -37.76 -13.10
N LYS B 775 -26.94 -37.51 -12.90
CA LYS B 775 -27.68 -38.15 -11.82
C LYS B 775 -27.90 -39.63 -12.14
N SER B 776 -28.21 -40.41 -11.11
CA SER B 776 -28.43 -41.85 -11.18
C SER B 776 -27.13 -42.61 -11.47
N SER B 777 -26.11 -41.90 -11.92
CA SER B 777 -24.74 -42.36 -11.83
C SER B 777 -24.24 -41.96 -10.44
N ILE B 778 -24.66 -40.77 -10.03
CA ILE B 778 -24.30 -40.22 -8.73
C ILE B 778 -25.23 -40.74 -7.64
N ASP B 779 -26.36 -41.30 -8.04
CA ASP B 779 -27.34 -41.84 -7.09
C ASP B 779 -27.03 -43.29 -6.75
N ARG B 780 -26.18 -43.92 -7.55
CA ARG B 780 -25.57 -45.20 -7.20
C ARG B 780 -24.29 -44.86 -6.46
N GLY B 781 -24.06 -43.55 -6.38
CA GLY B 781 -22.93 -42.96 -5.71
C GLY B 781 -21.78 -42.69 -6.65
N PHE B 782 -21.12 -41.55 -6.45
CA PHE B 782 -19.87 -41.24 -7.12
C PHE B 782 -19.03 -40.39 -6.19
N GLY B 783 -17.76 -40.75 -6.03
CA GLY B 783 -16.87 -40.01 -5.15
C GLY B 783 -17.45 -39.71 -3.79
N ARG B 784 -18.13 -40.70 -3.21
CA ARG B 784 -18.82 -40.50 -1.93
C ARG B 784 -17.79 -40.32 -0.81
N CYS B 785 -17.90 -39.21 -0.09
CA CYS B 785 -16.92 -38.86 0.92
C CYS B 785 -17.42 -39.07 2.34
N GLU B 786 -16.52 -38.83 3.29
CA GLU B 786 -16.85 -38.82 4.72
C GLU B 786 -15.95 -37.80 5.42
N THR B 787 -16.50 -37.09 6.39
CA THR B 787 -15.74 -36.07 7.09
C THR B 787 -15.63 -36.38 8.59
N ARG B 788 -14.40 -36.59 9.05
CA ARG B 788 -14.16 -36.90 10.45
C ARG B 788 -13.40 -35.80 11.17
N ARG B 789 -14.02 -35.24 12.21
CA ARG B 789 -13.38 -34.26 13.08
C ARG B 789 -13.34 -34.80 14.50
N LYS B 790 -12.83 -34.01 15.44
CA LYS B 790 -12.80 -34.44 16.83
C LYS B 790 -13.00 -33.29 17.81
N THR B 791 -13.05 -33.62 19.08
CA THR B 791 -13.17 -32.64 20.16
C THR B 791 -12.47 -33.15 21.41
N THR B 792 -11.78 -32.27 22.12
CA THR B 792 -11.06 -32.69 23.31
C THR B 792 -11.40 -31.81 24.51
N THR B 793 -11.66 -32.45 25.65
CA THR B 793 -11.94 -31.75 26.89
C THR B 793 -11.12 -32.34 28.03
N VAL B 794 -10.83 -31.52 29.04
CA VAL B 794 -10.02 -31.96 30.17
C VAL B 794 -10.65 -31.56 31.50
N LEU B 795 -10.69 -32.51 32.44
CA LEU B 795 -11.20 -32.23 33.77
C LEU B 795 -10.02 -32.03 34.73
N LYS B 796 -9.82 -30.80 35.16
CA LYS B 796 -8.64 -30.44 35.95
C LYS B 796 -8.92 -30.36 37.44
N ARG B 797 -7.88 -30.08 38.21
CA ARG B 797 -8.00 -29.93 39.66
C ARG B 797 -7.18 -28.74 40.14
N TYR B 798 -7.84 -27.82 40.84
CA TYR B 798 -7.19 -26.59 41.27
C TYR B 798 -6.38 -26.79 42.55
N ALA B 799 -5.85 -25.69 43.08
CA ALA B 799 -5.11 -25.72 44.34
C ALA B 799 -6.07 -25.90 45.52
N ASN B 800 -7.34 -25.62 45.27
CA ASN B 800 -8.38 -25.81 46.27
C ASN B 800 -8.75 -27.29 46.42
N HIS B 801 -8.15 -28.11 45.57
CA HIS B 801 -8.40 -29.55 45.55
C HIS B 801 -9.86 -29.86 45.26
N THR B 802 -10.46 -29.06 44.39
CA THR B 802 -11.84 -29.27 43.96
C THR B 802 -11.88 -29.61 42.47
N GLN B 803 -12.44 -30.76 42.14
CA GLN B 803 -12.47 -31.23 40.76
C GLN B 803 -13.71 -30.74 40.02
N ASP B 804 -13.82 -31.08 38.74
CA ASP B 804 -14.99 -30.74 37.94
C ASP B 804 -15.66 -32.00 37.43
N ILE B 805 -16.97 -32.09 37.61
CA ILE B 805 -17.71 -33.31 37.29
C ILE B 805 -18.54 -33.13 36.02
N ILE B 806 -18.69 -34.21 35.26
CA ILE B 806 -19.39 -34.20 33.98
C ILE B 806 -20.89 -34.47 34.13
N GLY B 807 -21.36 -34.55 35.37
CA GLY B 807 -22.76 -34.84 35.66
C GLY B 807 -23.76 -33.96 34.93
N GLY B 808 -24.92 -34.52 34.63
CA GLY B 808 -25.90 -33.87 33.77
C GLY B 808 -27.18 -34.66 33.64
N MET B 809 -27.91 -34.41 32.55
CA MET B 809 -29.17 -35.10 32.26
C MET B 809 -30.23 -34.86 33.33
N ARG B 810 -30.79 -33.65 33.32
CA ARG B 810 -31.77 -33.20 34.31
C ARG B 810 -33.14 -33.87 34.22
N VAL B 811 -33.31 -34.79 33.27
CA VAL B 811 -34.59 -35.50 33.07
C VAL B 811 -35.71 -34.51 32.73
N ASP B 812 -36.64 -34.32 33.68
CA ASP B 812 -37.91 -33.57 33.55
C ASP B 812 -39.10 -34.46 33.14
N GLU B 813 -38.88 -35.75 32.92
CA GLU B 813 -39.98 -36.72 33.04
C GLU B 813 -41.18 -36.53 32.10
N ASN B 814 -41.07 -37.08 30.89
CA ASN B 814 -42.02 -36.98 29.76
C ASN B 814 -41.69 -35.87 28.78
N GLY B 815 -40.65 -35.09 29.08
CA GLY B 815 -39.96 -34.37 28.02
C GLY B 815 -39.15 -35.43 27.30
N ASP B 816 -38.84 -36.49 28.04
CA ASP B 816 -38.19 -37.71 27.54
C ASP B 816 -36.82 -37.56 26.87
N PRO B 817 -35.78 -37.18 27.64
CA PRO B 817 -35.84 -36.48 28.93
C PRO B 817 -36.31 -35.04 28.70
N ILE B 818 -35.74 -34.43 27.68
CA ILE B 818 -36.18 -33.16 27.11
C ILE B 818 -35.62 -33.07 25.70
N TRP B 819 -36.18 -32.20 24.87
CA TRP B 819 -35.76 -32.10 23.48
C TRP B 819 -34.38 -31.47 23.32
N GLN B 820 -34.14 -30.37 24.03
CA GLN B 820 -32.90 -29.62 23.90
C GLN B 820 -31.69 -30.40 24.43
N HIS B 821 -31.85 -31.02 25.59
CA HIS B 821 -30.75 -31.75 26.22
C HIS B 821 -30.43 -33.04 25.45
N GLN B 822 -31.39 -33.50 24.66
CA GLN B 822 -31.28 -34.73 23.88
C GLN B 822 -30.98 -35.93 24.80
N SER B 823 -30.15 -36.86 24.35
CA SER B 823 -29.75 -37.99 25.16
C SER B 823 -28.25 -37.95 25.40
N LEU B 824 -27.87 -37.61 26.61
CA LEU B 824 -26.47 -37.77 27.02
C LEU B 824 -26.28 -39.20 27.42
N GLY B 825 -27.27 -39.72 28.14
CA GLY B 825 -27.18 -41.02 28.76
C GLY B 825 -26.98 -40.84 30.26
N PRO B 826 -27.27 -41.88 31.05
CA PRO B 826 -27.16 -41.83 32.50
C PRO B 826 -25.73 -41.52 32.98
N ASP B 827 -24.75 -41.83 32.13
CA ASP B 827 -23.35 -41.60 32.48
C ASP B 827 -22.98 -40.12 32.39
N GLY B 828 -23.73 -39.36 31.60
CA GLY B 828 -23.46 -37.96 31.42
C GLY B 828 -22.65 -37.68 30.17
N LEU B 829 -21.99 -38.72 29.66
CA LEU B 829 -21.22 -38.62 28.43
C LEU B 829 -22.03 -39.22 27.28
N GLY B 830 -21.99 -38.57 26.12
CA GLY B 830 -22.82 -38.93 24.99
C GLY B 830 -22.69 -40.37 24.53
N GLU B 831 -23.76 -40.88 23.93
CA GLU B 831 -23.82 -42.27 23.49
C GLU B 831 -23.07 -42.47 22.17
N VAL B 832 -23.18 -43.68 21.63
CA VAL B 832 -22.50 -44.03 20.39
C VAL B 832 -23.47 -44.42 19.28
N GLY B 833 -23.36 -43.77 18.13
CA GLY B 833 -24.15 -44.13 16.97
C GLY B 833 -25.51 -43.45 16.87
N MET B 834 -25.65 -42.26 17.44
CA MET B 834 -26.93 -41.55 17.38
C MET B 834 -26.78 -40.17 16.73
N LYS B 835 -27.87 -39.69 16.15
CA LYS B 835 -27.90 -38.44 15.39
C LYS B 835 -28.04 -37.21 16.29
N VAL B 836 -27.41 -36.11 15.90
CA VAL B 836 -27.52 -34.85 16.63
C VAL B 836 -27.70 -33.66 15.68
N GLN B 837 -28.79 -32.91 15.86
CA GLN B 837 -29.05 -31.74 15.02
C GLN B 837 -28.89 -30.44 15.81
N SER B 838 -27.80 -29.74 15.53
CA SER B 838 -27.41 -28.54 16.28
C SER B 838 -27.47 -28.84 17.78
N GLY B 839 -27.88 -27.84 18.56
CA GLY B 839 -28.43 -28.06 19.90
C GLY B 839 -27.67 -29.05 20.74
N GLN B 840 -28.44 -29.83 21.51
CA GLN B 840 -28.09 -31.19 21.91
C GLN B 840 -26.63 -31.40 22.31
N ILE B 841 -26.25 -30.87 23.48
CA ILE B 841 -24.89 -31.03 23.98
C ILE B 841 -24.53 -32.51 24.08
N TYR B 842 -23.43 -32.89 23.44
CA TYR B 842 -23.02 -34.29 23.43
C TYR B 842 -22.23 -34.66 24.68
N ILE B 843 -21.66 -33.66 25.35
CA ILE B 843 -21.00 -33.88 26.63
C ILE B 843 -21.27 -32.74 27.60
N ASN B 844 -21.77 -33.06 28.79
CA ASN B 844 -22.00 -32.05 29.81
C ASN B 844 -20.74 -31.81 30.63
N LYS B 845 -20.37 -30.55 30.78
CA LYS B 845 -19.21 -30.20 31.58
C LYS B 845 -19.56 -29.13 32.61
N SER B 846 -19.50 -29.52 33.89
CA SER B 846 -19.74 -28.58 34.98
C SER B 846 -18.41 -28.11 35.55
N VAL B 847 -18.29 -26.81 35.78
CA VAL B 847 -17.05 -26.24 36.27
C VAL B 847 -17.23 -25.57 37.62
N PRO B 848 -16.19 -25.65 38.47
CA PRO B 848 -16.21 -25.03 39.80
C PRO B 848 -16.41 -23.51 39.74
N THR B 849 -17.14 -22.97 40.70
CA THR B 849 -17.41 -21.54 40.76
C THR B 849 -16.94 -20.94 42.08
N ASN B 850 -17.51 -21.40 43.19
CA ASN B 850 -17.12 -20.94 44.51
C ASN B 850 -15.65 -21.22 44.82
N SER B 851 -15.15 -22.33 44.30
CA SER B 851 -13.77 -22.76 44.54
C SER B 851 -12.82 -22.31 43.44
N ALA B 852 -13.33 -21.56 42.47
CA ALA B 852 -12.53 -21.12 41.32
C ALA B 852 -11.30 -20.31 41.73
N ASP B 853 -11.46 -19.44 42.72
CA ASP B 853 -10.35 -18.64 43.23
C ASP B 853 -9.47 -19.50 44.12
N ALA B 854 -8.47 -18.90 44.76
CA ALA B 854 -7.64 -19.66 45.70
C ALA B 854 -7.52 -19.06 47.11
N PRO B 855 -8.64 -18.86 47.81
CA PRO B 855 -8.63 -18.73 49.27
C PRO B 855 -8.69 -20.12 49.89
N ASN B 856 -7.56 -20.78 50.11
CA ASN B 856 -7.50 -22.23 50.30
C ASN B 856 -8.60 -22.76 51.23
N PRO B 857 -9.27 -23.84 50.78
CA PRO B 857 -10.67 -24.19 51.11
C PRO B 857 -11.06 -24.15 52.57
N ASN B 858 -12.26 -23.63 52.80
CA ASN B 858 -12.90 -23.65 54.11
C ASN B 858 -13.65 -24.97 54.30
N ASN B 859 -13.67 -25.47 55.52
CA ASN B 859 -14.16 -26.81 55.78
C ASN B 859 -15.66 -26.92 56.04
N VAL B 860 -16.39 -25.81 55.90
CA VAL B 860 -17.82 -25.85 56.16
C VAL B 860 -18.58 -26.54 55.01
N ASN B 861 -18.66 -25.90 53.85
CA ASN B 861 -19.17 -26.57 52.66
C ASN B 861 -18.46 -26.08 51.40
N VAL B 862 -17.99 -27.01 50.59
CA VAL B 862 -17.32 -26.66 49.33
C VAL B 862 -17.86 -27.45 48.14
N GLN B 863 -17.69 -28.77 48.20
CA GLN B 863 -17.82 -29.65 47.04
C GLN B 863 -19.07 -29.43 46.19
N THR B 864 -20.23 -29.27 46.81
CA THR B 864 -21.41 -29.06 45.98
C THR B 864 -21.85 -27.59 45.93
N GLN B 865 -21.41 -26.94 44.87
CA GLN B 865 -22.03 -25.77 44.27
C GLN B 865 -21.48 -25.80 42.85
N TYR B 866 -22.23 -25.38 41.84
CA TYR B 866 -21.70 -25.50 40.50
C TYR B 866 -22.19 -24.46 39.49
N ARG B 867 -21.60 -24.54 38.30
CA ARG B 867 -21.98 -23.74 37.16
C ARG B 867 -21.80 -24.58 35.91
N GLU B 868 -22.77 -24.56 35.01
CA GLU B 868 -22.70 -25.38 33.81
C GLU B 868 -21.91 -24.69 32.71
N ALA B 869 -21.00 -25.43 32.09
CA ALA B 869 -20.24 -24.92 30.95
C ALA B 869 -20.22 -25.94 29.82
N PRO B 870 -21.39 -26.22 29.23
CA PRO B 870 -21.48 -27.22 28.17
C PRO B 870 -20.91 -26.73 26.84
N VAL B 871 -20.27 -27.61 26.09
CA VAL B 871 -19.77 -27.26 24.76
C VAL B 871 -20.84 -27.58 23.72
N ILE B 872 -21.35 -26.53 23.07
CA ILE B 872 -22.45 -26.68 22.14
C ILE B 872 -21.98 -26.92 20.71
N TYR B 873 -22.56 -27.91 20.05
CA TYR B 873 -22.26 -28.16 18.65
C TYR B 873 -23.28 -27.48 17.76
N ARG B 874 -22.85 -26.45 17.04
CA ARG B 874 -23.70 -25.80 16.05
C ARG B 874 -23.12 -25.98 14.65
N GLY B 875 -23.76 -26.83 13.87
CA GLY B 875 -23.36 -27.03 12.49
C GLY B 875 -24.36 -26.47 11.50
N PRO B 876 -24.00 -26.48 10.21
CA PRO B 876 -24.93 -26.19 9.11
C PRO B 876 -25.95 -27.31 8.96
N GLU B 877 -25.51 -28.54 9.24
CA GLU B 877 -26.34 -29.72 9.10
C GLU B 877 -26.03 -30.71 10.24
N PRO B 878 -26.74 -31.84 10.34
CA PRO B 878 -26.40 -32.70 11.48
C PRO B 878 -25.30 -33.72 11.19
N SER B 879 -24.94 -34.49 12.20
CA SER B 879 -23.89 -35.49 12.10
C SER B 879 -24.16 -36.67 13.03
N HIS B 880 -23.17 -37.55 13.18
CA HIS B 880 -23.33 -38.73 14.00
C HIS B 880 -22.11 -38.99 14.88
N ILE B 881 -22.35 -39.28 16.16
CA ILE B 881 -21.29 -39.64 17.09
C ILE B 881 -20.97 -41.12 16.95
N ASP B 882 -19.68 -41.46 16.92
CA ASP B 882 -19.27 -42.84 16.72
C ASP B 882 -18.29 -43.32 17.79
N GLN B 883 -17.09 -42.74 17.84
CA GLN B 883 -16.06 -43.20 18.75
C GLN B 883 -15.65 -42.14 19.76
N VAL B 884 -15.78 -42.47 21.04
CA VAL B 884 -15.36 -41.57 22.11
C VAL B 884 -14.32 -42.26 22.98
N MET B 885 -13.56 -41.48 23.74
CA MET B 885 -12.48 -42.04 24.55
C MET B 885 -12.30 -41.33 25.88
N MET B 886 -12.03 -42.11 26.93
CA MET B 886 -11.71 -41.59 28.24
C MET B 886 -10.34 -42.11 28.70
N SER B 887 -9.52 -41.23 29.24
CA SER B 887 -8.17 -41.60 29.62
C SER B 887 -7.69 -40.89 30.88
N VAL B 888 -6.41 -41.06 31.21
CA VAL B 888 -5.83 -40.48 32.41
C VAL B 888 -4.51 -39.77 32.08
N SER B 889 -4.03 -38.95 33.01
CA SER B 889 -2.81 -38.19 32.80
C SER B 889 -1.80 -38.40 33.93
N ASP B 890 -0.71 -37.64 33.89
CA ASP B 890 0.32 -37.70 34.93
C ASP B 890 -0.22 -37.27 36.28
N ASN B 891 -1.00 -36.18 36.28
CA ASN B 891 -1.64 -35.69 37.49
C ASN B 891 -3.04 -36.29 37.65
N ASP B 892 -3.36 -37.22 36.75
CA ASP B 892 -4.64 -37.93 36.73
C ASP B 892 -5.82 -36.98 36.50
N GLN B 893 -5.65 -36.07 35.55
CA GLN B 893 -6.78 -35.24 35.11
C GLN B 893 -7.50 -35.95 33.97
N ALA B 894 -8.82 -36.00 34.05
CA ALA B 894 -9.62 -36.77 33.11
C ALA B 894 -9.57 -36.18 31.71
N LEU B 895 -9.29 -37.03 30.73
CA LEU B 895 -9.24 -36.61 29.33
C LEU B 895 -10.36 -37.28 28.53
N ILE B 896 -11.25 -36.45 27.96
CA ILE B 896 -12.36 -36.95 27.17
C ILE B 896 -12.23 -36.52 25.71
N LYS B 897 -12.06 -37.49 24.83
CA LYS B 897 -11.91 -37.21 23.40
C LYS B 897 -13.01 -37.88 22.58
N VAL B 898 -13.80 -37.07 21.89
CA VAL B 898 -14.88 -37.57 21.04
C VAL B 898 -14.63 -37.16 19.58
N LEU B 899 -15.24 -37.89 18.66
CA LEU B 899 -15.12 -37.57 17.25
C LEU B 899 -16.46 -37.71 16.54
N LEU B 900 -16.66 -36.94 15.48
CA LEU B 900 -17.93 -36.95 14.77
C LEU B 900 -17.74 -37.19 13.27
N ARG B 901 -18.72 -37.84 12.65
CA ARG B 901 -18.68 -38.12 11.22
C ARG B 901 -19.98 -37.74 10.53
N GLN B 902 -19.89 -37.33 9.27
CA GLN B 902 -21.07 -37.00 8.48
C GLN B 902 -20.84 -37.30 7.01
N ASN B 903 -21.89 -37.73 6.33
CA ASN B 903 -21.81 -38.05 4.90
C ASN B 903 -22.03 -36.81 4.05
N ARG B 904 -21.14 -36.59 3.08
CA ARG B 904 -21.27 -35.45 2.18
C ARG B 904 -21.43 -35.89 0.74
N ARG B 905 -22.61 -35.63 0.18
CA ARG B 905 -22.88 -35.92 -1.22
C ARG B 905 -22.18 -34.91 -2.11
N PRO B 906 -21.65 -35.35 -3.25
CA PRO B 906 -21.02 -34.44 -4.21
C PRO B 906 -22.03 -33.43 -4.78
N GLU B 907 -22.45 -32.51 -3.92
CA GLU B 907 -23.46 -31.51 -4.24
C GLU B 907 -22.99 -30.54 -5.32
N LEU B 908 -23.96 -29.91 -5.99
CA LEU B 908 -23.69 -28.87 -6.97
C LEU B 908 -22.79 -27.77 -6.40
N GLY B 909 -21.73 -27.44 -7.13
CA GLY B 909 -20.79 -26.42 -6.70
C GLY B 909 -19.47 -26.98 -6.24
N ASP B 910 -19.38 -28.30 -6.14
CA ASP B 910 -18.14 -28.96 -5.73
C ASP B 910 -17.08 -28.92 -6.83
N LYS B 911 -15.83 -29.08 -6.42
CA LYS B 911 -14.70 -28.95 -7.34
C LYS B 911 -13.99 -30.28 -7.58
N PHE B 912 -13.90 -30.68 -8.84
CA PHE B 912 -13.18 -31.88 -9.22
C PHE B 912 -11.84 -31.56 -9.88
N SER B 913 -11.11 -32.60 -10.26
CA SER B 913 -9.85 -32.44 -10.98
C SER B 913 -9.60 -33.62 -11.91
N SER B 914 -8.95 -33.36 -13.03
CA SER B 914 -8.74 -34.38 -14.05
C SER B 914 -7.42 -35.12 -13.88
N ARG B 915 -6.70 -34.82 -12.80
CA ARG B 915 -5.41 -35.44 -12.48
C ARG B 915 -4.31 -35.00 -13.46
N HIS B 916 -4.72 -34.36 -14.55
CA HIS B 916 -3.77 -33.91 -15.56
C HIS B 916 -3.38 -32.46 -15.34
N GLY B 917 -3.89 -31.87 -14.26
CA GLY B 917 -3.63 -30.48 -13.94
C GLY B 917 -4.82 -29.59 -14.22
N GLN B 918 -5.90 -30.18 -14.73
CA GLN B 918 -7.12 -29.44 -15.01
C GLN B 918 -7.87 -29.11 -13.72
N LYS B 919 -8.71 -28.09 -13.77
CA LYS B 919 -9.49 -27.66 -12.62
C LYS B 919 -10.87 -27.18 -13.05
N GLY B 920 -11.90 -27.54 -12.29
CA GLY B 920 -13.26 -27.18 -12.66
C GLY B 920 -14.30 -27.40 -11.58
N VAL B 921 -15.51 -26.90 -11.82
CA VAL B 921 -16.62 -27.01 -10.88
C VAL B 921 -17.87 -27.53 -11.60
N CYS B 922 -18.61 -28.41 -10.94
CA CYS B 922 -19.84 -28.96 -11.53
C CYS B 922 -20.94 -27.91 -11.52
N GLY B 923 -21.48 -27.60 -12.70
CA GLY B 923 -22.50 -26.57 -12.82
C GLY B 923 -23.94 -27.03 -12.90
N ILE B 924 -24.17 -28.29 -13.25
CA ILE B 924 -25.53 -28.81 -13.39
C ILE B 924 -25.57 -30.34 -13.28
N ILE B 925 -26.76 -30.87 -13.00
CA ILE B 925 -26.96 -32.32 -12.91
C ILE B 925 -28.16 -32.77 -13.74
N VAL B 926 -27.92 -33.70 -14.65
CA VAL B 926 -28.99 -34.22 -15.52
C VAL B 926 -29.42 -35.62 -15.07
N LYS B 927 -30.73 -35.83 -14.94
CA LYS B 927 -31.24 -37.03 -14.28
C LYS B 927 -30.83 -38.35 -14.92
N GLN B 928 -31.51 -38.74 -15.99
CA GLN B 928 -31.16 -39.97 -16.72
C GLN B 928 -31.22 -39.81 -18.24
N GLU B 929 -32.45 -39.62 -18.71
CA GLU B 929 -32.84 -39.75 -20.11
C GLU B 929 -31.97 -38.98 -21.10
N ASP B 930 -31.52 -37.80 -20.72
CA ASP B 930 -30.71 -36.99 -21.61
C ASP B 930 -29.29 -37.55 -21.72
N MET B 931 -28.42 -36.83 -22.43
CA MET B 931 -27.04 -37.24 -22.71
C MET B 931 -26.99 -38.45 -23.64
N PRO B 932 -25.88 -38.59 -24.40
CA PRO B 932 -25.73 -39.66 -25.39
C PRO B 932 -25.78 -41.08 -24.81
N PHE B 933 -26.22 -42.02 -25.65
CA PHE B 933 -26.33 -43.43 -25.30
C PHE B 933 -25.64 -44.29 -26.36
N ASN B 934 -26.09 -44.11 -27.60
CA ASN B 934 -25.65 -44.82 -28.82
C ASN B 934 -25.82 -46.34 -28.80
N ASP B 935 -24.87 -47.06 -29.39
CA ASP B 935 -25.05 -48.48 -29.70
C ASP B 935 -24.94 -49.38 -28.48
N GLN B 936 -23.90 -49.17 -27.68
CA GLN B 936 -23.66 -50.01 -26.51
C GLN B 936 -24.67 -49.68 -25.40
N GLY B 937 -25.33 -48.54 -25.52
CA GLY B 937 -26.30 -48.11 -24.53
C GLY B 937 -25.62 -47.45 -23.35
N ILE B 938 -24.32 -47.26 -23.45
CA ILE B 938 -23.54 -46.64 -22.38
C ILE B 938 -23.78 -45.14 -22.30
N VAL B 939 -23.93 -44.64 -21.08
CA VAL B 939 -24.16 -43.21 -20.86
C VAL B 939 -22.99 -42.58 -20.13
N PRO B 940 -22.30 -41.63 -20.78
CA PRO B 940 -21.16 -40.92 -20.18
C PRO B 940 -21.54 -40.20 -18.89
N ASP B 941 -20.74 -40.39 -17.85
CA ASP B 941 -21.01 -39.78 -16.55
C ASP B 941 -20.73 -38.29 -16.55
N ILE B 942 -19.60 -37.90 -17.12
CA ILE B 942 -19.20 -36.50 -17.14
C ILE B 942 -19.02 -36.01 -18.58
N ILE B 943 -19.29 -34.73 -18.83
CA ILE B 943 -19.07 -34.13 -20.13
C ILE B 943 -18.16 -32.92 -20.02
N MET B 944 -16.99 -32.99 -20.64
CA MET B 944 -16.01 -31.91 -20.58
C MET B 944 -16.30 -30.82 -21.61
N ASN B 945 -15.34 -29.91 -21.76
CA ASN B 945 -15.47 -28.83 -22.71
C ASN B 945 -14.32 -28.83 -23.72
N PRO B 946 -14.63 -28.55 -25.00
CA PRO B 946 -13.64 -28.55 -26.08
C PRO B 946 -12.64 -27.39 -26.01
N HIS B 947 -13.05 -26.28 -25.42
CA HIS B 947 -12.23 -25.06 -25.46
C HIS B 947 -11.11 -25.06 -24.43
N GLY B 948 -11.07 -26.08 -23.58
CA GLY B 948 -10.04 -26.17 -22.57
C GLY B 948 -8.68 -26.53 -23.12
N PHE B 949 -8.67 -27.37 -24.16
CA PHE B 949 -7.43 -27.88 -24.73
C PHE B 949 -6.53 -26.87 -25.45
N PRO B 950 -7.08 -26.07 -26.40
CA PRO B 950 -6.18 -25.30 -27.28
C PRO B 950 -5.24 -24.31 -26.58
N SER B 951 -5.76 -23.50 -25.66
CA SER B 951 -4.94 -22.47 -25.02
C SER B 951 -4.06 -23.04 -23.92
N ARG B 952 -4.62 -23.94 -23.11
CA ARG B 952 -3.89 -24.56 -22.01
C ARG B 952 -2.83 -25.51 -22.57
N MET B 953 -3.08 -26.00 -23.78
CA MET B 953 -2.09 -26.75 -24.56
C MET B 953 -1.53 -27.98 -23.84
N THR B 954 -2.37 -29.00 -23.67
CA THR B 954 -1.89 -30.28 -23.19
C THR B 954 -2.46 -31.43 -24.04
N VAL B 955 -1.57 -32.12 -24.74
CA VAL B 955 -1.98 -33.24 -25.58
C VAL B 955 -1.85 -34.57 -24.85
N GLY B 956 -1.25 -34.55 -23.67
CA GLY B 956 -1.00 -35.75 -22.90
C GLY B 956 -2.27 -36.38 -22.37
N LYS B 957 -3.27 -35.54 -22.11
CA LYS B 957 -4.55 -36.00 -21.59
C LYS B 957 -5.38 -36.68 -22.67
N MET B 958 -5.37 -36.12 -23.87
CA MET B 958 -6.18 -36.62 -24.98
C MET B 958 -5.72 -38.01 -25.42
N ILE B 959 -4.45 -38.33 -25.19
CA ILE B 959 -3.91 -39.65 -25.52
C ILE B 959 -4.32 -40.66 -24.45
N GLU B 960 -4.48 -40.19 -23.23
CA GLU B 960 -4.80 -41.05 -22.08
C GLU B 960 -6.06 -41.87 -22.28
N LEU B 961 -7.05 -41.29 -22.97
CA LEU B 961 -8.32 -41.97 -23.19
C LEU B 961 -8.15 -43.21 -24.07
N ILE B 962 -7.37 -43.09 -25.14
CA ILE B 962 -7.13 -44.19 -26.04
C ILE B 962 -6.36 -45.31 -25.36
N SER B 963 -5.27 -44.95 -24.68
CA SER B 963 -4.46 -45.91 -23.96
C SER B 963 -5.25 -46.54 -22.82
N GLY B 964 -6.18 -45.78 -22.26
CA GLY B 964 -7.03 -46.26 -21.20
C GLY B 964 -8.11 -47.20 -21.71
N LYS B 965 -8.74 -46.82 -22.82
CA LYS B 965 -9.80 -47.62 -23.43
C LYS B 965 -9.27 -48.96 -23.93
N ALA B 966 -8.08 -48.94 -24.52
CA ALA B 966 -7.46 -50.14 -25.05
C ALA B 966 -7.10 -51.12 -23.93
N GLY B 967 -6.77 -50.57 -22.77
CA GLY B 967 -6.40 -51.38 -21.62
C GLY B 967 -7.56 -52.17 -21.05
N VAL B 968 -8.75 -51.58 -21.08
CA VAL B 968 -9.94 -52.22 -20.56
C VAL B 968 -10.37 -53.39 -21.45
N LEU B 969 -10.23 -53.19 -22.76
CA LEU B 969 -10.63 -54.21 -23.72
C LEU B 969 -9.74 -55.45 -23.64
N ASN B 970 -8.48 -55.24 -23.26
CA ASN B 970 -7.54 -56.35 -23.10
C ASN B 970 -7.51 -56.86 -21.67
N GLY B 971 -8.24 -56.20 -20.78
CA GLY B 971 -8.30 -56.59 -19.38
C GLY B 971 -6.98 -56.42 -18.66
N THR B 972 -6.18 -55.45 -19.11
CA THR B 972 -4.87 -55.20 -18.51
C THR B 972 -4.66 -53.72 -18.23
N LEU B 973 -3.98 -53.42 -17.12
CA LEU B 973 -3.62 -52.04 -16.80
C LEU B 973 -2.52 -51.59 -17.75
N GLU B 974 -2.77 -50.47 -18.43
CA GLU B 974 -1.83 -50.00 -19.45
C GLU B 974 -0.79 -49.05 -18.87
N TYR B 975 0.48 -49.37 -19.12
CA TYR B 975 1.59 -48.57 -18.61
C TYR B 975 1.79 -47.27 -19.39
N GLY B 976 2.31 -46.27 -18.69
CA GLY B 976 2.76 -45.04 -19.35
C GLY B 976 3.81 -44.36 -18.50
N THR B 977 4.69 -43.60 -19.16
CA THR B 977 5.79 -42.93 -18.46
C THR B 977 6.33 -41.77 -19.29
N CYS B 978 7.11 -40.90 -18.66
CA CYS B 978 7.78 -39.82 -19.36
C CYS B 978 8.90 -40.38 -20.24
N PHE B 979 9.13 -39.72 -21.38
CA PHE B 979 10.24 -40.04 -22.29
C PHE B 979 10.09 -41.40 -23.00
N GLY B 980 9.03 -42.14 -22.69
CA GLY B 980 8.84 -43.47 -23.23
C GLY B 980 7.53 -44.11 -22.81
N GLY B 981 7.47 -45.44 -22.88
CA GLY B 981 6.28 -46.16 -22.49
C GLY B 981 5.48 -46.69 -23.66
N SER B 982 4.27 -47.16 -23.37
CA SER B 982 3.40 -47.78 -24.37
C SER B 982 3.15 -46.87 -25.58
N LYS B 983 3.27 -47.46 -26.76
CA LYS B 983 3.09 -46.72 -28.01
C LYS B 983 1.61 -46.47 -28.28
N LEU B 984 1.31 -45.38 -28.98
CA LEU B 984 -0.07 -45.02 -29.32
C LEU B 984 -0.58 -45.84 -30.51
N GLU B 985 0.34 -46.18 -31.42
CA GLU B 985 -0.03 -46.85 -32.67
C GLU B 985 -0.62 -48.24 -32.46
N ASP B 986 -0.02 -49.00 -31.53
CA ASP B 986 -0.47 -50.36 -31.28
C ASP B 986 -1.87 -50.39 -30.66
N MET B 987 -2.23 -49.29 -29.99
CA MET B 987 -3.55 -49.17 -29.38
C MET B 987 -4.63 -49.07 -30.46
N SER B 988 -4.27 -48.47 -31.60
CA SER B 988 -5.21 -48.28 -32.70
C SER B 988 -5.61 -49.61 -33.32
N LYS B 989 -4.64 -50.52 -33.47
CA LYS B 989 -4.92 -51.82 -34.08
C LYS B 989 -5.61 -52.74 -33.08
N ILE B 990 -5.40 -52.49 -31.79
CA ILE B 990 -6.09 -53.24 -30.74
C ILE B 990 -7.56 -52.84 -30.72
N LEU B 991 -7.83 -51.58 -31.06
CA LEU B 991 -9.19 -51.07 -31.14
C LEU B 991 -9.89 -51.54 -32.41
N VAL B 992 -9.33 -51.17 -33.55
CA VAL B 992 -9.96 -51.35 -34.85
C VAL B 992 -10.41 -52.78 -35.16
N ASP B 993 -9.77 -53.78 -34.54
CA ASP B 993 -10.13 -55.17 -34.81
C ASP B 993 -11.38 -55.59 -34.03
N GLN B 994 -11.71 -54.84 -32.99
CA GLN B 994 -12.88 -55.14 -32.17
C GLN B 994 -14.10 -54.34 -32.60
N GLY B 995 -13.94 -53.52 -33.65
CA GLY B 995 -15.06 -52.78 -34.20
C GLY B 995 -15.13 -51.32 -33.78
N PHE B 996 -14.06 -50.81 -33.20
CA PHE B 996 -14.01 -49.40 -32.78
C PHE B 996 -13.14 -48.59 -33.72
N ASN B 997 -13.48 -47.32 -33.91
CA ASN B 997 -12.67 -46.41 -34.71
C ASN B 997 -11.27 -46.31 -34.12
N TYR B 998 -10.26 -46.14 -34.96
CA TYR B 998 -8.88 -46.29 -34.52
C TYR B 998 -8.49 -45.29 -33.43
N SER B 999 -8.78 -44.01 -33.62
CA SER B 999 -8.59 -43.07 -32.52
C SER B 999 -9.89 -42.41 -32.05
N GLY B 1000 -10.42 -42.90 -30.93
CA GLY B 1000 -11.35 -42.16 -30.10
C GLY B 1000 -12.73 -41.82 -30.63
N LYS B 1001 -12.93 -42.01 -31.93
CA LYS B 1001 -14.18 -41.58 -32.56
C LYS B 1001 -15.33 -42.58 -32.44
N ASP B 1002 -16.55 -42.07 -32.48
CA ASP B 1002 -17.75 -42.89 -32.47
C ASP B 1002 -18.96 -42.05 -32.92
N MET B 1003 -20.12 -42.68 -33.02
CA MET B 1003 -21.34 -41.98 -33.38
C MET B 1003 -22.38 -42.12 -32.27
N LEU B 1004 -22.86 -40.99 -31.76
CA LEU B 1004 -23.79 -41.00 -30.64
C LEU B 1004 -25.14 -40.42 -31.05
N TYR B 1005 -26.08 -40.42 -30.11
CA TYR B 1005 -27.41 -39.86 -30.37
C TYR B 1005 -27.80 -38.89 -29.27
N SER B 1006 -28.61 -37.88 -29.63
CA SER B 1006 -29.04 -36.87 -28.67
C SER B 1006 -29.97 -37.48 -27.62
N GLY B 1007 -29.93 -36.94 -26.41
CA GLY B 1007 -30.71 -37.46 -25.31
C GLY B 1007 -32.12 -36.89 -25.24
N ILE B 1008 -32.43 -35.98 -26.15
CA ILE B 1008 -33.75 -35.36 -26.17
C ILE B 1008 -34.54 -35.72 -27.43
N THR B 1009 -34.05 -35.30 -28.59
CA THR B 1009 -34.72 -35.58 -29.86
C THR B 1009 -34.46 -37.01 -30.32
N GLY B 1010 -33.39 -37.60 -29.82
CA GLY B 1010 -33.06 -38.98 -30.10
C GLY B 1010 -32.70 -39.27 -31.56
N GLU B 1011 -31.73 -38.54 -32.09
CA GLU B 1011 -31.26 -38.78 -33.45
C GLU B 1011 -29.75 -38.60 -33.55
N CYS B 1012 -29.20 -38.83 -34.73
CA CYS B 1012 -27.76 -38.77 -34.94
C CYS B 1012 -27.22 -37.35 -34.80
N LEU B 1013 -26.16 -37.21 -34.01
CA LEU B 1013 -25.48 -35.92 -33.88
C LEU B 1013 -24.69 -35.64 -35.15
N GLN B 1014 -24.75 -34.40 -35.63
CA GLN B 1014 -24.20 -34.04 -36.93
C GLN B 1014 -22.69 -34.22 -37.02
N ALA B 1015 -22.03 -34.29 -35.86
CA ALA B 1015 -20.59 -34.54 -35.83
C ALA B 1015 -20.29 -35.78 -35.00
N TYR B 1016 -19.01 -36.14 -34.92
CA TYR B 1016 -18.61 -37.29 -34.10
C TYR B 1016 -18.18 -36.81 -32.71
N ILE B 1017 -17.87 -37.76 -31.83
CA ILE B 1017 -17.49 -37.43 -30.46
C ILE B 1017 -16.36 -38.31 -29.94
N PHE B 1018 -15.32 -37.67 -29.42
CA PHE B 1018 -14.20 -38.38 -28.81
C PHE B 1018 -14.42 -38.58 -27.32
N PHE B 1019 -14.46 -39.84 -26.89
CA PHE B 1019 -14.69 -40.14 -25.48
C PHE B 1019 -13.99 -41.42 -25.05
N GLY B 1020 -13.81 -41.56 -23.73
CA GLY B 1020 -13.15 -42.73 -23.16
C GLY B 1020 -12.88 -42.52 -21.68
N PRO B 1021 -12.57 -43.61 -20.97
CA PRO B 1021 -12.34 -43.54 -19.52
C PRO B 1021 -11.09 -42.74 -19.14
N ILE B 1022 -11.24 -41.83 -18.18
CA ILE B 1022 -10.10 -41.10 -17.63
C ILE B 1022 -10.13 -41.24 -16.10
N TYR B 1023 -9.17 -40.61 -15.42
CA TYR B 1023 -9.09 -40.70 -13.97
C TYR B 1023 -9.39 -39.35 -13.32
N TYR B 1024 -10.53 -39.28 -12.64
CA TYR B 1024 -10.93 -38.06 -11.94
C TYR B 1024 -10.82 -38.21 -10.43
N GLN B 1025 -10.40 -37.14 -9.75
CA GLN B 1025 -10.26 -37.16 -8.30
C GLN B 1025 -10.94 -35.95 -7.66
N LYS B 1026 -11.79 -36.22 -6.68
CA LYS B 1026 -12.49 -35.16 -5.96
C LYS B 1026 -11.53 -34.46 -5.00
N LEU B 1027 -11.52 -33.12 -5.04
CA LEU B 1027 -10.59 -32.34 -4.25
C LEU B 1027 -11.21 -31.78 -2.97
N LYS B 1028 -10.42 -30.98 -2.26
CA LYS B 1028 -10.85 -30.35 -1.03
C LYS B 1028 -11.64 -29.08 -1.34
N HIS B 1029 -11.88 -28.26 -0.31
CA HIS B 1029 -12.62 -27.01 -0.45
C HIS B 1029 -14.04 -27.22 -0.96
N MET B 1030 -14.89 -27.81 -0.13
CA MET B 1030 -16.26 -28.08 -0.51
C MET B 1030 -17.08 -26.79 -0.54
N VAL B 1031 -18.35 -26.91 -0.96
CA VAL B 1031 -19.24 -25.76 -1.01
C VAL B 1031 -20.03 -25.64 0.28
N LEU B 1032 -19.94 -26.67 1.12
CA LEU B 1032 -20.73 -26.74 2.35
C LEU B 1032 -20.16 -25.81 3.42
N ASP B 1033 -18.85 -25.92 3.66
CA ASP B 1033 -18.19 -25.12 4.68
C ASP B 1033 -17.87 -23.71 4.19
N LYS B 1034 -17.75 -23.55 2.87
CA LYS B 1034 -17.30 -22.30 2.29
C LYS B 1034 -18.40 -21.23 2.26
N MET B 1035 -19.65 -21.66 2.30
CA MET B 1035 -20.78 -20.74 2.28
C MET B 1035 -20.82 -19.87 3.54
N HIS B 1036 -21.09 -18.59 3.37
CA HIS B 1036 -21.11 -17.65 4.49
C HIS B 1036 -22.11 -16.52 4.27
N ALA B 1037 -22.73 -16.07 5.36
CA ALA B 1037 -23.67 -14.96 5.31
C ALA B 1037 -23.68 -14.19 6.64
N ARG B 1038 -24.06 -12.92 6.58
CA ARG B 1038 -24.05 -12.05 7.76
C ARG B 1038 -25.28 -11.15 7.82
N ALA B 1039 -25.95 -11.16 8.97
CA ALA B 1039 -27.07 -10.26 9.21
C ALA B 1039 -26.67 -9.18 10.20
N ARG B 1040 -26.59 -9.56 11.48
CA ARG B 1040 -26.08 -8.68 12.51
C ARG B 1040 -25.62 -9.52 13.70
N GLY B 1041 -24.77 -8.95 14.55
CA GLY B 1041 -24.24 -9.69 15.69
C GLY B 1041 -23.18 -8.94 16.47
N PRO B 1042 -22.35 -9.71 17.22
CA PRO B 1042 -21.29 -9.22 18.11
C PRO B 1042 -20.34 -8.22 17.45
N ARG B 1043 -19.88 -7.26 18.24
CA ARG B 1043 -18.94 -6.25 17.77
C ARG B 1043 -17.73 -6.17 18.71
N ALA B 1044 -16.67 -5.52 18.24
CA ALA B 1044 -15.46 -5.38 19.04
C ALA B 1044 -15.68 -4.45 20.24
N VAL B 1045 -14.84 -4.60 21.26
CA VAL B 1045 -14.98 -3.78 22.46
C VAL B 1045 -14.36 -2.39 22.33
N LEU B 1046 -13.18 -2.32 21.71
CA LEU B 1046 -12.44 -1.07 21.59
C LEU B 1046 -12.73 -0.40 20.26
N THR B 1047 -13.53 -1.08 19.44
CA THR B 1047 -13.74 -0.68 18.06
C THR B 1047 -15.23 -0.60 17.78
N ARG B 1048 -15.93 -1.71 18.05
CA ARG B 1048 -17.34 -1.93 17.71
C ARG B 1048 -17.51 -2.08 16.21
N GLN B 1049 -16.53 -2.75 15.61
CA GLN B 1049 -16.65 -3.30 14.26
C GLN B 1049 -16.90 -4.79 14.38
N PRO B 1050 -17.94 -5.29 13.68
CA PRO B 1050 -18.18 -6.73 13.61
C PRO B 1050 -16.91 -7.50 13.23
N THR B 1051 -16.65 -8.61 13.89
CA THR B 1051 -15.39 -9.30 13.76
C THR B 1051 -15.23 -10.00 12.41
N GLU B 1052 -14.09 -10.65 12.22
CA GLU B 1052 -13.77 -11.30 10.96
C GLU B 1052 -13.57 -12.80 11.15
N GLY B 1053 -13.73 -13.56 10.07
CA GLY B 1053 -13.55 -15.00 10.12
C GLY B 1053 -14.80 -15.75 10.54
N ARG B 1054 -14.60 -16.86 11.22
CA ARG B 1054 -15.70 -17.75 11.61
C ARG B 1054 -15.59 -18.11 13.08
N SER B 1055 -16.64 -18.75 13.61
CA SER B 1055 -16.77 -19.16 15.02
C SER B 1055 -17.13 -17.98 15.92
N ARG B 1056 -17.15 -16.79 15.34
CA ARG B 1056 -17.68 -15.62 16.03
C ARG B 1056 -18.86 -15.08 15.22
N ASP B 1057 -18.52 -14.42 14.11
CA ASP B 1057 -19.47 -13.95 13.11
C ASP B 1057 -18.69 -13.29 11.98
N GLY B 1058 -19.34 -13.11 10.83
CA GLY B 1058 -18.64 -12.65 9.65
C GLY B 1058 -18.93 -11.23 9.20
N GLY B 1059 -18.69 -10.99 7.92
CA GLY B 1059 -18.84 -9.68 7.31
C GLY B 1059 -18.08 -9.66 5.99
N LEU B 1060 -17.93 -8.49 5.40
CA LEU B 1060 -17.16 -8.37 4.16
C LEU B 1060 -16.21 -7.19 4.19
N ARG B 1061 -15.46 -7.01 3.11
CA ARG B 1061 -14.38 -6.05 3.08
C ARG B 1061 -14.44 -5.08 1.90
N LEU B 1062 -14.51 -3.79 2.20
CA LEU B 1062 -14.40 -2.75 1.18
C LEU B 1062 -13.08 -2.01 1.36
N GLY B 1063 -12.16 -2.22 0.43
CA GLY B 1063 -10.83 -1.63 0.54
C GLY B 1063 -10.70 -0.31 -0.19
N GLU B 1064 -9.58 0.37 0.04
CA GLU B 1064 -9.31 1.65 -0.63
C GLU B 1064 -9.22 1.46 -2.14
N MET B 1065 -8.69 0.30 -2.53
CA MET B 1065 -8.60 -0.06 -3.94
C MET B 1065 -9.99 -0.12 -4.55
N GLU B 1066 -10.94 -0.70 -3.80
CA GLU B 1066 -12.33 -0.77 -4.20
C GLU B 1066 -13.05 0.54 -3.95
N ARG B 1067 -12.60 1.28 -2.94
CA ARG B 1067 -13.26 2.51 -2.52
C ARG B 1067 -13.31 3.55 -3.64
N ASP B 1068 -12.29 3.58 -4.49
CA ASP B 1068 -12.23 4.57 -5.57
C ASP B 1068 -13.26 4.27 -6.66
N CYS B 1069 -13.68 3.00 -6.74
CA CYS B 1069 -14.63 2.59 -7.77
C CYS B 1069 -15.98 3.28 -7.58
N VAL B 1070 -16.52 3.21 -6.37
CA VAL B 1070 -17.80 3.84 -6.07
C VAL B 1070 -17.68 5.36 -6.05
N ILE B 1071 -16.45 5.85 -5.97
CA ILE B 1071 -16.18 7.29 -6.12
C ILE B 1071 -16.26 7.66 -7.59
N ALA B 1072 -15.77 6.77 -8.45
CA ALA B 1072 -15.73 7.02 -9.89
C ALA B 1072 -17.12 7.00 -10.52
N TYR B 1073 -18.09 6.43 -9.82
CA TYR B 1073 -19.46 6.45 -10.28
C TYR B 1073 -20.14 7.78 -9.96
N GLY B 1074 -19.60 8.47 -8.95
CA GLY B 1074 -20.13 9.76 -8.55
C GLY B 1074 -21.40 9.64 -7.70
N ALA B 1075 -21.48 8.58 -6.93
CA ALA B 1075 -22.64 8.36 -6.07
C ALA B 1075 -22.32 8.71 -4.62
N SER B 1076 -22.90 9.80 -4.14
CA SER B 1076 -22.70 10.25 -2.76
C SER B 1076 -23.58 9.49 -1.77
N GLN B 1077 -24.83 9.25 -2.16
CA GLN B 1077 -25.83 8.68 -1.26
C GLN B 1077 -25.48 7.26 -0.82
N LEU B 1078 -24.93 6.47 -1.73
CA LEU B 1078 -24.58 5.08 -1.43
C LEU B 1078 -23.48 5.00 -0.38
N LEU B 1079 -22.59 5.99 -0.39
CA LEU B 1079 -21.46 6.01 0.53
C LEU B 1079 -21.89 6.47 1.93
N LEU B 1080 -22.93 7.30 1.97
CA LEU B 1080 -23.46 7.78 3.24
C LEU B 1080 -24.12 6.65 4.02
N GLU B 1081 -24.80 5.76 3.31
CA GLU B 1081 -25.50 4.65 3.94
C GLU B 1081 -24.56 3.52 4.35
N ARG B 1082 -23.66 3.14 3.44
CA ARG B 1082 -22.83 1.96 3.63
C ARG B 1082 -21.76 2.11 4.71
N LEU B 1083 -20.98 3.18 4.63
CA LEU B 1083 -19.85 3.35 5.54
C LEU B 1083 -20.24 4.07 6.84
N MET B 1084 -21.50 4.45 6.97
CA MET B 1084 -21.96 5.11 8.18
C MET B 1084 -23.12 4.38 8.85
N ILE B 1085 -24.31 4.47 8.25
CA ILE B 1085 -25.52 3.89 8.85
C ILE B 1085 -25.43 2.38 8.95
N SER B 1086 -25.08 1.73 7.85
CA SER B 1086 -24.97 0.27 7.82
C SER B 1086 -23.79 -0.22 8.65
N SER B 1087 -22.86 0.69 8.94
CA SER B 1087 -21.65 0.31 9.66
C SER B 1087 -21.71 0.73 11.13
N ASP B 1088 -21.51 2.01 11.40
CA ASP B 1088 -21.61 2.53 12.76
C ASP B 1088 -22.34 3.87 12.80
N ALA B 1089 -23.46 3.90 13.53
CA ALA B 1089 -24.23 5.13 13.68
C ALA B 1089 -24.09 5.65 15.11
N PHE B 1090 -23.42 6.80 15.25
CA PHE B 1090 -23.13 7.34 16.57
C PHE B 1090 -23.40 8.84 16.66
N GLU B 1091 -23.98 9.26 17.76
CA GLU B 1091 -24.26 10.68 18.00
C GLU B 1091 -23.28 11.28 19.00
N VAL B 1092 -22.86 12.51 18.75
CA VAL B 1092 -21.88 13.17 19.62
C VAL B 1092 -22.31 14.60 19.94
N ASP B 1093 -22.31 14.93 21.23
CA ASP B 1093 -22.68 16.26 21.69
C ASP B 1093 -21.50 17.22 21.54
N VAL B 1094 -21.70 18.30 20.79
CA VAL B 1094 -20.65 19.27 20.56
C VAL B 1094 -21.16 20.70 20.77
N CYS B 1095 -20.28 21.56 21.29
CA CYS B 1095 -20.61 22.97 21.49
C CYS B 1095 -19.94 23.83 20.42
N ASP B 1096 -20.63 24.88 20.00
CA ASP B 1096 -20.10 25.78 18.97
C ASP B 1096 -18.85 26.49 19.48
N LYS B 1097 -18.96 27.14 20.63
CA LYS B 1097 -17.81 27.74 21.29
C LYS B 1097 -16.99 26.64 21.96
N CYS B 1098 -15.67 26.85 22.02
CA CYS B 1098 -14.71 25.85 22.50
C CYS B 1098 -15.04 24.45 21.99
N GLY B 1099 -14.93 24.28 20.67
CA GLY B 1099 -15.34 23.05 20.03
C GLY B 1099 -14.68 21.81 20.60
N LEU B 1100 -15.50 20.90 21.10
CA LEU B 1100 -15.05 19.71 21.82
C LEU B 1100 -16.19 18.71 21.91
N MET B 1101 -15.96 17.62 22.63
CA MET B 1101 -16.98 16.61 22.84
C MET B 1101 -17.30 16.46 24.32
N GLY B 1102 -18.54 16.11 24.63
CA GLY B 1102 -18.97 15.96 26.00
C GLY B 1102 -20.14 15.00 26.17
N TYR B 1103 -20.53 14.76 27.41
CA TYR B 1103 -21.62 13.86 27.72
C TYR B 1103 -22.90 14.64 28.06
N SER B 1104 -24.02 14.18 27.51
CA SER B 1104 -25.32 14.80 27.72
C SER B 1104 -25.32 16.29 27.40
N GLY B 1105 -25.64 17.11 28.39
CA GLY B 1105 -25.74 18.55 28.19
C GLY B 1105 -24.60 19.35 28.81
N TRP B 1106 -23.53 18.67 29.19
CA TRP B 1106 -22.41 19.35 29.84
C TRP B 1106 -21.12 19.32 29.03
N CYS B 1107 -20.52 20.49 28.88
CA CYS B 1107 -19.30 20.68 28.10
C CYS B 1107 -18.05 20.58 28.97
N THR B 1108 -18.21 20.16 30.22
CA THR B 1108 -17.14 20.20 31.21
C THR B 1108 -16.69 21.65 31.42
N THR B 1109 -15.50 21.99 30.95
CA THR B 1109 -14.83 23.26 31.26
C THR B 1109 -15.75 24.49 31.23
N CYS B 1110 -16.66 24.55 30.28
CA CYS B 1110 -17.72 25.54 30.33
C CYS B 1110 -19.05 24.85 30.63
N LYS B 1111 -19.82 25.40 31.56
CA LYS B 1111 -21.14 24.83 31.85
C LYS B 1111 -22.24 25.76 31.34
N SER B 1112 -22.88 25.34 30.26
CA SER B 1112 -23.91 26.14 29.60
C SER B 1112 -25.16 25.33 29.30
N ALA B 1113 -24.98 24.33 28.42
CA ALA B 1113 -26.06 23.49 27.88
C ALA B 1113 -26.93 24.27 26.89
N GLU B 1114 -26.69 25.57 26.78
CA GLU B 1114 -27.43 26.42 25.85
C GLU B 1114 -26.90 26.33 24.42
N ASN B 1115 -25.58 26.22 24.29
CA ASN B 1115 -24.93 26.25 22.98
C ASN B 1115 -24.65 24.85 22.41
N ILE B 1116 -24.98 23.82 23.17
CA ILE B 1116 -24.68 22.45 22.75
C ILE B 1116 -25.61 21.98 21.64
N ILE B 1117 -25.00 21.51 20.55
CA ILE B 1117 -25.75 21.00 19.40
C ILE B 1117 -25.41 19.52 19.18
N LYS B 1118 -26.44 18.68 19.03
CA LYS B 1118 -26.23 17.26 18.86
C LYS B 1118 -26.41 16.83 17.41
N MET B 1119 -25.42 16.11 16.89
CA MET B 1119 -25.46 15.61 15.51
C MET B 1119 -24.87 14.20 15.43
N THR B 1120 -24.69 13.71 14.22
CA THR B 1120 -24.20 12.35 14.01
C THR B 1120 -22.82 12.37 13.35
N ILE B 1121 -22.06 11.30 13.57
CA ILE B 1121 -20.66 11.21 13.17
C ILE B 1121 -20.11 9.81 13.48
N PRO B 1122 -19.31 9.24 12.55
CA PRO B 1122 -18.73 7.90 12.72
C PRO B 1122 -17.99 7.70 14.05
N TYR B 1123 -18.02 6.47 14.55
CA TYR B 1123 -17.40 6.14 15.83
C TYR B 1123 -15.89 6.20 15.74
N ALA B 1124 -15.34 5.90 14.55
CA ALA B 1124 -13.91 5.96 14.32
C ALA B 1124 -13.39 7.38 14.49
N ALA B 1125 -14.20 8.34 14.04
CA ALA B 1125 -13.89 9.76 14.21
C ALA B 1125 -13.68 10.12 15.68
N LYS B 1126 -14.73 9.95 16.47
CA LYS B 1126 -14.68 10.25 17.91
C LYS B 1126 -13.53 9.53 18.60
N LEU B 1127 -13.32 8.27 18.25
CA LEU B 1127 -12.23 7.48 18.82
C LEU B 1127 -10.88 8.07 18.43
N LEU B 1128 -10.76 8.52 17.19
CA LEU B 1128 -9.54 9.15 16.70
C LEU B 1128 -9.30 10.46 17.44
N PHE B 1129 -10.38 11.19 17.72
CA PHE B 1129 -10.28 12.44 18.46
C PHE B 1129 -9.87 12.22 19.90
N GLN B 1130 -10.39 11.15 20.51
CA GLN B 1130 -10.03 10.80 21.88
C GLN B 1130 -8.59 10.27 21.93
N GLU B 1131 -8.11 9.77 20.80
CA GLU B 1131 -6.72 9.35 20.68
C GLU B 1131 -5.82 10.57 20.57
N LEU B 1132 -6.05 11.37 19.53
CA LEU B 1132 -5.35 12.64 19.34
C LEU B 1132 -5.30 13.47 20.61
N LEU B 1133 -6.46 13.84 21.13
CA LEU B 1133 -6.56 14.69 22.32
C LEU B 1133 -5.82 14.13 23.55
N SER B 1134 -5.66 12.80 23.61
CA SER B 1134 -4.91 12.17 24.69
C SER B 1134 -3.45 12.64 24.66
N MET B 1135 -2.83 12.51 23.50
CA MET B 1135 -1.55 13.15 23.22
C MET B 1135 -1.82 14.66 23.13
N ASN B 1136 -0.79 15.50 23.20
CA ASN B 1136 -1.10 16.92 23.22
C ASN B 1136 -1.17 17.48 21.81
N ILE B 1137 -2.41 17.76 21.40
CA ILE B 1137 -2.72 18.45 20.16
C ILE B 1137 -4.16 18.94 20.31
N ALA B 1138 -4.57 19.94 19.54
CA ALA B 1138 -5.96 20.37 19.57
C ALA B 1138 -6.64 20.17 18.21
N PRO B 1139 -7.54 19.18 18.12
CA PRO B 1139 -8.38 19.00 16.95
C PRO B 1139 -9.75 19.67 17.15
N ARG B 1140 -9.78 20.99 17.23
CA ARG B 1140 -11.01 21.72 17.50
C ARG B 1140 -12.00 21.64 16.34
N LEU B 1141 -13.28 21.63 16.67
CA LEU B 1141 -14.34 21.56 15.66
C LEU B 1141 -15.23 22.79 15.70
N ARG B 1142 -15.59 23.31 14.53
CA ARG B 1142 -16.52 24.43 14.44
C ARG B 1142 -17.65 24.11 13.46
N LEU B 1143 -18.84 24.58 13.78
CA LEU B 1143 -20.03 24.23 13.00
C LEU B 1143 -20.72 25.45 12.40
N GLU B 1144 -21.35 25.27 11.25
CA GLU B 1144 -22.21 26.29 10.67
C GLU B 1144 -23.58 25.69 10.35
N ASP B 1145 -24.49 26.51 9.85
CA ASP B 1145 -25.84 26.05 9.53
C ASP B 1145 -26.02 25.81 8.03
N ILE B 1146 -26.78 24.77 7.70
CA ILE B 1146 -27.02 24.41 6.31
C ILE B 1146 -28.07 25.31 5.68
N PHE B 1147 -29.12 25.62 6.44
CA PHE B 1147 -30.24 26.38 5.94
C PHE B 1147 -29.96 27.89 5.94
N GLN B 1148 -31.02 28.67 5.70
CA GLN B 1148 -30.89 30.11 5.49
C GLN B 1148 -29.97 30.38 4.31
N GLN B 1149 -30.40 29.93 3.13
CA GLN B 1149 -29.64 30.06 1.89
C GLN B 1149 -28.21 29.52 2.04
N MET C 1 -32.64 -37.56 -47.22
CA MET C 1 -32.40 -38.05 -48.57
C MET C 1 -33.01 -39.43 -48.77
N SER C 2 -34.32 -39.45 -48.96
CA SER C 2 -35.07 -40.68 -49.17
C SER C 2 -34.82 -41.72 -48.07
N ASN C 3 -35.00 -41.29 -46.82
CA ASN C 3 -34.84 -42.15 -45.65
C ASN C 3 -33.44 -42.74 -45.55
N ILE C 4 -32.44 -41.94 -45.93
CA ILE C 4 -31.04 -42.38 -45.87
C ILE C 4 -30.14 -41.29 -45.30
N VAL C 5 -29.40 -41.61 -44.25
CA VAL C 5 -28.43 -40.69 -43.67
C VAL C 5 -27.04 -40.92 -44.27
N GLY C 6 -26.41 -39.83 -44.71
CA GLY C 6 -25.09 -39.91 -45.31
C GLY C 6 -24.00 -40.10 -44.27
N ILE C 7 -23.00 -40.92 -44.61
CA ILE C 7 -21.89 -41.18 -43.71
C ILE C 7 -20.56 -40.79 -44.34
N GLU C 8 -19.89 -39.82 -43.72
CA GLU C 8 -18.58 -39.37 -44.17
C GLU C 8 -17.58 -39.49 -43.03
N TYR C 9 -16.29 -39.48 -43.34
CA TYR C 9 -15.26 -39.62 -42.33
C TYR C 9 -15.25 -38.44 -41.35
N ASN C 10 -15.46 -37.24 -41.87
CA ASN C 10 -15.49 -36.05 -41.02
C ASN C 10 -16.90 -35.57 -40.64
N ARG C 11 -17.93 -36.22 -41.19
CA ARG C 11 -19.29 -35.73 -41.00
C ARG C 11 -20.37 -36.79 -41.21
N VAL C 12 -21.57 -36.50 -40.73
CA VAL C 12 -22.77 -37.24 -41.11
C VAL C 12 -23.81 -36.24 -41.62
N THR C 13 -24.57 -36.63 -42.63
CA THR C 13 -25.42 -35.68 -43.34
C THR C 13 -26.91 -36.08 -43.33
N ASN C 14 -27.77 -35.05 -43.31
CA ASN C 14 -29.21 -35.22 -43.44
C ASN C 14 -29.84 -36.10 -42.37
N THR C 15 -29.86 -35.60 -41.14
CA THR C 15 -30.48 -36.32 -40.03
C THR C 15 -31.94 -35.84 -39.84
N THR C 16 -32.33 -34.86 -40.64
CA THR C 16 -33.67 -34.28 -40.56
C THR C 16 -34.74 -35.28 -40.95
N SER C 17 -35.82 -35.34 -40.17
CA SER C 17 -36.94 -36.24 -40.46
C SER C 17 -37.65 -35.84 -41.75
N THR C 18 -38.03 -34.57 -41.82
CA THR C 18 -38.62 -33.92 -43.00
C THR C 18 -39.70 -34.77 -43.70
N ASP C 19 -40.49 -35.47 -42.91
CA ASP C 19 -41.60 -36.27 -43.45
C ASP C 19 -42.94 -35.53 -43.37
N PHE C 20 -42.90 -34.33 -42.79
CA PHE C 20 -44.12 -33.54 -42.58
C PHE C 20 -44.54 -32.83 -43.87
N PRO C 21 -45.85 -32.65 -44.05
CA PRO C 21 -46.36 -31.92 -45.22
C PRO C 21 -46.20 -30.41 -45.09
N GLY C 22 -46.20 -29.72 -46.23
CA GLY C 22 -46.16 -28.26 -46.26
C GLY C 22 -44.83 -27.64 -46.61
N PHE C 23 -43.73 -28.37 -46.42
CA PHE C 23 -42.43 -27.86 -46.81
C PHE C 23 -42.21 -28.06 -48.31
N SER C 24 -42.62 -29.22 -48.82
CA SER C 24 -42.62 -29.48 -50.25
C SER C 24 -43.84 -28.86 -50.90
N LYS C 25 -43.75 -28.57 -52.19
CA LYS C 25 -44.91 -28.11 -52.95
C LYS C 25 -45.99 -29.17 -52.91
N ASP C 26 -45.60 -30.42 -53.10
CA ASP C 26 -46.50 -31.56 -52.93
C ASP C 26 -46.03 -32.42 -51.76
N ALA C 27 -46.78 -32.37 -50.67
CA ALA C 27 -46.48 -33.18 -49.49
C ALA C 27 -47.79 -33.51 -48.76
N GLU C 28 -47.87 -34.70 -48.19
CA GLU C 28 -49.16 -35.24 -47.72
C GLU C 28 -49.06 -36.08 -46.46
N ASN C 29 -50.14 -36.81 -46.19
CA ASN C 29 -50.28 -37.67 -45.02
C ASN C 29 -50.24 -36.92 -43.69
N GLU C 30 -51.31 -36.18 -43.40
CA GLU C 30 -51.49 -35.69 -42.04
C GLU C 30 -52.10 -36.81 -41.21
N TRP C 31 -51.33 -37.29 -40.24
CA TRP C 31 -51.79 -38.25 -39.22
C TRP C 31 -52.65 -39.38 -39.79
N ASN C 32 -53.88 -39.46 -39.29
CA ASN C 32 -54.89 -40.43 -39.66
C ASN C 32 -54.46 -41.88 -39.46
N VAL C 33 -54.86 -42.76 -40.38
CA VAL C 33 -54.74 -44.20 -40.24
C VAL C 33 -54.53 -44.82 -41.62
N GLU C 34 -54.16 -46.10 -41.63
CA GLU C 34 -54.17 -47.01 -42.78
C GLU C 34 -53.04 -46.79 -43.78
N LYS C 35 -52.38 -45.63 -43.73
CA LYS C 35 -51.05 -45.55 -44.32
C LYS C 35 -50.05 -46.03 -43.26
N PHE C 36 -50.32 -45.63 -42.02
CA PHE C 36 -49.50 -46.03 -40.88
C PHE C 36 -49.67 -47.51 -40.58
N LYS C 37 -50.88 -48.02 -40.80
CA LYS C 37 -51.18 -49.43 -40.56
C LYS C 37 -50.31 -50.33 -41.45
N LYS C 38 -50.24 -49.99 -42.74
CA LYS C 38 -49.41 -50.73 -43.67
C LYS C 38 -47.94 -50.44 -43.40
N ASP C 39 -47.66 -49.24 -42.89
CA ASP C 39 -46.31 -48.81 -42.61
C ASP C 39 -45.71 -49.52 -41.40
N PHE C 40 -46.44 -49.50 -40.29
CA PHE C 40 -45.92 -50.02 -39.03
C PHE C 40 -45.99 -51.55 -38.94
N GLU C 41 -44.83 -52.17 -38.77
CA GLU C 41 -44.74 -53.61 -38.55
C GLU C 41 -43.82 -53.87 -37.37
N VAL C 42 -43.64 -55.14 -37.02
CA VAL C 42 -42.74 -55.50 -35.92
C VAL C 42 -42.11 -56.88 -36.13
N ASN C 43 -40.84 -57.00 -35.77
CA ASN C 43 -40.13 -58.28 -35.84
C ASN C 43 -39.40 -58.57 -34.54
N ILE C 44 -39.78 -59.65 -33.87
CA ILE C 44 -39.23 -59.96 -32.55
C ILE C 44 -38.31 -61.18 -32.58
N SER C 45 -37.11 -61.03 -32.01
CA SER C 45 -36.16 -62.12 -31.89
C SER C 45 -36.42 -62.92 -30.62
N SER C 46 -35.48 -63.81 -30.29
CA SER C 46 -35.62 -64.68 -29.11
C SER C 46 -35.79 -63.89 -27.81
N LEU C 47 -36.63 -64.42 -26.93
CA LEU C 47 -36.87 -63.80 -25.62
C LEU C 47 -36.37 -64.68 -24.50
N ASP C 48 -35.34 -64.21 -23.79
CA ASP C 48 -34.76 -64.95 -22.68
C ASP C 48 -35.61 -64.75 -21.42
N ALA C 49 -35.17 -65.31 -20.30
CA ALA C 49 -35.82 -65.10 -19.02
C ALA C 49 -35.87 -63.61 -18.72
N ARG C 50 -34.69 -62.99 -18.63
CA ARG C 50 -34.62 -61.54 -18.69
C ARG C 50 -33.72 -61.11 -19.86
N GLU C 51 -34.36 -60.65 -20.93
CA GLU C 51 -33.71 -60.04 -22.09
C GLU C 51 -34.78 -59.82 -23.16
N ALA C 52 -34.51 -58.93 -24.11
CA ALA C 52 -35.39 -58.80 -25.26
C ALA C 52 -34.65 -58.29 -26.48
N ASN C 53 -35.01 -58.82 -27.64
CA ASN C 53 -34.52 -58.30 -28.91
C ASN C 53 -35.67 -58.26 -29.91
N PHE C 54 -36.00 -57.07 -30.39
CA PHE C 54 -37.08 -56.92 -31.35
C PHE C 54 -36.84 -55.75 -32.30
N ASP C 55 -37.27 -55.92 -33.54
CA ASP C 55 -37.09 -54.89 -34.56
C ASP C 55 -38.32 -53.99 -34.64
N LEU C 56 -38.09 -52.68 -34.75
CA LEU C 56 -39.17 -51.72 -34.90
C LEU C 56 -38.97 -50.94 -36.20
N ILE C 57 -39.97 -51.01 -37.08
CA ILE C 57 -39.82 -50.48 -38.44
C ILE C 57 -40.85 -49.40 -38.76
N ASN C 58 -40.40 -48.40 -39.51
CA ASN C 58 -41.26 -47.34 -40.07
C ASN C 58 -41.94 -46.45 -39.03
N ILE C 59 -41.17 -46.03 -38.03
CA ILE C 59 -41.63 -44.98 -37.11
C ILE C 59 -40.47 -44.02 -36.84
N ASP C 60 -40.78 -42.72 -36.88
CA ASP C 60 -39.76 -41.69 -36.76
C ASP C 60 -39.14 -41.64 -35.36
N THR C 61 -37.96 -41.04 -35.27
CA THR C 61 -37.20 -40.95 -34.03
C THR C 61 -37.92 -40.18 -32.94
N SER C 62 -38.88 -39.35 -33.34
CA SER C 62 -39.64 -38.53 -32.40
C SER C 62 -40.33 -39.36 -31.33
N ILE C 63 -41.30 -40.16 -31.74
CA ILE C 63 -42.04 -41.00 -30.79
C ILE C 63 -41.20 -42.18 -30.31
N ALA C 64 -40.20 -42.55 -31.10
CA ALA C 64 -39.33 -43.68 -30.78
C ALA C 64 -38.50 -43.39 -29.53
N ASN C 65 -37.85 -42.23 -29.51
CA ASN C 65 -37.05 -41.82 -28.37
C ASN C 65 -37.94 -41.57 -27.15
N ALA C 66 -39.20 -41.21 -27.40
CA ALA C 66 -40.16 -40.99 -26.33
C ALA C 66 -40.49 -42.30 -25.63
N PHE C 67 -40.39 -43.41 -26.36
CA PHE C 67 -40.65 -44.73 -25.78
C PHE C 67 -39.48 -45.20 -24.94
N ARG C 68 -38.27 -44.74 -25.27
CA ARG C 68 -37.08 -45.12 -24.52
C ARG C 68 -36.99 -44.37 -23.20
N ARG C 69 -37.24 -43.06 -23.26
CA ARG C 69 -37.18 -42.20 -22.08
C ARG C 69 -38.24 -42.58 -21.06
N ILE C 70 -39.40 -42.99 -21.55
CA ILE C 70 -40.52 -43.37 -20.68
C ILE C 70 -40.30 -44.78 -20.13
N MET C 71 -39.45 -45.54 -20.79
CA MET C 71 -39.14 -46.91 -20.38
C MET C 71 -38.14 -46.96 -19.23
N ILE C 72 -37.22 -46.00 -19.21
CA ILE C 72 -36.14 -46.00 -18.23
C ILE C 72 -36.50 -45.21 -16.97
N SER C 73 -37.61 -44.49 -17.01
CA SER C 73 -37.98 -43.63 -15.89
C SER C 73 -39.41 -43.80 -15.39
N GLU C 74 -40.37 -43.44 -16.22
CA GLU C 74 -41.77 -43.30 -15.80
C GLU C 74 -42.40 -44.58 -15.24
N VAL C 75 -41.99 -45.73 -15.77
CA VAL C 75 -42.53 -47.00 -15.27
C VAL C 75 -42.15 -47.21 -13.82
N PRO C 76 -43.14 -47.44 -12.96
CA PRO C 76 -42.88 -47.56 -11.52
C PRO C 76 -42.21 -48.88 -11.15
N SER C 77 -41.86 -49.03 -9.88
CA SER C 77 -41.24 -50.25 -9.38
C SER C 77 -41.20 -50.27 -7.86
N VAL C 78 -40.67 -51.36 -7.31
CA VAL C 78 -40.74 -51.60 -5.88
C VAL C 78 -39.38 -51.89 -5.27
N ALA C 79 -38.99 -51.07 -4.29
CA ALA C 79 -37.70 -51.24 -3.61
C ALA C 79 -37.77 -50.71 -2.19
N ALA C 80 -36.67 -50.85 -1.45
CA ALA C 80 -36.64 -50.49 -0.04
C ALA C 80 -36.01 -49.12 0.20
N GLU C 81 -36.57 -48.38 1.16
CA GLU C 81 -36.04 -47.06 1.53
C GLU C 81 -35.64 -47.01 2.99
N TYR C 82 -36.63 -46.96 3.87
CA TYR C 82 -36.39 -46.83 5.31
C TYR C 82 -35.82 -48.13 5.88
N VAL C 83 -34.68 -48.02 6.54
CA VAL C 83 -34.01 -49.17 7.14
C VAL C 83 -33.82 -48.96 8.64
N TYR C 84 -34.33 -49.88 9.44
CA TYR C 84 -34.20 -49.80 10.88
C TYR C 84 -33.10 -50.73 11.38
N PHE C 85 -32.00 -50.14 11.83
CA PHE C 85 -30.87 -50.91 12.35
C PHE C 85 -31.05 -51.21 13.83
N PHE C 86 -30.80 -52.44 14.24
CA PHE C 86 -30.60 -52.69 15.66
C PHE C 86 -29.09 -52.65 15.90
N ASN C 87 -28.64 -51.54 16.47
CA ASN C 87 -27.23 -51.21 16.70
C ASN C 87 -26.33 -51.56 15.51
N ASN C 88 -25.09 -51.91 15.82
CA ASN C 88 -24.20 -52.79 15.04
C ASN C 88 -22.82 -52.74 15.71
N THR C 89 -22.06 -53.82 15.60
CA THR C 89 -20.63 -53.76 15.95
C THR C 89 -19.68 -53.86 14.76
N SER C 90 -20.22 -54.05 13.55
CA SER C 90 -19.42 -54.64 12.48
C SER C 90 -18.96 -53.72 11.35
N VAL C 91 -17.65 -53.49 11.31
CA VAL C 91 -16.93 -53.00 10.12
C VAL C 91 -17.56 -51.76 9.49
N ILE C 92 -18.07 -51.93 8.26
CA ILE C 92 -18.57 -50.85 7.43
C ILE C 92 -19.56 -49.95 8.15
N GLN C 93 -19.43 -48.65 7.91
CA GLN C 93 -20.33 -47.65 8.50
C GLN C 93 -21.77 -47.97 8.16
N ASP C 94 -22.66 -47.82 9.14
CA ASP C 94 -24.08 -48.14 8.98
C ASP C 94 -24.73 -47.31 7.87
N GLU C 95 -24.21 -46.11 7.65
CA GLU C 95 -24.67 -45.27 6.55
C GLU C 95 -24.51 -45.96 5.21
N VAL C 96 -23.26 -46.24 4.83
CA VAL C 96 -22.95 -46.89 3.57
C VAL C 96 -23.62 -48.27 3.47
N LEU C 97 -23.69 -48.96 4.60
CA LEU C 97 -24.30 -50.29 4.66
C LEU C 97 -25.78 -50.21 4.30
N ALA C 98 -26.43 -49.12 4.73
CA ALA C 98 -27.85 -48.91 4.43
C ALA C 98 -28.07 -48.66 2.94
N HIS C 99 -27.07 -48.05 2.30
CA HIS C 99 -27.14 -47.75 0.88
C HIS C 99 -27.08 -49.03 0.05
N ARG C 100 -26.41 -50.04 0.58
CA ARG C 100 -26.25 -51.32 -0.10
C ARG C 100 -27.54 -52.14 -0.07
N ILE C 101 -28.26 -52.08 1.05
CA ILE C 101 -29.47 -52.86 1.25
C ILE C 101 -30.66 -52.26 0.51
N GLY C 102 -30.59 -50.97 0.23
CA GLY C 102 -31.67 -50.29 -0.48
C GLY C 102 -31.61 -50.53 -1.98
N LEU C 103 -30.40 -50.72 -2.50
CA LEU C 103 -30.18 -50.81 -3.94
C LEU C 103 -30.49 -52.20 -4.50
N VAL C 104 -30.30 -53.25 -3.70
CA VAL C 104 -30.45 -54.62 -4.17
C VAL C 104 -31.85 -54.89 -4.75
N PRO C 105 -31.88 -55.40 -5.99
CA PRO C 105 -33.13 -55.72 -6.70
C PRO C 105 -33.95 -56.78 -5.99
N LEU C 106 -35.25 -56.52 -5.82
CA LEU C 106 -36.16 -57.50 -5.24
C LEU C 106 -37.12 -57.99 -6.33
N LYS C 107 -37.45 -59.27 -6.30
CA LYS C 107 -38.33 -59.82 -7.33
C LYS C 107 -39.76 -59.98 -6.81
N VAL C 108 -40.63 -59.10 -7.25
CA VAL C 108 -42.06 -59.18 -6.96
C VAL C 108 -42.81 -58.44 -8.06
N ASP C 109 -44.01 -58.92 -8.41
CA ASP C 109 -44.81 -58.27 -9.43
C ASP C 109 -45.54 -57.05 -8.86
N PRO C 110 -45.45 -55.91 -9.56
CA PRO C 110 -46.10 -54.66 -9.13
C PRO C 110 -47.62 -54.71 -9.30
N ASP C 111 -48.27 -53.57 -9.09
CA ASP C 111 -49.73 -53.43 -9.20
C ASP C 111 -50.48 -54.19 -8.12
N MET C 112 -49.74 -54.95 -7.31
CA MET C 112 -50.31 -55.66 -6.16
C MET C 112 -50.16 -54.79 -4.92
N LEU C 113 -49.51 -53.64 -5.10
CA LEU C 113 -49.30 -52.70 -4.01
C LEU C 113 -50.09 -51.42 -4.24
N THR C 114 -49.96 -50.48 -3.31
CA THR C 114 -50.63 -49.19 -3.43
C THR C 114 -49.66 -48.04 -3.23
N TRP C 115 -49.91 -46.93 -3.93
CA TRP C 115 -49.08 -45.74 -3.80
C TRP C 115 -49.24 -45.08 -2.44
N VAL C 116 -48.13 -44.64 -1.87
CA VAL C 116 -48.16 -43.87 -0.63
C VAL C 116 -48.39 -42.40 -1.01
N ASP C 117 -48.54 -41.55 0.00
CA ASP C 117 -48.75 -40.12 -0.23
C ASP C 117 -47.96 -39.35 0.81
N SER C 118 -47.99 -38.03 0.77
CA SER C 118 -47.51 -37.27 1.91
C SER C 118 -48.62 -36.44 2.54
N ASN C 119 -49.19 -36.99 3.61
CA ASN C 119 -49.89 -36.22 4.63
C ASN C 119 -49.48 -36.84 5.95
N LEU C 120 -50.04 -38.03 6.15
CA LEU C 120 -49.54 -39.08 7.05
C LEU C 120 -48.87 -38.60 8.33
N PRO C 121 -49.66 -38.00 9.23
CA PRO C 121 -49.10 -37.71 10.56
C PRO C 121 -48.78 -39.02 11.28
N ASP C 122 -47.82 -38.99 12.19
CA ASP C 122 -47.41 -40.18 12.92
C ASP C 122 -46.95 -41.31 12.00
N ASP C 123 -47.37 -42.53 12.31
CA ASP C 123 -46.94 -43.73 11.60
C ASP C 123 -47.86 -44.12 10.45
N GLU C 124 -48.80 -43.24 10.11
CA GLU C 124 -49.86 -43.54 9.15
C GLU C 124 -49.32 -43.94 7.76
N LYS C 125 -48.01 -43.88 7.59
CA LYS C 125 -47.38 -44.19 6.32
C LYS C 125 -47.46 -45.68 5.99
N PHE C 126 -46.78 -46.51 6.77
CA PHE C 126 -46.70 -47.94 6.48
C PHE C 126 -47.77 -48.73 7.23
N THR C 127 -48.72 -49.26 6.46
CA THR C 127 -49.86 -50.02 6.97
C THR C 127 -50.62 -50.52 5.72
N ASP C 128 -51.52 -51.49 5.91
CA ASP C 128 -52.14 -52.20 4.79
C ASP C 128 -51.01 -52.77 3.95
N GLU C 129 -51.09 -52.68 2.62
CA GLU C 129 -49.86 -52.87 1.86
C GLU C 129 -49.47 -51.61 1.09
N ASN C 130 -48.55 -50.85 1.65
CA ASN C 130 -47.67 -49.98 0.88
C ASN C 130 -46.26 -50.54 0.85
N THR C 131 -46.07 -51.63 1.59
CA THR C 131 -44.73 -52.01 2.04
C THR C 131 -44.56 -53.52 2.24
N ILE C 132 -43.35 -54.01 2.00
CA ILE C 132 -42.97 -55.37 2.34
C ILE C 132 -41.74 -55.33 3.25
N VAL C 133 -41.88 -55.84 4.47
CA VAL C 133 -40.78 -55.77 5.44
C VAL C 133 -39.82 -56.95 5.30
N LEU C 134 -38.56 -56.64 5.05
CA LEU C 134 -37.51 -57.65 4.93
C LEU C 134 -36.55 -57.56 6.12
N SER C 135 -36.50 -58.62 6.92
CA SER C 135 -35.66 -58.65 8.11
C SER C 135 -34.39 -59.48 7.90
N LEU C 136 -33.29 -59.02 8.49
CA LEU C 136 -32.02 -59.76 8.41
C LEU C 136 -31.28 -59.72 9.75
N ASN C 137 -30.92 -60.91 10.24
CA ASN C 137 -30.10 -61.01 11.45
C ASN C 137 -28.99 -62.05 11.30
N VAL C 138 -27.75 -61.61 11.45
CA VAL C 138 -26.60 -62.50 11.31
C VAL C 138 -25.54 -62.21 12.37
N LYS C 139 -25.08 -63.26 13.05
CA LYS C 139 -23.96 -63.14 13.99
C LYS C 139 -22.85 -64.12 13.60
N CYS C 140 -21.60 -63.69 13.76
CA CYS C 140 -20.46 -64.51 13.37
C CYS C 140 -19.96 -65.34 14.54
N THR C 141 -20.06 -66.67 14.41
CA THR C 141 -19.56 -67.58 15.41
C THR C 141 -18.23 -68.18 14.94
N ARG C 142 -17.24 -68.20 15.83
CA ARG C 142 -15.94 -68.77 15.49
C ARG C 142 -16.06 -70.26 15.25
N ASN C 143 -15.59 -70.71 14.09
CA ASN C 143 -15.76 -72.10 13.67
C ASN C 143 -14.81 -73.06 14.39
N PRO C 144 -15.38 -74.06 15.07
CA PRO C 144 -14.62 -75.07 15.81
C PRO C 144 -14.16 -76.24 14.95
N ASP C 145 -13.50 -75.94 13.83
CA ASP C 145 -12.89 -76.97 12.99
C ASP C 145 -11.43 -76.65 12.79
N ALA C 146 -10.64 -77.63 12.34
CA ALA C 146 -9.21 -77.40 12.21
C ALA C 146 -8.63 -77.73 10.82
N PRO C 147 -9.11 -77.03 9.76
CA PRO C 147 -8.30 -77.04 8.54
C PRO C 147 -7.14 -76.06 8.70
N LYS C 148 -6.08 -76.20 7.90
CA LYS C 148 -4.94 -75.30 8.00
C LYS C 148 -5.37 -73.87 7.72
N GLY C 149 -5.01 -72.96 8.62
CA GLY C 149 -5.50 -71.59 8.57
C GLY C 149 -4.77 -70.67 7.60
N SER C 150 -4.88 -69.37 7.86
CA SER C 150 -4.33 -68.34 6.98
C SER C 150 -4.80 -68.51 5.54
N THR C 151 -6.11 -68.42 5.35
CA THR C 151 -6.72 -68.60 4.03
C THR C 151 -8.04 -67.84 3.92
N ASP C 152 -8.77 -68.08 2.85
CA ASP C 152 -10.11 -67.55 2.67
C ASP C 152 -11.02 -68.11 3.75
N PRO C 153 -11.97 -67.30 4.25
CA PRO C 153 -12.91 -67.79 5.27
C PRO C 153 -13.90 -68.84 4.74
N LYS C 154 -13.36 -69.91 4.17
CA LYS C 154 -14.15 -71.02 3.68
C LYS C 154 -14.52 -71.96 4.83
N GLU C 155 -13.65 -72.02 5.83
CA GLU C 155 -13.80 -72.92 6.96
C GLU C 155 -13.70 -72.19 8.29
N LEU C 156 -12.54 -71.57 8.53
CA LEU C 156 -12.18 -70.98 9.81
C LEU C 156 -13.25 -70.07 10.41
N TYR C 157 -14.02 -69.39 9.57
CA TYR C 157 -15.09 -68.53 10.06
C TYR C 157 -16.43 -68.88 9.42
N ASN C 158 -17.37 -69.34 10.24
CA ASN C 158 -18.71 -69.69 9.77
C ASN C 158 -19.49 -68.45 9.33
N ASN C 159 -20.17 -68.56 8.19
CA ASN C 159 -20.98 -67.49 7.60
C ASN C 159 -20.29 -66.12 7.65
N ALA C 160 -19.01 -66.11 7.32
CA ALA C 160 -18.20 -64.89 7.38
C ALA C 160 -18.64 -63.86 6.34
N HIS C 161 -19.35 -64.33 5.31
CA HIS C 161 -19.84 -63.45 4.26
C HIS C 161 -21.35 -63.50 4.16
N VAL C 162 -22.02 -62.38 4.44
CA VAL C 162 -23.46 -62.32 4.31
C VAL C 162 -23.84 -62.11 2.85
N TYR C 163 -24.87 -62.82 2.40
CA TYR C 163 -25.30 -62.78 1.01
C TYR C 163 -26.78 -62.42 0.92
N ALA C 164 -27.23 -62.06 -0.28
CA ALA C 164 -28.62 -61.65 -0.49
C ALA C 164 -29.61 -62.74 -0.07
N ARG C 165 -29.15 -63.98 0.01
CA ARG C 165 -30.00 -65.09 0.44
C ARG C 165 -30.28 -65.04 1.94
N ASP C 166 -29.62 -64.12 2.64
CA ASP C 166 -29.82 -63.95 4.07
C ASP C 166 -30.97 -63.01 4.36
N LEU C 167 -31.62 -62.53 3.30
CA LEU C 167 -32.80 -61.68 3.42
C LEU C 167 -34.05 -62.56 3.44
N LYS C 168 -34.74 -62.57 4.57
CA LYS C 168 -35.93 -63.39 4.72
C LYS C 168 -37.19 -62.53 4.79
N PHE C 169 -38.25 -62.98 4.13
CA PHE C 169 -39.49 -62.23 4.05
C PHE C 169 -40.39 -62.45 5.26
N GLU C 170 -40.81 -61.36 5.89
CA GLU C 170 -41.75 -61.42 6.99
C GLU C 170 -43.10 -60.83 6.57
N PRO C 171 -44.15 -61.65 6.61
CA PRO C 171 -45.50 -61.21 6.20
C PRO C 171 -46.10 -60.15 7.12
N GLN C 172 -47.29 -59.68 6.79
CA GLN C 172 -48.01 -58.73 7.62
C GLN C 172 -49.34 -59.32 8.07
N GLY C 173 -49.67 -59.14 9.35
CA GLY C 173 -50.79 -59.81 9.98
C GLY C 173 -52.14 -59.77 9.27
N ARG C 174 -52.46 -58.62 8.68
CA ARG C 174 -53.75 -58.45 8.01
C ARG C 174 -53.85 -59.24 6.70
N GLN C 175 -52.86 -59.04 5.84
CA GLN C 175 -52.88 -59.60 4.49
C GLN C 175 -52.15 -60.94 4.40
N SER C 176 -51.80 -61.50 5.56
CA SER C 176 -50.72 -62.49 5.69
C SER C 176 -50.69 -63.60 4.63
N THR C 177 -51.85 -63.98 4.11
CA THR C 177 -51.90 -64.89 2.97
C THR C 177 -51.02 -64.35 1.82
N THR C 178 -51.28 -63.12 1.39
CA THR C 178 -50.44 -62.41 0.41
C THR C 178 -50.03 -63.23 -0.81
N PHE C 179 -48.71 -63.31 -1.00
CA PHE C 179 -48.08 -63.89 -2.17
C PHE C 179 -47.79 -65.37 -2.00
N ALA C 180 -48.31 -65.99 -0.94
CA ALA C 180 -47.86 -67.29 -0.43
C ALA C 180 -47.69 -68.36 -1.51
N ASP C 181 -48.40 -68.24 -2.63
CA ASP C 181 -48.13 -69.07 -3.80
C ASP C 181 -46.65 -68.96 -4.16
N CYS C 182 -46.25 -67.79 -4.68
CA CYS C 182 -44.85 -67.48 -4.89
C CYS C 182 -44.44 -66.26 -4.06
N PRO C 183 -43.63 -66.47 -3.02
CA PRO C 183 -43.21 -65.38 -2.13
C PRO C 183 -42.28 -64.38 -2.82
N VAL C 184 -41.86 -63.35 -2.11
CA VAL C 184 -40.98 -62.34 -2.67
C VAL C 184 -39.52 -62.70 -2.41
N VAL C 185 -38.66 -62.44 -3.38
CA VAL C 185 -37.26 -62.87 -3.28
C VAL C 185 -36.28 -61.83 -3.81
N PRO C 186 -35.08 -61.81 -3.21
CA PRO C 186 -33.89 -61.08 -3.68
C PRO C 186 -33.27 -61.78 -4.88
N ALA C 187 -33.77 -61.45 -6.08
CA ALA C 187 -33.54 -62.22 -7.30
C ALA C 187 -32.12 -62.74 -7.45
N ASP C 188 -31.15 -61.85 -7.56
CA ASP C 188 -29.76 -62.28 -7.58
C ASP C 188 -29.38 -62.75 -6.18
N PRO C 189 -29.13 -64.07 -6.04
CA PRO C 189 -28.96 -64.73 -4.74
C PRO C 189 -27.71 -64.33 -3.96
N ASP C 190 -26.58 -64.16 -4.65
CA ASP C 190 -25.31 -63.94 -3.95
C ASP C 190 -24.79 -62.53 -4.16
N ILE C 191 -24.81 -61.73 -3.10
CA ILE C 191 -24.30 -60.36 -3.16
C ILE C 191 -23.39 -60.08 -1.96
N LEU C 192 -22.40 -59.20 -2.17
CA LEU C 192 -21.28 -59.01 -1.27
C LEU C 192 -21.43 -57.94 -0.19
N LEU C 193 -22.65 -57.44 0.02
CA LEU C 193 -22.90 -56.18 0.71
C LEU C 193 -22.04 -55.94 1.95
N ALA C 194 -21.82 -56.99 2.74
CA ALA C 194 -21.00 -56.85 3.94
C ALA C 194 -20.16 -58.09 4.22
N LYS C 195 -18.96 -57.87 4.77
CA LYS C 195 -18.15 -58.96 5.28
C LYS C 195 -18.03 -58.79 6.78
N LEU C 196 -17.35 -59.72 7.45
CA LEU C 196 -17.29 -59.72 8.91
C LEU C 196 -16.38 -60.81 9.49
N ARG C 197 -16.15 -60.71 10.80
CA ARG C 197 -15.30 -61.64 11.53
C ARG C 197 -15.90 -61.88 12.91
N PRO C 198 -15.53 -63.01 13.57
CA PRO C 198 -16.14 -63.39 14.85
C PRO C 198 -16.14 -62.27 15.89
N GLY C 199 -17.26 -62.12 16.59
CA GLY C 199 -17.45 -61.04 17.53
C GLY C 199 -18.23 -59.90 16.92
N GLN C 200 -18.85 -60.17 15.77
CA GLN C 200 -19.62 -59.15 15.06
C GLN C 200 -21.02 -59.63 14.71
N GLU C 201 -21.98 -58.70 14.73
CA GLU C 201 -23.39 -59.05 14.51
C GLU C 201 -24.13 -57.92 13.77
N ILE C 202 -25.03 -58.32 12.88
CA ILE C 202 -25.85 -57.35 12.15
C ILE C 202 -27.32 -57.74 12.20
N SER C 203 -28.14 -56.86 12.77
CA SER C 203 -29.58 -57.12 12.87
C SER C 203 -30.41 -55.92 12.44
N LEU C 204 -31.22 -56.10 11.40
CA LEU C 204 -32.06 -55.03 10.89
C LEU C 204 -33.27 -55.56 10.12
N LYS C 205 -34.30 -54.71 10.00
CA LYS C 205 -35.41 -55.01 9.09
C LYS C 205 -35.76 -53.77 8.28
N ALA C 206 -35.56 -53.86 6.97
CA ALA C 206 -35.81 -52.75 6.06
C ALA C 206 -37.28 -52.60 5.71
N HIS C 207 -37.69 -51.38 5.38
CA HIS C 207 -39.04 -51.13 4.90
C HIS C 207 -39.03 -50.86 3.39
N CYS C 208 -39.89 -51.57 2.68
CA CYS C 208 -39.96 -51.44 1.22
C CYS C 208 -40.91 -50.31 0.85
N ILE C 209 -41.17 -50.15 -0.45
CA ILE C 209 -42.02 -49.06 -0.94
C ILE C 209 -42.21 -49.16 -2.46
N LEU C 210 -43.21 -48.44 -2.96
CA LEU C 210 -43.45 -48.32 -4.40
C LEU C 210 -43.00 -46.96 -4.88
N GLY C 211 -42.18 -46.94 -5.93
CA GLY C 211 -41.59 -45.70 -6.41
C GLY C 211 -41.33 -45.66 -7.90
N ILE C 212 -40.94 -44.48 -8.38
CA ILE C 212 -40.70 -44.27 -9.81
C ILE C 212 -39.24 -43.91 -10.06
N GLY C 213 -38.68 -44.42 -11.15
CA GLY C 213 -37.28 -44.23 -11.47
C GLY C 213 -36.86 -42.78 -11.70
N GLY C 214 -37.84 -41.90 -11.84
CA GLY C 214 -37.57 -40.49 -12.07
C GLY C 214 -37.00 -39.77 -10.86
N ASP C 215 -36.98 -40.45 -9.72
CA ASP C 215 -36.47 -39.86 -8.49
C ASP C 215 -35.15 -40.50 -8.07
N HIS C 216 -35.20 -41.78 -7.71
CA HIS C 216 -34.01 -42.50 -7.26
C HIS C 216 -33.60 -43.56 -8.28
N ALA C 217 -32.30 -43.84 -8.34
CA ALA C 217 -31.75 -44.77 -9.32
C ALA C 217 -32.08 -46.23 -8.99
N LYS C 218 -32.29 -46.52 -7.72
CA LYS C 218 -32.58 -47.89 -7.28
C LYS C 218 -34.01 -48.29 -7.63
N PHE C 219 -34.79 -47.33 -8.12
CA PHE C 219 -36.18 -47.56 -8.46
C PHE C 219 -36.35 -48.21 -9.83
N SER C 220 -35.91 -47.51 -10.87
CA SER C 220 -36.14 -47.92 -12.26
C SER C 220 -35.73 -49.38 -12.51
N PRO C 221 -36.68 -50.19 -12.99
CA PRO C 221 -36.53 -51.64 -13.17
C PRO C 221 -35.50 -52.02 -14.22
N VAL C 222 -35.46 -51.28 -15.31
CA VAL C 222 -34.59 -51.61 -16.43
C VAL C 222 -33.13 -51.32 -16.12
N SER C 223 -32.28 -52.34 -16.28
CA SER C 223 -30.85 -52.18 -16.09
C SER C 223 -30.25 -51.38 -17.24
N THR C 224 -30.54 -51.79 -18.47
CA THR C 224 -30.05 -51.10 -19.65
C THR C 224 -31.15 -50.93 -20.69
N ALA C 225 -31.46 -49.67 -21.02
CA ALA C 225 -32.48 -49.37 -22.02
C ALA C 225 -31.92 -48.50 -23.14
N SER C 226 -31.95 -49.01 -24.36
CA SER C 226 -31.43 -48.28 -25.50
C SER C 226 -32.00 -48.81 -26.83
N TYR C 227 -31.59 -48.18 -27.92
CA TYR C 227 -31.97 -48.62 -29.26
C TYR C 227 -30.86 -48.27 -30.24
N ARG C 228 -30.82 -49.01 -31.36
CA ARG C 228 -29.77 -48.80 -32.35
C ARG C 228 -30.32 -48.67 -33.76
N LEU C 229 -29.76 -47.74 -34.52
CA LEU C 229 -30.11 -47.56 -35.93
C LEU C 229 -29.55 -48.71 -36.76
N LEU C 230 -30.29 -49.13 -37.77
CA LEU C 230 -29.88 -50.27 -38.58
C LEU C 230 -28.85 -49.88 -39.64
N PRO C 231 -27.66 -50.49 -39.56
CA PRO C 231 -26.55 -50.23 -40.50
C PRO C 231 -26.84 -50.75 -41.90
N GLN C 232 -26.39 -50.01 -42.92
CA GLN C 232 -26.54 -50.44 -44.30
C GLN C 232 -25.24 -50.28 -45.07
N ILE C 233 -24.70 -51.38 -45.56
CA ILE C 233 -23.44 -51.34 -46.31
C ILE C 233 -23.69 -51.56 -47.80
N ASN C 234 -23.47 -50.51 -48.59
CA ASN C 234 -23.68 -50.57 -50.03
C ASN C 234 -22.35 -50.43 -50.77
N ILE C 235 -22.01 -51.45 -51.57
CA ILE C 235 -20.77 -51.43 -52.32
C ILE C 235 -21.02 -51.25 -53.82
N LEU C 236 -20.09 -50.56 -54.48
CA LEU C 236 -20.17 -50.34 -55.91
C LEU C 236 -18.90 -50.82 -56.59
N GLN C 237 -18.95 -50.97 -57.91
CA GLN C 237 -17.81 -51.41 -58.73
C GLN C 237 -17.44 -52.87 -58.46
N PRO C 238 -16.71 -53.51 -59.39
CA PRO C 238 -16.31 -54.92 -59.27
C PRO C 238 -15.53 -55.29 -58.00
N ILE C 239 -14.53 -54.50 -57.62
CA ILE C 239 -13.71 -54.67 -56.41
C ILE C 239 -12.89 -55.97 -56.43
N LYS C 240 -13.05 -56.74 -57.51
CA LYS C 240 -12.51 -58.10 -57.62
C LYS C 240 -11.00 -58.17 -57.52
N GLY C 241 -10.49 -59.36 -57.18
CA GLY C 241 -9.07 -59.57 -56.98
C GLY C 241 -8.68 -59.60 -55.52
N GLU C 242 -7.38 -59.42 -55.25
CA GLU C 242 -6.84 -59.50 -53.90
C GLU C 242 -7.48 -58.49 -52.94
N SER C 243 -8.04 -57.42 -53.52
CA SER C 243 -8.70 -56.38 -52.72
C SER C 243 -9.88 -56.92 -51.93
N ALA C 244 -10.47 -58.00 -52.43
CA ALA C 244 -11.61 -58.63 -51.75
C ALA C 244 -11.19 -59.22 -50.41
N ARG C 245 -10.00 -59.82 -50.37
CA ARG C 245 -9.47 -60.38 -49.15
C ARG C 245 -9.16 -59.29 -48.12
N ARG C 246 -8.66 -58.17 -48.61
CA ARG C 246 -8.31 -57.04 -47.75
C ARG C 246 -9.57 -56.29 -47.31
N PHE C 247 -10.60 -56.34 -48.15
CA PHE C 247 -11.88 -55.71 -47.86
C PHE C 247 -12.50 -56.20 -46.55
N GLN C 248 -12.84 -57.47 -46.51
CA GLN C 248 -13.50 -58.07 -45.35
C GLN C 248 -12.58 -58.13 -44.12
N LYS C 249 -11.28 -57.97 -44.33
CA LYS C 249 -10.31 -58.05 -43.25
C LYS C 249 -10.41 -56.86 -42.30
N CYS C 250 -10.47 -55.66 -42.87
CA CYS C 250 -10.57 -54.44 -42.09
C CYS C 250 -11.87 -54.37 -41.30
N PHE C 251 -12.92 -54.92 -41.89
CA PHE C 251 -14.25 -54.92 -41.29
C PHE C 251 -14.31 -55.82 -40.03
N PRO C 252 -15.47 -55.83 -39.34
CA PRO C 252 -15.67 -56.80 -38.25
C PRO C 252 -15.63 -58.25 -38.74
N PRO C 253 -15.71 -59.24 -37.83
CA PRO C 253 -15.54 -60.62 -38.30
C PRO C 253 -16.60 -61.15 -39.27
N GLY C 254 -17.89 -61.02 -38.94
CA GLY C 254 -18.92 -61.62 -39.77
C GLY C 254 -19.13 -60.96 -41.13
N VAL C 255 -19.55 -59.70 -41.10
CA VAL C 255 -19.59 -58.78 -42.25
C VAL C 255 -20.04 -59.41 -43.58
N ILE C 256 -19.30 -59.14 -44.64
CA ILE C 256 -19.56 -59.71 -45.95
C ILE C 256 -18.78 -61.01 -46.13
N GLY C 257 -18.85 -61.59 -47.33
CA GLY C 257 -18.17 -62.83 -47.63
C GLY C 257 -17.75 -62.95 -49.08
N ILE C 258 -16.89 -63.92 -49.37
CA ILE C 258 -16.40 -64.13 -50.73
C ILE C 258 -16.70 -65.53 -51.23
N ASP C 259 -17.56 -65.63 -52.25
CA ASP C 259 -17.85 -66.89 -52.90
C ASP C 259 -16.60 -67.52 -53.50
N GLU C 260 -16.07 -66.86 -54.52
CA GLU C 260 -14.86 -67.31 -55.19
C GLU C 260 -14.04 -66.09 -55.59
N GLY C 261 -12.88 -66.31 -56.22
CA GLY C 261 -12.06 -65.22 -56.70
C GLY C 261 -12.73 -64.42 -57.80
N SER C 262 -13.72 -65.04 -58.44
CA SER C 262 -14.46 -64.43 -59.52
C SER C 262 -15.44 -63.35 -59.03
N ASP C 263 -15.86 -62.49 -59.97
CA ASP C 263 -16.88 -61.46 -59.79
C ASP C 263 -16.68 -60.58 -58.55
N GLU C 264 -17.76 -60.25 -57.86
CA GLU C 264 -17.70 -59.26 -56.78
C GLU C 264 -18.22 -59.80 -55.45
N ALA C 265 -17.84 -59.12 -54.38
CA ALA C 265 -18.23 -59.51 -53.04
C ALA C 265 -19.73 -59.30 -52.81
N TYR C 266 -20.31 -60.14 -51.95
CA TYR C 266 -21.71 -60.00 -51.57
C TYR C 266 -21.84 -59.90 -50.06
N VAL C 267 -22.93 -59.32 -49.59
CA VAL C 267 -23.12 -59.06 -48.18
C VAL C 267 -23.75 -60.25 -47.45
N LYS C 268 -23.06 -60.74 -46.42
CA LYS C 268 -23.58 -61.78 -45.55
C LYS C 268 -24.49 -61.15 -44.50
N ASP C 269 -24.84 -61.93 -43.48
CA ASP C 269 -25.74 -61.46 -42.43
C ASP C 269 -25.26 -60.13 -41.81
N ALA C 270 -26.17 -59.16 -41.75
CA ALA C 270 -25.86 -57.83 -41.24
C ALA C 270 -26.08 -57.75 -39.74
N ARG C 271 -26.07 -56.52 -39.23
CA ARG C 271 -26.31 -56.22 -37.81
C ARG C 271 -25.14 -56.64 -36.92
N LYS C 272 -24.13 -57.27 -37.53
CA LYS C 272 -22.91 -57.62 -36.83
C LYS C 272 -21.89 -56.50 -36.95
N ASP C 273 -22.28 -55.44 -37.66
CA ASP C 273 -21.40 -54.30 -37.88
C ASP C 273 -21.68 -53.15 -36.92
N THR C 274 -20.61 -52.60 -36.34
CA THR C 274 -20.74 -51.49 -35.40
C THR C 274 -20.53 -50.17 -36.13
N VAL C 275 -20.33 -50.25 -37.44
CA VAL C 275 -20.09 -49.08 -38.30
C VAL C 275 -18.90 -48.28 -37.80
N SER C 276 -17.71 -48.84 -37.94
CA SER C 276 -16.50 -48.19 -37.46
C SER C 276 -15.81 -47.36 -38.56
N ARG C 277 -16.39 -47.40 -39.76
CA ARG C 277 -16.00 -46.56 -40.90
C ARG C 277 -14.49 -46.45 -41.12
N GLU C 278 -13.77 -47.56 -40.96
CA GLU C 278 -12.33 -47.56 -41.06
C GLU C 278 -11.84 -47.55 -42.52
N VAL C 279 -12.70 -48.03 -43.42
CA VAL C 279 -12.32 -48.18 -44.82
C VAL C 279 -12.18 -46.84 -45.55
N LEU C 280 -12.56 -45.76 -44.89
CA LEU C 280 -12.49 -44.44 -45.49
C LEU C 280 -11.06 -43.89 -45.52
N ARG C 281 -10.17 -44.54 -44.77
CA ARG C 281 -8.76 -44.14 -44.73
C ARG C 281 -7.96 -44.87 -45.80
N TYR C 282 -8.59 -45.83 -46.45
CA TYR C 282 -7.90 -46.78 -47.32
C TYR C 282 -7.83 -46.38 -48.79
N GLU C 283 -8.21 -45.13 -49.10
CA GLU C 283 -8.17 -44.63 -50.47
C GLU C 283 -9.06 -45.48 -51.38
N GLU C 284 -8.46 -46.23 -52.29
CA GLU C 284 -9.17 -46.96 -53.35
C GLU C 284 -10.41 -47.69 -52.86
N PHE C 285 -10.35 -48.25 -51.67
CA PHE C 285 -11.53 -48.84 -51.04
C PHE C 285 -12.63 -47.80 -50.84
N ALA C 286 -12.27 -46.64 -50.31
CA ALA C 286 -13.24 -45.60 -49.96
C ALA C 286 -13.87 -44.92 -51.16
N ASP C 287 -13.23 -45.04 -52.32
CA ASP C 287 -13.71 -44.39 -53.53
C ASP C 287 -15.07 -44.92 -53.97
N LYS C 288 -15.14 -46.24 -54.15
CA LYS C 288 -16.34 -46.89 -54.68
C LYS C 288 -17.29 -47.41 -53.60
N VAL C 289 -16.89 -47.26 -52.33
CA VAL C 289 -17.71 -47.78 -51.23
C VAL C 289 -18.39 -46.65 -50.45
N LYS C 290 -19.70 -46.76 -50.30
CA LYS C 290 -20.48 -45.78 -49.56
C LYS C 290 -21.14 -46.42 -48.34
N LEU C 291 -21.25 -45.66 -47.26
CA LEU C 291 -21.91 -46.14 -46.05
C LEU C 291 -23.11 -45.26 -45.71
N GLY C 292 -24.13 -45.88 -45.13
CA GLY C 292 -25.34 -45.15 -44.75
C GLY C 292 -26.25 -45.99 -43.88
N ARG C 293 -27.25 -45.34 -43.29
CA ARG C 293 -28.22 -46.04 -42.45
C ARG C 293 -29.63 -45.59 -42.79
N VAL C 294 -30.63 -46.34 -42.31
CA VAL C 294 -32.03 -46.02 -42.60
C VAL C 294 -32.74 -45.49 -41.35
N ARG C 295 -33.28 -44.28 -41.47
CA ARG C 295 -33.85 -43.57 -40.32
C ARG C 295 -35.12 -44.23 -39.76
N ASN C 296 -35.84 -44.94 -40.62
CA ASN C 296 -37.06 -45.63 -40.18
C ASN C 296 -36.75 -46.89 -39.38
N HIS C 297 -36.09 -47.84 -40.04
CA HIS C 297 -35.75 -49.12 -39.43
C HIS C 297 -34.96 -48.95 -38.14
N PHE C 298 -35.44 -49.58 -37.06
CA PHE C 298 -34.81 -49.48 -35.76
C PHE C 298 -34.48 -50.84 -35.17
N ILE C 299 -33.59 -50.87 -34.19
CA ILE C 299 -33.27 -52.07 -33.46
C ILE C 299 -33.24 -51.77 -31.97
N PHE C 300 -34.09 -52.46 -31.20
CA PHE C 300 -34.22 -52.19 -29.77
C PHE C 300 -33.73 -53.36 -28.92
N ASN C 301 -33.76 -53.15 -27.61
CA ASN C 301 -33.42 -54.16 -26.61
C ASN C 301 -33.59 -53.60 -25.20
N VAL C 302 -33.70 -54.48 -24.22
CA VAL C 302 -33.85 -54.07 -22.83
C VAL C 302 -33.25 -55.09 -21.88
N GLU C 303 -32.58 -54.60 -20.83
CA GLU C 303 -32.04 -55.47 -19.79
C GLU C 303 -32.85 -55.33 -18.51
N SER C 304 -33.55 -56.39 -18.13
CA SER C 304 -34.41 -56.38 -16.96
C SER C 304 -33.66 -56.88 -15.72
N ALA C 305 -33.96 -56.26 -14.58
CA ALA C 305 -33.31 -56.60 -13.33
C ALA C 305 -33.92 -57.86 -12.70
N GLY C 306 -35.00 -58.34 -13.29
CA GLY C 306 -35.68 -59.53 -12.77
C GLY C 306 -37.00 -59.21 -12.12
N ALA C 307 -37.30 -57.92 -11.98
CA ALA C 307 -38.54 -57.48 -11.35
C ALA C 307 -39.77 -57.93 -12.15
N MET C 308 -39.57 -58.16 -13.45
CA MET C 308 -40.66 -58.57 -14.34
C MET C 308 -40.12 -58.86 -15.74
N THR C 309 -40.93 -59.52 -16.56
CA THR C 309 -40.54 -59.85 -17.93
C THR C 309 -40.52 -58.60 -18.79
N PRO C 310 -39.52 -58.51 -19.68
CA PRO C 310 -39.33 -57.33 -20.56
C PRO C 310 -40.48 -57.10 -21.53
N GLU C 311 -41.26 -58.13 -21.83
CA GLU C 311 -42.42 -57.97 -22.70
C GLU C 311 -43.50 -57.15 -22.00
N GLU C 312 -43.49 -57.20 -20.67
CA GLU C 312 -44.41 -56.39 -19.87
C GLU C 312 -43.91 -54.95 -19.77
N ILE C 313 -42.58 -54.81 -19.72
CA ILE C 313 -41.93 -53.50 -19.67
C ILE C 313 -42.37 -52.60 -20.83
N PHE C 314 -42.05 -53.04 -22.04
CA PHE C 314 -42.36 -52.27 -23.25
C PHE C 314 -43.85 -52.00 -23.41
N PHE C 315 -44.68 -52.96 -22.98
CA PHE C 315 -46.13 -52.82 -23.13
C PHE C 315 -46.68 -51.78 -22.15
N LYS C 316 -46.21 -51.82 -20.91
CA LYS C 316 -46.60 -50.82 -19.91
C LYS C 316 -46.09 -49.45 -20.30
N SER C 317 -44.97 -49.43 -21.00
CA SER C 317 -44.37 -48.18 -21.48
C SER C 317 -45.27 -47.46 -22.48
N VAL C 318 -46.06 -48.23 -23.23
CA VAL C 318 -46.94 -47.66 -24.23
C VAL C 318 -48.18 -47.02 -23.60
N ARG C 319 -48.80 -47.72 -22.67
CA ARG C 319 -50.06 -47.26 -22.08
C ARG C 319 -49.87 -46.05 -21.15
N ILE C 320 -48.68 -45.92 -20.57
CA ILE C 320 -48.39 -44.75 -19.73
C ILE C 320 -48.35 -43.50 -20.60
N LEU C 321 -47.75 -43.62 -21.77
CA LEU C 321 -47.74 -42.52 -22.74
C LEU C 321 -49.15 -42.26 -23.25
N LYS C 322 -49.97 -43.32 -23.24
CA LYS C 322 -51.36 -43.24 -23.67
C LYS C 322 -52.23 -42.56 -22.61
N ASN C 323 -51.98 -42.90 -21.34
CA ASN C 323 -52.76 -42.36 -20.24
C ASN C 323 -52.51 -40.88 -19.98
N LYS C 324 -51.26 -40.46 -20.10
CA LYS C 324 -50.88 -39.07 -19.82
C LYS C 324 -51.46 -38.12 -20.87
N ALA C 325 -51.75 -38.65 -22.06
CA ALA C 325 -52.38 -37.87 -23.11
C ALA C 325 -53.88 -37.72 -22.86
N GLU C 326 -54.49 -38.81 -22.41
CA GLU C 326 -55.91 -38.82 -22.06
C GLU C 326 -56.24 -37.78 -21.00
N TYR C 327 -55.65 -37.94 -19.83
CA TYR C 327 -55.83 -37.02 -18.70
C TYR C 327 -55.55 -35.56 -19.10
N LEU C 328 -54.61 -35.38 -20.01
CA LEU C 328 -54.26 -34.06 -20.52
C LEU C 328 -55.40 -33.44 -21.33
N LYS C 329 -56.08 -34.26 -22.12
CA LYS C 329 -57.16 -33.77 -22.97
C LYS C 329 -58.45 -33.51 -22.21
N ASN C 330 -58.75 -34.36 -21.24
CA ASN C 330 -60.00 -34.29 -20.50
C ASN C 330 -60.13 -33.04 -19.64
N CYS C 331 -59.00 -32.39 -19.35
CA CYS C 331 -59.01 -31.17 -18.56
C CYS C 331 -59.17 -29.94 -19.46
N PRO C 332 -60.15 -29.08 -19.12
CA PRO C 332 -60.45 -27.87 -19.89
C PRO C 332 -59.34 -26.82 -19.85
N ILE C 333 -59.37 -25.89 -20.79
CA ILE C 333 -58.36 -24.84 -20.86
C ILE C 333 -58.75 -23.64 -20.00
N THR C 334 -57.84 -23.22 -19.12
CA THR C 334 -58.10 -22.10 -18.22
C THR C 334 -57.17 -20.94 -18.54
N GLN C 335 -57.64 -19.72 -18.31
CA GLN C 335 -56.83 -18.53 -18.52
C GLN C 335 -56.06 -18.15 -17.26
N MET D 1 -36.27 31.83 19.48
CA MET D 1 -36.17 32.02 18.04
C MET D 1 -36.06 33.50 17.72
N LYS D 2 -35.60 33.82 16.51
CA LYS D 2 -35.35 35.20 16.08
C LYS D 2 -36.59 36.09 16.20
N VAL D 3 -36.38 37.29 16.72
CA VAL D 3 -37.44 38.27 16.91
C VAL D 3 -37.18 39.51 16.08
N LEU D 4 -38.18 39.95 15.32
CA LEU D 4 -37.99 41.06 14.38
C LEU D 4 -38.31 42.44 14.96
N GLU D 5 -38.83 42.47 16.18
CA GLU D 5 -39.16 43.72 16.86
C GLU D 5 -39.68 43.45 18.27
N GLU D 6 -39.57 44.45 19.15
CA GLU D 6 -40.13 44.36 20.48
C GLU D 6 -41.66 44.21 20.45
N ARG D 7 -42.32 45.28 20.03
CA ARG D 7 -43.78 45.35 20.07
C ARG D 7 -44.35 46.07 18.85
N ASN D 8 -45.31 45.44 18.19
CA ASN D 8 -46.00 46.05 17.05
C ASN D 8 -47.12 46.95 17.54
N ALA D 9 -48.00 47.37 16.64
CA ALA D 9 -49.13 48.23 16.97
C ALA D 9 -49.93 47.66 18.15
N PHE D 10 -50.31 48.54 19.07
CA PHE D 10 -50.92 48.15 20.34
C PHE D 10 -52.24 47.42 20.14
N LEU D 11 -52.34 46.23 20.74
CA LEU D 11 -53.56 45.43 20.66
C LEU D 11 -54.20 45.29 22.04
N SER D 12 -55.32 45.96 22.27
CA SER D 12 -56.06 45.80 23.51
C SER D 12 -56.94 44.56 23.40
N ASP D 13 -57.82 44.35 24.38
CA ASP D 13 -58.69 43.19 24.30
C ASP D 13 -60.11 43.57 23.86
N TYR D 14 -60.39 43.32 22.59
CA TYR D 14 -61.75 43.20 22.09
C TYR D 14 -61.80 42.02 21.12
N GLU D 15 -61.08 42.19 20.01
CA GLU D 15 -61.03 41.23 18.92
C GLU D 15 -60.38 39.91 19.32
N VAL D 16 -59.76 39.88 20.50
CA VAL D 16 -59.26 38.64 21.07
C VAL D 16 -60.39 37.62 21.10
N LEU D 17 -61.43 37.93 21.86
CA LEU D 17 -62.64 37.11 21.91
C LEU D 17 -63.22 36.87 20.51
N LYS D 18 -63.14 37.88 19.66
CA LYS D 18 -63.68 37.80 18.31
C LYS D 18 -62.91 36.83 17.42
N PHE D 19 -61.59 36.91 17.44
CA PHE D 19 -60.77 36.04 16.59
C PHE D 19 -60.39 34.74 17.27
N LEU D 20 -60.67 34.63 18.58
CA LEU D 20 -60.55 33.35 19.25
C LEU D 20 -61.90 32.65 19.18
N THR D 21 -62.90 33.36 18.66
CA THR D 21 -64.17 32.75 18.30
C THR D 21 -63.96 32.06 16.95
N ASP D 22 -62.98 32.54 16.20
CA ASP D 22 -62.58 31.90 14.95
C ASP D 22 -61.77 30.63 15.24
N LEU D 23 -60.89 30.72 16.23
CA LEU D 23 -60.17 29.54 16.71
C LEU D 23 -61.18 28.58 17.31
N GLU D 24 -62.17 29.13 18.00
CA GLU D 24 -63.33 28.38 18.45
C GLU D 24 -64.02 27.71 17.26
N LYS D 25 -64.52 28.54 16.34
CA LYS D 25 -65.27 28.09 15.16
C LYS D 25 -64.59 26.94 14.42
N LYS D 26 -63.27 26.98 14.36
CA LYS D 26 -62.52 25.98 13.62
C LYS D 26 -62.51 24.63 14.36
N HIS D 27 -61.91 24.58 15.54
CA HIS D 27 -61.84 23.32 16.27
C HIS D 27 -62.96 23.16 17.30
N LEU D 28 -63.92 22.29 16.96
CA LEU D 28 -64.94 21.76 17.87
C LEU D 28 -65.92 22.81 18.42
N TRP D 29 -65.55 24.08 18.33
CA TRP D 29 -66.34 25.23 18.80
C TRP D 29 -67.08 24.98 20.12
N ASP D 30 -66.40 24.29 21.04
CA ASP D 30 -66.82 24.11 22.43
C ASP D 30 -68.28 23.73 22.67
N GLN D 31 -68.95 24.55 23.49
CA GLN D 31 -70.21 24.20 24.15
C GLN D 31 -71.31 23.67 23.24
N LYS D 32 -71.29 24.07 21.98
CA LYS D 32 -72.34 23.68 21.04
C LYS D 32 -72.18 22.23 20.59
N SER D 33 -71.07 21.94 19.92
CA SER D 33 -70.82 20.61 19.37
C SER D 33 -70.51 19.57 20.45
N LEU D 34 -70.37 20.01 21.69
CA LEU D 34 -70.11 19.10 22.81
C LEU D 34 -71.23 18.06 22.95
N ALA D 35 -72.44 18.44 22.56
CA ALA D 35 -73.59 17.53 22.63
C ALA D 35 -73.61 16.60 21.43
N PRO D 53 -54.04 19.42 19.79
CA PRO D 53 -54.50 19.44 21.18
C PRO D 53 -53.63 20.32 22.07
N GLU D 54 -53.93 20.31 23.37
CA GLU D 54 -53.26 21.15 24.37
C GLU D 54 -53.38 22.64 24.03
N LEU D 55 -54.38 22.99 23.25
CA LEU D 55 -54.72 24.38 23.00
C LEU D 55 -55.87 24.77 23.92
N GLN D 56 -56.35 23.80 24.68
CA GLN D 56 -57.49 24.00 25.57
C GLN D 56 -57.11 24.82 26.79
N GLY D 57 -55.81 24.89 27.06
CA GLY D 57 -55.31 25.66 28.18
C GLY D 57 -55.67 27.12 28.08
N ILE D 58 -55.31 27.75 26.95
CA ILE D 58 -55.64 29.15 26.72
C ILE D 58 -57.06 29.35 26.23
N THR D 59 -57.61 28.33 25.58
CA THR D 59 -58.93 28.44 24.95
C THR D 59 -60.06 28.65 25.96
N ARG D 60 -60.17 27.75 26.93
CA ARG D 60 -61.20 27.85 27.96
C ARG D 60 -60.91 29.03 28.88
N ASN D 61 -59.63 29.40 28.95
CA ASN D 61 -59.18 30.46 29.84
C ASN D 61 -59.58 31.86 29.39
N VAL D 62 -59.26 32.20 28.14
CA VAL D 62 -59.56 33.51 27.58
C VAL D 62 -61.05 33.85 27.62
N VAL D 63 -61.84 33.07 26.90
CA VAL D 63 -63.27 33.33 26.74
C VAL D 63 -64.01 33.46 28.08
N ASN D 64 -63.56 32.72 29.08
CA ASN D 64 -64.19 32.75 30.39
C ASN D 64 -63.96 34.08 31.11
N TYR D 65 -62.71 34.48 31.22
CA TYR D 65 -62.34 35.72 31.90
C TYR D 65 -62.91 36.95 31.20
N LEU D 66 -62.78 36.98 29.88
CA LEU D 66 -63.28 38.08 29.07
C LEU D 66 -64.78 38.33 29.23
N SER D 67 -65.57 37.33 28.83
CA SER D 67 -67.03 37.47 28.76
C SER D 67 -67.69 37.71 30.11
N ILE D 68 -67.17 37.08 31.16
CA ILE D 68 -67.82 37.13 32.48
C ILE D 68 -67.85 38.55 33.05
N ASN D 69 -66.87 39.36 32.66
CA ASN D 69 -66.78 40.75 33.10
C ASN D 69 -68.00 41.58 32.71
N LYS D 70 -68.18 41.77 31.40
CA LYS D 70 -69.18 42.70 30.88
C LYS D 70 -70.62 42.20 31.00
N ASN D 71 -70.81 40.95 31.39
CA ASN D 71 -72.16 40.43 31.56
C ASN D 71 -72.80 40.96 32.85
N PHE D 72 -72.28 40.53 33.98
CA PHE D 72 -72.77 40.98 35.28
C PHE D 72 -71.65 41.58 36.12
N MET D 98 -70.07 41.45 22.56
CA MET D 98 -70.73 42.62 23.12
C MET D 98 -71.48 43.40 22.04
N SER D 99 -70.76 44.27 21.34
CA SER D 99 -71.37 45.08 20.30
C SER D 99 -70.52 45.07 19.03
N ASP D 100 -70.95 45.84 18.03
CA ASP D 100 -70.27 45.92 16.75
C ASP D 100 -70.00 47.37 16.34
N GLU D 101 -71.08 48.11 16.14
CA GLU D 101 -71.00 49.49 15.66
C GLU D 101 -70.56 50.46 16.76
N SER D 102 -71.34 50.53 17.82
CA SER D 102 -71.18 51.54 18.88
C SER D 102 -69.76 51.66 19.41
N PHE D 103 -68.98 50.58 19.34
CA PHE D 103 -67.56 50.64 19.63
C PHE D 103 -66.89 51.68 18.74
N ALA D 104 -66.96 51.46 17.44
CA ALA D 104 -66.41 52.39 16.45
C ALA D 104 -67.04 53.78 16.54
N GLU D 105 -68.23 53.85 17.14
CA GLU D 105 -68.91 55.13 17.33
C GLU D 105 -68.64 55.72 18.71
N LEU D 106 -67.89 54.99 19.52
CA LEU D 106 -67.53 55.47 20.86
C LEU D 106 -66.34 56.42 20.77
N MET D 107 -65.76 56.51 19.57
CA MET D 107 -64.58 57.35 19.35
C MET D 107 -64.90 58.83 19.52
N THR D 108 -66.14 59.21 19.25
CA THR D 108 -66.55 60.62 19.15
C THR D 108 -66.02 61.51 20.27
N LYS D 109 -66.51 61.28 21.48
CA LYS D 109 -66.06 62.07 22.63
C LYS D 109 -64.75 61.52 23.19
N LEU D 110 -64.42 60.30 22.83
CA LEU D 110 -63.16 59.69 23.27
C LEU D 110 -61.99 60.25 22.46
N ASN D 111 -62.30 60.84 21.33
CA ASN D 111 -61.30 61.54 20.51
C ASN D 111 -60.96 62.89 21.12
N SER D 112 -61.98 63.75 21.24
CA SER D 112 -61.83 65.10 21.75
C SER D 112 -61.12 65.17 23.11
N PHE D 113 -61.15 64.07 23.86
CA PHE D 113 -60.43 64.00 25.13
C PHE D 113 -58.95 63.70 24.90
N LYS D 114 -58.11 64.37 25.68
CA LYS D 114 -56.66 64.41 25.44
C LYS D 114 -55.88 63.35 26.21
N LEU D 115 -56.61 62.41 26.80
CA LEU D 115 -56.03 61.40 27.70
C LEU D 115 -55.00 60.48 27.04
N PHE D 116 -54.78 60.65 25.74
CA PHE D 116 -53.79 59.91 24.96
C PHE D 116 -54.04 58.42 24.85
N LYS D 117 -53.01 57.61 25.10
CA LYS D 117 -53.03 56.20 24.72
C LYS D 117 -53.23 55.22 25.89
N ALA D 118 -52.30 55.23 26.83
CA ALA D 118 -52.29 54.25 27.93
C ALA D 118 -53.65 54.15 28.63
N GLU D 119 -54.32 55.29 28.79
CA GLU D 119 -55.65 55.31 29.39
C GLU D 119 -56.74 54.94 28.38
N LYS D 120 -56.51 55.29 27.11
CA LYS D 120 -57.50 55.13 26.05
C LYS D 120 -58.13 53.74 25.97
N LEU D 121 -57.32 52.73 25.68
CA LEU D 121 -57.81 51.38 25.48
C LEU D 121 -58.02 50.64 26.80
N GLN D 122 -57.69 51.30 27.91
CA GLN D 122 -57.86 50.72 29.23
C GLN D 122 -59.30 50.81 29.74
N ILE D 123 -59.94 51.96 29.53
CA ILE D 123 -61.28 52.18 30.06
C ILE D 123 -62.35 51.33 29.36
N VAL D 124 -61.95 50.63 28.31
CA VAL D 124 -62.84 49.74 27.56
C VAL D 124 -63.51 48.71 28.46
N ASN D 125 -62.79 48.22 29.46
CA ASN D 125 -63.29 47.16 30.32
C ASN D 125 -63.52 47.58 31.78
N GLN D 126 -62.44 47.95 32.47
CA GLN D 126 -62.44 48.09 33.92
C GLN D 126 -63.29 49.26 34.46
N LEU D 127 -63.99 48.97 35.56
CA LEU D 127 -64.75 49.94 36.37
C LEU D 127 -65.49 51.08 35.63
N PRO D 128 -66.53 50.73 34.86
CA PRO D 128 -67.28 51.75 34.12
C PRO D 128 -68.14 52.69 34.99
N ALA D 129 -68.02 53.99 34.71
CA ALA D 129 -69.05 54.99 35.00
C ALA D 129 -69.42 55.31 36.45
N ASN D 130 -68.53 55.09 37.42
CA ASN D 130 -68.83 55.59 38.76
C ASN D 130 -67.67 56.26 39.47
N MET D 131 -67.77 57.58 39.69
CA MET D 131 -66.92 58.34 40.60
C MET D 131 -65.43 57.97 40.57
N VAL D 132 -64.91 57.56 41.72
CA VAL D 132 -63.49 57.30 41.96
C VAL D 132 -62.94 56.11 41.14
N HIS D 133 -63.82 55.39 40.44
CA HIS D 133 -63.39 54.28 39.60
C HIS D 133 -62.31 54.72 38.60
N LEU D 134 -62.67 55.61 37.69
CA LEU D 134 -61.75 56.09 36.66
C LEU D 134 -60.67 57.01 37.23
N TYR D 135 -60.81 57.37 38.51
CA TYR D 135 -59.83 58.19 39.21
C TYR D 135 -58.47 57.48 39.30
N SER D 136 -58.52 56.14 39.35
CA SER D 136 -57.32 55.34 39.53
C SER D 136 -56.48 55.16 38.27
N ILE D 137 -57.12 54.86 37.14
CA ILE D 137 -56.41 54.50 35.92
C ILE D 137 -55.63 55.65 35.30
N VAL D 138 -56.30 56.78 35.05
CA VAL D 138 -55.67 57.87 34.33
C VAL D 138 -54.71 58.66 35.22
N GLU D 139 -53.47 58.80 34.77
CA GLU D 139 -52.50 59.60 35.50
C GLU D 139 -52.86 61.08 35.37
N GLU D 140 -52.51 61.85 36.41
CA GLU D 140 -52.92 63.24 36.60
C GLU D 140 -54.38 63.31 37.06
N CYS D 141 -55.10 62.22 36.89
CA CYS D 141 -56.47 62.03 37.39
C CYS D 141 -57.40 63.23 37.18
N ASP D 142 -58.04 63.66 38.27
CA ASP D 142 -59.02 64.74 38.22
C ASP D 142 -58.42 66.03 37.65
N ALA D 143 -57.60 66.70 38.46
CA ALA D 143 -56.74 67.80 38.01
C ALA D 143 -57.41 68.87 37.16
N ARG D 144 -56.88 69.02 35.94
CA ARG D 144 -57.15 70.12 35.03
C ARG D 144 -58.63 70.46 34.85
N PHE D 145 -59.37 69.57 34.20
CA PHE D 145 -60.80 69.76 34.02
C PHE D 145 -61.56 68.83 34.95
N ASP D 146 -62.47 69.39 35.74
CA ASP D 146 -63.06 68.66 36.85
C ASP D 146 -64.59 68.70 36.90
N GLU D 147 -65.15 69.89 37.14
CA GLU D 147 -66.55 70.05 37.51
C GLU D 147 -67.57 69.32 36.63
N LYS D 148 -67.44 69.48 35.32
CA LYS D 148 -68.42 68.92 34.39
C LYS D 148 -67.81 67.94 33.39
N THR D 149 -66.85 68.43 32.61
CA THR D 149 -66.29 67.72 31.46
C THR D 149 -65.94 66.23 31.70
N ILE D 150 -65.42 65.89 32.87
CA ILE D 150 -65.11 64.49 33.15
C ILE D 150 -66.37 63.68 33.42
N GLU D 151 -67.43 64.34 33.85
CA GLU D 151 -68.69 63.65 34.10
C GLU D 151 -69.30 63.25 32.77
N GLU D 152 -68.88 63.94 31.71
CA GLU D 152 -69.27 63.59 30.35
C GLU D 152 -68.69 62.23 29.98
N MET D 153 -67.58 61.86 30.61
CA MET D 153 -67.02 60.53 30.43
C MET D 153 -67.92 59.50 31.10
N LEU D 154 -68.31 59.79 32.34
CA LEU D 154 -69.14 58.89 33.13
C LEU D 154 -70.46 58.56 32.46
N GLU D 155 -71.10 59.58 31.88
CA GLU D 155 -72.43 59.39 31.30
C GLU D 155 -72.40 58.58 30.01
N ILE D 156 -71.33 58.74 29.23
CA ILE D 156 -71.22 58.04 27.96
C ILE D 156 -70.77 56.59 28.15
N ILE D 157 -69.86 56.36 29.09
CA ILE D 157 -69.42 55.01 29.40
C ILE D 157 -70.51 54.29 30.19
N SER D 158 -71.47 55.05 30.71
CA SER D 158 -72.68 54.47 31.28
C SER D 158 -73.71 54.27 30.18
N GLY D 159 -73.43 54.86 29.02
CA GLY D 159 -74.27 54.69 27.84
C GLY D 159 -73.83 53.45 27.10
N TYR D 160 -72.96 52.67 27.72
CA TYR D 160 -72.49 51.40 27.17
C TYR D 160 -73.57 50.34 27.29
N ALA D 161 -73.93 50.01 28.52
CA ALA D 161 -74.98 49.04 28.78
C ALA D 161 -76.22 49.73 29.33
N MET E 1 44.53 31.19 -31.77
CA MET E 1 44.15 30.19 -32.76
C MET E 1 43.03 30.70 -33.66
N ASP E 2 43.32 30.78 -34.96
CA ASP E 2 42.35 31.25 -35.93
C ASP E 2 41.06 30.44 -35.90
N GLN E 3 41.20 29.12 -35.83
CA GLN E 3 40.05 28.22 -35.84
C GLN E 3 39.04 28.50 -34.73
N GLU E 4 39.46 28.30 -33.48
CA GLU E 4 38.55 28.42 -32.34
C GLU E 4 38.07 29.85 -32.11
N ASN E 5 38.85 30.83 -32.56
CA ASN E 5 38.44 32.23 -32.41
C ASN E 5 37.30 32.58 -33.36
N GLU E 6 37.36 32.07 -34.58
CA GLU E 6 36.29 32.30 -35.55
C GLU E 6 35.02 31.58 -35.12
N ARG E 7 35.17 30.56 -34.29
CA ARG E 7 34.03 29.87 -33.70
C ARG E 7 33.30 30.80 -32.74
N ASN E 8 34.07 31.60 -32.01
CA ASN E 8 33.52 32.50 -31.01
C ASN E 8 32.93 33.77 -31.60
N ILE E 9 33.50 34.23 -32.72
CA ILE E 9 32.99 35.44 -33.37
C ILE E 9 31.70 35.12 -34.14
N SER E 10 31.53 33.85 -34.50
CA SER E 10 30.29 33.38 -35.10
C SER E 10 29.26 33.19 -34.02
N ARG E 11 29.72 32.72 -32.86
CA ARG E 11 28.91 32.60 -31.66
C ARG E 11 28.31 33.95 -31.29
N LEU E 12 29.18 34.91 -30.98
CA LEU E 12 28.78 36.26 -30.60
C LEU E 12 27.90 36.92 -31.65
N TRP E 13 28.19 36.64 -32.92
CA TRP E 13 27.38 37.18 -34.02
C TRP E 13 25.96 36.65 -33.97
N ARG E 14 25.83 35.34 -33.77
CA ARG E 14 24.52 34.72 -33.61
C ARG E 14 23.91 35.12 -32.28
N ALA E 15 24.77 35.41 -31.30
CA ALA E 15 24.32 35.89 -30.01
C ALA E 15 23.77 37.31 -30.13
N PHE E 16 24.35 38.08 -31.05
CA PHE E 16 23.87 39.42 -31.35
C PHE E 16 22.52 39.34 -32.03
N ARG E 17 22.32 38.28 -32.81
CA ARG E 17 21.05 38.01 -33.46
C ARG E 17 19.95 37.75 -32.42
N THR E 18 20.30 37.00 -31.40
CA THR E 18 19.34 36.61 -30.35
C THR E 18 18.80 37.80 -29.58
N VAL E 19 19.71 38.64 -29.08
CA VAL E 19 19.33 39.80 -28.28
C VAL E 19 18.63 40.86 -29.13
N LYS E 20 18.83 40.77 -30.45
CA LYS E 20 18.21 41.71 -31.37
C LYS E 20 16.73 41.39 -31.57
N GLU E 21 16.44 40.20 -32.09
CA GLU E 21 15.06 39.76 -32.30
C GLU E 21 14.27 39.72 -31.00
N MET E 22 14.97 39.64 -29.88
CA MET E 22 14.34 39.64 -28.57
C MET E 22 13.76 41.01 -28.21
N VAL E 23 14.48 42.07 -28.58
CA VAL E 23 14.04 43.42 -28.24
C VAL E 23 12.90 43.87 -29.13
N LYS E 24 12.65 43.13 -30.20
CA LYS E 24 11.62 43.48 -31.18
C LYS E 24 10.21 43.14 -30.70
N ASP E 25 10.02 41.92 -30.19
CA ASP E 25 8.69 41.46 -29.82
C ASP E 25 8.21 42.09 -28.51
N ARG E 26 9.10 42.83 -27.85
CA ARG E 26 8.73 43.56 -26.65
C ARG E 26 7.90 44.80 -26.98
N GLY E 27 7.79 45.10 -28.27
CA GLY E 27 7.02 46.24 -28.73
C GLY E 27 7.90 47.39 -29.21
N TYR E 28 9.20 47.25 -28.99
CA TYR E 28 10.16 48.28 -29.37
C TYR E 28 10.35 48.34 -30.88
N PHE E 29 10.82 49.49 -31.37
CA PHE E 29 10.90 49.73 -32.81
C PHE E 29 12.26 49.43 -33.43
N ILE E 30 12.29 48.39 -34.27
CA ILE E 30 13.42 48.12 -35.15
C ILE E 30 12.89 47.69 -36.50
N THR E 31 13.78 47.29 -37.40
CA THR E 31 13.36 46.82 -38.72
C THR E 31 13.96 45.44 -38.99
N GLN E 32 13.44 44.77 -40.02
CA GLN E 32 13.88 43.42 -40.36
C GLN E 32 15.36 43.38 -40.75
N GLU E 33 15.89 44.51 -41.19
CA GLU E 33 17.30 44.60 -41.57
C GLU E 33 18.20 44.70 -40.34
N GLU E 34 17.64 45.16 -39.22
CA GLU E 34 18.40 45.31 -37.98
C GLU E 34 18.81 43.95 -37.41
N VAL E 35 17.88 43.00 -37.42
CA VAL E 35 18.15 41.67 -36.88
C VAL E 35 18.79 40.75 -37.92
N GLU E 36 18.69 41.13 -39.19
CA GLU E 36 19.20 40.27 -40.25
C GLU E 36 20.42 40.87 -40.95
N LEU E 37 21.58 40.29 -40.70
CA LEU E 37 22.81 40.65 -41.40
C LEU E 37 23.68 39.42 -41.60
N PRO E 38 24.41 39.36 -42.72
CA PRO E 38 25.39 38.30 -42.93
C PRO E 38 26.65 38.54 -42.11
N LEU E 39 27.67 37.71 -42.30
CA LEU E 39 28.91 37.84 -41.55
C LEU E 39 29.71 39.05 -42.03
N GLU E 40 29.50 39.45 -43.28
CA GLU E 40 30.21 40.58 -43.88
C GLU E 40 30.06 41.88 -43.08
N ASP E 41 28.83 42.36 -42.98
CA ASP E 41 28.56 43.63 -42.29
C ASP E 41 28.94 43.58 -40.82
N PHE E 42 28.88 42.38 -40.23
CA PHE E 42 29.25 42.21 -38.82
C PHE E 42 30.74 42.38 -38.61
N LYS E 43 31.54 41.85 -39.53
CA LYS E 43 32.99 41.94 -39.43
C LYS E 43 33.48 43.38 -39.63
N ALA E 44 32.79 44.12 -40.47
CA ALA E 44 33.13 45.52 -40.70
C ALA E 44 32.84 46.36 -39.47
N LYS E 45 31.59 46.30 -39.00
CA LYS E 45 31.12 47.13 -37.89
C LYS E 45 31.89 46.92 -36.57
N TYR E 46 31.69 45.75 -35.96
CA TYR E 46 32.18 45.52 -34.60
C TYR E 46 33.53 44.81 -34.52
N CYS E 47 34.10 44.46 -35.67
CA CYS E 47 35.43 43.84 -35.68
C CYS E 47 36.43 44.77 -36.34
N ASP E 48 37.62 44.85 -35.76
CA ASP E 48 38.65 45.75 -36.25
C ASP E 48 39.29 45.23 -37.54
N SER E 49 40.22 46.01 -38.09
CA SER E 49 40.94 45.59 -39.29
C SER E 49 42.06 44.63 -38.94
N MET E 50 42.41 44.59 -37.65
CA MET E 50 43.45 43.69 -37.17
C MET E 50 42.93 42.24 -37.17
N GLY E 51 41.62 42.10 -37.09
CA GLY E 51 40.99 40.79 -37.08
C GLY E 51 40.46 40.39 -35.72
N ARG E 52 40.65 41.25 -34.73
CA ARG E 52 40.11 41.01 -33.38
C ARG E 52 38.92 41.92 -33.12
N PRO E 53 37.78 41.31 -32.73
CA PRO E 53 36.52 42.03 -32.47
C PRO E 53 36.61 42.99 -31.29
N GLN E 54 35.50 43.67 -31.00
CA GLN E 54 35.44 44.62 -29.90
C GLN E 54 34.31 44.29 -28.94
N ARG E 55 34.10 45.15 -27.95
CA ARG E 55 33.12 44.89 -26.91
C ARG E 55 32.14 46.05 -26.70
N LYS E 56 32.67 47.17 -26.23
CA LYS E 56 31.84 48.30 -25.78
C LYS E 56 31.11 49.01 -26.90
N MET E 57 31.62 48.92 -28.12
CA MET E 57 31.03 49.64 -29.26
C MET E 57 29.75 48.97 -29.76
N MET E 58 29.44 47.80 -29.23
CA MET E 58 28.26 47.05 -29.65
C MET E 58 27.00 47.65 -29.02
N SER E 59 27.17 48.49 -28.00
CA SER E 59 26.06 49.12 -27.31
C SER E 59 25.24 50.01 -28.23
N PHE E 60 23.92 49.91 -28.13
CA PHE E 60 23.02 50.72 -28.95
C PHE E 60 21.81 51.18 -28.15
N GLN E 61 20.85 51.81 -28.83
CA GLN E 61 19.64 52.30 -28.18
C GLN E 61 18.43 52.16 -29.09
N ALA E 62 17.29 51.77 -28.51
CA ALA E 62 16.06 51.61 -29.27
C ALA E 62 14.84 52.09 -28.47
N ASN E 63 13.79 52.49 -29.17
CA ASN E 63 12.58 52.98 -28.52
C ASN E 63 11.34 52.16 -28.87
N PRO E 64 10.20 52.45 -28.25
CA PRO E 64 8.95 51.81 -28.68
C PRO E 64 8.32 52.54 -29.86
N THR E 65 7.20 52.02 -30.36
CA THR E 65 6.50 52.65 -31.46
C THR E 65 4.99 52.38 -31.40
N GLU E 66 4.21 53.38 -31.83
CA GLU E 66 2.75 53.28 -31.99
C GLU E 66 2.05 52.58 -30.82
N GLU E 67 1.35 51.49 -31.12
CA GLU E 67 0.54 50.77 -30.15
C GLU E 67 1.28 50.39 -28.86
N SER E 68 2.60 50.24 -28.95
CA SER E 68 3.41 49.89 -27.78
C SER E 68 3.28 50.93 -26.67
N ILE E 69 3.16 52.21 -27.04
CA ILE E 69 3.00 53.27 -26.07
C ILE E 69 1.51 53.58 -25.86
N SER E 70 0.66 52.90 -26.63
CA SER E 70 -0.78 53.06 -26.51
C SER E 70 -1.35 52.01 -25.58
N LYS E 71 -1.20 50.75 -25.97
CA LYS E 71 -1.58 49.60 -25.14
C LYS E 71 -1.04 49.75 -23.73
N PHE E 72 0.28 49.76 -23.61
CA PHE E 72 0.93 50.04 -22.32
C PHE E 72 1.26 51.52 -22.23
N PRO E 73 0.52 52.26 -21.40
CA PRO E 73 0.69 53.72 -21.28
C PRO E 73 2.01 54.11 -20.63
N ASP E 74 2.53 53.26 -19.75
CA ASP E 74 3.78 53.55 -19.08
C ASP E 74 4.92 52.68 -19.60
N MET E 75 5.83 53.31 -20.35
CA MET E 75 6.97 52.64 -20.95
C MET E 75 7.81 53.66 -21.72
N GLY E 76 8.96 53.22 -22.24
CA GLY E 76 9.82 54.10 -23.00
C GLY E 76 11.06 53.41 -23.54
N SER E 77 11.91 54.17 -24.21
CA SER E 77 13.15 53.66 -24.76
C SER E 77 14.09 53.18 -23.65
N LEU E 78 14.91 52.18 -23.95
CA LEU E 78 15.89 51.70 -22.98
C LEU E 78 17.32 51.84 -23.52
N TRP E 79 18.28 51.45 -22.69
CA TRP E 79 19.69 51.60 -23.03
C TRP E 79 20.47 50.32 -22.73
N VAL E 80 21.02 49.71 -23.77
CA VAL E 80 21.72 48.44 -23.62
C VAL E 80 23.24 48.57 -23.83
N GLU E 81 23.99 48.04 -22.87
CA GLU E 81 25.45 48.03 -22.96
C GLU E 81 26.00 46.61 -22.80
N PHE E 82 27.26 46.41 -23.21
CA PHE E 82 27.89 45.10 -23.11
C PHE E 82 28.88 45.06 -21.95
N CYS E 83 29.49 43.89 -21.73
CA CYS E 83 30.47 43.73 -20.67
C CYS E 83 31.89 43.85 -21.23
N ASP E 84 32.88 43.64 -20.37
CA ASP E 84 34.27 43.77 -20.75
C ASP E 84 35.06 42.52 -20.37
N GLU E 85 35.12 42.24 -19.08
CA GLU E 85 36.00 41.19 -18.56
C GLU E 85 35.14 40.04 -18.02
N PRO E 86 35.65 38.80 -18.08
CA PRO E 86 34.92 37.66 -17.50
C PRO E 86 34.68 37.80 -16.01
N SER E 87 35.57 38.50 -15.32
CA SER E 87 35.40 38.72 -13.89
C SER E 87 34.45 39.88 -13.63
N VAL E 88 33.38 39.58 -12.89
CA VAL E 88 32.38 40.56 -12.49
C VAL E 88 32.86 41.32 -11.25
N GLY E 89 31.94 42.00 -10.57
CA GLY E 89 32.29 42.97 -9.55
C GLY E 89 31.97 44.38 -9.98
N VAL E 90 32.37 45.37 -9.18
CA VAL E 90 31.77 46.69 -9.31
C VAL E 90 32.24 47.40 -10.57
N LYS E 91 33.48 47.87 -10.58
CA LYS E 91 34.14 48.33 -11.82
C LYS E 91 33.25 49.17 -12.73
N THR E 92 33.07 48.68 -13.96
CA THR E 92 32.27 49.35 -14.97
C THR E 92 30.76 49.34 -14.67
N MET E 93 30.34 48.58 -13.68
CA MET E 93 28.92 48.57 -13.31
C MET E 93 28.57 49.85 -12.56
N LYS E 94 29.59 50.50 -11.99
CA LYS E 94 29.39 51.80 -11.35
C LYS E 94 28.93 52.83 -12.36
N THR E 95 29.72 53.02 -13.41
CA THR E 95 29.38 53.98 -14.45
C THR E 95 28.16 53.53 -15.23
N PHE E 96 27.91 52.22 -15.23
CA PHE E 96 26.70 51.68 -15.86
C PHE E 96 25.47 52.17 -15.11
N VAL E 97 25.54 52.14 -13.78
CA VAL E 97 24.48 52.69 -12.95
C VAL E 97 24.39 54.19 -13.17
N ILE E 98 25.55 54.86 -13.19
CA ILE E 98 25.63 56.28 -13.47
C ILE E 98 25.01 56.60 -14.83
N HIS E 99 25.27 55.73 -15.81
CA HIS E 99 24.66 55.87 -17.13
C HIS E 99 23.14 55.82 -17.04
N ILE E 100 22.63 54.90 -16.22
CA ILE E 100 21.18 54.78 -16.02
C ILE E 100 20.64 55.98 -15.24
N GLN E 101 21.46 56.52 -14.33
CA GLN E 101 21.06 57.65 -13.51
C GLN E 101 20.63 58.86 -14.34
N GLU E 102 21.57 59.44 -15.07
CA GLU E 102 21.32 60.67 -15.82
C GLU E 102 20.52 60.44 -17.11
N LYS E 103 20.64 59.25 -17.67
CA LYS E 103 19.93 58.95 -18.92
C LYS E 103 18.57 58.31 -18.68
N ASN E 104 18.24 58.08 -17.41
CA ASN E 104 16.91 57.60 -17.02
C ASN E 104 16.49 56.30 -17.73
N PHE E 105 15.47 56.43 -18.57
CA PHE E 105 14.84 55.31 -19.28
C PHE E 105 14.27 54.27 -18.33
N GLN E 106 14.41 52.99 -18.68
CA GLN E 106 13.81 51.93 -17.87
C GLN E 106 14.81 50.88 -17.40
N THR E 107 15.22 50.00 -18.31
CA THR E 107 16.07 48.89 -17.91
C THR E 107 17.33 48.73 -18.77
N GLY E 108 18.48 48.98 -18.16
CA GLY E 108 19.74 48.65 -18.77
C GLY E 108 19.96 47.15 -18.75
N ILE E 109 20.25 46.57 -19.90
CA ILE E 109 20.54 45.14 -19.96
C ILE E 109 21.96 44.92 -20.46
N PHE E 110 22.65 43.95 -19.87
CA PHE E 110 24.02 43.68 -20.26
C PHE E 110 24.28 42.18 -20.35
N VAL E 111 24.93 41.78 -21.44
CA VAL E 111 25.27 40.38 -21.64
C VAL E 111 26.58 40.05 -20.95
N TYR E 112 26.60 38.96 -20.20
CA TYR E 112 27.79 38.58 -19.43
C TYR E 112 28.91 38.06 -20.33
N GLN E 113 30.01 37.67 -19.72
CA GLN E 113 31.14 37.12 -20.45
C GLN E 113 31.33 35.64 -20.10
N ASN E 114 31.77 35.38 -18.88
CA ASN E 114 32.00 34.01 -18.44
C ASN E 114 31.36 33.67 -17.09
N ASN E 115 31.85 34.29 -16.02
CA ASN E 115 31.47 33.91 -14.67
C ASN E 115 30.70 34.99 -13.90
N ILE E 116 29.88 34.55 -12.96
CA ILE E 116 29.11 35.46 -12.11
C ILE E 116 29.37 35.16 -10.64
N THR E 117 29.67 36.20 -9.86
CA THR E 117 29.98 36.06 -8.45
C THR E 117 29.15 37.09 -7.67
N PRO E 118 28.91 36.84 -6.37
CA PRO E 118 28.08 37.72 -5.55
C PRO E 118 28.55 39.19 -5.47
N SER E 119 29.78 39.47 -5.90
CA SER E 119 30.26 40.85 -5.99
C SER E 119 29.29 41.69 -6.82
N ALA E 120 29.12 41.33 -8.09
CA ALA E 120 28.19 42.04 -8.98
C ALA E 120 26.75 42.00 -8.49
N MET E 121 26.48 41.16 -7.50
CA MET E 121 25.17 41.06 -6.88
C MET E 121 25.00 42.11 -5.78
N LYS E 122 25.99 43.00 -5.66
CA LYS E 122 25.99 44.05 -4.64
C LYS E 122 24.63 44.75 -4.56
N LEU E 123 24.31 45.57 -5.55
CA LEU E 123 22.91 45.89 -5.81
C LEU E 123 22.65 45.75 -7.30
N VAL E 124 22.03 44.64 -7.71
CA VAL E 124 21.43 44.58 -9.04
C VAL E 124 20.03 45.21 -9.14
N PRO E 125 19.05 44.77 -8.31
CA PRO E 125 17.72 45.23 -8.63
C PRO E 125 17.23 46.44 -7.84
N SER E 126 17.98 47.53 -7.78
CA SER E 126 17.39 48.75 -7.26
C SER E 126 17.77 49.99 -8.07
N ILE E 127 16.78 50.51 -8.77
CA ILE E 127 16.78 51.87 -9.32
C ILE E 127 15.32 52.26 -9.19
N PRO E 128 14.89 52.64 -7.97
CA PRO E 128 13.50 52.47 -7.49
C PRO E 128 12.38 52.80 -8.49
N PRO E 129 12.52 53.83 -9.33
CA PRO E 129 11.49 53.92 -10.38
C PRO E 129 11.57 52.78 -11.41
N ALA E 130 12.67 52.06 -11.46
CA ALA E 130 12.88 51.03 -12.48
C ALA E 130 13.76 49.87 -11.98
N THR E 131 14.21 49.03 -12.91
CA THR E 131 15.12 47.94 -12.59
C THR E 131 16.04 47.63 -13.77
N ILE E 132 16.91 46.63 -13.62
CA ILE E 132 17.78 46.20 -14.70
C ILE E 132 17.65 44.69 -14.93
N GLU E 133 18.47 44.16 -15.84
CA GLU E 133 18.40 42.75 -16.21
C GLU E 133 19.78 42.15 -16.46
N THR E 134 19.93 40.86 -16.19
CA THR E 134 21.20 40.18 -16.36
C THR E 134 21.09 39.01 -17.35
N PHE E 135 22.01 38.98 -18.32
CA PHE E 135 22.02 37.93 -19.34
C PHE E 135 23.41 37.35 -19.56
N ASN E 136 23.49 36.03 -19.65
CA ASN E 136 24.76 35.36 -19.89
C ASN E 136 24.99 35.09 -21.38
N GLU E 137 26.23 35.28 -21.83
CA GLU E 137 26.56 35.10 -23.24
C GLU E 137 26.47 33.62 -23.64
N ALA E 138 26.87 32.75 -22.72
CA ALA E 138 26.78 31.30 -22.93
C ALA E 138 25.35 30.88 -23.25
N ALA E 139 24.45 31.11 -22.30
CA ALA E 139 23.05 30.70 -22.41
C ALA E 139 22.36 31.24 -23.67
N LEU E 140 22.81 32.40 -24.15
CA LEU E 140 22.18 32.99 -25.34
C LEU E 140 22.92 32.62 -26.62
N VAL E 141 22.30 31.77 -27.43
CA VAL E 141 22.76 31.47 -28.78
C VAL E 141 21.58 31.54 -29.75
N VAL E 142 20.62 30.63 -29.59
CA VAL E 142 19.39 30.65 -30.35
C VAL E 142 18.20 30.88 -29.41
N ASN E 143 17.14 31.47 -29.95
CA ASN E 143 15.96 31.80 -29.14
C ASN E 143 15.13 30.57 -28.80
N ILE E 144 14.65 30.53 -27.55
CA ILE E 144 13.92 29.37 -27.04
C ILE E 144 12.47 29.33 -27.52
N THR E 145 11.83 30.49 -27.59
CA THR E 145 10.43 30.58 -27.99
C THR E 145 10.20 30.12 -29.42
N HIS E 146 11.25 30.17 -30.23
CA HIS E 146 11.18 29.82 -31.64
C HIS E 146 11.60 28.36 -31.89
N HIS E 147 11.85 27.61 -30.82
CA HIS E 147 12.61 26.37 -30.98
C HIS E 147 11.78 25.19 -31.49
N GLU E 148 11.04 24.52 -30.61
CA GLU E 148 10.15 23.45 -31.07
C GLU E 148 8.79 23.47 -30.37
N LEU E 149 8.82 23.10 -29.10
CA LEU E 149 7.61 22.88 -28.31
C LEU E 149 6.99 24.18 -27.80
N VAL E 150 7.85 25.14 -27.49
CA VAL E 150 7.41 26.40 -26.92
C VAL E 150 6.52 27.16 -27.91
N PRO E 151 5.25 27.39 -27.53
CA PRO E 151 4.29 28.11 -28.36
C PRO E 151 4.37 29.61 -28.13
N LYS E 152 3.47 30.35 -28.77
CA LYS E 152 3.44 31.80 -28.64
C LYS E 152 2.88 32.23 -27.29
N HIS E 153 3.61 33.11 -26.60
CA HIS E 153 3.16 33.65 -25.34
C HIS E 153 2.80 35.13 -25.50
N ILE E 154 1.52 35.45 -25.38
CA ILE E 154 1.03 36.80 -25.63
C ILE E 154 0.77 37.57 -24.34
N ARG E 155 1.56 38.61 -24.11
CA ARG E 155 1.38 39.46 -22.95
C ARG E 155 0.24 40.45 -23.18
N LEU E 156 -0.57 40.67 -22.15
CA LEU E 156 -1.71 41.58 -22.25
C LEU E 156 -1.66 42.68 -21.19
N SER E 157 -2.40 43.76 -21.42
CA SER E 157 -2.43 44.89 -20.51
C SER E 157 -3.36 44.64 -19.33
N SER E 158 -3.49 45.64 -18.47
CA SER E 158 -4.36 45.54 -17.30
C SER E 158 -5.83 45.55 -17.71
N ASP E 159 -6.10 46.17 -18.85
CA ASP E 159 -7.45 46.20 -19.42
C ASP E 159 -7.99 44.79 -19.62
N GLU E 160 -7.32 44.03 -20.47
CA GLU E 160 -7.73 42.66 -20.79
C GLU E 160 -7.79 41.76 -19.55
N LYS E 161 -6.95 42.06 -18.57
CA LYS E 161 -6.91 41.32 -17.32
C LYS E 161 -8.26 41.32 -16.61
N ARG E 162 -8.71 42.50 -16.19
CA ARG E 162 -9.95 42.64 -15.43
C ARG E 162 -11.18 42.15 -16.20
N GLU E 163 -11.09 42.19 -17.53
CA GLU E 163 -12.18 41.68 -18.37
C GLU E 163 -12.19 40.16 -18.36
N LEU E 164 -11.00 39.57 -18.37
CA LEU E 164 -10.85 38.12 -18.30
C LEU E 164 -11.41 37.60 -16.98
N LEU E 165 -11.31 38.41 -15.94
CA LEU E 165 -11.85 38.06 -14.64
C LEU E 165 -13.34 38.38 -14.57
N LYS E 166 -13.83 39.12 -15.55
CA LYS E 166 -15.26 39.42 -15.65
C LYS E 166 -15.97 38.42 -16.56
N ARG E 167 -15.20 37.52 -17.15
CA ARG E 167 -15.76 36.48 -18.01
C ARG E 167 -16.28 35.32 -17.17
N TYR E 168 -15.37 34.64 -16.48
CA TYR E 168 -15.72 33.52 -15.64
C TYR E 168 -16.10 33.98 -14.23
N ARG E 169 -16.04 35.30 -14.03
CA ARG E 169 -16.37 35.92 -12.74
C ARG E 169 -15.50 35.35 -11.62
N LEU E 170 -14.21 35.67 -11.66
CA LEU E 170 -13.25 35.09 -10.74
C LEU E 170 -12.49 36.13 -9.92
N LYS E 171 -12.10 35.75 -8.71
CA LYS E 171 -11.18 36.54 -7.90
C LYS E 171 -9.81 36.47 -8.54
N GLU E 172 -8.92 37.40 -8.18
CA GLU E 172 -7.60 37.45 -8.80
C GLU E 172 -6.76 36.26 -8.33
N SER E 173 -5.55 36.15 -8.88
CA SER E 173 -4.70 34.97 -8.72
C SER E 173 -5.48 33.71 -9.08
N GLN E 174 -5.23 32.63 -8.32
CA GLN E 174 -6.00 31.37 -8.36
C GLN E 174 -5.98 30.68 -9.72
N LEU E 175 -5.43 31.36 -10.73
CA LEU E 175 -5.29 30.81 -12.07
C LEU E 175 -4.03 29.95 -12.14
N PRO E 176 -3.91 29.13 -13.20
CA PRO E 176 -2.63 28.43 -13.41
C PRO E 176 -1.48 29.45 -13.45
N ARG E 177 -0.41 29.19 -12.72
CA ARG E 177 0.61 30.21 -12.56
C ARG E 177 1.85 29.96 -13.41
N ILE E 178 2.78 30.92 -13.39
CA ILE E 178 4.05 30.79 -14.07
C ILE E 178 5.15 31.40 -13.19
N GLN E 179 6.18 30.62 -12.91
CA GLN E 179 7.28 31.10 -12.09
C GLN E 179 8.12 32.14 -12.83
N ARG E 180 8.87 32.93 -12.07
CA ARG E 180 9.80 33.89 -12.67
C ARG E 180 11.21 33.48 -12.28
N ALA E 181 12.18 33.96 -13.05
CA ALA E 181 13.54 33.42 -13.17
C ALA E 181 13.48 32.20 -14.08
N ASP E 182 12.26 31.86 -14.49
CA ASP E 182 12.02 30.91 -15.58
C ASP E 182 12.58 31.51 -16.86
N PRO E 183 13.41 30.74 -17.57
CA PRO E 183 14.05 31.17 -18.82
C PRO E 183 13.10 31.82 -19.83
N VAL E 184 11.85 31.39 -19.86
CA VAL E 184 10.84 32.02 -20.70
C VAL E 184 10.31 33.31 -20.07
N ALA E 185 10.08 33.25 -18.76
CA ALA E 185 9.61 34.41 -17.99
C ALA E 185 10.57 35.60 -18.14
N LEU E 186 11.80 35.43 -17.66
CA LEU E 186 12.80 36.49 -17.71
C LEU E 186 13.11 36.94 -19.14
N TYR E 187 12.83 36.08 -20.11
CA TYR E 187 13.03 36.41 -21.51
C TYR E 187 12.20 37.61 -21.93
N LEU E 188 10.94 37.62 -21.50
CA LEU E 188 10.04 38.72 -21.83
C LEU E 188 9.98 39.76 -20.72
N GLY E 189 10.68 39.49 -19.62
CA GLY E 189 10.79 40.42 -18.51
C GLY E 189 9.47 40.74 -17.84
N LEU E 190 8.77 39.71 -17.37
CA LEU E 190 7.47 39.90 -16.73
C LEU E 190 7.60 40.29 -15.26
N LYS E 191 6.77 41.23 -14.83
CA LYS E 191 6.71 41.66 -13.44
C LYS E 191 5.67 40.88 -12.66
N ARG E 192 5.40 41.31 -11.44
CA ARG E 192 4.43 40.63 -10.58
C ARG E 192 3.00 40.86 -11.06
N GLY E 193 2.21 39.79 -11.09
CA GLY E 193 0.81 39.88 -11.45
C GLY E 193 0.58 40.30 -12.89
N GLU E 194 1.21 39.59 -13.83
CA GLU E 194 1.02 39.87 -15.25
C GLU E 194 0.54 38.62 -15.98
N VAL E 195 -0.67 38.70 -16.52
CA VAL E 195 -1.28 37.57 -17.24
C VAL E 195 -0.76 37.50 -18.66
N VAL E 196 -0.34 36.31 -19.09
CA VAL E 196 0.10 36.10 -20.46
C VAL E 196 -0.74 35.02 -21.13
N LYS E 197 -1.40 35.38 -22.23
CA LYS E 197 -2.24 34.45 -22.96
C LYS E 197 -1.40 33.47 -23.77
N ILE E 198 -1.72 32.18 -23.66
CA ILE E 198 -0.95 31.15 -24.33
C ILE E 198 -1.79 30.38 -25.34
N ILE E 199 -1.36 30.40 -26.60
CA ILE E 199 -1.99 29.61 -27.64
C ILE E 199 -1.14 28.38 -27.94
N ARG E 200 -1.65 27.21 -27.54
CA ARG E 200 -0.90 25.97 -27.71
C ARG E 200 -1.60 25.06 -28.72
N LYS E 201 -0.82 24.23 -29.40
CA LYS E 201 -1.40 23.30 -30.37
C LYS E 201 -0.97 21.86 -30.12
N SER E 202 -1.94 21.04 -29.72
CA SER E 202 -1.78 19.59 -29.65
C SER E 202 -2.99 19.00 -30.37
N GLU E 203 -2.91 17.75 -30.78
CA GLU E 203 -4.01 17.24 -31.59
C GLU E 203 -5.07 16.53 -30.77
N THR E 204 -6.19 17.22 -30.57
CA THR E 204 -7.47 16.63 -30.26
C THR E 204 -8.50 17.32 -31.14
N SER E 205 -8.77 18.58 -30.79
CA SER E 205 -9.48 19.52 -31.64
C SER E 205 -8.51 20.42 -32.38
N GLY E 206 -7.22 20.17 -32.20
CA GLY E 206 -6.18 21.07 -32.66
C GLY E 206 -6.02 22.30 -31.78
N ARG E 207 -5.89 23.47 -32.40
CA ARG E 207 -5.57 24.70 -31.69
C ARG E 207 -6.59 25.09 -30.61
N TYR E 208 -6.10 25.37 -29.41
CA TYR E 208 -6.92 25.89 -28.33
C TYR E 208 -6.04 26.71 -27.38
N ALA E 209 -6.66 27.58 -26.59
CA ALA E 209 -5.90 28.50 -25.75
C ALA E 209 -6.19 28.35 -24.27
N SER E 210 -5.24 28.80 -23.44
CA SER E 210 -5.39 28.79 -21.99
C SER E 210 -4.60 29.96 -21.40
N TYR E 211 -4.98 30.37 -20.19
CA TYR E 211 -4.35 31.52 -19.55
C TYR E 211 -3.49 31.13 -18.35
N ARG E 212 -2.32 31.76 -18.24
CA ARG E 212 -1.42 31.53 -17.12
C ARG E 212 -0.87 32.85 -16.58
N ILE E 213 -1.08 33.09 -15.28
CA ILE E 213 -0.60 34.32 -14.65
C ILE E 213 0.86 34.16 -14.25
N CYS E 214 1.47 35.22 -13.72
CA CYS E 214 2.87 35.19 -13.31
C CYS E 214 3.02 35.54 -11.84
N MET E 215 3.54 34.60 -11.05
CA MET E 215 3.75 34.82 -9.63
C MET E 215 5.10 35.48 -9.37
N GLU F 71 -25.71 35.53 -3.99
CA GLU F 71 -26.72 35.21 -2.98
C GLU F 71 -28.11 35.17 -3.60
N LYS F 72 -28.49 36.23 -4.29
CA LYS F 72 -29.79 36.29 -4.95
C LYS F 72 -29.80 35.40 -6.20
N ALA F 73 -31.00 35.00 -6.61
CA ALA F 73 -31.14 34.06 -7.71
C ALA F 73 -31.15 34.74 -9.08
N ILE F 74 -30.48 34.14 -10.04
CA ILE F 74 -30.53 34.59 -11.43
C ILE F 74 -31.94 34.37 -11.97
N PRO F 75 -32.52 35.41 -12.59
CA PRO F 75 -33.90 35.34 -13.09
C PRO F 75 -34.11 34.26 -14.15
N LYS F 76 -35.36 33.86 -14.35
CA LYS F 76 -35.72 32.80 -15.27
C LYS F 76 -35.40 33.17 -16.72
N ASP F 77 -35.16 34.46 -16.95
CA ASP F 77 -34.87 34.98 -18.29
C ASP F 77 -33.65 34.32 -18.93
N GLN F 78 -32.46 34.59 -18.38
CA GLN F 78 -31.23 34.12 -18.98
C GLN F 78 -30.50 33.10 -18.11
N ARG F 79 -29.95 32.08 -18.75
CA ARG F 79 -29.19 31.04 -18.05
C ARG F 79 -28.03 30.54 -18.89
N ALA F 80 -26.88 30.33 -18.24
CA ALA F 80 -25.69 29.82 -18.91
C ALA F 80 -25.62 28.30 -18.79
N THR F 81 -26.53 27.72 -18.02
CA THR F 81 -26.53 26.29 -17.77
C THR F 81 -27.19 25.52 -18.92
N THR F 82 -26.69 24.31 -19.17
CA THR F 82 -27.21 23.46 -20.23
C THR F 82 -28.67 23.08 -19.98
N PRO F 83 -29.48 23.07 -21.05
CA PRO F 83 -30.92 22.78 -20.95
C PRO F 83 -31.25 21.33 -20.58
N TYR F 84 -30.29 20.43 -20.72
CA TYR F 84 -30.53 19.02 -20.43
C TYR F 84 -30.22 18.67 -18.98
N MET F 85 -30.44 17.40 -18.61
CA MET F 85 -30.22 16.95 -17.25
C MET F 85 -29.13 15.88 -17.18
N THR F 86 -28.38 15.89 -16.08
CA THR F 86 -27.35 14.89 -15.84
C THR F 86 -27.98 13.59 -15.33
N LYS F 87 -27.31 12.46 -15.57
CA LYS F 87 -27.78 11.18 -15.06
C LYS F 87 -27.70 11.15 -13.53
N TYR F 88 -26.82 11.98 -12.97
CA TYR F 88 -26.67 12.09 -11.53
C TYR F 88 -27.91 12.73 -10.92
N GLU F 89 -28.55 13.60 -11.69
CA GLU F 89 -29.79 14.26 -11.27
C GLU F 89 -30.91 13.25 -11.16
N ARG F 90 -31.01 12.38 -12.16
CA ARG F 90 -32.04 11.34 -12.20
C ARG F 90 -31.93 10.39 -11.00
N ALA F 91 -30.70 10.22 -10.52
CA ALA F 91 -30.45 9.35 -9.38
C ALA F 91 -31.08 9.88 -8.10
N ARG F 92 -30.99 11.19 -7.90
CA ARG F 92 -31.53 11.81 -6.69
C ARG F 92 -33.05 11.98 -6.79
N ILE F 93 -33.53 12.36 -7.96
CA ILE F 93 -34.96 12.56 -8.19
C ILE F 93 -35.78 11.32 -7.82
N LEU F 94 -35.52 10.21 -8.51
CA LEU F 94 -36.19 8.94 -8.23
C LEU F 94 -35.98 8.51 -6.78
N GLY F 95 -34.80 8.80 -6.24
CA GLY F 95 -34.50 8.47 -4.85
C GLY F 95 -35.31 9.29 -3.88
N THR F 96 -35.29 10.60 -4.07
CA THR F 96 -36.03 11.53 -3.22
C THR F 96 -37.52 11.21 -3.18
N ARG F 97 -38.18 11.30 -4.33
CA ARG F 97 -39.62 11.11 -4.45
C ARG F 97 -40.10 9.79 -3.87
N ALA F 98 -39.33 8.72 -4.11
CA ALA F 98 -39.69 7.39 -3.61
C ALA F 98 -39.56 7.33 -2.09
N LEU F 99 -38.65 8.11 -1.53
CA LEU F 99 -38.44 8.15 -0.10
C LEU F 99 -39.65 8.77 0.59
N GLN F 100 -40.25 9.77 -0.05
CA GLN F 100 -41.42 10.44 0.48
C GLN F 100 -42.66 9.55 0.42
N ILE F 101 -42.63 8.57 -0.49
CA ILE F 101 -43.72 7.62 -0.63
C ILE F 101 -43.77 6.69 0.58
N SER F 102 -42.59 6.25 1.03
CA SER F 102 -42.48 5.38 2.19
C SER F 102 -42.88 6.12 3.47
N MET F 103 -42.88 7.44 3.40
CA MET F 103 -43.26 8.30 4.52
C MET F 103 -44.76 8.61 4.49
N ASN F 104 -45.47 7.92 3.60
CA ASN F 104 -46.91 8.09 3.40
C ASN F 104 -47.30 9.47 2.92
N ALA F 105 -46.89 9.78 1.69
CA ALA F 105 -47.35 10.97 1.00
C ALA F 105 -48.43 10.56 -0.02
N PRO F 106 -49.06 11.54 -0.69
CA PRO F 106 -49.98 11.11 -1.76
C PRO F 106 -49.28 10.94 -3.10
N VAL F 107 -50.02 10.53 -4.12
CA VAL F 107 -49.48 10.37 -5.46
C VAL F 107 -50.30 11.15 -6.48
N PHE F 108 -49.59 11.77 -7.43
CA PHE F 108 -50.25 12.60 -8.44
C PHE F 108 -50.52 11.84 -9.73
N VAL F 109 -50.14 10.56 -9.77
CA VAL F 109 -50.33 9.75 -10.97
C VAL F 109 -51.20 8.54 -10.67
N ASP F 110 -51.89 8.04 -11.70
CA ASP F 110 -52.73 6.85 -11.56
C ASP F 110 -51.87 5.64 -11.19
N LEU F 111 -52.29 4.91 -10.18
CA LEU F 111 -51.51 3.79 -9.67
C LEU F 111 -52.18 2.44 -9.93
N GLU F 112 -51.56 1.65 -10.79
CA GLU F 112 -51.99 0.27 -11.00
C GLU F 112 -51.62 -0.55 -9.76
N GLY F 113 -52.31 -1.66 -9.55
CA GLY F 113 -52.03 -2.48 -8.39
C GLY F 113 -50.62 -3.04 -8.42
N GLU F 114 -49.84 -2.69 -7.40
CA GLU F 114 -48.45 -3.12 -7.29
C GLU F 114 -47.89 -2.75 -5.93
N THR F 115 -46.60 -3.01 -5.72
CA THR F 115 -45.97 -2.71 -4.44
C THR F 115 -44.76 -1.79 -4.62
N ASP F 116 -44.13 -1.45 -3.50
CA ASP F 116 -42.87 -0.70 -3.37
C ASP F 116 -42.98 0.76 -3.83
N PRO F 117 -42.17 1.65 -3.24
CA PRO F 117 -42.06 3.06 -3.61
C PRO F 117 -41.30 3.29 -4.92
N LEU F 118 -40.39 2.39 -5.24
CA LEU F 118 -39.43 2.61 -6.33
C LEU F 118 -40.08 2.54 -7.72
N ARG F 119 -40.83 1.47 -7.97
CA ARG F 119 -41.41 1.26 -9.30
C ARG F 119 -42.56 2.21 -9.59
N ILE F 120 -43.22 2.69 -8.55
CA ILE F 120 -44.28 3.68 -8.73
C ILE F 120 -43.70 5.08 -8.87
N ALA F 121 -42.42 5.22 -8.51
CA ALA F 121 -41.71 6.48 -8.65
C ALA F 121 -41.26 6.68 -10.10
N MET F 122 -40.78 5.60 -10.72
CA MET F 122 -40.38 5.63 -12.12
C MET F 122 -41.58 5.87 -13.01
N LYS F 123 -42.73 5.33 -12.61
CA LYS F 123 -43.98 5.56 -13.32
C LYS F 123 -44.44 7.00 -13.14
N GLU F 124 -44.15 7.56 -11.97
CA GLU F 124 -44.51 8.94 -11.67
C GLU F 124 -43.71 9.92 -12.52
N LEU F 125 -42.47 9.56 -12.82
CA LEU F 125 -41.61 10.40 -13.63
C LEU F 125 -41.94 10.28 -15.11
N ALA F 126 -42.55 9.15 -15.49
CA ALA F 126 -42.93 8.91 -16.88
C ALA F 126 -43.91 9.97 -17.37
N GLU F 127 -44.86 10.33 -16.52
CA GLU F 127 -45.84 11.36 -16.85
C GLU F 127 -45.42 12.73 -16.30
N LYS F 128 -44.24 12.77 -15.67
CA LYS F 128 -43.66 14.00 -15.15
C LYS F 128 -44.59 14.72 -14.16
N LYS F 129 -45.05 13.99 -13.14
CA LYS F 129 -45.95 14.54 -12.15
C LYS F 129 -45.23 15.07 -10.92
N ILE F 130 -43.90 15.03 -10.93
CA ILE F 130 -43.10 15.45 -9.79
C ILE F 130 -43.18 16.96 -9.58
N PRO F 131 -43.65 17.38 -8.40
CA PRO F 131 -43.73 18.80 -8.03
C PRO F 131 -42.43 19.33 -7.43
N LEU F 132 -41.31 19.16 -8.13
CA LEU F 132 -40.01 19.57 -7.63
C LEU F 132 -39.33 20.58 -8.54
N VAL F 133 -38.52 21.45 -7.94
CA VAL F 133 -37.72 22.40 -8.70
C VAL F 133 -36.23 22.20 -8.37
N ILE F 134 -35.47 21.78 -9.38
CA ILE F 134 -34.06 21.47 -9.20
C ILE F 134 -33.23 22.75 -9.09
N ARG F 135 -32.30 22.77 -8.14
CA ARG F 135 -31.51 23.95 -7.86
C ARG F 135 -30.01 23.67 -8.04
N ARG F 136 -29.36 24.45 -8.89
CA ARG F 136 -27.97 24.23 -9.22
C ARG F 136 -27.09 25.40 -8.74
N TYR F 137 -25.81 25.12 -8.50
CA TYR F 137 -24.90 26.13 -7.99
C TYR F 137 -23.70 26.33 -8.91
N LEU F 138 -23.35 27.60 -9.14
CA LEU F 138 -22.14 27.94 -9.86
C LEU F 138 -21.00 28.12 -8.86
N PRO F 139 -19.76 28.32 -9.35
CA PRO F 139 -18.68 28.56 -8.38
C PRO F 139 -18.78 29.90 -7.65
N ASP F 140 -19.39 30.89 -8.28
CA ASP F 140 -19.43 32.25 -7.73
C ASP F 140 -20.63 32.50 -6.82
N GLY F 141 -21.54 31.53 -6.73
CA GLY F 141 -22.74 31.69 -5.93
C GLY F 141 -23.79 32.56 -6.61
N SER F 142 -24.01 32.32 -7.90
CA SER F 142 -25.00 33.04 -8.68
C SER F 142 -26.35 32.33 -8.60
N PHE F 143 -26.40 31.31 -7.76
CA PHE F 143 -27.59 30.47 -7.55
C PHE F 143 -28.07 29.82 -8.85
N GLU F 144 -29.39 29.59 -8.93
CA GLU F 144 -30.08 29.09 -10.13
C GLU F 144 -31.52 28.73 -9.76
N ASP F 145 -32.39 28.60 -10.77
CA ASP F 145 -33.68 27.93 -10.59
C ASP F 145 -34.04 27.10 -11.82
N TRP F 146 -34.34 25.82 -11.60
CA TRP F 146 -34.73 24.94 -12.69
C TRP F 146 -35.86 23.99 -12.31
N SER F 147 -36.95 24.02 -13.09
CA SER F 147 -38.08 23.14 -12.85
C SER F 147 -37.91 21.80 -13.57
N VAL F 148 -38.37 20.72 -12.93
CA VAL F 148 -38.26 19.39 -13.50
C VAL F 148 -39.10 19.24 -14.77
N GLU F 149 -40.32 19.77 -14.73
CA GLU F 149 -41.27 19.64 -15.83
C GLU F 149 -40.75 20.26 -17.13
N GLU F 150 -40.19 21.46 -17.02
CA GLU F 150 -39.71 22.18 -18.19
C GLU F 150 -38.50 21.50 -18.83
N LEU F 151 -37.72 20.79 -18.02
CA LEU F 151 -36.53 20.12 -18.50
C LEU F 151 -36.89 18.95 -19.42
N ILE F 152 -36.15 18.80 -20.52
CA ILE F 152 -36.49 17.81 -21.54
C ILE F 152 -35.31 16.89 -21.89
N VAL F 153 -35.61 15.60 -21.99
CA VAL F 153 -34.65 14.61 -22.45
C VAL F 153 -35.30 13.60 -23.38
N PHE G 2 -52.47 42.54 26.66
CA PHE G 2 -52.18 41.92 25.37
C PHE G 2 -51.43 42.87 24.45
N ILE G 3 -50.59 42.30 23.59
CA ILE G 3 -49.86 43.04 22.57
C ILE G 3 -49.50 42.12 21.41
N LEU G 4 -49.12 42.71 20.27
CA LEU G 4 -48.78 41.91 19.09
C LEU G 4 -47.28 41.90 18.82
N SER G 5 -46.66 40.74 19.03
CA SER G 5 -45.24 40.55 18.72
C SER G 5 -45.04 40.23 17.24
N LYS G 6 -43.85 40.53 16.73
CA LYS G 6 -43.48 40.15 15.37
C LYS G 6 -42.17 39.36 15.38
N ILE G 7 -42.24 38.09 14.99
CA ILE G 7 -41.08 37.21 15.04
C ILE G 7 -40.91 36.40 13.76
N ALA G 8 -39.75 35.76 13.63
CA ALA G 8 -39.45 34.88 12.50
C ALA G 8 -39.10 33.50 13.02
N ASP G 9 -39.09 32.50 12.13
CA ASP G 9 -38.93 31.11 12.54
C ASP G 9 -38.84 30.16 11.35
N LEU G 10 -38.35 28.96 11.59
CA LEU G 10 -38.25 27.93 10.57
C LEU G 10 -39.17 26.76 10.91
N VAL G 11 -39.94 26.29 9.94
CA VAL G 11 -40.93 25.25 10.19
C VAL G 11 -40.67 23.99 9.37
N ARG G 12 -40.73 22.84 10.04
CA ARG G 12 -40.58 21.55 9.38
C ARG G 12 -41.91 20.82 9.26
N ILE G 13 -42.42 20.70 8.05
CA ILE G 13 -43.67 19.98 7.80
C ILE G 13 -43.41 18.63 7.14
N PRO G 14 -43.91 17.55 7.76
CA PRO G 14 -43.70 16.18 7.26
C PRO G 14 -44.42 15.93 5.94
N PRO G 15 -44.21 14.75 5.33
CA PRO G 15 -44.94 14.39 4.10
C PRO G 15 -46.41 14.12 4.33
N ASP G 16 -46.79 13.86 5.58
CA ASP G 16 -48.17 13.51 5.92
C ASP G 16 -49.14 14.66 5.67
N GLN G 17 -48.63 15.88 5.77
CA GLN G 17 -49.47 17.07 5.62
C GLN G 17 -49.48 17.61 4.19
N PHE G 18 -48.81 16.90 3.28
CA PHE G 18 -48.73 17.32 1.89
C PHE G 18 -50.08 17.33 1.19
N HIS G 19 -51.02 16.53 1.68
CA HIS G 19 -52.34 16.42 1.06
C HIS G 19 -53.16 17.68 1.29
N ARG G 20 -52.88 18.38 2.38
CA ARG G 20 -53.58 19.63 2.68
C ARG G 20 -52.83 20.84 2.13
N ASP G 21 -53.28 22.03 2.51
CA ASP G 21 -52.70 23.27 2.03
C ASP G 21 -51.63 23.80 3.00
N THR G 22 -50.61 24.43 2.44
CA THR G 22 -49.48 24.97 3.19
C THR G 22 -49.91 25.78 4.42
N ILE G 23 -50.65 26.85 4.22
CA ILE G 23 -51.10 27.73 5.30
C ILE G 23 -51.74 26.99 6.46
N SER G 24 -52.48 25.93 6.16
CA SER G 24 -53.12 25.11 7.19
C SER G 24 -52.09 24.24 7.90
N ALA G 25 -51.08 23.80 7.15
CA ALA G 25 -50.05 22.94 7.70
C ALA G 25 -49.12 23.73 8.61
N ILE G 26 -48.68 24.90 8.16
CA ILE G 26 -47.81 25.76 8.94
C ILE G 26 -48.50 26.23 10.20
N THR G 27 -49.80 26.49 10.09
CA THR G 27 -50.63 26.91 11.22
C THR G 27 -50.51 25.94 12.39
N HIS G 28 -50.93 24.70 12.17
CA HIS G 28 -50.89 23.65 13.19
C HIS G 28 -49.49 23.50 13.79
N GLN G 29 -48.47 23.56 12.95
CA GLN G 29 -47.09 23.43 13.40
C GLN G 29 -46.70 24.57 14.34
N LEU G 30 -47.00 25.80 13.95
CA LEU G 30 -46.71 26.97 14.76
C LEU G 30 -47.47 26.93 16.09
N ASN G 31 -48.65 26.32 16.07
CA ASN G 31 -49.44 26.16 17.28
C ASN G 31 -48.78 25.17 18.24
N ASN G 32 -48.11 24.17 17.70
CA ASN G 32 -47.40 23.19 18.50
C ASN G 32 -46.07 23.74 19.01
N LYS G 33 -45.64 24.85 18.42
CA LYS G 33 -44.38 25.48 18.81
C LYS G 33 -44.52 26.24 20.11
N PHE G 34 -45.34 27.28 20.11
CA PHE G 34 -45.45 28.15 21.27
C PHE G 34 -46.71 27.87 22.10
N ALA G 35 -47.86 28.33 21.61
CA ALA G 35 -49.12 28.19 22.35
C ALA G 35 -48.97 28.69 23.78
N ASN G 36 -49.12 27.79 24.75
CA ASN G 36 -48.99 28.14 26.16
C ASN G 36 -47.55 28.38 26.62
N LYS G 37 -46.58 28.00 25.79
CA LYS G 37 -45.17 28.16 26.12
C LYS G 37 -44.80 29.64 26.32
N ILE G 38 -43.89 29.90 27.24
CA ILE G 38 -43.42 31.27 27.50
C ILE G 38 -42.27 31.63 26.56
N ILE G 39 -42.42 32.76 25.86
CA ILE G 39 -41.38 33.24 24.98
C ILE G 39 -40.50 34.25 25.71
N PRO G 40 -39.17 34.02 25.70
CA PRO G 40 -38.19 34.86 26.42
C PRO G 40 -38.28 36.34 26.10
N ASN G 41 -38.31 37.16 27.15
CA ASN G 41 -38.18 38.63 27.12
C ASN G 41 -39.30 39.38 26.39
N VAL G 42 -40.14 38.68 25.64
CA VAL G 42 -41.23 39.34 24.95
C VAL G 42 -42.55 39.20 25.71
N GLY G 43 -42.51 38.45 26.81
CA GLY G 43 -43.70 38.18 27.60
C GLY G 43 -44.33 36.84 27.24
N LEU G 44 -45.53 36.60 27.74
CA LEU G 44 -46.22 35.33 27.51
C LEU G 44 -47.12 35.40 26.29
N CYS G 45 -47.10 34.34 25.47
CA CYS G 45 -47.88 34.30 24.24
C CYS G 45 -49.14 33.46 24.41
N ILE G 46 -50.21 33.86 23.71
CA ILE G 46 -51.48 33.16 23.80
C ILE G 46 -51.79 32.40 22.51
N THR G 47 -52.00 33.12 21.42
CA THR G 47 -52.39 32.51 20.15
C THR G 47 -51.61 33.06 18.96
N ILE G 48 -51.95 32.59 17.77
CA ILE G 48 -51.30 33.02 16.54
C ILE G 48 -52.29 33.81 15.67
N TYR G 49 -51.79 34.78 14.91
CA TYR G 49 -52.66 35.69 14.19
C TYR G 49 -52.58 35.53 12.66
N ASP G 50 -51.47 35.97 12.07
CA ASP G 50 -51.35 36.03 10.61
C ASP G 50 -50.04 35.44 10.07
N LEU G 51 -49.99 35.24 8.76
CA LEU G 51 -48.81 34.67 8.10
C LEU G 51 -48.33 35.54 6.94
N LEU G 52 -47.02 35.78 6.89
CA LEU G 52 -46.42 36.60 5.83
C LEU G 52 -45.10 36.03 5.33
N THR G 53 -44.63 36.59 4.21
CA THR G 53 -43.25 36.45 3.69
C THR G 53 -42.87 35.03 3.25
N VAL G 54 -43.74 34.06 3.47
CA VAL G 54 -43.44 32.66 3.19
C VAL G 54 -42.92 32.44 1.76
N GLU G 55 -41.79 31.76 1.66
CA GLU G 55 -41.16 31.50 0.37
C GLU G 55 -40.88 30.01 0.19
N GLU G 56 -40.22 29.67 -0.91
CA GLU G 56 -39.91 28.29 -1.25
C GLU G 56 -39.10 27.59 -0.15
N GLY G 57 -39.59 26.44 0.29
CA GLY G 57 -38.90 25.65 1.30
C GLY G 57 -37.83 24.76 0.69
N GLN G 58 -36.76 24.52 1.44
CA GLN G 58 -35.65 23.72 0.93
C GLN G 58 -35.75 22.27 1.38
N LEU G 59 -34.83 21.44 0.91
CA LEU G 59 -34.79 20.03 1.28
C LEU G 59 -33.36 19.53 1.45
N LYS G 60 -33.10 18.89 2.60
CA LYS G 60 -31.80 18.28 2.84
C LYS G 60 -31.80 16.83 2.33
N PRO G 61 -30.65 16.39 1.79
CA PRO G 61 -30.53 15.08 1.13
C PRO G 61 -30.83 13.86 2.03
N GLY G 62 -30.85 14.05 3.34
CA GLY G 62 -30.94 12.93 4.25
C GLY G 62 -32.28 12.64 4.91
N ASP G 63 -33.32 13.39 4.54
CA ASP G 63 -34.62 13.21 5.18
C ASP G 63 -35.76 13.04 4.18
N GLY G 64 -36.05 14.09 3.43
CA GLY G 64 -37.18 14.08 2.52
C GLY G 64 -38.36 14.89 3.00
N SER G 65 -38.16 15.62 4.10
CA SER G 65 -39.20 16.50 4.64
C SER G 65 -39.20 17.86 3.97
N SER G 66 -39.95 18.80 4.53
CA SER G 66 -40.01 20.16 3.98
C SER G 66 -39.70 21.20 5.04
N TYR G 67 -38.62 21.95 4.85
CA TYR G 67 -38.21 22.99 5.79
C TYR G 67 -38.47 24.37 5.22
N ILE G 68 -39.37 25.11 5.85
CA ILE G 68 -39.73 26.45 5.39
C ILE G 68 -39.48 27.50 6.47
N ASN G 69 -38.81 28.58 6.10
CA ASN G 69 -38.53 29.68 7.02
C ASN G 69 -39.46 30.86 6.80
N VAL G 70 -40.34 31.11 7.78
CA VAL G 70 -41.34 32.16 7.65
C VAL G 70 -41.35 33.10 8.87
N THR G 71 -41.98 34.25 8.72
CA THR G 71 -42.19 35.15 9.83
C THR G 71 -43.69 35.31 10.07
N PHE G 72 -44.06 35.61 11.31
CA PHE G 72 -45.47 35.77 11.65
C PHE G 72 -45.64 36.63 12.89
N ARG G 73 -46.84 37.17 13.08
CA ARG G 73 -47.14 38.01 14.22
C ARG G 73 -48.00 37.25 15.24
N ALA G 74 -47.40 36.94 16.39
CA ALA G 74 -48.08 36.18 17.43
C ALA G 74 -48.71 37.10 18.48
N VAL G 75 -49.87 36.70 18.99
CA VAL G 75 -50.53 37.46 20.04
C VAL G 75 -49.97 37.08 21.41
N VAL G 76 -49.38 38.06 22.09
CA VAL G 76 -48.77 37.82 23.38
C VAL G 76 -49.45 38.61 24.50
N PHE G 77 -48.92 38.51 25.71
CA PHE G 77 -49.57 39.11 26.86
C PHE G 77 -48.64 39.88 27.80
N LYS G 78 -48.94 41.17 27.97
CA LYS G 78 -48.42 42.01 29.04
C LYS G 78 -49.08 43.37 28.89
N PRO G 79 -49.65 43.90 29.98
CA PRO G 79 -50.41 45.14 29.81
C PRO G 79 -49.57 46.41 29.57
N PHE G 80 -48.73 46.74 30.56
CA PHE G 80 -47.66 47.74 30.52
C PHE G 80 -47.21 47.91 31.97
N LEU G 81 -46.21 48.76 32.20
CA LEU G 81 -45.64 48.94 33.53
C LEU G 81 -46.65 49.15 34.67
N GLY G 82 -47.57 50.09 34.49
CA GLY G 82 -48.47 50.50 35.57
C GLY G 82 -49.95 50.15 35.52
N GLU G 83 -50.33 49.21 34.66
CA GLU G 83 -51.76 48.92 34.45
C GLU G 83 -52.45 48.22 35.62
N ILE G 84 -53.70 48.58 35.85
CA ILE G 84 -54.56 47.90 36.81
C ILE G 84 -55.48 46.92 36.08
N VAL G 85 -55.58 45.69 36.57
CA VAL G 85 -56.38 44.66 35.91
C VAL G 85 -57.04 43.72 36.92
N THR G 86 -58.24 43.23 36.59
CA THR G 86 -59.02 42.40 37.49
C THR G 86 -58.41 41.02 37.75
N GLY G 87 -58.53 40.54 38.98
CA GLY G 87 -58.08 39.21 39.37
C GLY G 87 -58.57 38.88 40.77
N TRP G 88 -58.04 37.82 41.37
CA TRP G 88 -58.32 37.52 42.77
C TRP G 88 -57.27 36.64 43.44
N ILE G 89 -57.25 36.65 44.77
CA ILE G 89 -56.25 35.95 45.56
C ILE G 89 -56.53 34.45 45.67
N SER G 90 -55.47 33.65 45.65
CA SER G 90 -55.61 32.19 45.73
C SER G 90 -55.03 31.62 47.03
N LYS G 91 -53.71 31.71 47.19
CA LYS G 91 -53.03 31.14 48.35
C LYS G 91 -52.47 32.26 49.22
N CYS G 92 -51.83 31.90 50.33
CA CYS G 92 -51.29 32.89 51.25
C CYS G 92 -50.48 32.29 52.41
N THR G 93 -49.66 33.17 53.01
CA THR G 93 -48.79 32.89 54.14
C THR G 93 -48.46 34.28 54.67
N ALA G 94 -47.50 34.43 55.58
CA ALA G 94 -47.10 35.80 55.85
C ALA G 94 -45.92 36.14 54.95
N GLU G 95 -46.26 36.76 53.82
CA GLU G 95 -45.34 37.49 52.98
C GLU G 95 -46.11 38.71 52.48
N GLY G 96 -47.13 38.38 51.67
CA GLY G 96 -48.10 39.31 51.12
C GLY G 96 -49.12 38.44 50.40
N ILE G 97 -50.21 39.04 49.93
CA ILE G 97 -51.25 38.22 49.29
C ILE G 97 -50.82 37.83 47.87
N LYS G 98 -51.30 36.67 47.42
CA LYS G 98 -50.99 36.19 46.07
C LYS G 98 -52.25 36.18 45.21
N VAL G 99 -52.32 37.09 44.25
CA VAL G 99 -53.51 37.25 43.43
C VAL G 99 -53.40 36.52 42.09
N SER G 100 -54.46 35.82 41.71
CA SER G 100 -54.46 35.07 40.47
C SER G 100 -55.58 35.53 39.54
N LEU G 101 -55.22 35.77 38.28
CA LEU G 101 -56.21 36.09 37.28
C LEU G 101 -56.64 34.80 36.61
N LEU G 102 -57.88 34.39 36.85
CA LEU G 102 -58.40 33.18 36.22
C LEU G 102 -58.44 33.41 34.72
N GLY G 103 -57.81 32.50 33.98
CA GLY G 103 -57.71 32.67 32.54
C GLY G 103 -56.33 32.96 31.99
N ILE G 104 -55.36 33.30 32.85
CA ILE G 104 -54.00 33.40 32.36
C ILE G 104 -52.96 32.68 33.25
N PHE G 105 -52.68 33.19 34.45
CA PHE G 105 -51.78 32.51 35.40
C PHE G 105 -51.97 32.98 36.84
N ASP G 106 -51.43 32.20 37.77
CA ASP G 106 -51.42 32.57 39.18
C ASP G 106 -50.15 33.31 39.58
N ASP G 107 -49.30 33.59 38.60
CA ASP G 107 -47.97 34.12 38.83
C ASP G 107 -47.93 35.48 39.54
N ILE G 108 -49.01 36.25 39.43
CA ILE G 108 -49.05 37.56 40.07
C ILE G 108 -49.02 37.42 41.58
N PHE G 109 -48.08 38.09 42.23
CA PHE G 109 -47.99 38.06 43.67
C PHE G 109 -47.59 39.44 44.21
N ILE G 110 -48.37 39.96 45.13
CA ILE G 110 -48.03 41.24 45.75
C ILE G 110 -47.71 41.06 47.23
N PRO G 111 -46.42 41.17 47.58
CA PRO G 111 -45.98 41.12 48.98
C PRO G 111 -46.40 42.38 49.69
N GLN G 112 -46.49 42.38 51.01
CA GLN G 112 -46.86 43.61 51.68
C GLN G 112 -45.63 44.40 52.11
N ASN G 113 -45.37 45.45 51.35
CA ASN G 113 -44.36 46.45 51.65
C ASN G 113 -44.97 47.82 51.41
N MET G 114 -45.32 48.05 50.15
CA MET G 114 -45.92 49.30 49.71
C MET G 114 -47.43 49.30 49.85
N LEU G 115 -47.99 48.24 50.43
CA LEU G 115 -49.42 48.16 50.63
C LEU G 115 -49.80 49.14 51.75
N PHE G 116 -51.08 49.20 52.09
CA PHE G 116 -51.57 50.17 53.08
C PHE G 116 -50.86 50.03 54.42
N GLU G 117 -50.72 51.15 55.12
CA GLU G 117 -49.85 51.22 56.30
C GLU G 117 -50.22 50.26 57.43
N GLY G 118 -51.49 49.89 57.52
CA GLY G 118 -51.96 49.10 58.65
C GLY G 118 -52.22 47.62 58.40
N CYS G 119 -51.62 47.05 57.35
CA CYS G 119 -51.87 45.66 56.99
C CYS G 119 -50.87 44.69 57.63
N TYR G 120 -51.38 43.59 58.15
CA TYR G 120 -50.52 42.55 58.74
C TYR G 120 -51.14 41.15 58.68
N TYR G 121 -50.29 40.14 58.49
CA TYR G 121 -50.72 38.74 58.53
C TYR G 121 -50.74 38.19 59.94
N THR G 122 -51.66 37.27 60.21
CA THR G 122 -51.68 36.57 61.49
C THR G 122 -51.63 35.05 61.31
N PRO G 123 -50.87 34.36 62.17
CA PRO G 123 -50.80 32.91 62.25
C PRO G 123 -52.11 32.30 62.74
N GLU G 124 -52.96 33.16 63.27
CA GLU G 124 -54.25 32.79 63.87
C GLU G 124 -55.22 32.18 62.84
N GLU G 125 -54.81 32.15 61.58
CA GLU G 125 -55.57 31.63 60.42
C GLU G 125 -56.45 32.75 59.86
N SER G 126 -56.49 33.88 60.58
CA SER G 126 -57.10 35.08 60.03
C SER G 126 -56.10 35.72 59.07
N ALA G 127 -56.47 35.82 57.80
CA ALA G 127 -55.54 36.20 56.74
C ALA G 127 -54.88 37.57 56.97
N TRP G 128 -55.64 38.64 56.82
CA TRP G 128 -55.07 39.98 56.90
C TRP G 128 -56.04 40.94 57.59
N ILE G 129 -55.51 42.04 58.11
CA ILE G 129 -56.31 43.03 58.81
C ILE G 129 -55.87 44.45 58.44
N TRP G 130 -56.83 45.36 58.27
CA TRP G 130 -56.56 46.77 58.08
C TRP G 130 -57.07 47.54 59.28
N PRO G 131 -56.47 48.71 59.57
CA PRO G 131 -56.87 49.48 60.76
C PRO G 131 -58.30 50.01 60.66
N LYS G 137 -59.45 50.18 56.07
CA LYS G 137 -60.08 49.43 57.15
C LYS G 137 -60.52 48.04 56.68
N LEU G 138 -61.15 47.31 57.58
CA LEU G 138 -61.65 45.94 57.37
C LEU G 138 -60.61 45.02 56.73
N TYR G 139 -61.08 44.14 55.84
CA TYR G 139 -60.24 43.17 55.12
C TYR G 139 -61.08 42.26 54.23
N PHE G 140 -60.41 41.39 53.47
CA PHE G 140 -61.10 40.41 52.64
C PHE G 140 -60.26 39.14 52.47
N ASP G 141 -60.77 38.20 51.68
CA ASP G 141 -60.10 36.90 51.50
C ASP G 141 -60.33 36.34 50.09
N VAL G 142 -59.98 35.07 49.91
CA VAL G 142 -60.07 34.41 48.61
C VAL G 142 -61.51 34.23 48.14
N ASN G 143 -61.67 33.97 46.84
CA ASN G 143 -62.96 33.76 46.17
C ASN G 143 -63.62 35.10 45.84
N GLU G 144 -62.98 36.18 46.26
CA GLU G 144 -63.49 37.52 46.00
C GLU G 144 -62.54 38.30 45.08
N LYS G 145 -63.10 38.99 44.10
CA LYS G 145 -62.32 39.66 43.05
C LYS G 145 -61.40 40.75 43.58
N ILE G 146 -60.31 41.00 42.87
CA ILE G 146 -59.31 41.97 43.29
C ILE G 146 -58.76 42.79 42.11
N ARG G 147 -58.73 44.11 42.27
CA ARG G 147 -58.04 44.97 41.32
C ARG G 147 -56.60 45.16 41.78
N PHE G 148 -55.65 44.85 40.91
CA PHE G 148 -54.24 44.99 41.28
C PHE G 148 -53.44 45.75 40.21
N ARG G 149 -52.58 46.65 40.67
CA ARG G 149 -51.76 47.46 39.78
C ARG G 149 -50.39 46.84 39.59
N ILE G 150 -49.88 46.87 38.36
CA ILE G 150 -48.57 46.32 38.05
C ILE G 150 -47.46 47.31 38.38
N GLU G 151 -46.36 46.80 38.93
CA GLU G 151 -45.20 47.64 39.21
C GLU G 151 -43.90 47.02 38.67
N ARG G 152 -43.51 45.89 39.26
CA ARG G 152 -42.23 45.26 38.96
C ARG G 152 -42.38 44.01 38.10
N GLU G 153 -41.41 43.76 37.22
CA GLU G 153 -41.38 42.58 36.37
C GLU G 153 -39.98 41.98 36.32
N VAL G 154 -39.89 40.66 36.40
CA VAL G 154 -38.60 39.97 36.41
C VAL G 154 -38.55 38.78 35.44
N PHE G 155 -37.37 38.55 34.88
CA PHE G 155 -37.15 37.44 33.94
C PHE G 155 -35.96 36.57 34.34
N VAL G 156 -36.15 35.25 34.30
CA VAL G 156 -35.05 34.32 34.55
C VAL G 156 -35.05 33.17 33.53
N ASP G 157 -33.89 32.54 33.36
CA ASP G 157 -33.78 31.32 32.57
C ASP G 157 -33.17 30.21 33.43
N VAL G 158 -31.86 30.31 33.65
CA VAL G 158 -31.12 29.52 34.63
C VAL G 158 -31.46 28.02 34.66
N LYS G 159 -31.02 27.28 33.65
CA LYS G 159 -31.07 25.82 33.74
C LYS G 159 -29.77 25.13 33.29
N PRO G 160 -28.63 25.45 33.94
CA PRO G 160 -27.43 24.66 33.69
C PRO G 160 -27.23 23.59 34.77
N LYS G 161 -28.17 22.67 34.90
CA LYS G 161 -28.12 21.71 36.01
C LYS G 161 -27.10 20.61 35.76
N SER G 162 -26.20 20.42 36.72
CA SER G 162 -25.14 19.43 36.62
C SER G 162 -25.66 18.01 36.79
N PRO G 163 -25.11 17.06 36.02
CA PRO G 163 -25.40 15.64 36.20
C PRO G 163 -25.07 15.18 37.62
N LYS G 164 -24.01 15.77 38.19
CA LYS G 164 -23.66 15.55 39.58
C LYS G 164 -24.77 16.08 40.49
N GLU G 165 -25.28 17.25 40.13
CA GLU G 165 -26.32 17.92 40.90
C GLU G 165 -27.71 17.34 40.63
N ARG G 166 -27.95 16.94 39.39
CA ARG G 166 -29.27 16.44 38.99
C ARG G 166 -29.60 15.11 39.66
N GLU G 167 -28.66 14.16 39.58
CA GLU G 167 -28.88 12.84 40.16
C GLU G 167 -28.95 12.88 41.68
N LEU G 168 -28.49 13.99 42.26
CA LEU G 168 -28.58 14.20 43.70
C LEU G 168 -30.03 14.31 44.13
N GLU G 169 -30.78 15.19 43.48
CA GLU G 169 -32.19 15.40 43.82
C GLU G 169 -33.06 14.21 43.45
N GLU G 170 -32.57 13.38 42.52
CA GLU G 170 -33.32 12.23 42.06
C GLU G 170 -33.41 11.14 43.11
N ARG G 171 -32.26 10.75 43.66
CA ARG G 171 -32.20 9.65 44.62
C ARG G 171 -32.42 10.11 46.06
N ALA G 172 -32.36 11.43 46.29
CA ALA G 172 -32.62 11.98 47.63
C ALA G 172 -34.11 12.06 47.91
N GLN G 173 -34.89 12.30 46.85
CA GLN G 173 -36.33 12.45 46.99
C GLN G 173 -37.05 12.07 45.69
N GLU G 189 -37.75 26.57 45.38
CA GLU G 189 -38.09 25.85 44.16
C GLU G 189 -37.65 26.62 42.92
N LYS G 190 -37.77 27.94 43.00
CA LYS G 190 -37.35 28.85 41.92
C LYS G 190 -37.99 28.55 40.56
N PRO G 191 -39.34 28.60 40.47
CA PRO G 191 -39.96 28.66 39.14
C PRO G 191 -40.44 30.05 38.68
N PRO G 192 -39.54 31.05 38.57
CA PRO G 192 -40.08 32.33 38.10
C PRO G 192 -39.89 32.55 36.60
N ALA G 193 -40.45 31.69 35.76
CA ALA G 193 -40.30 31.84 34.31
C ALA G 193 -40.90 33.16 33.85
N TYR G 194 -42.16 33.40 34.24
CA TYR G 194 -42.78 34.69 34.03
C TYR G 194 -43.47 35.12 35.32
N ALA G 195 -43.00 36.22 35.90
CA ALA G 195 -43.52 36.67 37.19
C ALA G 195 -43.72 38.18 37.23
N LEU G 196 -44.91 38.59 37.66
CA LEU G 196 -45.25 40.00 37.80
C LEU G 196 -45.68 40.33 39.22
N LEU G 197 -45.41 41.55 39.66
CA LEU G 197 -45.80 42.02 40.98
C LEU G 197 -46.07 43.52 40.96
N GLY G 198 -46.78 44.02 41.97
CA GLY G 198 -47.18 45.41 41.97
C GLY G 198 -47.41 46.06 43.31
N SER G 199 -47.83 47.33 43.28
CA SER G 199 -48.08 48.11 44.48
C SER G 199 -49.47 48.75 44.45
N CYS G 200 -50.33 48.32 45.37
CA CYS G 200 -51.76 48.68 45.37
C CYS G 200 -52.15 49.85 46.26
N GLN G 201 -51.19 50.56 46.85
CA GLN G 201 -51.46 51.50 47.94
C GLN G 201 -52.50 52.59 47.64
N THR G 202 -52.77 52.85 46.36
CA THR G 202 -53.82 53.80 46.01
C THR G 202 -55.16 53.30 46.53
N ASP G 203 -56.01 54.22 46.98
CA ASP G 203 -57.24 53.87 47.67
C ASP G 203 -58.26 53.19 46.76
N GLY G 204 -58.90 52.14 47.29
CA GLY G 204 -59.97 51.46 46.58
C GLY G 204 -59.55 50.21 45.83
N MET G 205 -58.37 49.69 46.17
CA MET G 205 -57.83 48.52 45.47
C MET G 205 -58.12 47.22 46.23
N GLY G 206 -58.44 46.18 45.47
CA GLY G 206 -58.61 44.85 46.03
C GLY G 206 -60.05 44.40 46.22
N LEU G 207 -60.97 45.34 46.32
CA LEU G 207 -62.39 44.98 46.45
C LEU G 207 -63.26 45.98 45.69
N VAL G 208 -64.15 45.47 44.85
CA VAL G 208 -64.97 46.33 43.99
C VAL G 208 -66.31 46.70 44.60
N SER G 209 -66.66 46.06 45.71
CA SER G 209 -67.95 46.33 46.35
C SER G 209 -67.83 47.38 47.46
N TRP G 210 -66.60 47.86 47.68
CA TRP G 210 -66.39 49.00 48.57
C TRP G 210 -67.08 50.22 47.99
N TRP G 211 -67.05 50.31 46.67
CA TRP G 211 -67.70 51.38 45.93
C TRP G 211 -69.16 51.02 45.68
N GLU G 212 -69.82 51.81 44.83
CA GLU G 212 -71.22 51.58 44.47
C GLU G 212 -72.13 51.59 45.71
N MET H 1 -45.47 -11.94 -69.95
CA MET H 1 -45.56 -10.48 -70.07
C MET H 1 -44.47 -9.79 -69.24
N SER H 2 -44.89 -8.92 -68.32
CA SER H 2 -43.96 -8.18 -67.48
C SER H 2 -43.31 -9.06 -66.42
N ASN H 3 -43.76 -10.31 -66.33
CA ASN H 3 -43.21 -11.26 -65.36
C ASN H 3 -41.71 -11.46 -65.55
N THR H 4 -41.28 -11.60 -66.80
CA THR H 4 -39.86 -11.75 -67.11
C THR H 4 -39.19 -10.40 -67.28
N LEU H 5 -37.96 -10.29 -66.80
CA LEU H 5 -37.22 -9.03 -66.86
C LEU H 5 -35.99 -9.17 -67.75
N PHE H 6 -35.02 -9.95 -67.29
CA PHE H 6 -33.78 -10.19 -68.04
C PHE H 6 -33.57 -11.67 -68.29
N ASP H 7 -33.37 -12.04 -69.55
CA ASP H 7 -33.19 -13.43 -69.92
C ASP H 7 -32.04 -13.60 -70.92
N ASP H 8 -31.36 -14.75 -70.82
CA ASP H 8 -30.21 -15.06 -71.67
C ASP H 8 -29.70 -16.46 -71.37
N ILE H 9 -28.89 -17.00 -72.27
CA ILE H 9 -28.32 -18.34 -72.10
C ILE H 9 -26.84 -18.23 -71.72
N PHE H 10 -26.49 -18.78 -70.55
CA PHE H 10 -25.13 -18.67 -70.05
C PHE H 10 -24.42 -20.02 -70.02
N GLN H 11 -23.10 -19.99 -70.21
CA GLN H 11 -22.28 -21.18 -70.11
C GLN H 11 -21.30 -21.05 -68.94
N VAL H 12 -20.89 -22.18 -68.37
CA VAL H 12 -20.00 -22.16 -67.22
C VAL H 12 -18.54 -22.08 -67.68
N SER H 13 -17.63 -21.93 -66.72
CA SER H 13 -16.21 -21.92 -67.01
C SER H 13 -15.45 -22.84 -66.06
N GLU H 14 -15.41 -22.47 -64.79
CA GLU H 14 -14.75 -23.27 -63.77
C GLU H 14 -15.65 -23.49 -62.55
N VAL H 15 -15.41 -24.57 -61.81
CA VAL H 15 -16.13 -24.85 -60.58
C VAL H 15 -15.13 -25.18 -59.47
N ASP H 16 -15.12 -24.35 -58.42
CA ASP H 16 -14.15 -24.51 -57.34
C ASP H 16 -14.76 -24.35 -55.95
N PRO H 17 -15.34 -25.43 -55.41
CA PRO H 17 -15.90 -25.42 -54.06
C PRO H 17 -14.82 -25.46 -52.98
N GLY H 18 -14.03 -24.38 -52.88
CA GLY H 18 -12.96 -24.30 -51.91
C GLY H 18 -13.45 -24.26 -50.48
N ARG H 19 -12.95 -25.20 -49.66
CA ARG H 19 -13.22 -25.27 -48.22
C ARG H 19 -14.68 -25.56 -47.89
N TYR H 20 -15.54 -25.59 -48.90
CA TYR H 20 -16.96 -25.90 -48.71
C TYR H 20 -17.32 -27.18 -49.47
N ASN H 21 -18.38 -27.83 -49.04
CA ASN H 21 -18.79 -29.10 -49.65
C ASN H 21 -20.04 -28.99 -50.52
N LYS H 22 -21.17 -28.65 -49.92
CA LYS H 22 -22.43 -28.58 -50.66
C LYS H 22 -22.71 -27.18 -51.17
N VAL H 23 -21.77 -26.26 -50.94
CA VAL H 23 -21.90 -24.89 -51.45
C VAL H 23 -20.66 -24.51 -52.24
N CYS H 24 -20.86 -24.02 -53.47
CA CYS H 24 -19.73 -23.63 -54.31
C CYS H 24 -19.93 -22.26 -54.94
N ARG H 25 -18.92 -21.82 -55.69
CA ARG H 25 -18.99 -20.56 -56.43
C ARG H 25 -18.82 -20.82 -57.91
N ILE H 26 -19.90 -20.59 -58.67
CA ILE H 26 -19.87 -20.86 -60.11
C ILE H 26 -19.59 -19.59 -60.91
N GLU H 27 -18.45 -19.57 -61.60
CA GLU H 27 -18.09 -18.46 -62.46
C GLU H 27 -18.46 -18.81 -63.90
N ALA H 28 -19.41 -18.07 -64.46
CA ALA H 28 -19.94 -18.40 -65.78
C ALA H 28 -19.61 -17.35 -66.83
N ALA H 29 -20.11 -17.58 -68.04
CA ALA H 29 -19.90 -16.65 -69.15
C ALA H 29 -21.21 -16.52 -69.94
N SER H 30 -21.16 -15.83 -71.07
CA SER H 30 -22.37 -15.58 -71.84
C SER H 30 -22.15 -15.66 -73.35
N THR H 31 -23.12 -16.22 -74.05
CA THR H 31 -23.12 -16.23 -75.51
C THR H 31 -23.76 -14.96 -76.03
N THR H 32 -24.01 -14.90 -77.34
CA THR H 32 -24.57 -13.72 -78.00
C THR H 32 -23.69 -12.51 -77.70
N GLN H 33 -24.25 -11.52 -77.00
CA GLN H 33 -23.46 -10.38 -76.56
C GLN H 33 -22.41 -10.84 -75.54
N ASP H 34 -21.16 -10.50 -75.82
CA ASP H 34 -20.03 -10.99 -75.01
C ASP H 34 -19.67 -10.05 -73.87
N GLN H 35 -20.29 -8.88 -73.84
CA GLN H 35 -19.97 -7.88 -72.83
C GLN H 35 -20.51 -8.25 -71.45
N CYS H 36 -21.55 -9.08 -71.43
CA CYS H 36 -22.20 -9.46 -70.18
C CYS H 36 -21.54 -10.68 -69.53
N LYS H 37 -21.17 -10.53 -68.26
CA LYS H 37 -20.59 -11.63 -67.49
C LYS H 37 -21.44 -11.91 -66.25
N LEU H 38 -21.04 -12.93 -65.49
CA LEU H 38 -21.78 -13.30 -64.28
C LEU H 38 -20.89 -13.96 -63.23
N THR H 39 -21.22 -13.73 -61.96
CA THR H 39 -20.58 -14.41 -60.84
C THR H 39 -21.66 -14.87 -59.87
N LEU H 40 -21.73 -16.18 -59.64
CA LEU H 40 -22.82 -16.75 -58.85
C LEU H 40 -22.35 -17.73 -57.80
N ASP H 41 -23.03 -17.75 -56.66
CA ASP H 41 -22.82 -18.76 -55.64
C ASP H 41 -24.05 -19.66 -55.55
N ILE H 42 -23.90 -20.91 -55.98
CA ILE H 42 -25.05 -21.82 -56.05
C ILE H 42 -24.75 -23.15 -55.35
N ASN H 43 -25.80 -23.91 -55.08
CA ASN H 43 -25.68 -25.19 -54.41
C ASN H 43 -25.35 -26.32 -55.40
N VAL H 44 -24.51 -27.26 -54.95
CA VAL H 44 -24.11 -28.39 -55.77
C VAL H 44 -24.89 -29.66 -55.41
N GLU H 45 -24.80 -30.09 -54.15
CA GLU H 45 -25.55 -31.25 -53.67
C GLU H 45 -27.05 -31.15 -53.98
N LEU H 46 -27.56 -29.93 -54.03
CA LEU H 46 -28.98 -29.71 -54.29
C LEU H 46 -29.30 -29.43 -55.76
N PHE H 47 -28.29 -29.46 -56.62
CA PHE H 47 -28.44 -29.19 -58.05
C PHE H 47 -27.13 -29.39 -58.80
N PRO H 48 -27.19 -30.09 -59.93
CA PRO H 48 -25.97 -30.49 -60.66
C PRO H 48 -25.32 -29.38 -61.46
N VAL H 49 -24.02 -29.49 -61.67
CA VAL H 49 -23.22 -28.51 -62.41
C VAL H 49 -21.79 -29.02 -62.53
N ALA H 50 -21.04 -28.45 -63.47
CA ALA H 50 -19.66 -28.87 -63.72
C ALA H 50 -18.94 -27.84 -64.60
N ALA H 51 -17.73 -28.17 -65.00
CA ALA H 51 -16.95 -27.30 -65.86
C ALA H 51 -17.51 -27.29 -67.28
N GLN H 52 -17.75 -26.08 -67.80
CA GLN H 52 -18.25 -25.87 -69.16
C GLN H 52 -19.56 -26.60 -69.44
N ASP H 53 -20.62 -26.20 -68.75
CA ASP H 53 -21.96 -26.71 -69.01
C ASP H 53 -22.80 -25.68 -69.74
N SER H 54 -24.06 -26.03 -70.01
CA SER H 54 -24.98 -25.11 -70.66
C SER H 54 -26.22 -24.89 -69.80
N LEU H 55 -26.41 -23.66 -69.33
CA LEU H 55 -27.52 -23.33 -68.46
C LEU H 55 -28.35 -22.17 -69.00
N THR H 56 -29.58 -22.04 -68.49
CA THR H 56 -30.45 -20.94 -68.85
C THR H 56 -30.65 -20.02 -67.65
N VAL H 57 -30.22 -18.77 -67.76
CA VAL H 57 -30.27 -17.84 -66.65
C VAL H 57 -31.27 -16.71 -66.89
N THR H 58 -32.16 -16.50 -65.94
CA THR H 58 -33.19 -15.47 -66.03
C THR H 58 -33.50 -14.90 -64.65
N ILE H 59 -33.72 -13.59 -64.58
CA ILE H 59 -34.23 -12.98 -63.35
C ILE H 59 -35.62 -12.41 -63.59
N ALA H 60 -36.57 -12.84 -62.77
CA ALA H 60 -37.97 -12.51 -63.00
C ALA H 60 -38.70 -12.17 -61.70
N SER H 61 -39.92 -11.65 -61.85
CA SER H 61 -40.77 -11.35 -60.71
C SER H 61 -42.21 -11.75 -61.03
N SER H 62 -43.07 -11.75 -60.01
CA SER H 62 -44.49 -12.06 -60.16
C SER H 62 -44.72 -13.45 -60.76
N LEU H 63 -44.48 -14.49 -59.96
CA LEU H 63 -44.74 -15.87 -60.36
C LEU H 63 -46.23 -16.14 -60.56
N ASN H 64 -47.05 -15.13 -60.23
CA ASN H 64 -48.50 -15.22 -60.33
C ASN H 64 -49.04 -15.38 -61.75
N LEU H 65 -48.14 -15.36 -62.73
CA LEU H 65 -48.51 -15.32 -64.15
C LEU H 65 -49.32 -14.05 -64.42
N GLU H 66 -50.59 -14.20 -64.80
CA GLU H 66 -51.39 -13.04 -65.17
C GLU H 66 -52.11 -12.46 -63.94
N ASP H 67 -51.66 -11.28 -63.53
CA ASP H 67 -52.20 -10.54 -62.39
C ASP H 67 -52.56 -11.43 -61.20
N SER H 74 -54.51 -12.44 -47.74
CA SER H 74 -55.16 -12.26 -46.45
C SER H 74 -54.26 -11.51 -45.47
N ALA H 75 -53.03 -11.25 -45.90
CA ALA H 75 -52.04 -10.54 -45.08
C ALA H 75 -51.83 -11.21 -43.74
N THR H 76 -51.54 -12.51 -43.77
CA THR H 76 -51.33 -13.28 -42.55
C THR H 76 -49.95 -13.02 -41.96
N ARG H 77 -49.13 -12.27 -42.69
CA ARG H 77 -47.77 -11.88 -42.29
C ARG H 77 -46.81 -13.07 -42.18
N SER H 78 -47.35 -14.28 -42.33
CA SER H 78 -46.53 -15.48 -42.44
C SER H 78 -46.57 -15.97 -43.88
N TRP H 79 -45.41 -16.30 -44.44
CA TRP H 79 -45.31 -16.67 -45.85
C TRP H 79 -46.14 -17.91 -46.16
N ARG H 80 -47.02 -17.78 -47.15
CA ARG H 80 -47.91 -18.86 -47.54
C ARG H 80 -47.46 -19.53 -48.83
N PRO H 81 -47.31 -20.86 -48.80
CA PRO H 81 -46.94 -21.65 -49.97
C PRO H 81 -47.98 -21.56 -51.08
N PRO H 82 -47.57 -21.73 -52.35
CA PRO H 82 -48.50 -21.63 -53.49
C PRO H 82 -49.52 -22.76 -53.52
N GLN H 83 -50.39 -22.80 -52.50
CA GLN H 83 -51.44 -23.80 -52.37
C GLN H 83 -50.91 -25.23 -52.48
N ALA H 84 -51.67 -26.08 -53.16
CA ALA H 84 -51.32 -27.48 -53.32
C ALA H 84 -50.34 -27.71 -54.47
N GLY H 85 -50.50 -26.95 -55.55
CA GLY H 85 -49.80 -27.28 -56.79
C GLY H 85 -50.30 -26.53 -58.01
N ASP H 86 -50.16 -27.19 -59.16
CA ASP H 86 -50.56 -26.70 -60.48
C ASP H 86 -49.78 -25.49 -60.98
N ARG H 87 -50.51 -24.50 -61.50
CA ARG H 87 -49.91 -23.50 -62.40
C ARG H 87 -49.32 -22.26 -61.73
N SER H 88 -48.03 -22.08 -61.95
CA SER H 88 -47.30 -20.89 -61.54
C SER H 88 -46.04 -20.79 -62.41
N LEU H 89 -45.39 -19.63 -62.42
CA LEU H 89 -44.14 -19.49 -63.16
C LEU H 89 -43.09 -20.42 -62.55
N ALA H 90 -42.07 -20.76 -63.34
CA ALA H 90 -40.96 -21.64 -62.97
C ALA H 90 -41.32 -23.12 -63.07
N ASP H 91 -42.57 -23.40 -63.44
CA ASP H 91 -42.99 -24.78 -63.72
C ASP H 91 -42.06 -25.46 -64.72
N ASP H 92 -41.56 -24.69 -65.67
CA ASP H 92 -40.65 -25.20 -66.69
C ASP H 92 -39.21 -25.28 -66.17
N TYR H 93 -38.95 -24.60 -65.05
CA TYR H 93 -37.59 -24.42 -64.57
C TYR H 93 -37.29 -25.25 -63.33
N ASP H 94 -36.03 -25.67 -63.20
CA ASP H 94 -35.59 -26.52 -62.11
C ASP H 94 -35.24 -25.74 -60.85
N TYR H 95 -34.15 -24.98 -60.93
CA TYR H 95 -33.62 -24.28 -59.76
C TYR H 95 -33.98 -22.79 -59.78
N VAL H 96 -34.61 -22.32 -58.72
CA VAL H 96 -34.99 -20.92 -58.59
C VAL H 96 -34.68 -20.36 -57.21
N MET H 97 -34.53 -19.04 -57.12
CA MET H 97 -34.05 -18.39 -55.91
C MET H 97 -34.81 -17.11 -55.58
N TYR H 98 -35.08 -16.89 -54.30
CA TYR H 98 -35.55 -15.59 -53.82
C TYR H 98 -34.36 -14.64 -53.78
N GLY H 99 -34.61 -13.34 -53.85
CA GLY H 99 -33.51 -12.39 -53.98
C GLY H 99 -33.77 -10.97 -53.52
N THR H 100 -32.80 -10.11 -53.84
CA THR H 100 -32.81 -8.70 -53.43
C THR H 100 -31.61 -7.97 -54.03
N ALA H 101 -31.66 -6.65 -54.06
CA ALA H 101 -30.57 -5.84 -54.59
C ALA H 101 -30.14 -4.78 -53.58
N TYR H 102 -28.93 -4.92 -53.05
CA TYR H 102 -28.46 -4.05 -51.98
C TYR H 102 -27.57 -2.90 -52.45
N LYS H 103 -27.29 -2.82 -53.74
CA LYS H 103 -26.33 -1.84 -54.26
C LYS H 103 -26.24 -1.86 -55.79
N PHE H 104 -25.73 -0.76 -56.34
CA PHE H 104 -25.45 -0.65 -57.77
C PHE H 104 -24.23 0.23 -57.99
N GLU H 105 -23.38 -0.15 -58.93
CA GLU H 105 -22.22 0.67 -59.30
C GLU H 105 -21.76 0.35 -60.71
N GLU H 106 -21.00 1.27 -61.31
CA GLU H 106 -20.56 1.10 -62.69
C GLU H 106 -19.11 0.60 -62.75
N VAL H 107 -18.84 -0.25 -63.74
CA VAL H 107 -17.49 -0.73 -63.98
C VAL H 107 -16.86 0.08 -65.11
N SER H 108 -15.84 0.86 -64.78
CA SER H 108 -15.22 1.79 -65.74
C SER H 108 -16.26 2.67 -66.40
N LYS H 109 -16.40 2.55 -67.72
CA LYS H 109 -17.40 3.31 -68.46
C LYS H 109 -18.36 2.38 -69.19
N ASP H 110 -19.62 2.78 -69.26
CA ASP H 110 -20.66 2.10 -70.04
C ASP H 110 -21.04 0.72 -69.52
N LEU H 111 -20.36 0.25 -68.48
CA LEU H 111 -20.67 -1.06 -67.90
C LEU H 111 -21.34 -0.91 -66.52
N ILE H 112 -22.43 -1.64 -66.32
CA ILE H 112 -23.17 -1.58 -65.07
C ILE H 112 -23.05 -2.89 -64.29
N ALA H 113 -22.74 -2.78 -63.00
CA ALA H 113 -22.62 -3.96 -62.15
C ALA H 113 -23.79 -4.08 -61.19
N VAL H 114 -24.42 -5.25 -61.18
CA VAL H 114 -25.57 -5.50 -60.32
C VAL H 114 -25.24 -6.54 -59.26
N TYR H 115 -25.62 -6.26 -58.01
CA TYR H 115 -25.26 -7.12 -56.89
C TYR H 115 -26.49 -7.73 -56.23
N TYR H 116 -26.55 -9.06 -56.23
CA TYR H 116 -27.64 -9.79 -55.57
C TYR H 116 -27.11 -10.63 -54.42
N SER H 117 -27.92 -10.75 -53.37
CA SER H 117 -27.57 -11.59 -52.23
C SER H 117 -28.70 -12.56 -51.90
N PHE H 118 -28.45 -13.86 -52.07
CA PHE H 118 -29.47 -14.86 -51.80
C PHE H 118 -29.12 -15.67 -50.56
N GLY H 119 -29.82 -15.42 -49.46
CA GLY H 119 -29.62 -16.15 -48.22
C GLY H 119 -28.16 -16.22 -47.77
N GLY H 120 -27.39 -15.18 -48.09
CA GLY H 120 -25.98 -15.15 -47.76
C GLY H 120 -25.09 -15.40 -48.97
N LEU H 121 -25.69 -15.91 -50.04
CA LEU H 121 -24.95 -16.16 -51.28
C LEU H 121 -24.96 -14.92 -52.16
N LEU H 122 -23.77 -14.49 -52.58
CA LEU H 122 -23.64 -13.26 -53.36
C LEU H 122 -23.66 -13.53 -54.86
N MET H 123 -24.29 -12.64 -55.60
CA MET H 123 -24.39 -12.78 -57.05
C MET H 123 -24.07 -11.47 -57.76
N ARG H 124 -23.17 -11.53 -58.73
CA ARG H 124 -22.79 -10.35 -59.50
C ARG H 124 -22.79 -10.62 -61.00
N LEU H 125 -23.49 -9.77 -61.75
CA LEU H 125 -23.48 -9.85 -63.20
C LEU H 125 -23.33 -8.46 -63.81
N GLU H 126 -22.87 -8.41 -65.06
CA GLU H 126 -22.71 -7.16 -65.76
C GLU H 126 -23.30 -7.25 -67.16
N GLY H 127 -23.41 -6.11 -67.83
CA GLY H 127 -23.91 -6.06 -69.19
C GLY H 127 -23.71 -4.66 -69.74
N ASN H 128 -23.88 -4.47 -71.04
CA ASN H 128 -23.77 -3.15 -71.63
C ASN H 128 -24.76 -2.19 -70.96
N TYR H 129 -26.04 -2.33 -71.28
CA TYR H 129 -27.07 -1.76 -70.43
C TYR H 129 -28.25 -2.72 -70.26
N ARG H 130 -28.42 -3.25 -69.05
CA ARG H 130 -29.61 -3.99 -68.67
C ARG H 130 -30.52 -3.09 -67.85
N ASN H 131 -30.10 -1.84 -67.70
CA ASN H 131 -30.68 -0.86 -66.78
C ASN H 131 -32.20 -0.70 -66.82
N LEU H 132 -32.78 -0.86 -68.01
CA LEU H 132 -34.20 -0.55 -68.21
C LEU H 132 -35.17 -1.36 -67.35
N ASN H 133 -34.99 -2.68 -67.29
CA ASN H 133 -35.87 -3.52 -66.48
C ASN H 133 -35.37 -3.78 -65.06
N ASN H 134 -34.15 -3.34 -64.76
CA ASN H 134 -33.55 -3.62 -63.46
C ASN H 134 -33.74 -2.50 -62.45
N LEU H 135 -34.10 -2.88 -61.22
CA LEU H 135 -34.41 -1.92 -60.18
C LEU H 135 -33.71 -2.25 -58.86
N LYS H 136 -33.78 -1.31 -57.92
CA LYS H 136 -33.25 -1.50 -56.58
C LYS H 136 -34.33 -2.12 -55.70
N GLN H 137 -35.43 -2.52 -56.34
CA GLN H 137 -36.61 -3.04 -55.67
C GLN H 137 -36.29 -4.18 -54.71
N GLU H 138 -37.07 -4.26 -53.63
CA GLU H 138 -36.78 -5.12 -52.48
C GLU H 138 -36.45 -6.57 -52.83
N ASN H 139 -37.05 -7.11 -53.88
CA ASN H 139 -36.79 -8.50 -54.23
C ASN H 139 -36.85 -8.82 -55.72
N ALA H 140 -36.55 -10.09 -56.03
CA ALA H 140 -36.58 -10.61 -57.39
C ALA H 140 -36.50 -12.13 -57.32
N TYR H 141 -36.55 -12.80 -58.47
CA TYR H 141 -36.47 -14.25 -58.50
C TYR H 141 -35.53 -14.76 -59.58
N LEU H 142 -34.50 -15.50 -59.16
CA LEU H 142 -33.57 -16.12 -60.09
C LEU H 142 -34.22 -17.32 -60.76
N LEU H 143 -33.99 -17.45 -62.06
CA LEU H 143 -34.62 -18.53 -62.84
C LEU H 143 -33.55 -19.32 -63.58
N ILE H 144 -33.35 -20.58 -63.21
CA ILE H 144 -32.28 -21.39 -63.76
C ILE H 144 -32.71 -22.82 -64.09
N ARG H 145 -32.43 -23.25 -65.32
CA ARG H 145 -32.67 -24.64 -65.73
C ARG H 145 -31.68 -25.05 -66.81
N ARG H 146 -31.54 -26.35 -67.03
CA ARG H 146 -30.66 -26.87 -68.07
C ARG H 146 -31.45 -27.23 -69.32
N MET I 1 58.43 3.41 -10.86
CA MET I 1 59.32 2.82 -11.85
C MET I 1 59.55 1.35 -11.56
N LEU I 2 59.24 0.94 -10.33
CA LEU I 2 59.33 -0.45 -9.90
C LEU I 2 60.74 -1.02 -10.07
N SER I 3 61.65 -0.57 -9.23
CA SER I 3 63.01 -1.10 -9.22
C SER I 3 63.28 -1.84 -7.91
N PHE I 4 64.47 -2.40 -7.78
CA PHE I 4 64.83 -3.14 -6.57
C PHE I 4 66.33 -3.14 -6.31
N CYS I 5 66.69 -3.39 -5.06
CA CYS I 5 68.09 -3.36 -4.64
C CYS I 5 68.57 -4.73 -4.20
N PRO I 6 69.54 -5.32 -4.93
CA PRO I 6 70.05 -6.67 -4.68
C PRO I 6 70.54 -6.81 -3.23
N SER I 7 70.72 -8.05 -2.76
CA SER I 7 70.62 -8.38 -1.33
C SER I 7 69.19 -8.15 -0.86
N CYS I 8 68.98 -7.18 0.03
CA CYS I 8 67.68 -6.98 0.69
C CYS I 8 66.47 -7.07 -0.25
N ASN I 9 66.62 -6.52 -1.46
CA ASN I 9 65.64 -6.70 -2.53
C ASN I 9 64.22 -6.28 -2.16
N ASN I 10 64.07 -5.04 -1.72
CA ASN I 10 62.73 -4.53 -1.42
C ASN I 10 62.22 -3.58 -2.49
N MET I 11 62.69 -2.34 -2.47
CA MET I 11 62.27 -1.35 -3.45
C MET I 11 63.26 -0.19 -3.53
N LEU I 12 63.19 0.57 -4.61
CA LEU I 12 64.05 1.74 -4.79
C LEU I 12 63.24 3.01 -4.98
N LEU I 13 63.40 3.94 -4.04
CA LEU I 13 62.66 5.20 -4.10
C LEU I 13 63.59 6.39 -4.30
N ILE I 14 63.15 7.35 -5.10
CA ILE I 14 63.94 8.55 -5.38
C ILE I 14 64.04 9.45 -4.15
N THR I 15 65.27 9.76 -3.76
CA THR I 15 65.51 10.68 -2.65
C THR I 15 66.32 11.88 -3.14
N SER I 16 65.99 13.07 -2.63
CA SER I 16 66.67 14.27 -3.07
C SER I 16 68.04 14.40 -2.41
N GLY I 17 69.08 14.42 -3.23
CA GLY I 17 70.43 14.57 -2.73
C GLY I 17 70.74 16.03 -2.46
N ASP I 18 71.67 16.28 -1.55
CA ASP I 18 72.01 17.64 -1.15
C ASP I 18 72.74 18.39 -2.27
N SER I 19 72.31 19.63 -2.49
CA SER I 19 72.94 20.56 -3.42
C SER I 19 73.00 20.06 -4.87
N GLY I 20 71.84 19.98 -5.51
CA GLY I 20 71.78 19.81 -6.95
C GLY I 20 71.62 18.40 -7.51
N VAL I 21 71.94 17.39 -6.72
CA VAL I 21 71.92 16.02 -7.22
C VAL I 21 70.63 15.29 -6.84
N TYR I 22 70.10 14.50 -7.76
CA TYR I 22 68.94 13.66 -7.50
C TYR I 22 69.34 12.18 -7.52
N THR I 23 69.13 11.50 -6.40
CA THR I 23 69.54 10.10 -6.27
C THR I 23 68.39 9.21 -5.79
N LEU I 24 68.70 7.95 -5.54
CA LEU I 24 67.73 7.01 -4.98
C LEU I 24 68.45 5.94 -4.17
N ALA I 25 67.79 5.44 -3.12
CA ALA I 25 68.39 4.43 -2.27
C ALA I 25 67.32 3.53 -1.65
N CYS I 26 67.72 2.30 -1.32
CA CYS I 26 66.81 1.36 -0.67
C CYS I 26 66.51 1.80 0.76
N ARG I 27 65.26 1.64 1.18
CA ARG I 27 64.86 2.03 2.52
C ARG I 27 65.45 1.09 3.57
N SER I 28 65.94 1.67 4.66
CA SER I 28 66.48 0.93 5.80
C SER I 28 67.78 0.18 5.50
N CYS I 29 68.22 0.22 4.25
CA CYS I 29 69.46 -0.42 3.87
C CYS I 29 70.37 0.58 3.13
N PRO I 30 71.68 0.53 3.42
CA PRO I 30 72.63 1.41 2.73
C PRO I 30 72.81 1.05 1.26
N TYR I 31 72.79 2.05 0.39
CA TYR I 31 72.91 1.85 -1.05
C TYR I 31 72.92 3.18 -1.79
N GLU I 32 73.44 3.18 -3.02
CA GLU I 32 73.42 4.36 -3.88
C GLU I 32 73.31 3.95 -5.35
N PHE I 33 72.47 4.65 -6.11
CA PHE I 33 72.26 4.26 -7.51
C PHE I 33 72.65 5.33 -8.52
N PRO I 34 73.85 5.19 -9.14
CA PRO I 34 74.17 5.97 -10.35
C PRO I 34 73.60 5.38 -11.64
N ILE I 35 72.84 6.16 -12.41
CA ILE I 35 72.72 6.03 -13.88
C ILE I 35 71.50 6.84 -14.33
N GLU I 36 71.28 6.90 -15.64
CA GLU I 36 70.04 7.40 -16.22
C GLU I 36 68.88 6.42 -16.00
N GLY I 37 67.80 6.90 -15.40
CA GLY I 37 66.61 6.07 -15.24
C GLY I 37 65.64 6.22 -16.41
N ILE I 38 64.92 5.15 -16.72
CA ILE I 38 63.95 5.15 -17.82
C ILE I 38 62.81 4.16 -17.59
N GLU I 39 61.62 4.51 -18.07
CA GLU I 39 60.50 3.57 -18.13
C GLU I 39 59.56 3.95 -19.27
N ILE I 40 58.96 2.95 -19.90
CA ILE I 40 58.00 3.19 -20.97
C ILE I 40 56.83 2.21 -20.89
N TYR I 41 55.62 2.73 -20.99
CA TYR I 41 54.43 1.89 -20.98
C TYR I 41 53.41 2.37 -22.01
N ASP I 42 52.91 1.43 -22.82
CA ASP I 42 51.95 1.75 -23.86
C ASP I 42 50.54 1.30 -23.50
N ASN I 61 39.06 8.58 -59.15
CA ASN I 61 38.36 9.78 -58.74
C ASN I 61 38.04 10.67 -59.92
N VAL I 62 36.75 10.91 -60.16
CA VAL I 62 36.28 11.64 -61.33
C VAL I 62 36.50 13.15 -61.23
N ASP I 63 36.10 13.73 -60.11
CA ASP I 63 36.07 15.18 -59.93
C ASP I 63 37.45 15.83 -60.04
N GLN I 64 37.53 16.99 -60.68
CA GLN I 64 38.78 17.72 -60.83
C GLN I 64 38.54 19.23 -60.96
N THR I 65 39.48 20.03 -60.43
CA THR I 65 39.42 21.48 -60.57
C THR I 65 40.80 22.07 -60.81
N LYS I 66 40.83 23.35 -61.20
CA LYS I 66 42.10 24.04 -61.45
C LYS I 66 42.45 25.02 -60.33
N THR I 67 43.54 24.73 -59.62
CA THR I 67 44.03 25.62 -58.57
C THR I 67 45.52 25.38 -58.31
N GLN I 68 46.15 26.34 -57.66
CA GLN I 68 47.58 26.23 -57.33
C GLN I 68 47.79 25.34 -56.12
N CYS I 69 48.72 24.39 -56.24
CA CYS I 69 49.00 23.47 -55.15
C CYS I 69 50.06 24.03 -54.20
N PRO I 70 49.68 24.24 -52.93
CA PRO I 70 50.60 24.77 -51.91
C PRO I 70 51.70 23.78 -51.54
N ASN I 71 51.45 22.50 -51.77
CA ASN I 71 52.44 21.46 -51.47
C ASN I 71 53.62 21.54 -52.43
N TYR I 72 54.82 21.70 -51.88
CA TYR I 72 56.01 21.85 -52.72
C TYR I 72 57.16 20.93 -52.33
N ASP I 73 57.49 20.00 -53.22
CA ASP I 73 58.81 19.41 -53.22
C ASP I 73 59.43 19.62 -54.60
N THR I 74 59.07 18.77 -55.54
CA THR I 74 59.20 19.07 -56.96
C THR I 74 57.81 19.38 -57.53
N CYS I 75 56.81 19.24 -56.66
CA CYS I 75 55.42 19.08 -57.10
C CYS I 75 54.89 20.20 -58.00
N GLY I 76 54.62 21.36 -57.40
CA GLY I 76 54.04 22.49 -58.11
C GLY I 76 52.84 22.13 -58.98
N GLY I 77 52.01 21.22 -58.49
CA GLY I 77 50.95 20.63 -59.29
C GLY I 77 49.81 21.55 -59.68
N GLU I 78 49.39 21.47 -60.94
CA GLU I 78 48.26 22.25 -61.44
C GLU I 78 46.93 21.60 -61.08
N SER I 79 46.84 20.29 -61.23
CA SER I 79 45.57 19.58 -61.04
C SER I 79 45.24 19.35 -59.57
N ALA I 80 43.95 19.28 -59.27
CA ALA I 80 43.48 19.08 -57.90
C ALA I 80 42.07 18.48 -57.85
N TYR I 81 41.68 17.99 -56.68
CA TYR I 81 40.33 17.47 -56.47
C TYR I 81 39.60 18.37 -55.49
N PHE I 82 38.27 18.39 -55.54
CA PHE I 82 37.49 19.16 -54.58
C PHE I 82 36.22 18.43 -54.13
N PHE I 83 35.70 18.85 -52.99
CA PHE I 83 34.50 18.23 -52.40
C PHE I 83 33.63 19.31 -51.76
N GLN I 84 32.31 19.12 -51.80
CA GLN I 84 31.39 20.14 -51.33
C GLN I 84 30.36 19.64 -50.32
N LEU I 85 30.31 20.30 -49.17
CA LEU I 85 29.29 20.04 -48.16
C LEU I 85 28.98 21.29 -47.35
N GLN I 86 27.73 21.42 -46.92
CA GLN I 86 27.32 22.56 -46.09
C GLN I 86 27.55 22.24 -44.61
N ILE I 87 28.26 23.12 -43.93
CA ILE I 87 28.64 22.88 -42.54
C ILE I 87 28.20 24.03 -41.64
N ARG I 88 28.15 23.77 -40.34
CA ARG I 88 27.80 24.76 -39.32
C ARG I 88 26.43 25.38 -39.55
N SER I 89 26.33 26.69 -39.36
CA SER I 89 25.06 27.39 -39.46
C SER I 89 24.59 27.51 -40.91
N ALA I 90 23.30 27.74 -41.10
CA ALA I 90 22.72 27.88 -42.43
C ALA I 90 23.28 29.10 -43.14
N ASP I 91 23.48 30.18 -42.39
CA ASP I 91 24.02 31.42 -42.96
C ASP I 91 25.53 31.30 -43.17
N GLU I 92 26.16 30.40 -42.43
CA GLU I 92 27.59 30.15 -42.56
C GLU I 92 27.91 29.58 -43.95
N PRO I 93 28.91 30.16 -44.62
CA PRO I 93 29.25 29.81 -46.00
C PRO I 93 29.75 28.37 -46.18
N MET I 94 30.08 28.02 -47.42
CA MET I 94 30.48 26.65 -47.77
C MET I 94 31.95 26.39 -47.50
N THR I 95 32.23 25.21 -46.93
CA THR I 95 33.61 24.77 -46.73
C THR I 95 34.00 23.76 -47.81
N THR I 96 35.15 24.00 -48.45
CA THR I 96 35.61 23.14 -49.53
C THR I 96 36.82 22.31 -49.12
N PHE I 97 36.95 21.12 -49.69
CA PHE I 97 38.04 20.21 -49.35
C PHE I 97 38.85 19.85 -50.59
N TYR I 98 40.11 20.25 -50.61
CA TYR I 98 40.97 20.03 -51.76
C TYR I 98 41.87 18.81 -51.61
N LYS I 99 42.07 18.10 -52.72
CA LYS I 99 42.96 16.94 -52.76
C LYS I 99 43.87 17.05 -53.97
N CYS I 100 45.13 16.65 -53.83
CA CYS I 100 46.10 16.77 -54.90
C CYS I 100 46.34 15.42 -55.60
N VAL I 101 46.59 15.47 -56.90
CA VAL I 101 46.80 14.27 -57.69
C VAL I 101 48.11 13.56 -57.34
N ASN I 102 49.21 14.28 -57.43
CA ASN I 102 50.54 13.69 -57.26
C ASN I 102 50.78 13.11 -55.88
N CYS I 103 50.70 13.95 -54.85
CA CYS I 103 50.99 13.53 -53.48
C CYS I 103 49.82 12.82 -52.82
N GLY I 104 48.59 13.24 -53.16
CA GLY I 104 47.41 12.68 -52.54
C GLY I 104 47.13 13.29 -51.18
N HIS I 105 47.46 14.58 -51.04
CA HIS I 105 47.30 15.28 -49.79
C HIS I 105 45.91 15.88 -49.62
N ARG I 106 45.29 15.62 -48.47
CA ARG I 106 43.99 16.20 -48.14
C ARG I 106 44.16 17.63 -47.63
N TRP I 107 43.28 18.53 -48.05
CA TRP I 107 43.37 19.92 -47.66
C TRP I 107 41.98 20.50 -47.37
N LYS I 108 41.89 21.36 -46.36
CA LYS I 108 40.60 21.88 -45.92
C LYS I 108 40.64 23.38 -45.63
N GLU I 109 39.75 24.13 -46.27
CA GLU I 109 39.54 25.53 -45.96
C GLU I 109 38.12 25.94 -46.34
N ASN I 110 37.58 26.95 -45.65
CA ASN I 110 36.23 27.42 -45.94
C ASN I 110 36.23 28.42 -47.09
N MET J 1 -13.36 -50.07 -1.34
CA MET J 1 -13.74 -51.11 -0.38
C MET J 1 -14.40 -52.29 -1.09
N ILE J 2 -15.64 -52.56 -0.72
CA ILE J 2 -16.40 -53.67 -1.30
C ILE J 2 -16.95 -53.27 -2.66
N VAL J 3 -16.91 -54.22 -3.61
CA VAL J 3 -17.37 -53.98 -4.98
C VAL J 3 -18.79 -53.44 -5.05
N PRO J 4 -18.97 -52.33 -5.77
CA PRO J 4 -20.29 -51.71 -5.99
C PRO J 4 -21.28 -52.69 -6.60
N VAL J 5 -22.54 -52.60 -6.17
CA VAL J 5 -23.58 -53.53 -6.64
C VAL J 5 -23.96 -53.28 -8.10
N ARG J 6 -23.84 -52.03 -8.53
CA ARG J 6 -24.15 -51.69 -9.92
C ARG J 6 -23.08 -50.81 -10.55
N CYS J 7 -22.97 -50.87 -11.87
CA CYS J 7 -22.09 -49.98 -12.61
C CYS J 7 -22.74 -48.61 -12.75
N PHE J 8 -21.92 -47.57 -12.69
CA PHE J 8 -22.43 -46.19 -12.67
C PHE J 8 -23.11 -45.80 -13.98
N SER J 9 -22.45 -46.08 -15.10
CA SER J 9 -22.96 -45.67 -16.41
C SER J 9 -24.10 -46.57 -16.90
N CYS J 10 -23.90 -47.87 -16.80
CA CYS J 10 -24.88 -48.84 -17.31
C CYS J 10 -25.99 -49.11 -16.31
N GLY J 11 -25.63 -49.67 -15.16
CA GLY J 11 -26.61 -50.04 -14.15
C GLY J 11 -26.86 -51.53 -14.05
N LYS J 12 -26.04 -52.31 -14.75
CA LYS J 12 -26.09 -53.76 -14.61
C LYS J 12 -25.70 -54.15 -13.19
N VAL J 13 -26.32 -55.22 -12.68
CA VAL J 13 -26.13 -55.61 -11.29
C VAL J 13 -25.04 -56.67 -11.12
N VAL J 14 -23.92 -56.29 -10.51
CA VAL J 14 -22.96 -57.29 -10.09
C VAL J 14 -22.77 -57.32 -8.57
N GLY J 15 -23.40 -58.28 -7.92
CA GLY J 15 -22.96 -58.72 -6.60
C GLY J 15 -22.40 -60.12 -6.73
N ASP J 16 -22.66 -60.72 -7.88
CA ASP J 16 -22.37 -62.13 -8.12
C ASP J 16 -20.93 -62.37 -8.52
N LYS J 17 -20.41 -61.50 -9.38
CA LYS J 17 -19.28 -61.84 -10.23
C LYS J 17 -17.91 -61.45 -9.69
N TRP J 18 -17.83 -60.91 -8.48
CA TRP J 18 -16.52 -60.63 -7.89
C TRP J 18 -15.90 -61.91 -7.34
N GLU J 19 -16.70 -62.69 -6.61
CA GLU J 19 -16.24 -63.94 -6.04
C GLU J 19 -15.97 -64.98 -7.12
N SER J 20 -16.79 -64.97 -8.16
CA SER J 20 -16.64 -65.90 -9.27
C SER J 20 -15.44 -65.56 -10.12
N TYR J 21 -15.06 -64.29 -10.13
CA TYR J 21 -13.91 -63.83 -10.92
C TYR J 21 -12.60 -64.27 -10.29
N LEU J 22 -12.45 -64.03 -8.99
CA LEU J 22 -11.24 -64.41 -8.29
C LEU J 22 -11.10 -65.93 -8.21
N ASN J 23 -12.24 -66.62 -8.15
CA ASN J 23 -12.25 -68.08 -8.15
C ASN J 23 -11.78 -68.61 -9.50
N LEU J 24 -12.09 -67.86 -10.56
CA LEU J 24 -11.68 -68.22 -11.90
C LEU J 24 -10.20 -67.89 -12.11
N LEU J 25 -9.67 -67.01 -11.27
CA LEU J 25 -8.26 -66.62 -11.35
C LEU J 25 -7.37 -67.53 -10.52
N GLN J 26 -7.58 -67.54 -9.21
CA GLN J 26 -6.83 -68.39 -8.28
C GLN J 26 -6.77 -69.82 -8.76
N GLU J 27 -7.94 -70.47 -8.82
CA GLU J 27 -8.04 -71.80 -9.41
C GLU J 27 -8.24 -71.68 -10.92
N ASP J 28 -7.60 -72.56 -11.67
CA ASP J 28 -7.70 -72.59 -13.13
C ASP J 28 -7.26 -71.27 -13.76
N GLU J 29 -5.95 -71.02 -13.73
CA GLU J 29 -5.38 -69.81 -14.33
C GLU J 29 -5.75 -69.69 -15.80
N LEU J 30 -5.88 -68.46 -16.28
CA LEU J 30 -6.44 -68.19 -17.60
C LEU J 30 -6.34 -66.70 -17.93
N ASP J 31 -6.48 -66.35 -19.20
CA ASP J 31 -6.33 -64.97 -19.66
C ASP J 31 -7.38 -64.06 -19.05
N GLU J 32 -6.95 -62.87 -18.67
CA GLU J 32 -7.83 -61.89 -18.02
C GLU J 32 -8.88 -61.34 -18.97
N GLY J 33 -8.47 -61.07 -20.21
CA GLY J 33 -9.36 -60.52 -21.21
C GLY J 33 -10.52 -61.44 -21.53
N THR J 34 -10.23 -62.73 -21.67
CA THR J 34 -11.25 -63.72 -21.95
C THR J 34 -12.02 -64.11 -20.69
N ALA J 35 -11.43 -63.79 -19.53
CA ALA J 35 -12.07 -64.07 -18.26
C ALA J 35 -13.28 -63.17 -18.04
N LEU J 36 -13.16 -61.90 -18.42
CA LEU J 36 -14.25 -60.94 -18.28
C LEU J 36 -15.32 -61.18 -19.34
N SER J 37 -14.88 -61.51 -20.55
CA SER J 37 -15.79 -61.71 -21.68
C SER J 37 -16.83 -62.79 -21.43
N ARG J 38 -16.39 -64.03 -21.28
CA ARG J 38 -17.29 -65.17 -21.11
C ARG J 38 -18.02 -65.14 -19.77
N LEU J 39 -17.62 -64.24 -18.90
CA LEU J 39 -18.23 -64.10 -17.58
C LEU J 39 -19.57 -63.35 -17.67
N GLY J 40 -19.88 -62.87 -18.86
CA GLY J 40 -21.13 -62.16 -19.09
C GLY J 40 -20.97 -60.65 -19.22
N LEU J 41 -19.72 -60.20 -19.26
CA LEU J 41 -19.43 -58.78 -19.45
C LEU J 41 -18.87 -58.52 -20.84
N LYS J 42 -19.65 -57.82 -21.67
CA LYS J 42 -19.24 -57.53 -23.04
C LYS J 42 -18.66 -56.12 -23.17
N ARG J 43 -19.49 -55.10 -22.96
CA ARG J 43 -19.04 -53.72 -23.07
C ARG J 43 -18.21 -53.32 -21.85
N TYR J 44 -17.36 -52.32 -22.04
CA TYR J 44 -16.34 -51.97 -21.04
C TYR J 44 -16.88 -51.21 -19.83
N CYS J 45 -18.16 -50.84 -19.86
CA CYS J 45 -18.75 -50.09 -18.76
C CYS J 45 -18.76 -50.90 -17.46
N CYS J 46 -19.16 -52.16 -17.56
CA CYS J 46 -19.17 -53.05 -16.40
C CYS J 46 -17.76 -53.60 -16.12
N ARG J 47 -16.96 -53.69 -17.18
CA ARG J 47 -15.62 -54.25 -17.07
C ARG J 47 -14.68 -53.38 -16.22
N ARG J 48 -14.80 -52.07 -16.35
CA ARG J 48 -13.88 -51.14 -15.70
C ARG J 48 -13.88 -51.23 -14.19
N MET J 49 -14.93 -51.82 -13.63
CA MET J 49 -15.01 -52.03 -12.18
C MET J 49 -14.30 -53.32 -11.78
N ILE J 50 -14.81 -54.45 -12.27
CA ILE J 50 -14.25 -55.76 -11.95
C ILE J 50 -12.76 -55.85 -12.30
N LEU J 51 -12.34 -55.13 -13.34
CA LEU J 51 -10.96 -55.15 -13.79
C LEU J 51 -10.00 -54.65 -12.71
N THR J 52 -10.23 -53.43 -12.23
CA THR J 52 -9.29 -52.83 -11.29
C THR J 52 -9.62 -53.14 -9.84
N HIS J 53 -10.63 -52.46 -9.30
CA HIS J 53 -11.20 -52.72 -7.98
C HIS J 53 -10.21 -53.08 -6.87
N VAL J 54 -9.43 -52.11 -6.39
CA VAL J 54 -8.61 -52.34 -5.21
C VAL J 54 -9.51 -52.67 -4.01
N ASP J 55 -9.16 -53.74 -3.29
CA ASP J 55 -9.98 -54.17 -2.16
C ASP J 55 -9.31 -53.78 -0.85
N LEU J 56 -9.88 -52.78 -0.18
CA LEU J 56 -9.38 -52.29 1.09
C LEU J 56 -9.87 -53.10 2.28
N ILE J 57 -11.06 -53.69 2.14
CA ILE J 57 -11.77 -54.29 3.27
C ILE J 57 -11.01 -55.44 3.94
N GLU J 58 -10.09 -56.07 3.21
CA GLU J 58 -9.33 -57.18 3.77
C GLU J 58 -8.24 -56.68 4.72
N LYS J 59 -7.72 -55.49 4.44
CA LYS J 59 -6.70 -54.87 5.28
C LYS J 59 -7.31 -54.23 6.52
N PHE J 60 -8.57 -53.82 6.42
CA PHE J 60 -9.26 -53.16 7.53
C PHE J 60 -9.72 -54.14 8.59
N LEU J 61 -9.92 -55.39 8.18
CA LEU J 61 -10.35 -56.44 9.10
C LEU J 61 -9.18 -56.93 9.96
N ARG J 62 -7.98 -56.46 9.65
CA ARG J 62 -6.79 -56.81 10.40
C ARG J 62 -6.83 -56.20 11.80
N TYR J 63 -7.36 -54.99 11.88
CA TYR J 63 -7.49 -54.28 13.15
C TYR J 63 -8.94 -54.31 13.62
N ASN J 64 -9.13 -54.70 14.88
CA ASN J 64 -10.46 -55.07 15.37
C ASN J 64 -10.47 -55.41 16.87
N PRO J 65 -11.66 -55.71 17.41
CA PRO J 65 -11.81 -56.32 18.73
C PRO J 65 -11.12 -57.69 18.85
N LEU J 66 -11.38 -58.41 19.94
CA LEU J 66 -10.53 -59.48 20.45
C LEU J 66 -9.92 -60.39 19.38
N GLU J 67 -10.76 -61.13 18.66
CA GLU J 67 -10.31 -62.01 17.58
C GLU J 67 -9.49 -63.20 18.09
N PRO K 42 -63.91 -31.18 -12.41
CA PRO K 42 -62.62 -31.15 -13.12
C PRO K 42 -61.53 -30.45 -12.31
N ASP K 43 -60.78 -31.20 -11.52
CA ASP K 43 -59.69 -30.62 -10.76
C ASP K 43 -58.65 -30.15 -11.76
N ARG K 44 -58.10 -28.96 -11.57
CA ARG K 44 -57.14 -28.45 -12.53
C ARG K 44 -55.76 -28.16 -11.97
N GLU K 45 -54.78 -28.87 -12.51
CA GLU K 45 -53.38 -28.50 -12.48
C GLU K 45 -52.94 -28.76 -13.90
N LYS K 46 -53.49 -27.99 -14.84
CA LYS K 46 -53.35 -28.30 -16.25
C LYS K 46 -53.15 -27.08 -17.15
N ILE K 47 -52.56 -27.34 -18.31
CA ILE K 47 -52.33 -26.33 -19.34
C ILE K 47 -53.14 -25.06 -19.09
N LYS K 48 -52.46 -23.92 -19.12
CA LYS K 48 -53.10 -22.64 -18.90
C LYS K 48 -52.77 -21.64 -20.01
N LEU K 49 -53.79 -21.11 -20.66
CA LEU K 49 -53.61 -20.18 -21.76
C LEU K 49 -53.05 -18.85 -21.27
N LEU K 50 -51.94 -18.43 -21.87
CA LEU K 50 -51.31 -17.17 -21.53
C LEU K 50 -52.07 -16.02 -22.18
N THR K 51 -52.42 -15.01 -21.39
CA THR K 51 -53.28 -13.93 -21.84
C THR K 51 -52.55 -12.95 -22.76
N GLN K 52 -51.54 -12.28 -22.23
CA GLN K 52 -50.82 -11.25 -22.99
C GLN K 52 -50.05 -11.83 -24.17
N ALA K 53 -49.92 -13.14 -24.21
CA ALA K 53 -49.19 -13.82 -25.28
C ALA K 53 -49.94 -13.80 -26.61
N THR K 54 -51.25 -14.06 -26.54
CA THR K 54 -52.08 -14.12 -27.75
C THR K 54 -52.22 -12.73 -28.36
N SER K 55 -52.56 -12.68 -29.65
CA SER K 55 -52.66 -11.41 -30.36
C SER K 55 -54.09 -11.07 -30.72
N GLU K 56 -54.70 -11.88 -31.58
CA GLU K 56 -56.04 -11.63 -32.09
C GLU K 56 -57.14 -11.90 -31.07
N ASP K 57 -56.78 -12.65 -30.01
CA ASP K 57 -57.66 -13.38 -29.07
C ASP K 57 -57.97 -14.75 -29.66
N GLY K 58 -57.43 -14.97 -30.85
CA GLY K 58 -57.62 -16.21 -31.58
C GLY K 58 -56.34 -16.43 -32.36
N THR K 59 -56.28 -17.54 -33.10
CA THR K 59 -55.07 -17.93 -33.83
C THR K 59 -53.93 -18.17 -32.84
N SER K 60 -52.84 -17.42 -32.99
CA SER K 60 -51.63 -17.62 -32.18
C SER K 60 -51.89 -17.53 -30.68
N ALA K 61 -51.46 -18.56 -29.96
CA ALA K 61 -51.57 -18.58 -28.50
C ALA K 61 -50.48 -19.44 -27.88
N SER K 62 -50.06 -19.08 -26.67
CA SER K 62 -49.01 -19.82 -25.97
C SER K 62 -49.55 -20.46 -24.70
N PHE K 63 -49.26 -21.75 -24.51
CA PHE K 63 -49.74 -22.48 -23.34
C PHE K 63 -48.58 -22.92 -22.46
N GLN K 64 -48.82 -22.99 -21.16
CA GLN K 64 -47.82 -23.51 -20.23
C GLN K 64 -48.31 -24.81 -19.60
N ILE K 65 -47.41 -25.77 -19.43
CA ILE K 65 -47.78 -27.07 -18.89
C ILE K 65 -46.98 -27.39 -17.63
N VAL K 66 -47.67 -27.86 -16.60
CA VAL K 66 -47.03 -28.19 -15.33
C VAL K 66 -46.83 -29.71 -15.21
N GLU K 67 -45.71 -30.11 -14.60
CA GLU K 67 -45.37 -31.50 -14.36
C GLU K 67 -45.30 -32.30 -15.67
N GLU K 68 -44.61 -31.73 -16.66
CA GLU K 68 -44.40 -32.43 -17.93
C GLU K 68 -43.01 -32.16 -18.49
N ASP K 69 -42.33 -33.23 -18.91
CA ASP K 69 -40.98 -33.12 -19.46
C ASP K 69 -40.99 -33.26 -20.98
N HIS K 70 -39.80 -33.29 -21.58
CA HIS K 70 -39.65 -33.38 -23.03
C HIS K 70 -40.27 -34.64 -23.63
N THR K 71 -40.52 -35.65 -22.80
CA THR K 71 -41.03 -36.94 -23.25
C THR K 71 -42.34 -36.83 -24.01
N LEU K 72 -43.17 -35.87 -23.62
CA LEU K 72 -44.49 -35.68 -24.24
C LEU K 72 -44.45 -34.61 -25.33
N GLY K 73 -44.14 -33.38 -24.93
CA GLY K 73 -44.18 -32.22 -25.81
C GLY K 73 -43.44 -32.38 -27.14
N ASN K 74 -42.31 -33.07 -27.12
CA ASN K 74 -41.55 -33.30 -28.34
C ASN K 74 -42.30 -34.21 -29.30
N ALA K 75 -42.92 -35.26 -28.75
CA ALA K 75 -43.72 -36.19 -29.56
C ALA K 75 -45.00 -35.50 -30.02
N LEU K 76 -45.53 -34.62 -29.18
CA LEU K 76 -46.75 -33.87 -29.51
C LEU K 76 -46.47 -32.85 -30.61
N ARG K 77 -45.25 -32.33 -30.63
CA ARG K 77 -44.84 -31.34 -31.62
C ARG K 77 -44.94 -31.90 -33.05
N TYR K 78 -44.44 -33.11 -33.24
CA TYR K 78 -44.47 -33.77 -34.54
C TYR K 78 -45.90 -33.96 -35.04
N VAL K 79 -46.81 -34.26 -34.12
CA VAL K 79 -48.20 -34.48 -34.46
C VAL K 79 -48.86 -33.21 -34.98
N ILE K 80 -48.61 -32.10 -34.31
CA ILE K 80 -49.19 -30.81 -34.68
C ILE K 80 -48.50 -30.24 -35.93
N MET K 81 -47.21 -30.54 -36.07
CA MET K 81 -46.43 -30.05 -37.20
C MET K 81 -46.94 -30.58 -38.54
N LYS K 82 -47.35 -31.85 -38.55
CA LYS K 82 -47.80 -32.48 -39.79
C LYS K 82 -49.25 -32.15 -40.09
N ASN K 83 -49.88 -31.37 -39.23
CA ASN K 83 -51.18 -30.80 -39.51
C ASN K 83 -51.03 -29.66 -40.51
N PRO K 84 -51.62 -29.82 -41.71
CA PRO K 84 -51.42 -28.93 -42.87
C PRO K 84 -51.62 -27.44 -42.57
N ASP K 85 -52.50 -27.12 -41.64
CA ASP K 85 -52.83 -25.73 -41.37
C ASP K 85 -51.97 -25.12 -40.27
N VAL K 86 -51.12 -25.93 -39.65
CA VAL K 86 -50.26 -25.44 -38.57
C VAL K 86 -48.89 -25.02 -39.10
N GLU K 87 -48.64 -23.71 -39.10
CA GLU K 87 -47.37 -23.18 -39.60
C GLU K 87 -46.24 -23.25 -38.58
N PHE K 88 -46.55 -22.88 -37.33
CA PHE K 88 -45.53 -22.79 -36.30
C PHE K 88 -45.97 -23.45 -34.99
N CYS K 89 -45.28 -24.52 -34.61
CA CYS K 89 -45.49 -25.11 -33.29
C CYS K 89 -44.16 -25.34 -32.57
N GLY K 90 -43.93 -24.57 -31.52
CA GLY K 90 -42.73 -24.73 -30.71
C GLY K 90 -42.99 -25.37 -29.35
N TYR K 91 -41.91 -25.75 -28.68
CA TYR K 91 -41.98 -26.16 -27.28
C TYR K 91 -40.64 -25.91 -26.61
N SER K 92 -40.67 -25.55 -25.33
CA SER K 92 -39.45 -25.28 -24.58
C SER K 92 -39.65 -25.29 -23.07
N ILE K 93 -38.55 -25.10 -22.36
CA ILE K 93 -38.56 -25.00 -20.90
C ILE K 93 -37.65 -23.84 -20.48
N PRO K 94 -38.08 -23.06 -19.47
CA PRO K 94 -37.22 -21.97 -18.99
C PRO K 94 -35.86 -22.46 -18.48
N HIS K 95 -35.88 -23.52 -17.67
CA HIS K 95 -34.67 -24.13 -17.11
C HIS K 95 -35.04 -25.34 -16.27
N PRO K 96 -34.20 -26.39 -16.30
CA PRO K 96 -34.48 -27.68 -15.64
C PRO K 96 -34.63 -27.58 -14.13
N SER K 97 -34.17 -26.49 -13.52
CA SER K 97 -34.32 -26.29 -12.08
C SER K 97 -35.79 -26.34 -11.67
N GLU K 98 -36.57 -25.37 -12.14
CA GLU K 98 -38.01 -25.38 -11.90
C GLU K 98 -38.66 -26.41 -12.83
N ASN K 99 -39.96 -26.59 -12.71
CA ASN K 99 -40.66 -27.53 -13.57
C ASN K 99 -41.86 -26.92 -14.27
N LEU K 100 -41.76 -26.75 -15.58
CA LEU K 100 -42.86 -26.31 -16.42
C LEU K 100 -42.62 -26.76 -17.87
N LEU K 101 -43.59 -26.50 -18.72
CA LEU K 101 -43.43 -26.72 -20.16
C LEU K 101 -44.10 -25.58 -20.94
N ASN K 102 -43.33 -24.91 -21.79
CA ASN K 102 -43.86 -23.83 -22.60
C ASN K 102 -44.03 -24.23 -24.06
N ILE K 103 -45.28 -24.36 -24.49
CA ILE K 103 -45.58 -24.76 -25.87
C ILE K 103 -46.18 -23.59 -26.65
N ARG K 104 -45.77 -23.46 -27.91
CA ARG K 104 -46.24 -22.38 -28.77
C ARG K 104 -47.06 -22.91 -29.94
N ILE K 105 -48.21 -22.28 -30.20
CA ILE K 105 -49.06 -22.68 -31.31
C ILE K 105 -49.38 -21.46 -32.18
N GLN K 106 -48.93 -21.49 -33.42
CA GLN K 106 -49.18 -20.42 -34.38
C GLN K 106 -49.58 -20.99 -35.74
N THR K 107 -50.66 -20.45 -36.30
CA THR K 107 -51.21 -20.99 -37.54
C THR K 107 -51.91 -19.94 -38.38
N TYR K 108 -52.61 -20.39 -39.42
CA TYR K 108 -53.42 -19.52 -40.26
C TYR K 108 -54.81 -19.34 -39.65
N GLY K 109 -55.72 -18.75 -40.42
CA GLY K 109 -57.10 -18.61 -39.99
C GLY K 109 -57.85 -19.92 -40.14
N GLU K 110 -59.19 -19.82 -40.13
CA GLU K 110 -60.09 -20.95 -40.36
C GLU K 110 -60.13 -21.90 -39.15
N THR K 111 -59.16 -21.75 -38.25
CA THR K 111 -59.11 -22.55 -37.03
C THR K 111 -58.56 -21.72 -35.87
N THR K 112 -58.83 -22.16 -34.65
CA THR K 112 -58.34 -21.47 -33.47
C THR K 112 -57.14 -22.23 -32.88
N ALA K 113 -56.55 -21.68 -31.82
CA ALA K 113 -55.42 -22.31 -31.16
C ALA K 113 -55.73 -23.70 -30.63
N VAL K 114 -56.64 -23.76 -29.66
CA VAL K 114 -56.95 -25.01 -28.97
C VAL K 114 -57.49 -26.10 -29.89
N ASP K 115 -58.20 -25.70 -30.94
CA ASP K 115 -58.78 -26.65 -31.89
C ASP K 115 -57.70 -27.45 -32.60
N ALA K 116 -56.56 -26.81 -32.85
CA ALA K 116 -55.42 -27.50 -33.46
C ALA K 116 -54.75 -28.41 -32.43
N LEU K 117 -54.77 -27.99 -31.17
CA LEU K 117 -54.19 -28.77 -30.09
C LEU K 117 -55.09 -29.93 -29.70
N GLN K 118 -56.38 -29.66 -29.55
CA GLN K 118 -57.35 -30.69 -29.18
C GLN K 118 -57.39 -31.83 -30.20
N LYS K 119 -57.27 -31.46 -31.48
CA LYS K 119 -57.24 -32.46 -32.54
C LYS K 119 -55.92 -33.24 -32.51
N GLY K 120 -54.82 -32.50 -32.43
CA GLY K 120 -53.50 -33.11 -32.40
C GLY K 120 -53.27 -33.97 -31.18
N LEU K 121 -53.93 -33.62 -30.07
CA LEU K 121 -53.83 -34.39 -28.85
C LEU K 121 -54.69 -35.65 -28.94
N LYS K 122 -55.87 -35.49 -29.55
CA LYS K 122 -56.73 -36.64 -29.84
C LYS K 122 -56.04 -37.56 -30.83
N ASP K 123 -55.30 -36.95 -31.75
CA ASP K 123 -54.49 -37.68 -32.72
C ASP K 123 -53.51 -38.63 -32.04
N LEU K 124 -52.61 -38.08 -31.23
CA LEU K 124 -51.59 -38.85 -30.52
C LEU K 124 -52.20 -40.00 -29.71
N MET K 125 -53.44 -39.82 -29.29
CA MET K 125 -54.16 -40.86 -28.54
C MET K 125 -54.56 -42.05 -29.41
N ASP K 126 -54.50 -41.87 -30.73
CA ASP K 126 -54.98 -42.89 -31.66
C ASP K 126 -53.92 -43.93 -32.01
N LEU K 127 -52.84 -43.49 -32.65
CA LEU K 127 -51.81 -44.39 -33.16
C LEU K 127 -51.17 -45.26 -32.08
N CYS K 128 -51.25 -44.81 -30.84
CA CYS K 128 -50.73 -45.60 -29.71
C CYS K 128 -51.52 -46.90 -29.58
N ASP K 129 -52.82 -46.85 -29.88
CA ASP K 129 -53.66 -48.03 -29.84
C ASP K 129 -53.28 -49.00 -30.96
N VAL K 130 -52.84 -48.44 -32.08
CA VAL K 130 -52.39 -49.26 -33.22
C VAL K 130 -51.11 -50.00 -32.86
N VAL K 131 -50.21 -49.32 -32.18
CA VAL K 131 -48.96 -49.92 -31.72
C VAL K 131 -49.24 -51.04 -30.73
N GLU K 132 -50.21 -50.80 -29.84
CA GLU K 132 -50.64 -51.81 -28.88
C GLU K 132 -51.08 -53.09 -29.58
N SER K 133 -52.13 -52.98 -30.39
CA SER K 133 -52.68 -54.11 -31.13
C SER K 133 -51.63 -54.88 -31.91
N LYS K 134 -50.99 -54.21 -32.86
CA LYS K 134 -49.99 -54.83 -33.73
C LYS K 134 -48.88 -55.55 -32.97
N PHE K 135 -48.59 -55.07 -31.76
CA PHE K 135 -47.55 -55.67 -30.92
C PHE K 135 -48.10 -56.86 -30.13
N THR K 136 -49.07 -56.59 -29.26
CA THR K 136 -49.61 -57.60 -28.36
C THR K 136 -50.23 -58.80 -29.10
N GLU K 137 -50.51 -58.63 -30.39
CA GLU K 137 -51.05 -59.72 -31.20
C GLU K 137 -49.94 -60.68 -31.62
N LYS K 138 -48.78 -60.13 -31.98
CA LYS K 138 -47.68 -60.95 -32.47
C LYS K 138 -46.93 -61.65 -31.34
N ILE K 139 -46.92 -61.04 -30.15
CA ILE K 139 -46.27 -61.65 -29.00
C ILE K 139 -47.07 -62.87 -28.54
N LYS K 140 -48.38 -62.86 -28.86
CA LYS K 140 -49.23 -64.01 -28.62
C LYS K 140 -48.88 -65.13 -29.59
N SER K 141 -48.89 -64.79 -30.88
CA SER K 141 -48.52 -65.73 -31.94
C SER K 141 -47.10 -66.26 -31.75
N MET K 142 -46.12 -65.37 -31.90
CA MET K 142 -44.70 -65.71 -31.81
C MET K 142 -44.31 -66.82 -32.79
N THR L 26 -25.49 -53.53 32.71
CA THR L 26 -25.23 -52.20 32.18
C THR L 26 -24.32 -52.26 30.96
N LEU L 27 -23.35 -53.17 31.00
CA LEU L 27 -22.40 -53.35 29.91
C LEU L 27 -21.66 -52.06 29.58
N LYS L 28 -20.79 -51.62 30.49
CA LYS L 28 -20.13 -50.33 30.35
C LYS L 28 -18.83 -50.40 29.56
N TYR L 29 -18.71 -49.48 28.60
CA TYR L 29 -17.56 -49.29 27.71
C TYR L 29 -17.02 -50.55 27.02
N ILE L 30 -15.72 -50.57 26.80
CA ILE L 30 -14.99 -51.70 26.25
C ILE L 30 -13.53 -51.58 26.69
N CYS L 31 -12.86 -52.70 26.93
CA CYS L 31 -11.42 -52.69 27.17
C CYS L 31 -10.69 -52.61 25.83
N ALA L 32 -9.80 -51.63 25.68
CA ALA L 32 -9.14 -51.35 24.40
C ALA L 32 -8.37 -52.55 23.84
N GLU L 33 -7.22 -52.85 24.44
CA GLU L 33 -6.42 -54.00 24.02
C GLU L 33 -6.96 -55.28 24.63
N CYS L 34 -7.46 -55.16 25.86
CA CYS L 34 -7.89 -56.30 26.65
C CYS L 34 -9.10 -56.96 26.02
N SER L 35 -9.98 -56.13 25.46
CA SER L 35 -11.14 -56.58 24.69
C SER L 35 -12.08 -57.49 25.47
N SER L 36 -12.82 -56.91 26.40
CA SER L 36 -13.80 -57.63 27.22
C SER L 36 -14.56 -56.62 28.08
N LYS L 37 -15.70 -57.03 28.61
CA LYS L 37 -16.57 -56.10 29.32
C LYS L 37 -16.20 -55.97 30.80
N LEU L 38 -16.90 -55.05 31.47
CA LEU L 38 -16.69 -54.74 32.88
C LEU L 38 -17.62 -53.59 33.25
N SER L 39 -17.67 -53.23 34.53
CA SER L 39 -18.48 -52.09 34.95
C SER L 39 -17.68 -51.09 35.77
N LEU L 40 -17.46 -49.91 35.18
CA LEU L 40 -16.83 -48.79 35.87
C LEU L 40 -17.82 -48.12 36.81
N SER L 41 -17.29 -47.34 37.75
CA SER L 41 -18.09 -46.62 38.73
C SER L 41 -17.21 -45.70 39.55
N ARG L 42 -17.84 -44.75 40.25
CA ARG L 42 -17.11 -43.70 40.96
C ARG L 42 -16.24 -44.27 42.08
N THR L 43 -15.08 -43.65 42.28
CA THR L 43 -14.12 -44.03 43.32
C THR L 43 -13.71 -45.50 43.23
N ASP L 44 -13.26 -45.92 42.05
CA ASP L 44 -12.77 -47.29 41.90
C ASP L 44 -11.32 -47.30 41.40
N ALA L 45 -11.15 -47.07 40.09
CA ALA L 45 -9.84 -47.10 39.45
C ALA L 45 -9.96 -46.80 37.95
N VAL L 46 -8.84 -46.44 37.34
CA VAL L 46 -8.76 -46.27 35.89
C VAL L 46 -8.56 -47.63 35.21
N ARG L 47 -7.96 -48.55 35.96
CA ARG L 47 -7.54 -49.85 35.41
C ARG L 47 -8.70 -50.76 35.01
N CYS L 48 -8.41 -51.67 34.07
CA CYS L 48 -9.35 -52.72 33.69
C CYS L 48 -9.13 -53.98 34.54
N LYS L 49 -9.74 -55.09 34.13
CA LYS L 49 -9.72 -56.34 34.90
C LYS L 49 -8.30 -56.78 35.30
N ASP L 50 -7.53 -57.24 34.32
CA ASP L 50 -6.09 -57.37 34.48
C ASP L 50 -5.50 -56.15 33.78
N CYS L 51 -5.60 -56.17 32.46
CA CYS L 51 -5.64 -54.95 31.65
C CYS L 51 -4.58 -53.90 31.98
N GLY L 52 -3.34 -54.19 31.64
CA GLY L 52 -2.24 -53.26 31.86
C GLY L 52 -2.44 -51.93 31.15
N HIS L 53 -3.12 -51.98 30.00
CA HIS L 53 -3.42 -50.78 29.21
C HIS L 53 -4.49 -49.95 29.91
N ARG L 54 -4.21 -48.68 30.15
CA ARG L 54 -5.11 -47.84 30.94
C ARG L 54 -6.33 -47.32 30.19
N ILE L 55 -6.17 -46.95 28.93
CA ILE L 55 -7.27 -46.35 28.16
C ILE L 55 -8.38 -47.36 27.87
N LEU L 56 -9.56 -46.85 27.59
CA LEU L 56 -10.72 -47.69 27.28
C LEU L 56 -11.69 -46.97 26.34
N LEU L 57 -12.41 -47.76 25.55
CA LEU L 57 -13.37 -47.21 24.59
C LEU L 57 -14.80 -47.54 25.00
N LYS L 58 -15.73 -46.65 24.68
CA LYS L 58 -17.14 -46.84 25.05
C LYS L 58 -17.88 -47.66 24.00
N ALA L 59 -18.78 -48.54 24.46
CA ALA L 59 -19.57 -49.38 23.57
C ALA L 59 -20.72 -48.59 22.95
N ARG L 60 -21.51 -49.27 22.13
CA ARG L 60 -22.62 -48.61 21.44
C ARG L 60 -23.87 -48.60 22.33
N THR L 61 -24.95 -47.99 21.81
CA THR L 61 -26.19 -47.87 22.57
C THR L 61 -27.20 -48.94 22.18
N LYS L 62 -27.98 -49.39 23.15
CA LYS L 62 -29.02 -50.38 22.91
C LYS L 62 -30.23 -49.75 22.22
N ARG L 63 -30.29 -48.43 22.23
CA ARG L 63 -31.41 -47.70 21.66
C ARG L 63 -31.43 -47.80 20.14
N LEU L 64 -32.63 -47.82 19.57
CA LEU L 64 -32.80 -47.98 18.13
C LEU L 64 -32.47 -46.69 17.37
N VAL L 65 -31.90 -46.84 16.17
CA VAL L 65 -31.61 -45.71 15.30
C VAL L 65 -31.85 -46.12 13.84
N GLN L 66 -32.45 -45.23 13.07
CA GLN L 66 -32.80 -45.54 11.69
C GLN L 66 -32.28 -44.51 10.70
N PHE L 67 -32.01 -44.96 9.47
CA PHE L 67 -31.53 -44.09 8.40
C PHE L 67 -32.48 -44.12 7.19
N GLU L 68 -32.09 -43.41 6.15
CA GLU L 68 -32.85 -43.40 4.90
C GLU L 68 -31.94 -43.78 3.73
N ALA L 69 -32.47 -44.58 2.81
CA ALA L 69 -31.69 -45.07 1.67
C ALA L 69 -31.22 -43.92 0.78
N ARG L 70 -32.03 -42.86 0.69
CA ARG L 70 -31.68 -41.70 -0.12
C ARG L 70 -30.53 -40.92 0.50
N ILE M 71 68.76 -53.50 -19.18
CA ILE M 71 70.03 -53.92 -19.76
C ILE M 71 71.12 -53.98 -18.68
N GLU M 72 71.62 -52.81 -18.29
CA GLU M 72 72.64 -52.70 -17.26
C GLU M 72 72.00 -52.58 -15.88
N GLU M 73 72.79 -52.27 -14.87
CA GLU M 73 72.26 -52.02 -13.52
C GLU M 73 72.94 -50.85 -12.82
N PHE M 74 72.13 -49.91 -12.33
CA PHE M 74 72.63 -48.83 -11.47
C PHE M 74 72.30 -49.14 -10.01
N PRO M 75 73.32 -49.52 -9.23
CA PRO M 75 73.12 -49.82 -7.81
C PRO M 75 72.90 -48.56 -6.96
N LEU M 76 72.07 -48.66 -5.94
CA LEU M 76 71.91 -47.55 -4.98
C LEU M 76 71.98 -48.08 -3.56
N LYS M 77 72.44 -47.22 -2.65
CA LYS M 77 72.54 -47.57 -1.24
C LYS M 77 71.79 -46.57 -0.36
N ILE M 78 71.53 -46.97 0.88
CA ILE M 78 70.94 -46.06 1.87
C ILE M 78 71.88 -45.94 3.07
N SER M 79 72.40 -44.74 3.30
CA SER M 79 73.38 -44.50 4.34
C SER M 79 72.78 -44.54 5.74
N GLY M 80 73.62 -44.33 6.74
CA GLY M 80 73.18 -44.41 8.13
C GLY M 80 72.84 -43.05 8.72
N GLU M 81 72.81 -42.99 10.04
CA GLU M 81 72.47 -41.76 10.76
C GLU M 81 73.40 -40.60 10.40
N GLU M 82 74.64 -40.70 10.88
CA GLU M 82 75.66 -39.68 10.66
C GLU M 82 75.15 -38.27 10.98
N GLU M 83 74.80 -38.03 12.24
CA GLU M 83 74.49 -36.69 12.75
C GLU M 83 73.27 -36.05 12.07
N SER M 84 72.71 -36.78 11.11
CA SER M 84 71.71 -36.30 10.16
C SER M 84 72.20 -35.09 9.38
N LEU M 85 71.29 -34.16 9.08
CA LEU M 85 71.61 -33.02 8.22
C LEU M 85 70.62 -31.88 8.38
N HIS M 86 71.03 -30.69 7.94
CA HIS M 86 70.13 -29.54 7.82
C HIS M 86 70.42 -28.78 6.54
N VAL M 87 69.38 -28.49 5.77
CA VAL M 87 69.55 -27.93 4.42
C VAL M 87 69.19 -26.45 4.33
N PHE M 88 70.11 -25.67 3.77
CA PHE M 88 69.90 -24.24 3.51
C PHE M 88 69.23 -23.96 2.16
N GLN M 89 68.32 -22.99 2.16
CA GLN M 89 67.83 -22.41 0.91
C GLN M 89 67.39 -20.96 1.14
N TYR M 90 67.64 -20.11 0.15
CA TYR M 90 67.22 -18.71 0.22
C TYR M 90 66.73 -18.21 -1.14
N ALA M 91 65.68 -17.39 -1.11
CA ALA M 91 65.00 -16.96 -2.32
C ALA M 91 65.52 -15.63 -2.86
N ASN M 92 66.55 -15.08 -2.22
CA ASN M 92 67.05 -13.77 -2.60
C ASN M 92 67.82 -13.78 -3.92
N ARG M 93 68.97 -14.46 -3.91
CA ARG M 93 69.86 -14.47 -5.07
C ARG M 93 69.31 -15.28 -6.25
N PRO M 94 69.19 -14.63 -7.42
CA PRO M 94 68.78 -15.28 -8.66
C PRO M 94 69.97 -15.88 -9.40
N ARG M 95 69.72 -16.40 -10.61
CA ARG M 95 70.80 -16.96 -11.43
C ARG M 95 71.51 -15.85 -12.21
N LEU M 96 72.84 -15.88 -12.17
CA LEU M 96 73.65 -14.86 -12.82
C LEU M 96 73.82 -15.10 -14.31
N VAL M 97 73.31 -16.25 -14.77
CA VAL M 97 73.27 -16.67 -16.18
C VAL M 97 74.66 -16.87 -16.79
N GLY M 98 75.70 -16.52 -16.04
CA GLY M 98 77.07 -16.66 -16.50
C GLY M 98 77.55 -18.09 -16.46
N ARG M 99 78.87 -18.27 -16.56
CA ARG M 99 79.47 -19.60 -16.54
C ARG M 99 79.22 -20.29 -15.21
N LYS M 100 79.44 -19.56 -14.11
CA LYS M 100 79.08 -20.05 -12.80
C LYS M 100 77.93 -19.21 -12.24
N PRO M 101 76.72 -19.80 -12.21
CA PRO M 101 75.49 -19.11 -11.80
C PRO M 101 75.43 -18.78 -10.31
N ALA M 102 75.97 -19.64 -9.47
CA ALA M 102 75.83 -19.49 -8.02
C ALA M 102 76.85 -18.53 -7.43
N GLU M 103 76.42 -17.78 -6.41
CA GLU M 103 77.31 -16.89 -5.67
C GLU M 103 77.47 -17.41 -4.25
N HIS M 104 78.70 -17.45 -3.76
CA HIS M 104 79.00 -18.07 -2.47
C HIS M 104 78.93 -17.10 -1.30
N PRO M 105 78.06 -17.39 -0.32
CA PRO M 105 77.96 -16.61 0.92
C PRO M 105 79.14 -16.88 1.84
N PHE M 106 79.51 -15.91 2.67
CA PHE M 106 80.72 -16.02 3.48
C PHE M 106 80.57 -15.46 4.89
N ILE M 107 81.58 -15.74 5.72
CA ILE M 107 81.78 -15.19 7.07
C ILE M 107 80.93 -15.86 8.15
N SER M 108 79.93 -16.65 7.74
CA SER M 108 79.16 -17.46 8.68
C SER M 108 78.48 -16.65 9.79
N ALA M 109 78.93 -16.90 11.02
CA ALA M 109 78.40 -16.26 12.22
C ALA M 109 76.90 -16.55 12.42
N ALA M 110 76.59 -17.79 12.77
CA ALA M 110 75.21 -18.22 12.98
C ALA M 110 74.90 -18.37 14.47
N ARG M 111 73.66 -18.03 14.84
CA ARG M 111 73.20 -18.22 16.21
C ARG M 111 72.15 -19.33 16.26
N TYR M 112 72.11 -20.04 17.39
CA TYR M 112 71.35 -21.29 17.46
C TYR M 112 70.65 -21.49 18.81
N LYS M 113 69.70 -22.41 18.85
CA LYS M 113 68.96 -22.74 20.06
C LYS M 113 68.30 -24.12 19.88
N PRO M 114 67.55 -24.61 20.88
CA PRO M 114 66.81 -25.86 20.69
C PRO M 114 65.76 -25.82 19.56
N LYS M 115 64.97 -26.88 19.45
CA LYS M 115 64.10 -27.12 18.30
C LYS M 115 63.22 -25.93 17.95
N SER M 116 62.92 -25.77 16.66
CA SER M 116 62.39 -24.52 16.11
C SER M 116 63.40 -23.41 16.40
N HIS M 117 64.62 -23.64 15.93
CA HIS M 117 65.79 -22.86 16.35
C HIS M 117 65.96 -21.47 15.72
N LEU M 118 65.27 -21.20 14.62
CA LEU M 118 65.39 -19.91 13.93
C LEU M 118 66.84 -19.56 13.61
N TRP M 119 67.43 -20.29 12.66
CA TRP M 119 68.83 -20.07 12.28
C TRP M 119 69.08 -18.66 11.76
N GLU M 120 70.22 -18.10 12.13
CA GLU M 120 70.61 -16.76 11.70
C GLU M 120 71.79 -16.82 10.74
N ILE M 121 71.71 -16.07 9.65
CA ILE M 121 72.77 -16.05 8.65
C ILE M 121 73.39 -14.68 8.51
N ASP M 122 74.72 -14.62 8.55
CA ASP M 122 75.44 -13.36 8.45
C ASP M 122 76.37 -13.32 7.23
N ILE M 123 76.26 -12.27 6.44
CA ILE M 123 77.05 -12.11 5.22
C ILE M 123 77.67 -10.70 5.15
N PRO M 124 78.94 -10.60 4.71
CA PRO M 124 79.66 -9.32 4.73
C PRO M 124 79.08 -8.24 3.82
N LEU M 125 79.47 -7.00 4.08
CA LEU M 125 79.08 -5.85 3.25
C LEU M 125 80.32 -5.12 2.73
N ASP M 126 80.32 -4.81 1.44
CA ASP M 126 81.46 -4.15 0.82
C ASP M 126 81.39 -2.64 0.89
N GLU M 127 82.52 -2.01 1.19
CA GLU M 127 82.61 -0.55 1.28
C GLU M 127 82.87 0.06 -0.11
N GLN M 128 83.27 -0.78 -1.05
CA GLN M 128 83.73 -0.31 -2.36
C GLN M 128 82.62 0.22 -3.27
N ALA M 129 81.46 -0.44 -3.24
CA ALA M 129 80.42 -0.13 -4.23
C ALA M 129 79.13 0.38 -3.60
N PHE M 130 78.83 1.65 -3.84
CA PHE M 130 77.56 2.27 -3.50
C PHE M 130 77.16 2.06 -2.03
N TYR M 131 78.07 2.39 -1.11
CA TYR M 131 77.81 2.16 0.31
C TYR M 131 76.92 3.23 0.94
N ASN M 132 77.00 4.45 0.44
CA ASN M 132 76.24 5.58 0.99
C ASN M 132 76.55 5.81 2.47
N LYS M 133 77.75 6.32 2.74
CA LYS M 133 78.26 6.45 4.11
C LYS M 133 77.57 7.53 4.94
N ASP M 134 77.16 8.62 4.31
CA ASP M 134 76.57 9.75 5.02
C ASP M 134 75.27 9.38 5.72
N LYS M 135 74.54 8.42 5.15
CA LYS M 135 73.29 7.97 5.74
C LYS M 135 73.54 7.03 6.91
N ALA M 136 74.62 6.27 6.82
CA ALA M 136 74.98 5.31 7.86
C ALA M 136 75.33 6.01 9.18
N GLU M 137 76.26 6.95 9.12
CA GLU M 137 76.70 7.67 10.31
C GLU M 137 75.55 8.39 11.02
N SER M 138 74.49 8.69 10.27
CA SER M 138 73.35 9.39 10.82
C SER M 138 72.44 8.51 11.67
N GLU M 139 72.06 7.34 11.16
CA GLU M 139 71.09 6.48 11.86
C GLU M 139 71.72 5.20 12.40
N TRP M 140 72.00 4.24 11.53
CA TRP M 140 72.59 2.99 11.97
C TRP M 140 74.07 2.93 11.60
N ASN M 141 74.90 2.68 12.61
CA ASN M 141 76.35 2.74 12.45
C ASN M 141 76.92 1.45 11.90
N GLY M 142 76.03 0.52 11.52
CA GLY M 142 76.38 -0.86 11.31
C GLY M 142 77.61 -1.13 10.47
N VAL M 143 77.66 -0.62 9.25
CA VAL M 143 78.85 -0.64 8.37
C VAL M 143 79.29 -2.06 8.03
N ASN M 144 78.61 -3.03 8.64
CA ASN M 144 79.12 -4.39 8.78
C ASN M 144 78.21 -5.46 8.22
N VAL M 145 78.56 -6.70 8.55
CA VAL M 145 77.94 -7.90 8.02
C VAL M 145 76.41 -7.93 8.06
N GLN M 146 75.82 -8.28 6.92
CA GLN M 146 74.37 -8.38 6.74
C GLN M 146 73.78 -9.47 7.63
N THR M 147 72.50 -9.34 7.99
CA THR M 147 71.84 -10.30 8.86
C THR M 147 70.63 -10.97 8.19
N LEU M 148 70.61 -12.30 8.21
CA LEU M 148 69.48 -13.06 7.69
C LEU M 148 69.03 -14.11 8.70
N LYS M 149 67.73 -14.37 8.76
CA LYS M 149 67.19 -15.38 9.67
C LYS M 149 66.24 -16.30 8.91
N GLY M 150 65.59 -17.24 9.61
CA GLY M 150 64.63 -18.12 8.96
C GLY M 150 64.07 -19.21 9.85
N VAL M 151 62.97 -19.80 9.40
CA VAL M 151 62.27 -20.83 10.18
C VAL M 151 62.51 -22.23 9.62
N GLY M 152 62.86 -23.16 10.51
CA GLY M 152 63.06 -24.54 10.12
C GLY M 152 61.79 -25.35 10.13
N VAL M 153 61.72 -26.37 9.27
CA VAL M 153 60.55 -27.22 9.18
C VAL M 153 60.98 -28.65 8.80
N GLU M 154 60.17 -29.64 9.18
CA GLU M 154 60.51 -31.03 8.89
C GLU M 154 59.38 -31.77 8.20
N ASN M 155 59.73 -32.60 7.22
CA ASN M 155 58.79 -33.50 6.58
C ASN M 155 59.46 -34.82 6.22
N ASN M 156 58.77 -35.92 6.50
CA ASN M 156 59.35 -37.24 6.34
C ASN M 156 59.47 -37.69 4.88
N GLY M 157 60.34 -38.65 4.63
CA GLY M 157 60.52 -39.23 3.31
C GLY M 157 61.26 -38.34 2.32
N GLN M 158 62.37 -37.77 2.77
CA GLN M 158 63.20 -36.94 1.90
C GLN M 158 64.68 -37.28 2.05
N TYR M 159 65.33 -37.60 0.94
CA TYR M 159 66.71 -38.03 0.96
C TYR M 159 67.59 -37.18 0.04
N ALA M 160 68.90 -37.25 0.25
CA ALA M 160 69.85 -36.55 -0.61
C ALA M 160 70.72 -37.59 -1.33
N ALA M 161 71.24 -37.22 -2.50
CA ALA M 161 71.99 -38.18 -3.31
C ALA M 161 73.28 -37.60 -3.89
N PHE M 162 74.29 -38.47 -3.98
CA PHE M 162 75.53 -38.12 -4.66
C PHE M 162 76.06 -39.36 -5.39
N VAL M 163 76.59 -39.17 -6.58
CA VAL M 163 77.02 -40.28 -7.41
C VAL M 163 78.54 -40.50 -7.31
N LYS M 164 78.92 -41.74 -7.00
CA LYS M 164 80.33 -42.11 -6.95
C LYS M 164 80.58 -43.33 -7.83
N ASP M 165 81.46 -43.16 -8.81
CA ASP M 165 81.75 -44.20 -9.80
C ASP M 165 80.50 -44.62 -10.56
N MET M 166 80.29 -45.94 -10.69
CA MET M 166 79.16 -46.46 -11.44
C MET M 166 77.95 -46.74 -10.55
N GLN M 167 78.05 -46.41 -9.28
CA GLN M 167 76.99 -46.69 -8.32
C GLN M 167 76.49 -45.42 -7.63
N VAL M 168 75.29 -45.50 -7.06
CA VAL M 168 74.67 -44.35 -6.41
C VAL M 168 74.58 -44.51 -4.90
N TYR M 169 74.87 -43.45 -4.16
CA TYR M 169 74.77 -43.47 -2.70
C TYR M 169 73.79 -42.40 -2.23
N LEU M 170 73.08 -42.67 -1.13
CA LEU M 170 72.00 -41.81 -0.68
C LEU M 170 72.00 -41.54 0.82
N VAL M 171 72.05 -40.27 1.20
CA VAL M 171 72.04 -39.85 2.60
C VAL M 171 70.81 -39.00 2.95
N PRO M 172 69.98 -39.47 3.89
CA PRO M 172 68.76 -38.79 4.32
C PRO M 172 68.98 -37.38 4.87
N ILE M 173 68.13 -36.44 4.46
CA ILE M 173 68.27 -35.01 4.79
C ILE M 173 67.75 -34.60 6.18
N GLU M 174 66.61 -35.16 6.56
CA GLU M 174 65.82 -34.70 7.71
C GLU M 174 65.30 -33.26 7.53
N ARG M 175 65.52 -32.41 8.52
CA ARG M 175 64.86 -31.11 8.58
C ARG M 175 65.28 -30.12 7.48
N VAL M 176 64.38 -29.18 7.19
CA VAL M 176 64.59 -28.18 6.14
C VAL M 176 64.29 -26.78 6.69
N ALA M 177 64.96 -25.76 6.16
CA ALA M 177 64.75 -24.40 6.62
C ALA M 177 64.74 -23.38 5.47
N GLN M 178 63.94 -22.32 5.64
CA GLN M 178 63.89 -21.22 4.69
C GLN M 178 64.71 -20.04 5.21
N LEU M 179 65.35 -19.31 4.31
CA LEU M 179 66.17 -18.18 4.72
C LEU M 179 65.72 -16.85 4.09
N LYS M 180 65.19 -15.96 4.93
CA LYS M 180 64.85 -14.60 4.51
C LYS M 180 65.18 -13.61 5.64
N PRO M 181 65.67 -12.42 5.28
CA PRO M 181 66.35 -11.57 6.27
C PRO M 181 65.46 -10.72 7.16
N PHE M 182 66.12 -9.91 7.99
CA PHE M 182 65.49 -8.99 8.93
C PHE M 182 66.64 -8.24 9.61
N PHE M 183 66.32 -7.22 10.41
CA PHE M 183 67.39 -6.43 11.03
C PHE M 183 67.18 -6.20 12.52
N LYS M 184 68.26 -6.29 13.28
CA LYS M 184 68.27 -5.87 14.67
C LYS M 184 68.61 -4.38 14.73
N TYR M 185 68.95 -3.83 13.58
CA TYR M 185 69.14 -2.39 13.42
C TYR M 185 67.79 -1.70 13.37
N ILE M 186 66.74 -2.52 13.35
CA ILE M 186 65.36 -2.03 13.32
C ILE M 186 64.74 -2.00 14.71
N ASP M 187 64.58 -3.18 15.30
CA ASP M 187 63.93 -3.34 16.59
C ASP M 187 64.61 -2.50 17.67
N ASP M 188 65.93 -2.38 17.57
CA ASP M 188 66.68 -1.57 18.52
C ASP M 188 66.48 -0.08 18.24
N ALA M 189 66.35 0.27 16.97
CA ALA M 189 66.16 1.65 16.57
C ALA M 189 64.73 2.11 16.83
N ASN M 190 63.79 1.20 16.71
CA ASN M 190 62.38 1.51 16.96
C ASN M 190 62.14 1.77 18.44
N VAL M 191 62.88 1.07 19.29
CA VAL M 191 62.76 1.24 20.74
C VAL M 191 63.39 2.55 21.20
N THR M 192 64.61 2.83 20.75
CA THR M 192 65.32 4.04 21.17
C THR M 192 64.65 5.29 20.61
N ARG M 193 63.85 5.11 19.56
CA ARG M 193 63.07 6.21 18.99
C ARG M 193 61.83 6.48 19.83
N LYS M 194 61.20 5.39 20.28
CA LYS M 194 59.97 5.48 21.05
C LYS M 194 60.20 5.81 22.52
N GLN M 195 61.28 5.27 23.08
CA GLN M 195 61.53 5.37 24.52
C GLN M 195 61.70 6.81 24.99
N GLU M 196 62.65 7.54 24.40
CA GLU M 196 62.90 8.92 24.80
C GLU M 196 61.82 9.85 24.28
N GLN M 224 49.48 -14.80 33.73
CA GLN M 224 50.72 -15.51 34.04
C GLN M 224 50.60 -17.00 33.75
N ASN M 225 49.55 -17.61 34.29
CA ASN M 225 49.35 -19.05 34.14
C ASN M 225 48.75 -19.43 32.78
N ARG M 226 47.90 -18.56 32.24
CA ARG M 226 47.18 -18.87 31.01
C ARG M 226 47.91 -18.42 29.75
N LEU M 227 48.34 -19.40 28.95
CA LEU M 227 48.90 -19.18 27.62
C LEU M 227 49.27 -20.52 27.01
N THR M 228 49.39 -20.56 25.68
CA THR M 228 49.72 -21.76 24.92
C THR M 228 49.86 -21.36 23.45
N GLY M 229 50.47 -22.23 22.64
CA GLY M 229 50.59 -21.99 21.22
C GLY M 229 51.55 -20.89 20.82
N SER M 230 51.04 -19.93 20.05
CA SER M 230 51.83 -18.88 19.42
C SER M 230 52.84 -18.19 20.34
N LEU M 231 52.35 -17.46 21.34
CA LEU M 231 53.23 -16.69 22.21
C LEU M 231 54.12 -17.60 23.08
N LEU M 232 53.69 -18.83 23.29
CA LEU M 232 54.50 -19.79 24.02
C LEU M 232 55.75 -20.14 23.20
N ALA M 233 55.63 -20.01 21.89
CA ALA M 233 56.75 -20.21 20.98
C ALA M 233 57.51 -18.89 20.78
N HIS M 234 57.03 -17.85 21.45
CA HIS M 234 57.65 -16.53 21.39
C HIS M 234 58.37 -16.20 22.69
N LYS M 235 57.59 -16.15 23.78
CA LYS M 235 58.12 -15.87 25.11
C LYS M 235 59.32 -16.76 25.47
N VAL M 236 59.24 -18.02 25.07
CA VAL M 236 60.33 -18.97 25.32
C VAL M 236 61.48 -18.75 24.33
N ALA M 237 61.12 -18.38 23.10
CA ALA M 237 62.09 -18.16 22.03
C ALA M 237 63.15 -17.13 22.40
N ASP M 238 62.72 -15.89 22.63
CA ASP M 238 63.63 -14.79 22.94
C ASP M 238 64.52 -15.06 24.14
N GLU M 239 64.02 -15.84 25.08
CA GLU M 239 64.76 -16.14 26.31
C GLU M 239 65.87 -17.17 26.10
N GLU M 240 65.56 -18.23 25.37
CA GLU M 240 66.43 -19.41 25.34
C GLU M 240 67.47 -19.43 24.23
N ALA M 241 67.51 -18.41 23.36
CA ALA M 241 68.47 -18.47 22.26
C ALA M 241 69.69 -17.59 22.44
N ASN M 242 70.81 -18.22 22.83
CA ASN M 242 72.14 -17.71 22.52
C ASN M 242 73.10 -18.86 22.26
N ILE M 243 73.62 -18.97 21.05
CA ILE M 243 74.65 -19.96 20.74
C ILE M 243 75.61 -19.40 19.68
N GLU M 244 76.91 -19.60 19.90
CA GLU M 244 77.90 -19.19 18.91
C GLU M 244 78.43 -20.39 18.12
N LEU M 245 78.08 -20.45 16.84
CA LEU M 245 78.51 -21.54 15.98
C LEU M 245 79.59 -21.09 15.01
N THR M 246 80.75 -21.75 15.05
CA THR M 246 81.82 -21.46 14.12
C THR M 246 81.78 -22.40 12.93
N TRP M 247 81.51 -21.85 11.76
CA TRP M 247 81.40 -22.64 10.54
C TRP M 247 82.76 -22.83 9.87
N ALA M 248 83.18 -24.09 9.78
CA ALA M 248 84.46 -24.43 9.16
C ALA M 248 84.24 -25.49 8.09
N GLU M 249 84.65 -25.19 6.86
CA GLU M 249 84.40 -26.08 5.73
C GLU M 249 85.63 -26.85 5.29
N GLY M 250 85.59 -28.16 5.51
CA GLY M 250 86.56 -29.07 4.93
C GLY M 250 85.93 -30.45 4.85
N THR M 251 86.36 -31.26 3.89
CA THR M 251 85.77 -32.58 3.73
C THR M 251 86.78 -33.66 3.34
N PHE M 252 86.83 -34.72 4.14
CA PHE M 252 87.51 -35.97 3.75
C PHE M 252 86.65 -37.18 4.07
N GLU M 253 86.41 -37.40 5.36
CA GLU M 253 85.74 -38.60 5.86
C GLU M 253 84.23 -38.62 5.61
N GLN M 254 83.67 -37.54 5.08
CA GLN M 254 82.22 -37.44 4.85
C GLN M 254 81.70 -38.58 3.98
N PHE M 255 82.58 -39.15 3.16
CA PHE M 255 82.23 -40.30 2.33
C PHE M 255 82.53 -41.60 3.08
N LYS M 256 83.80 -41.83 3.35
CA LYS M 256 84.31 -43.09 3.89
C LYS M 256 83.60 -43.54 5.16
N ASP M 257 83.05 -42.60 5.92
CA ASP M 257 82.29 -42.93 7.12
C ASP M 257 81.05 -43.74 6.75
N THR M 258 80.29 -43.26 5.78
CA THR M 258 79.08 -43.95 5.32
C THR M 258 79.40 -45.07 4.34
N ILE M 259 80.54 -44.98 3.66
CA ILE M 259 80.91 -45.97 2.65
C ILE M 259 81.20 -47.34 3.26
N VAL M 260 81.94 -47.36 4.37
CA VAL M 260 82.34 -48.60 5.00
C VAL M 260 81.17 -49.31 5.69
N LYS M 261 80.02 -48.64 5.74
CA LYS M 261 78.83 -49.19 6.38
C LYS M 261 78.15 -50.24 5.51
N GLU M 262 78.60 -50.38 4.28
CA GLU M 262 78.03 -51.36 3.36
C GLU M 262 78.52 -52.77 3.68
N LYS N 274 44.10 -32.91 -25.78
CA LYS N 274 45.47 -33.38 -25.88
C LYS N 274 46.12 -33.52 -24.51
N GLU N 275 45.47 -34.28 -23.63
CA GLU N 275 45.96 -34.47 -22.27
C GLU N 275 47.14 -35.44 -22.22
N ALA N 276 46.89 -36.69 -22.59
CA ALA N 276 47.92 -37.73 -22.55
C ALA N 276 49.09 -37.41 -23.47
N ALA N 277 48.80 -36.76 -24.59
CA ALA N 277 49.81 -36.38 -25.58
C ALA N 277 50.95 -35.57 -24.97
N ALA N 278 50.62 -34.38 -24.48
CA ALA N 278 51.61 -33.46 -23.94
C ALA N 278 52.45 -34.05 -22.81
N GLU N 279 51.83 -34.88 -21.99
CA GLU N 279 52.52 -35.45 -20.82
C GLU N 279 53.52 -36.53 -21.21
N LEU N 280 53.13 -37.43 -22.11
CA LEU N 280 54.02 -38.51 -22.53
C LEU N 280 55.22 -37.94 -23.30
N GLU N 281 55.03 -36.78 -23.89
CA GLU N 281 56.10 -36.09 -24.61
C GLU N 281 57.18 -35.62 -23.64
N LEU N 282 56.74 -35.17 -22.46
CA LEU N 282 57.66 -34.72 -21.42
C LEU N 282 58.30 -35.90 -20.69
N LEU N 283 57.52 -36.95 -20.48
CA LEU N 283 58.00 -38.15 -19.79
C LEU N 283 59.18 -38.79 -20.53
N ASN N 284 59.07 -38.85 -21.85
CA ASN N 284 60.16 -39.31 -22.70
C ASN N 284 61.42 -38.49 -22.47
N ALA N 285 61.33 -37.20 -22.76
CA ALA N 285 62.41 -36.24 -22.54
C ALA N 285 63.00 -36.33 -21.14
N ASP N 286 62.17 -36.10 -20.13
CA ASP N 286 62.61 -36.10 -18.73
C ASP N 286 63.37 -37.37 -18.34
N HIS N 287 62.95 -38.52 -18.85
CA HIS N 287 63.60 -39.79 -18.54
C HIS N 287 64.96 -39.89 -19.21
N GLN N 288 65.26 -38.95 -20.10
CA GLN N 288 66.56 -38.86 -20.76
C GLN N 288 67.42 -37.80 -20.09
N HIS N 289 66.94 -36.56 -20.10
CA HIS N 289 67.63 -35.43 -19.50
C HIS N 289 68.13 -35.69 -18.07
N ILE N 290 67.32 -36.37 -17.27
CA ILE N 290 67.70 -36.64 -15.88
C ILE N 290 68.79 -37.70 -15.81
N LEU N 291 68.89 -38.52 -16.86
CA LEU N 291 69.90 -39.56 -16.92
C LEU N 291 71.26 -38.94 -17.23
N ARG N 292 71.27 -37.94 -18.11
CA ARG N 292 72.50 -37.24 -18.46
C ARG N 292 73.10 -36.53 -17.26
N LYS N 293 72.32 -35.64 -16.63
CA LYS N 293 72.81 -34.87 -15.49
C LYS N 293 73.13 -35.78 -14.30
N LEU N 294 72.63 -37.00 -14.34
CA LEU N 294 72.99 -38.01 -13.36
C LEU N 294 74.41 -38.52 -13.62
N LYS N 295 74.71 -38.76 -14.89
CA LYS N 295 76.04 -39.22 -15.29
C LYS N 295 76.97 -38.07 -15.67
N LYS N 296 76.42 -36.86 -15.77
CA LYS N 296 77.24 -35.68 -16.03
C LYS N 296 78.03 -35.34 -14.77
N MET N 297 77.39 -35.53 -13.61
CA MET N 297 78.11 -35.47 -12.35
C MET N 297 78.34 -36.91 -11.89
N ASN N 298 79.58 -37.35 -12.01
CA ASN N 298 79.93 -38.75 -11.80
C ASN N 298 81.10 -38.87 -10.84
N ASN N 299 82.21 -38.28 -11.23
CA ASN N 299 83.45 -38.36 -10.47
C ASN N 299 83.45 -37.51 -9.21
N LYS N 300 84.63 -37.38 -8.61
CA LYS N 300 84.82 -36.81 -7.28
C LYS N 300 84.28 -35.39 -6.96
N PRO N 301 84.32 -34.44 -7.91
CA PRO N 301 83.86 -33.08 -7.55
C PRO N 301 82.47 -33.05 -6.91
N GLU N 302 82.28 -32.15 -5.96
CA GLU N 302 81.10 -32.21 -5.10
C GLU N 302 79.85 -31.67 -5.76
N ARG N 303 78.88 -32.55 -5.99
CA ARG N 303 77.60 -32.21 -6.60
C ARG N 303 76.50 -33.02 -5.89
N PHE N 304 75.43 -32.34 -5.47
CA PHE N 304 74.38 -33.01 -4.70
C PHE N 304 73.00 -32.93 -5.34
N MET N 305 72.23 -34.02 -5.17
CA MET N 305 70.84 -34.06 -5.58
C MET N 305 69.98 -34.50 -4.40
N VAL N 306 68.68 -34.24 -4.47
CA VAL N 306 67.79 -34.59 -3.37
C VAL N 306 66.61 -35.43 -3.83
N PHE N 307 66.16 -36.33 -2.95
CA PHE N 307 65.11 -37.29 -3.29
C PHE N 307 63.85 -37.10 -2.45
N GLN N 308 62.72 -37.56 -2.96
CA GLN N 308 61.48 -37.62 -2.20
C GLN N 308 60.82 -38.98 -2.36
N LEU N 309 60.68 -39.70 -1.24
CA LEU N 309 60.14 -41.05 -1.26
C LEU N 309 59.03 -41.24 -0.23
N PRO N 310 58.08 -42.16 -0.52
CA PRO N 310 57.01 -42.50 0.42
C PRO N 310 57.54 -43.07 1.73
N THR N 311 56.74 -43.02 2.79
CA THR N 311 57.17 -43.45 4.11
C THR N 311 56.98 -44.95 4.33
N ARG N 312 57.34 -45.39 5.54
CA ARG N 312 57.21 -46.77 6.02
C ARG N 312 58.26 -47.71 5.41
N LEU N 313 58.86 -47.26 4.31
CA LEU N 313 60.00 -47.92 3.65
C LEU N 313 59.94 -49.46 3.67
N PRO N 314 58.98 -50.05 2.95
CA PRO N 314 58.96 -51.50 2.87
C PRO N 314 60.13 -52.05 2.06
N ALA N 315 60.77 -53.10 2.56
CA ALA N 315 61.92 -53.69 1.88
C ALA N 315 61.62 -55.11 1.44
N VAL N 360 68.10 -53.40 -0.89
CA VAL N 360 66.96 -52.88 -1.63
C VAL N 360 67.24 -52.85 -3.14
N GLY N 361 66.18 -52.80 -3.94
CA GLY N 361 66.32 -52.69 -5.37
C GLY N 361 66.81 -51.32 -5.78
N SER N 362 67.02 -51.11 -7.07
CA SER N 362 67.60 -49.84 -7.51
C SER N 362 67.13 -49.38 -8.89
N ILE N 363 67.59 -48.19 -9.28
CA ILE N 363 67.23 -47.57 -10.56
C ILE N 363 68.05 -48.13 -11.72
N ARG N 364 67.50 -48.03 -12.93
CA ARG N 364 68.25 -48.24 -14.17
C ARG N 364 67.35 -48.02 -15.39
N VAL N 365 68.00 -47.78 -16.53
CA VAL N 365 67.33 -47.60 -17.82
C VAL N 365 66.57 -48.86 -18.23
N HIS N 366 65.28 -48.69 -18.50
CA HIS N 366 64.45 -49.79 -19.01
C HIS N 366 64.79 -50.04 -20.47
N LYS N 367 64.44 -51.22 -20.97
CA LYS N 367 64.69 -51.57 -22.36
C LYS N 367 64.08 -50.56 -23.32
N SER N 368 64.73 -50.38 -24.46
CA SER N 368 64.33 -49.42 -25.49
C SER N 368 64.37 -47.97 -24.99
N GLY N 369 65.28 -47.69 -24.07
CA GLY N 369 65.58 -46.33 -23.67
C GLY N 369 64.70 -45.73 -22.59
N LYS N 370 63.76 -46.51 -22.07
CA LYS N 370 62.89 -46.02 -21.00
C LYS N 370 63.61 -46.04 -19.66
N LEU N 371 62.94 -45.58 -18.61
CA LEU N 371 63.59 -45.48 -17.30
C LEU N 371 62.69 -46.03 -16.19
N SER N 372 63.21 -47.00 -15.46
CA SER N 372 62.43 -47.69 -14.44
C SER N 372 63.20 -47.88 -13.13
N VAL N 373 62.67 -47.33 -12.04
CA VAL N 373 63.18 -47.61 -10.70
C VAL N 373 62.52 -48.89 -10.20
N LYS N 374 62.91 -49.37 -9.03
CA LYS N 374 62.32 -50.57 -8.44
C LYS N 374 62.93 -50.91 -7.07
N ILE N 375 62.22 -51.74 -6.32
CA ILE N 375 62.75 -52.31 -5.09
C ILE N 375 62.74 -53.84 -5.26
N GLY N 376 63.21 -54.57 -4.26
CA GLY N 376 63.27 -56.02 -4.34
C GLY N 376 61.99 -56.68 -3.83
N ASN N 377 61.93 -58.00 -3.97
CA ASN N 377 60.80 -58.80 -3.50
C ASN N 377 59.46 -58.38 -4.08
N VAL N 378 59.28 -58.67 -5.37
CA VAL N 378 58.04 -58.46 -6.14
C VAL N 378 57.34 -57.12 -5.84
N VAL N 379 58.00 -56.04 -6.22
CA VAL N 379 57.37 -54.73 -6.22
C VAL N 379 58.01 -53.86 -7.30
N MET N 380 57.19 -53.04 -7.97
CA MET N 380 57.70 -52.13 -8.98
C MET N 380 57.27 -50.70 -8.68
N ASP N 381 58.25 -49.86 -8.39
CA ASP N 381 58.01 -48.45 -8.09
C ASP N 381 58.79 -47.59 -9.07
N ILE N 382 58.08 -46.87 -9.95
CA ILE N 382 58.75 -46.02 -10.93
C ILE N 382 58.17 -44.61 -10.95
N GLY N 383 59.05 -43.62 -10.79
CA GLY N 383 58.66 -42.24 -10.97
C GLY N 383 59.90 -41.38 -11.13
N LYS N 384 59.75 -40.27 -11.84
CA LYS N 384 60.87 -39.40 -12.16
C LYS N 384 60.41 -37.95 -12.21
N GLY N 385 61.30 -37.05 -12.65
CA GLY N 385 60.96 -35.67 -12.85
C GLY N 385 60.76 -34.87 -11.57
N ALA N 386 60.60 -33.56 -11.71
CA ALA N 386 60.40 -32.69 -10.57
C ALA N 386 59.72 -31.37 -10.97
N GLU N 387 59.19 -30.67 -9.99
CA GLU N 387 58.61 -29.35 -10.19
C GLU N 387 59.70 -28.32 -10.52
N THR N 388 59.28 -27.19 -11.09
CA THR N 388 60.20 -26.23 -11.68
C THR N 388 61.27 -25.67 -10.73
N THR N 389 62.52 -25.77 -11.19
CA THR N 389 63.72 -25.27 -10.51
C THR N 389 64.05 -23.85 -10.97
N PHE N 390 65.32 -23.48 -10.80
CA PHE N 390 65.95 -22.23 -11.30
C PHE N 390 65.92 -21.07 -10.30
N LEU N 391 65.27 -21.24 -9.15
CA LEU N 391 65.43 -20.26 -8.08
C LEU N 391 66.47 -20.70 -7.06
N GLN N 392 66.20 -21.83 -6.42
CA GLN N 392 66.89 -22.26 -5.20
C GLN N 392 68.42 -22.25 -5.26
N ASP N 393 69.02 -21.61 -4.27
CA ASP N 393 70.44 -21.79 -3.97
C ASP N 393 70.52 -22.60 -2.69
N VAL N 394 70.95 -23.85 -2.81
CA VAL N 394 70.78 -24.81 -1.72
C VAL N 394 72.06 -25.55 -1.36
N ILE N 395 72.35 -25.63 -0.06
CA ILE N 395 73.34 -26.57 0.44
C ILE N 395 72.93 -27.08 1.84
N ALA N 396 73.08 -28.37 2.06
CA ALA N 396 72.83 -28.95 3.37
C ALA N 396 74.07 -28.84 4.26
N LEU N 397 73.87 -28.59 5.54
CA LEU N 397 74.99 -28.44 6.47
C LEU N 397 74.95 -29.50 7.57
N SER N 398 76.12 -29.75 8.15
CA SER N 398 76.28 -30.78 9.18
C SER N 398 76.14 -30.21 10.60
N ILE N 399 75.16 -30.73 11.33
CA ILE N 399 74.94 -30.32 12.72
C ILE N 399 74.90 -31.53 13.63
N ALA N 400 75.74 -31.54 14.66
CA ALA N 400 75.83 -32.69 15.55
C ALA N 400 76.00 -32.29 17.02
N ASP N 401 75.18 -32.91 17.88
CA ASP N 401 75.38 -32.87 19.33
C ASP N 401 75.16 -31.49 19.95
N ASP N 402 74.82 -30.51 19.11
CA ASP N 402 74.63 -29.09 19.47
C ASP N 402 75.99 -28.41 19.63
N ALA N 403 77.05 -29.19 19.69
CA ALA N 403 78.41 -28.65 19.65
C ALA N 403 78.66 -28.05 18.27
N SER N 404 79.57 -27.09 18.19
CA SER N 404 79.84 -26.41 16.92
C SER N 404 80.34 -27.39 15.86
N SER N 405 79.62 -27.45 14.74
CA SER N 405 80.04 -28.28 13.62
C SER N 405 80.00 -27.51 12.32
N ALA N 406 78.79 -27.23 11.84
CA ALA N 406 78.56 -26.42 10.62
C ALA N 406 79.51 -26.79 9.48
N GLU N 407 79.30 -27.97 8.89
CA GLU N 407 80.19 -28.45 7.84
C GLU N 407 79.48 -28.40 6.48
N LEU N 408 80.03 -27.62 5.56
CA LEU N 408 79.42 -27.41 4.25
C LEU N 408 80.02 -28.32 3.18
N LEU N 409 79.18 -29.19 2.61
CA LEU N 409 79.61 -30.17 1.62
C LEU N 409 79.63 -29.56 0.21
N GLY N 410 78.93 -28.43 0.08
CA GLY N 410 78.92 -27.60 -1.11
C GLY N 410 77.80 -27.80 -2.11
N ARG N 411 77.30 -26.66 -2.59
CA ARG N 411 76.27 -26.50 -3.63
C ARG N 411 75.07 -27.45 -3.57
N VAL N 412 74.48 -27.68 -4.74
CA VAL N 412 73.42 -28.66 -4.99
C VAL N 412 73.30 -28.80 -6.52
N ASP N 413 72.74 -29.90 -7.03
CA ASP N 413 72.47 -29.98 -8.46
C ASP N 413 70.99 -30.19 -8.80
N GLY N 414 70.50 -31.41 -8.61
CA GLY N 414 69.17 -31.78 -9.10
C GLY N 414 68.06 -31.97 -8.09
N LYS N 415 66.86 -32.24 -8.61
CA LYS N 415 65.68 -32.54 -7.80
C LYS N 415 64.84 -33.61 -8.49
N ILE N 416 64.38 -34.60 -7.74
CA ILE N 416 63.58 -35.69 -8.31
C ILE N 416 62.60 -36.29 -7.29
N VAL N 417 61.41 -36.65 -7.77
CA VAL N 417 60.44 -37.37 -6.95
C VAL N 417 60.11 -38.74 -7.56
N VAL N 418 59.72 -39.68 -6.72
CA VAL N 418 59.37 -41.02 -7.20
C VAL N 418 57.98 -41.47 -6.72
N THR N 419 57.05 -41.58 -7.65
CA THR N 419 55.69 -42.05 -7.37
C THR N 419 55.59 -43.57 -7.61
N PRO N 420 54.86 -44.29 -6.74
CA PRO N 420 54.60 -45.69 -7.05
C PRO N 420 53.58 -45.84 -8.18
N GLN N 421 53.30 -47.08 -8.59
CA GLN N 421 52.36 -47.32 -9.68
C GLN N 421 51.85 -48.76 -9.70
N ILE N 422 51.09 -49.09 -10.74
CA ILE N 422 50.58 -50.44 -10.93
C ILE N 422 51.62 -51.34 -11.57
N VAL O 31 -8.85 20.80 41.51
CA VAL O 31 -10.28 20.68 41.78
C VAL O 31 -10.94 22.05 41.86
N MET O 32 -12.03 22.20 41.10
CA MET O 32 -12.85 23.42 41.08
C MET O 32 -12.15 24.62 40.45
N THR O 33 -10.85 24.50 40.20
CA THR O 33 -10.08 25.49 39.44
C THR O 33 -9.96 26.84 40.17
N ILE O 34 -10.59 26.96 41.33
CA ILE O 34 -10.62 28.21 42.09
C ILE O 34 -9.22 28.65 42.55
N SER O 35 -8.26 27.74 42.43
CA SER O 35 -6.85 28.03 42.75
C SER O 35 -6.24 29.04 41.78
N SER O 36 -6.99 29.39 40.74
CA SER O 36 -6.56 30.33 39.70
C SER O 36 -5.40 29.79 38.90
N LEU O 37 -5.43 28.49 38.62
CA LEU O 37 -4.45 27.87 37.73
C LEU O 37 -4.82 28.15 36.27
N GLU O 38 -6.09 28.48 36.05
CA GLU O 38 -6.59 28.80 34.72
C GLU O 38 -5.89 30.03 34.13
N GLN O 39 -5.76 31.06 34.94
CA GLN O 39 -5.21 32.34 34.49
C GLN O 39 -3.69 32.38 34.62
N ARG O 40 -3.13 31.40 35.32
CA ARG O 40 -1.73 31.42 35.73
C ARG O 40 -0.71 31.30 34.59
N THR O 41 -1.01 30.46 33.60
CA THR O 41 -0.01 30.13 32.58
C THR O 41 0.13 31.15 31.43
N LEU O 42 -0.99 31.65 30.93
CA LEU O 42 -1.03 32.18 29.56
C LEU O 42 -0.87 33.69 29.32
N ASN O 43 -0.61 34.50 30.35
CA ASN O 43 -0.52 35.95 30.09
C ASN O 43 0.70 36.73 30.62
N PRO O 44 1.92 36.33 30.22
CA PRO O 44 3.10 37.12 30.64
C PRO O 44 3.16 38.48 29.93
N ASP O 45 3.59 39.52 30.65
CA ASP O 45 3.49 40.90 30.17
C ASP O 45 2.06 41.13 29.69
N LEU O 46 1.89 41.69 28.49
CA LEU O 46 0.60 41.58 27.81
C LEU O 46 -0.56 42.09 28.67
N PHE O 47 -1.34 41.13 29.15
CA PHE O 47 -2.57 41.32 29.92
C PHE O 47 -2.42 42.37 31.04
N LEU O 48 -1.20 42.60 31.49
CA LEU O 48 -0.88 43.78 32.31
C LEU O 48 -1.49 45.06 31.76
N TYR O 49 -1.10 45.43 30.54
CA TYR O 49 -1.56 46.66 29.90
C TYR O 49 -3.08 46.79 29.84
N LYS O 50 -3.74 45.87 29.14
CA LYS O 50 -5.19 45.96 28.96
C LYS O 50 -5.97 45.72 30.27
N GLU O 51 -5.26 45.35 31.32
CA GLU O 51 -5.84 45.32 32.66
C GLU O 51 -6.00 46.73 33.23
N LEU O 52 -4.94 47.52 33.11
CA LEU O 52 -4.91 48.87 33.67
C LEU O 52 -5.86 49.81 32.92
N VAL O 53 -5.85 49.74 31.59
CA VAL O 53 -6.70 50.59 30.78
C VAL O 53 -8.16 50.17 30.91
N LYS O 54 -8.38 48.93 31.36
CA LYS O 54 -9.74 48.45 31.61
C LYS O 54 -10.31 49.15 32.83
N ALA O 55 -9.49 49.26 33.87
CA ALA O 55 -9.87 50.02 35.06
C ALA O 55 -10.02 51.49 34.71
N HIS O 56 -9.12 51.97 33.85
CA HIS O 56 -9.20 53.32 33.31
C HIS O 56 -10.52 53.53 32.57
N LEU O 57 -10.70 52.81 31.47
CA LEU O 57 -11.91 52.93 30.67
C LEU O 57 -12.65 51.60 30.56
N GLY O 58 -12.02 50.62 29.90
CA GLY O 58 -12.63 49.32 29.69
C GLY O 58 -13.12 49.13 28.28
N GLU O 59 -13.79 48.01 28.04
CA GLU O 59 -14.39 47.65 26.74
C GLU O 59 -13.47 47.94 25.54
N ARG O 60 -13.95 48.76 24.62
CA ARG O 60 -13.22 49.14 23.41
C ARG O 60 -11.78 49.58 23.66
N ALA O 61 -11.56 50.31 24.75
CA ALA O 61 -10.24 50.83 25.09
C ALA O 61 -9.25 49.71 25.38
N ALA O 62 -9.72 48.66 26.04
CA ALA O 62 -8.88 47.51 26.36
C ALA O 62 -8.61 46.68 25.11
N SER O 63 -9.59 46.64 24.22
CA SER O 63 -9.48 45.90 22.96
C SER O 63 -8.30 46.37 22.12
N VAL O 64 -8.35 47.64 21.69
CA VAL O 64 -7.34 48.20 20.81
C VAL O 64 -5.92 48.08 21.35
N ILE O 65 -5.71 48.49 22.60
CA ILE O 65 -4.39 48.45 23.21
C ILE O 65 -3.88 47.01 23.36
N GLY O 66 -4.75 46.14 23.87
CA GLY O 66 -4.41 44.74 24.02
C GLY O 66 -4.01 44.09 22.71
N MET O 67 -4.66 44.52 21.63
CA MET O 67 -4.32 44.03 20.30
C MET O 67 -3.09 44.75 19.76
N LEU O 68 -2.92 46.00 20.17
CA LEU O 68 -1.76 46.80 19.78
C LEU O 68 -0.48 46.23 20.39
N VAL O 69 -0.64 45.55 21.52
CA VAL O 69 0.49 44.90 22.19
C VAL O 69 0.81 43.57 21.51
N ALA O 70 -0.15 42.65 21.52
CA ALA O 70 0.02 41.30 20.99
C ALA O 70 0.63 41.26 19.58
N LEU O 71 0.05 42.03 18.66
CA LEU O 71 0.51 42.02 17.27
C LEU O 71 1.58 43.08 17.03
N GLY O 72 1.82 43.93 18.02
CA GLY O 72 2.79 45.00 17.88
C GLY O 72 2.31 46.11 16.96
N ARG O 73 3.16 46.49 16.00
CA ARG O 73 2.86 47.57 15.06
C ARG O 73 1.51 47.35 14.37
N LEU O 74 0.71 48.41 14.30
CA LEU O 74 -0.69 48.28 13.89
C LEU O 74 -1.13 49.43 12.97
N SER O 75 -2.04 49.12 12.05
CA SER O 75 -2.60 50.11 11.14
C SER O 75 -4.09 50.31 11.42
N VAL O 76 -4.60 51.49 11.07
CA VAL O 76 -5.98 51.87 11.35
C VAL O 76 -7.00 50.87 10.79
N ARG O 77 -6.82 50.49 9.53
CA ARG O 77 -7.72 49.54 8.88
C ARG O 77 -7.62 48.16 9.49
N GLU O 78 -6.44 47.84 10.03
CA GLU O 78 -6.15 46.52 10.56
C GLU O 78 -6.94 46.23 11.84
N LEU O 79 -7.30 47.28 12.57
CA LEU O 79 -8.11 47.13 13.78
C LEU O 79 -9.47 46.51 13.46
N VAL O 80 -10.09 47.00 12.39
CA VAL O 80 -11.42 46.56 11.98
C VAL O 80 -11.44 45.09 11.61
N GLU O 81 -10.39 44.63 10.92
CA GLU O 81 -10.33 43.27 10.40
C GLU O 81 -10.40 42.21 11.49
N LYS O 82 -9.49 42.29 12.45
CA LYS O 82 -9.37 41.28 13.51
C LYS O 82 -10.64 41.10 14.34
N ILE O 83 -10.97 42.13 15.13
CA ILE O 83 -12.03 42.03 16.12
C ILE O 83 -13.43 42.03 15.48
N ASP O 84 -13.58 42.83 14.41
CA ASP O 84 -14.81 42.93 13.63
C ASP O 84 -15.89 43.74 14.35
N GLY O 85 -15.69 43.97 15.65
CA GLY O 85 -16.65 44.72 16.44
C GLY O 85 -16.67 46.21 16.19
N MET O 86 -17.89 46.75 16.01
CA MET O 86 -18.11 48.20 15.95
C MET O 86 -17.23 48.94 14.96
N ASP O 87 -17.28 48.53 13.69
CA ASP O 87 -16.45 49.11 12.64
C ASP O 87 -16.60 50.63 12.52
N VAL O 88 -15.46 51.31 12.57
CA VAL O 88 -15.25 52.73 12.23
C VAL O 88 -15.95 53.71 13.18
N ASP O 89 -16.89 53.22 13.99
CA ASP O 89 -17.48 54.06 15.03
C ASP O 89 -16.60 54.08 16.28
N SER O 90 -16.11 52.90 16.65
CA SER O 90 -15.27 52.75 17.84
C SER O 90 -13.84 53.21 17.60
N VAL O 91 -13.28 52.80 16.46
CA VAL O 91 -11.88 53.09 16.13
C VAL O 91 -11.57 54.58 16.18
N LYS O 92 -12.39 55.38 15.50
CA LYS O 92 -12.19 56.82 15.45
C LYS O 92 -12.40 57.46 16.83
N THR O 93 -13.26 56.84 17.64
CA THR O 93 -13.53 57.34 18.98
C THR O 93 -12.40 56.97 19.94
N THR O 94 -11.92 55.74 19.83
CA THR O 94 -10.83 55.27 20.67
C THR O 94 -9.52 55.97 20.32
N LEU O 95 -9.33 56.22 19.03
CA LEU O 95 -8.11 56.87 18.53
C LEU O 95 -7.82 58.17 19.25
N VAL O 96 -8.71 59.14 19.11
CA VAL O 96 -8.57 60.44 19.75
C VAL O 96 -8.53 60.31 21.28
N SER O 97 -9.19 59.28 21.80
CA SER O 97 -9.20 59.03 23.23
C SER O 97 -7.82 58.58 23.72
N LEU O 98 -7.13 57.82 22.88
CA LEU O 98 -5.79 57.34 23.20
C LEU O 98 -4.74 58.42 22.98
N THR O 99 -5.03 59.36 22.08
CA THR O 99 -4.08 60.39 21.70
C THR O 99 -3.99 61.51 22.74
N GLN O 100 -5.13 61.89 23.31
CA GLN O 100 -5.18 62.95 24.32
C GLN O 100 -4.34 62.59 25.54
N LEU O 101 -4.40 61.32 25.94
CA LEU O 101 -3.62 60.82 27.06
C LEU O 101 -2.31 60.22 26.54
N ARG O 102 -2.09 60.39 25.23
CA ARG O 102 -0.97 59.81 24.48
C ARG O 102 -0.67 58.37 24.90
N CYS O 103 -1.64 57.49 24.64
CA CYS O 103 -1.49 56.07 24.92
C CYS O 103 -1.02 55.31 23.68
N VAL O 104 -0.84 56.05 22.59
CA VAL O 104 -0.39 55.45 21.34
C VAL O 104 0.74 56.24 20.70
N LYS O 105 1.83 55.54 20.38
CA LYS O 105 2.95 56.16 19.69
C LYS O 105 2.61 56.32 18.21
N TYR O 106 2.65 57.56 17.73
CA TYR O 106 2.17 57.85 16.38
C TYR O 106 3.30 58.11 15.38
N LEU O 107 3.16 57.52 14.20
CA LEU O 107 4.11 57.72 13.11
C LEU O 107 3.38 57.67 11.77
N GLN O 108 3.78 58.55 10.85
CA GLN O 108 3.21 58.53 9.50
C GLN O 108 4.31 58.63 8.45
N GLU O 109 4.14 57.88 7.37
CA GLU O 109 5.08 57.90 6.26
C GLU O 109 4.38 57.46 4.97
N THR O 110 5.16 57.29 3.91
CA THR O 110 4.60 56.86 2.63
C THR O 110 5.45 55.76 2.00
N ALA O 111 5.01 55.31 0.83
CA ALA O 111 5.73 54.29 0.08
C ALA O 111 6.05 54.80 -1.32
N ILE O 112 6.99 54.12 -1.98
CA ILE O 112 7.38 54.50 -3.33
C ILE O 112 6.21 54.38 -4.30
N SER O 113 5.33 53.42 -4.04
CA SER O 113 4.14 53.22 -4.87
C SER O 113 3.22 54.43 -4.82
N GLY O 114 2.92 54.89 -3.60
CA GLY O 114 2.11 56.08 -3.42
C GLY O 114 1.30 56.10 -2.13
N LYS O 115 0.27 56.93 -2.14
CA LYS O 115 -0.64 57.11 -1.01
C LYS O 115 0.08 57.49 0.29
N LYS O 116 -0.38 56.92 1.40
CA LYS O 116 0.17 57.23 2.72
C LYS O 116 -0.16 56.12 3.71
N THR O 117 0.58 56.06 4.81
CA THR O 117 0.29 55.08 5.85
C THR O 117 0.58 55.65 7.25
N THR O 118 -0.27 55.29 8.21
CA THR O 118 -0.09 55.71 9.59
C THR O 118 -0.07 54.50 10.52
N TYR O 119 1.07 54.28 11.16
CA TYR O 119 1.24 53.11 12.02
C TYR O 119 1.34 53.51 13.50
N TYR O 120 0.65 52.75 14.34
CA TYR O 120 0.62 53.03 15.77
C TYR O 120 1.41 51.98 16.55
N TYR O 121 2.08 52.44 17.60
CA TYR O 121 2.83 51.56 18.49
C TYR O 121 2.27 51.68 19.89
N TYR O 122 2.54 50.70 20.74
CA TYR O 122 2.22 50.85 22.15
C TYR O 122 3.17 51.90 22.71
N ASN O 123 2.65 52.97 23.29
CA ASN O 123 3.49 54.13 23.56
C ASN O 123 4.20 54.13 24.92
N GLU O 124 5.51 53.96 24.87
CA GLU O 124 6.36 54.08 26.06
C GLU O 124 5.85 53.16 27.17
N GLU O 125 5.75 53.70 28.38
CA GLU O 125 5.04 53.03 29.47
C GLU O 125 4.14 54.08 30.12
N GLY O 126 3.24 54.63 29.32
CA GLY O 126 2.30 55.63 29.79
C GLY O 126 1.35 55.04 30.81
N ILE O 127 0.92 53.81 30.56
CA ILE O 127 -0.07 53.16 31.38
C ILE O 127 0.55 52.95 32.75
N HIS O 128 1.88 53.00 32.78
CA HIS O 128 2.64 52.94 34.01
C HIS O 128 2.47 54.25 34.76
N ILE O 129 2.28 55.33 34.02
CA ILE O 129 2.00 56.64 34.60
C ILE O 129 0.57 56.64 35.16
N LEU O 130 -0.33 55.95 34.47
CA LEU O 130 -1.68 55.75 34.97
C LEU O 130 -1.64 54.78 36.15
N LEU O 131 -0.56 54.00 36.20
CA LEU O 131 -0.31 53.11 37.32
C LEU O 131 0.44 53.87 38.41
N TYR O 132 0.78 55.11 38.12
CA TYR O 132 1.45 55.98 39.07
C TYR O 132 0.47 56.97 39.71
N SER O 133 0.04 57.95 38.94
CA SER O 133 -0.91 58.97 39.40
C SER O 133 -0.42 59.66 40.67
N GLY O 134 -1.16 59.47 41.76
CA GLY O 134 -0.88 60.11 43.03
C GLY O 134 0.55 59.95 43.55
N LEU O 135 1.22 58.88 43.15
CA LEU O 135 2.61 58.67 43.52
C LEU O 135 3.49 59.79 42.97
N ILE O 136 3.19 60.21 41.75
CA ILE O 136 3.87 61.35 41.16
C ILE O 136 3.48 62.62 41.91
N ILE O 137 2.18 62.78 42.15
CA ILE O 137 1.64 63.93 42.85
C ILE O 137 2.17 63.99 44.28
N ASP O 138 2.45 62.83 44.86
CA ASP O 138 3.07 62.74 46.18
C ASP O 138 4.36 63.53 46.23
N GLU O 139 5.33 63.11 45.40
CA GLU O 139 6.63 63.77 45.31
C GLU O 139 6.48 65.24 44.91
N ILE O 140 5.47 65.54 44.11
CA ILE O 140 5.16 66.91 43.72
C ILE O 140 4.84 67.77 44.94
N ILE O 141 4.04 67.24 45.84
CA ILE O 141 3.65 67.96 47.04
C ILE O 141 4.80 68.03 48.04
N THR O 142 5.48 66.91 48.25
CA THR O 142 6.53 66.81 49.25
C THR O 142 7.75 67.68 48.92
N GLN O 143 8.14 67.69 47.66
CA GLN O 143 9.35 68.41 47.25
C GLN O 143 9.06 69.86 46.88
N MET O 144 7.83 70.31 47.10
CA MET O 144 7.43 71.67 46.77
C MET O 144 7.69 72.60 47.96
N ARG O 145 8.30 72.04 48.99
CA ARG O 145 8.75 72.78 50.16
C ARG O 145 9.87 73.75 49.75
N VAL O 146 10.22 74.67 50.65
CA VAL O 146 10.76 76.03 50.41
C VAL O 146 9.59 77.02 50.45
N ASN O 147 8.38 76.50 50.43
CA ASN O 147 7.21 77.25 50.89
C ASN O 147 6.49 76.42 51.93
N ASP O 148 6.43 76.94 53.15
CA ASP O 148 6.04 76.13 54.30
C ASP O 148 4.53 76.07 54.52
N GLU O 149 3.99 74.85 54.40
CA GLU O 149 2.61 74.52 54.77
C GLU O 149 1.61 75.60 54.41
N GLU O 150 1.43 75.80 53.11
CA GLU O 150 0.69 76.96 52.60
C GLU O 150 -0.62 76.50 51.94
N GLU O 151 -1.36 77.46 51.40
CA GLU O 151 -2.56 77.20 50.62
C GLU O 151 -2.28 76.28 49.42
N HIS O 152 -1.01 76.17 49.08
CA HIS O 152 -0.53 75.33 47.98
C HIS O 152 -1.09 73.92 47.97
N LYS O 153 -1.26 73.34 49.15
CA LYS O 153 -1.73 71.95 49.28
C LYS O 153 -3.04 71.71 48.52
N GLN O 154 -4.02 72.58 48.71
CA GLN O 154 -5.30 72.45 48.03
C GLN O 154 -5.24 73.04 46.61
N LEU O 155 -4.26 73.91 46.36
CA LEU O 155 -4.17 74.61 45.09
C LEU O 155 -3.68 73.72 43.95
N VAL O 156 -2.40 73.36 43.99
CA VAL O 156 -1.79 72.62 42.88
C VAL O 156 -2.32 71.18 42.81
N ALA O 157 -2.89 70.69 43.90
CA ALA O 157 -3.51 69.37 43.89
C ALA O 157 -4.71 69.38 42.96
N GLU O 158 -5.34 70.55 42.86
CA GLU O 158 -6.44 70.76 41.92
C GLU O 158 -5.89 70.99 40.52
N ILE O 159 -4.73 71.63 40.44
CA ILE O 159 -4.12 71.96 39.15
C ILE O 159 -3.50 70.72 38.49
N VAL O 160 -2.71 69.98 39.25
CA VAL O 160 -2.02 68.80 38.72
C VAL O 160 -3.00 67.70 38.34
N GLN O 161 -4.05 67.53 39.14
CA GLN O 161 -5.07 66.54 38.86
C GLN O 161 -5.81 66.90 37.57
N ASN O 162 -5.82 68.18 37.23
CA ASN O 162 -6.43 68.64 35.99
C ASN O 162 -5.47 68.46 34.81
N VAL O 163 -4.18 68.36 35.11
CA VAL O 163 -3.16 68.21 34.08
C VAL O 163 -3.15 66.79 33.52
N ILE O 164 -2.84 65.82 34.39
CA ILE O 164 -2.71 64.43 33.99
C ILE O 164 -4.00 63.87 33.41
N SER O 165 -5.14 64.26 33.98
CA SER O 165 -6.44 63.74 33.56
C SER O 165 -6.77 64.13 32.13
N LEU O 166 -6.56 65.40 31.79
CA LEU O 166 -6.86 65.88 30.45
C LEU O 166 -5.81 65.39 29.46
N GLY O 167 -4.59 65.18 29.95
CA GLY O 167 -3.50 64.66 29.14
C GLY O 167 -2.67 65.74 28.48
N SER O 168 -3.28 66.91 28.27
CA SER O 168 -2.57 68.08 27.78
C SER O 168 -3.24 69.34 28.30
N LEU O 169 -2.45 70.34 28.66
CA LEU O 169 -3.00 71.57 29.22
C LEU O 169 -2.40 72.83 28.62
N THR O 170 -3.24 73.61 27.94
CA THR O 170 -2.87 74.93 27.48
C THR O 170 -3.03 75.91 28.64
N VAL O 171 -2.13 76.89 28.73
CA VAL O 171 -2.11 77.79 29.87
C VAL O 171 -3.34 78.70 29.93
N GLU O 172 -3.66 79.34 28.82
CA GLU O 172 -4.74 80.34 28.79
C GLU O 172 -6.12 79.72 29.01
N ASP O 173 -6.40 78.60 28.36
CA ASP O 173 -7.69 77.93 28.52
C ASP O 173 -7.86 77.41 29.94
N TYR O 174 -6.75 76.99 30.54
CA TYR O 174 -6.73 76.59 31.94
C TYR O 174 -6.93 77.80 32.85
N LEU O 175 -6.30 78.90 32.48
CA LEU O 175 -6.38 80.14 33.25
C LEU O 175 -7.81 80.68 33.23
N SER O 176 -8.53 80.37 32.14
CA SER O 176 -9.91 80.79 32.00
C SER O 176 -10.82 80.04 32.95
N SER O 177 -10.40 78.85 33.36
CA SER O 177 -11.18 78.03 34.28
C SER O 177 -11.14 78.60 35.69
N VAL O 178 -10.11 79.39 35.97
CA VAL O 178 -9.98 80.04 37.28
C VAL O 178 -11.04 81.12 37.45
N THR O 179 -11.60 81.21 38.64
CA THR O 179 -12.67 82.17 38.93
C THR O 179 -12.19 83.60 38.81
N SER O 180 -13.13 84.52 38.54
CA SER O 180 -12.80 85.93 38.39
C SER O 180 -12.88 86.66 39.73
N ASP O 181 -12.64 87.98 39.68
CA ASP O 181 -12.66 88.88 40.85
C ASP O 181 -11.92 88.30 42.06
N SER O 182 -10.85 87.57 41.78
CA SER O 182 -10.00 86.99 42.82
C SER O 182 -8.56 87.18 42.40
N MET O 183 -7.62 86.60 43.15
CA MET O 183 -6.23 86.71 42.77
C MET O 183 -5.94 85.72 41.65
N LYS O 184 -5.57 86.26 40.49
CA LYS O 184 -5.32 85.43 39.32
C LYS O 184 -3.93 84.80 39.35
N TYR O 185 -2.99 85.53 39.94
CA TYR O 185 -1.61 85.04 40.00
C TYR O 185 -1.34 84.28 41.29
N THR O 186 -2.38 84.05 42.09
CA THR O 186 -2.27 83.16 43.24
C THR O 186 -2.02 81.73 42.77
N ILE O 187 -2.77 81.31 41.74
CA ILE O 187 -2.55 80.01 41.12
C ILE O 187 -1.36 80.09 40.17
N SER O 188 -1.00 81.31 39.78
CA SER O 188 0.18 81.54 38.98
C SER O 188 1.37 81.89 39.87
N SER O 189 1.11 81.97 41.17
CA SER O 189 2.19 82.10 42.15
C SER O 189 3.04 80.85 42.04
N LEU O 190 2.37 79.70 41.98
CA LEU O 190 3.05 78.52 41.51
C LEU O 190 2.42 78.08 40.20
N PHE O 191 2.99 78.56 39.11
CA PHE O 191 2.81 78.04 37.75
C PHE O 191 4.18 78.12 37.12
N VAL O 192 4.70 79.34 37.06
CA VAL O 192 6.10 79.59 36.75
C VAL O 192 6.99 78.83 37.74
N GLN O 193 6.41 78.45 38.87
CA GLN O 193 7.09 77.60 39.84
C GLN O 193 6.79 76.12 39.56
N LEU O 194 5.84 75.86 38.66
CA LEU O 194 5.59 74.50 38.19
C LEU O 194 6.63 74.12 37.14
N CYS O 195 7.10 75.11 36.39
CA CYS O 195 8.19 74.88 35.45
C CYS O 195 9.41 74.48 36.28
N GLU O 196 9.65 75.25 37.34
CA GLU O 196 10.63 74.89 38.37
C GLU O 196 12.00 74.59 37.77
N MET O 197 12.44 73.35 37.98
CA MET O 197 13.66 72.84 37.41
C MET O 197 13.31 71.62 36.54
N GLY O 198 12.78 70.60 37.18
CA GLY O 198 12.24 69.42 36.51
C GLY O 198 10.73 69.50 36.40
N TYR O 199 10.09 68.34 36.52
CA TYR O 199 8.63 68.22 36.49
C TYR O 199 8.05 68.66 35.16
N LEU O 200 7.12 69.60 35.20
CA LEU O 200 6.37 70.01 34.02
C LEU O 200 7.22 70.77 33.01
N ILE O 201 7.25 70.28 31.78
CA ILE O 201 7.91 70.97 30.68
C ILE O 201 6.88 71.26 29.58
N GLN O 202 7.31 71.95 28.53
CA GLN O 202 6.40 72.36 27.46
C GLN O 202 5.99 71.21 26.53
N ILE O 203 4.89 71.39 25.82
CA ILE O 203 4.52 70.47 24.76
C ILE O 203 5.39 70.76 23.54
N SER O 204 6.13 69.77 23.05
CA SER O 204 6.88 69.99 21.83
C SER O 204 6.73 68.88 20.80
N LYS O 205 6.03 69.20 19.70
CA LYS O 205 6.20 68.51 18.43
C LYS O 205 6.25 66.99 18.50
N LEU O 206 7.40 66.46 18.10
CA LEU O 206 7.65 65.04 17.92
C LEU O 206 8.14 64.31 19.17
N HIS O 207 8.10 65.00 20.32
CA HIS O 207 8.57 64.44 21.59
C HIS O 207 8.08 63.01 21.81
N TYR O 208 6.84 62.74 21.42
CA TYR O 208 6.37 61.37 21.32
C TYR O 208 6.72 60.84 19.91
N THR O 209 7.54 59.80 19.87
CA THR O 209 8.09 59.27 18.62
C THR O 209 8.94 58.04 18.92
N PRO O 210 8.84 57.00 18.10
CA PRO O 210 9.71 55.83 18.27
C PRO O 210 11.19 56.21 18.18
N ILE O 211 11.99 55.76 19.13
CA ILE O 211 13.41 56.10 19.17
C ILE O 211 14.12 55.51 17.95
N GLU O 212 13.63 54.39 17.47
CA GLU O 212 14.18 53.73 16.29
C GLU O 212 13.87 54.54 15.03
N ASP O 213 12.65 55.05 14.95
CA ASP O 213 12.19 55.77 13.77
C ASP O 213 12.82 57.15 13.63
N LEU O 214 12.87 57.89 14.73
CA LEU O 214 13.43 59.24 14.71
C LEU O 214 14.90 59.20 14.35
N TRP O 215 15.58 58.14 14.75
CA TRP O 215 16.98 57.94 14.40
C TRP O 215 17.12 57.72 12.89
N GLN O 216 16.19 56.96 12.33
CA GLN O 216 16.20 56.69 10.90
C GLN O 216 15.79 57.93 10.10
N PHE O 217 14.88 58.71 10.67
CA PHE O 217 14.44 59.94 10.03
C PHE O 217 15.54 61.00 10.11
N LEU O 218 16.30 60.96 11.21
CA LEU O 218 17.43 61.85 11.39
C LEU O 218 18.64 61.32 10.62
N TYR O 219 18.60 60.03 10.27
CA TYR O 219 19.67 59.42 9.50
C TYR O 219 19.64 59.90 8.06
N GLU O 220 18.49 60.44 7.64
CA GLU O 220 18.39 61.13 6.37
C GLU O 220 19.24 62.39 6.47
N LYS O 221 19.68 62.92 5.32
CA LYS O 221 20.60 64.07 5.25
C LYS O 221 22.01 63.63 5.66
N HIS O 222 22.16 62.36 6.03
CA HIS O 222 23.47 61.81 6.34
C HIS O 222 23.90 60.79 5.29
N TYR O 223 23.17 59.69 5.17
CA TYR O 223 23.37 58.76 4.07
C TYR O 223 23.18 59.49 2.74
N LYS O 224 22.23 60.42 2.73
CA LYS O 224 21.93 61.22 1.56
C LYS O 224 23.06 62.21 1.27
N ASN O 225 23.90 62.49 2.26
CA ASN O 225 24.89 63.54 2.08
C ASN O 225 26.21 63.04 1.51
N ILE O 226 26.40 63.36 0.24
CA ILE O 226 27.66 63.34 -0.50
C ILE O 226 27.27 63.68 -1.94
N PRO O 227 28.01 64.61 -2.57
CA PRO O 227 27.73 64.92 -3.97
C PRO O 227 28.65 64.16 -4.91
N ARG O 228 28.63 62.83 -4.85
CA ARG O 228 29.63 62.01 -5.52
C ARG O 228 31.00 62.56 -5.18
N ASN O 229 31.38 62.43 -3.91
CA ASN O 229 32.58 63.07 -3.39
C ASN O 229 33.84 62.38 -3.90
N SER O 230 34.04 61.15 -3.45
CA SER O 230 35.20 60.35 -3.84
C SER O 230 35.11 58.95 -3.23
N PRO O 231 35.46 57.92 -4.02
CA PRO O 231 35.42 56.54 -3.56
C PRO O 231 36.69 56.13 -2.80
N LEU O 232 37.04 56.90 -1.79
CA LEU O 232 38.21 56.57 -0.96
C LEU O 232 37.80 56.36 0.49
N SER O 233 38.39 55.34 1.12
CA SER O 233 38.18 55.06 2.54
C SER O 233 36.69 54.91 2.87
N ASP O 234 36.10 53.79 2.44
CA ASP O 234 34.68 53.52 2.67
C ASP O 234 34.29 53.68 4.14
N LEU O 235 35.24 53.45 5.04
CA LEU O 235 35.01 53.56 6.47
C LEU O 235 34.77 55.00 6.91
N LYS O 236 35.00 55.96 6.01
CA LYS O 236 34.77 57.36 6.35
C LYS O 236 33.27 57.71 6.24
N LYS O 237 32.52 56.87 5.54
CA LYS O 237 31.07 57.02 5.47
C LYS O 237 30.48 56.73 6.84
N ARG O 238 31.11 55.80 7.55
CA ARG O 238 30.78 55.52 8.94
C ARG O 238 30.91 56.78 9.79
N SER O 239 32.13 57.32 9.85
CA SER O 239 32.42 58.51 10.63
C SER O 239 31.53 59.69 10.27
N GLN O 240 31.31 59.90 8.97
CA GLN O 240 30.46 60.99 8.50
C GLN O 240 29.06 60.90 9.07
N ALA O 241 28.34 59.83 8.72
CA ALA O 241 26.96 59.63 9.15
C ALA O 241 26.82 59.63 10.67
N LYS O 242 27.62 58.80 11.34
CA LYS O 242 27.54 58.66 12.79
C LYS O 242 27.74 59.97 13.55
N MET O 243 28.94 60.55 13.43
CA MET O 243 29.29 61.77 14.16
C MET O 243 28.28 62.90 13.92
N ASN O 244 27.83 63.04 12.69
CA ASN O 244 26.84 64.07 12.36
C ASN O 244 25.46 63.74 12.93
N ALA O 245 25.18 62.45 13.07
CA ALA O 245 23.91 62.01 13.65
C ALA O 245 23.91 62.20 15.17
N LYS O 246 25.08 62.01 15.78
CA LYS O 246 25.20 62.13 17.23
C LYS O 246 25.00 63.56 17.71
N THR O 247 25.58 64.52 16.99
CA THR O 247 25.43 65.93 17.34
C THR O 247 24.02 66.42 17.01
N ASP O 248 23.39 65.80 16.03
CA ASP O 248 22.01 66.12 15.68
C ASP O 248 21.04 65.41 16.62
N PHE O 249 21.52 64.33 17.26
CA PHE O 249 20.72 63.61 18.22
C PHE O 249 20.72 64.33 19.57
N ALA O 250 21.86 64.95 19.89
CA ALA O 250 22.03 65.64 21.17
C ALA O 250 21.13 66.87 21.28
N LYS O 251 21.00 67.61 20.18
CA LYS O 251 20.20 68.82 20.18
C LYS O 251 18.71 68.50 20.30
N ILE O 252 18.32 67.32 19.84
CA ILE O 252 16.92 66.91 19.88
C ILE O 252 16.52 66.42 21.28
N ILE O 253 17.40 65.65 21.91
CA ILE O 253 17.10 65.08 23.22
C ILE O 253 17.27 66.09 24.34
N ASN O 254 18.14 67.08 24.12
CA ASN O 254 18.36 68.14 25.11
C ASN O 254 17.40 69.31 24.90
N LYS O 255 16.59 69.21 23.84
CA LYS O 255 15.59 70.23 23.57
C LYS O 255 14.49 70.26 24.65
N PRO O 256 13.88 69.08 24.96
CA PRO O 256 12.93 69.14 26.08
C PRO O 256 13.61 69.30 27.43
N ASN O 257 14.86 68.84 27.53
CA ASN O 257 15.58 68.78 28.80
C ASN O 257 15.66 70.13 29.52
N GLU O 258 16.47 71.04 29.00
CA GLU O 258 16.56 72.38 29.56
C GLU O 258 16.44 73.46 28.49
N LEU O 259 15.33 74.20 28.54
CA LEU O 259 15.17 75.37 27.70
C LEU O 259 14.44 76.46 28.48
N SER O 260 15.05 77.65 28.56
CA SER O 260 14.52 78.73 29.38
C SER O 260 13.72 79.76 28.59
N GLN O 261 13.63 79.57 27.28
CA GLN O 261 12.96 80.53 26.40
C GLN O 261 11.50 80.76 26.81
N ILE O 262 10.68 79.72 26.70
CA ILE O 262 9.25 79.82 26.93
C ILE O 262 8.89 80.15 28.38
N LEU O 263 9.51 79.44 29.32
CA LEU O 263 9.11 79.51 30.72
C LEU O 263 9.54 80.80 31.42
N THR O 264 10.69 81.34 31.05
CA THR O 264 11.30 82.45 31.78
C THR O 264 10.90 83.82 31.22
N VAL O 265 9.97 83.84 30.28
CA VAL O 265 9.51 85.08 29.67
C VAL O 265 9.03 86.07 30.73
N ASP O 266 9.56 87.29 30.69
CA ASP O 266 9.25 88.28 31.72
C ASP O 266 8.99 89.66 31.13
N PRO O 267 7.74 89.90 30.69
CA PRO O 267 7.33 91.24 30.24
C PRO O 267 7.18 92.19 31.43
N LYS O 268 7.15 93.49 31.15
CA LYS O 268 7.04 94.48 32.22
C LYS O 268 5.63 94.53 32.81
N THR O 269 5.45 95.40 33.80
CA THR O 269 4.18 95.56 34.52
C THR O 269 3.74 94.26 35.18
N SER O 270 4.71 93.39 35.47
CA SER O 270 4.44 92.10 36.11
C SER O 270 5.75 91.44 36.56
N LEU O 271 5.62 90.27 37.18
CA LEU O 271 6.77 89.46 37.54
C LEU O 271 7.01 88.44 36.42
N ARG O 272 7.98 87.55 36.61
CA ARG O 272 8.21 86.47 35.64
C ARG O 272 6.95 85.64 35.45
N ILE O 273 6.51 85.50 34.21
CA ILE O 273 5.29 84.78 33.91
C ILE O 273 5.45 83.85 32.71
N VAL O 274 5.07 82.59 32.90
CA VAL O 274 5.17 81.58 31.84
C VAL O 274 4.35 81.99 30.62
N LYS O 275 4.81 81.55 29.44
CA LYS O 275 4.16 81.90 28.19
C LYS O 275 2.71 81.44 28.15
N PRO O 276 1.78 82.40 27.99
CA PRO O 276 0.33 82.13 27.93
C PRO O 276 -0.04 81.27 26.72
N THR O 277 0.84 81.20 25.73
CA THR O 277 0.57 80.46 24.51
C THR O 277 0.97 78.98 24.63
N VAL O 278 2.26 78.74 24.81
CA VAL O 278 2.80 77.39 24.85
C VAL O 278 2.25 76.58 26.03
N SER O 279 1.82 75.35 25.74
CA SER O 279 1.25 74.46 26.76
C SER O 279 2.34 73.70 27.49
N LEU O 280 1.94 72.86 28.45
CA LEU O 280 2.92 72.07 29.19
C LEU O 280 2.58 70.58 29.25
N THR O 281 3.49 69.79 29.84
CA THR O 281 3.31 68.36 30.06
C THR O 281 4.20 67.93 31.22
N ILE O 282 3.83 66.86 31.90
CA ILE O 282 4.68 66.30 32.96
C ILE O 282 5.87 65.60 32.31
N ASN O 283 6.79 65.07 33.11
CA ASN O 283 7.99 64.47 32.57
C ASN O 283 8.60 63.39 33.46
N LEU O 284 9.46 62.57 32.87
CA LEU O 284 10.14 61.46 33.54
C LEU O 284 11.27 61.93 34.45
N ASP O 285 11.73 63.16 34.23
CA ASP O 285 12.98 63.65 34.81
C ASP O 285 13.14 63.46 36.32
N ARG O 286 12.42 64.26 37.11
CA ARG O 286 12.67 64.28 38.55
C ARG O 286 11.80 63.32 39.35
N PHE O 287 10.78 62.76 38.72
CA PHE O 287 9.93 61.78 39.38
C PHE O 287 10.64 60.43 39.46
N MET O 288 11.21 60.02 38.34
CA MET O 288 11.97 58.78 38.26
C MET O 288 13.29 58.93 39.01
N LYS O 289 13.73 60.17 39.15
CA LYS O 289 14.95 60.48 39.88
C LYS O 289 14.75 60.48 41.40
N GLY O 290 13.64 61.05 41.83
CA GLY O 290 13.34 61.17 43.24
C GLY O 290 13.26 59.83 43.95
N ARG O 291 12.67 58.85 43.27
CA ARG O 291 12.54 57.51 43.84
C ARG O 291 13.86 56.74 43.73
N ARG O 292 14.66 57.08 42.73
CA ARG O 292 15.97 56.47 42.56
C ARG O 292 16.89 56.92 43.69
N SER O 293 16.72 58.17 44.09
CA SER O 293 17.46 58.72 45.22
C SER O 293 17.02 58.04 46.52
N LYS O 294 15.73 57.71 46.60
CA LYS O 294 15.18 57.00 47.75
C LYS O 294 15.88 55.65 47.93
N GLN O 295 16.01 54.92 46.82
CA GLN O 295 16.68 53.62 46.83
C GLN O 295 18.13 53.76 47.29
N LEU O 296 18.75 54.88 46.94
CA LEU O 296 20.11 55.17 47.39
C LEU O 296 20.11 55.50 48.88
N ILE O 297 19.08 56.19 49.33
CA ILE O 297 18.93 56.52 50.74
C ILE O 297 18.72 55.27 51.58
N ASN O 298 17.88 54.36 51.08
CA ASN O 298 17.64 53.09 51.75
C ASN O 298 18.92 52.29 51.95
N LEU O 299 19.79 52.33 50.93
CA LEU O 299 21.09 51.69 51.02
C LEU O 299 21.97 52.49 51.97
N ALA O 300 21.92 53.81 51.83
CA ALA O 300 22.64 54.71 52.74
C ALA O 300 22.23 54.50 54.19
N LYS O 301 20.96 54.77 54.48
CA LYS O 301 20.40 54.66 55.83
C LYS O 301 20.74 53.32 56.49
N THR O 302 20.76 52.27 55.68
CA THR O 302 21.14 50.95 56.16
C THR O 302 22.61 50.93 56.59
N ARG O 303 23.46 51.59 55.80
CA ARG O 303 24.89 51.49 56.02
C ARG O 303 25.51 52.62 56.84
N VAL O 304 24.72 53.63 57.20
CA VAL O 304 25.21 54.72 58.05
C VAL O 304 24.11 55.23 58.99
N GLY O 305 24.40 56.32 59.69
CA GLY O 305 23.44 56.92 60.59
C GLY O 305 22.42 57.77 59.84
N SER O 306 21.47 58.33 60.59
CA SER O 306 20.42 59.15 59.98
C SER O 306 20.96 60.51 59.53
N VAL O 307 21.98 61.00 60.24
CA VAL O 307 22.57 62.30 59.93
C VAL O 307 23.38 62.25 58.63
N THR O 308 24.08 61.15 58.42
CA THR O 308 24.90 60.96 57.22
C THR O 308 24.02 60.86 55.98
N ALA O 309 22.85 60.23 56.14
CA ALA O 309 21.91 60.09 55.04
C ALA O 309 21.32 61.45 54.65
N GLN O 310 21.21 62.34 55.61
CA GLN O 310 20.66 63.67 55.38
C GLN O 310 21.65 64.59 54.66
N VAL O 311 22.90 64.56 55.11
CA VAL O 311 23.95 65.37 54.50
C VAL O 311 24.23 64.90 53.07
N TYR O 312 24.12 63.59 52.86
CA TYR O 312 24.26 63.02 51.52
C TYR O 312 23.03 63.37 50.68
N LYS O 313 21.90 63.60 51.35
CA LYS O 313 20.66 63.94 50.67
C LYS O 313 20.66 65.36 50.13
N ILE O 314 21.07 66.31 50.97
CA ILE O 314 21.08 67.72 50.59
C ILE O 314 22.01 67.98 49.41
N ALA O 315 22.97 67.08 49.22
CA ALA O 315 23.84 67.14 48.05
C ALA O 315 23.08 66.66 46.82
N LEU O 316 22.33 65.58 46.99
CA LEU O 316 21.58 64.98 45.89
C LEU O 316 20.44 65.86 45.40
N ARG O 317 19.88 66.67 46.30
CA ARG O 317 18.75 67.53 45.95
C ARG O 317 19.18 68.66 45.03
N LEU O 318 20.39 69.18 45.24
CA LEU O 318 20.92 70.26 44.42
C LEU O 318 21.48 69.75 43.10
N THR O 319 22.00 68.51 43.11
CA THR O 319 22.73 67.98 41.97
C THR O 319 21.87 67.12 41.04
N GLU O 320 20.60 66.92 41.39
CA GLU O 320 19.73 66.02 40.64
C GLU O 320 19.36 66.55 39.27
N GLN O 321 19.60 67.84 39.04
CA GLN O 321 19.18 68.50 37.80
C GLN O 321 19.97 68.01 36.58
N LYS O 322 21.30 68.03 36.69
CA LYS O 322 22.16 67.69 35.56
C LYS O 322 22.54 66.21 35.57
N SER O 323 21.99 65.46 36.52
CA SER O 323 22.29 64.03 36.66
C SER O 323 21.48 63.17 35.69
N PRO O 324 22.16 62.55 34.72
CA PRO O 324 21.42 61.71 33.76
C PRO O 324 20.73 60.52 34.42
N LYS O 325 21.47 59.72 35.20
CA LYS O 325 20.90 58.65 36.01
C LYS O 325 19.92 57.78 35.22
N ILE O 326 18.64 57.85 35.61
CA ILE O 326 17.54 57.13 34.96
C ILE O 326 17.52 57.30 33.44
N ARG O 327 18.06 58.42 32.97
CA ARG O 327 18.05 58.76 31.55
C ARG O 327 19.21 58.08 30.80
N ASP O 328 19.95 57.23 31.52
CA ASP O 328 21.28 56.80 31.09
C ASP O 328 21.47 56.34 29.63
N PRO O 329 20.76 55.28 29.20
CA PRO O 329 21.22 54.81 27.89
C PRO O 329 20.90 55.75 26.73
N LEU O 330 19.62 56.07 26.56
CA LEU O 330 19.11 57.11 25.66
C LEU O 330 19.44 56.90 24.18
N THR O 331 20.55 56.20 23.91
CA THR O 331 20.91 55.80 22.56
C THR O 331 20.74 54.30 22.33
N GLN O 332 20.38 53.58 23.38
CA GLN O 332 20.41 52.12 23.36
C GLN O 332 19.30 51.55 22.49
N THR O 333 18.08 52.00 22.74
CA THR O 333 16.92 51.54 21.99
C THR O 333 16.91 52.12 20.59
N GLY O 334 16.68 51.27 19.59
CA GLY O 334 16.53 51.72 18.23
C GLY O 334 17.67 51.40 17.27
N LEU O 335 18.78 50.87 17.78
CA LEU O 335 19.91 50.55 16.92
C LEU O 335 20.88 49.53 17.51
N LEU O 336 21.88 49.16 16.71
CA LEU O 336 22.88 48.17 17.10
C LEU O 336 23.86 48.75 18.11
N GLN O 337 24.56 47.90 18.84
CA GLN O 337 25.68 48.42 19.63
C GLN O 337 26.97 48.09 18.90
N ASP O 338 27.50 46.88 19.14
CA ASP O 338 28.49 46.20 18.30
C ASP O 338 29.05 45.01 19.08
N LEU O 339 29.94 44.25 18.44
CA LEU O 339 30.90 43.43 19.18
C LEU O 339 32.16 44.26 19.40
N GLU O 340 32.84 44.57 18.29
CA GLU O 340 34.02 45.43 18.29
C GLU O 340 33.77 46.82 18.86
N GLU O 341 32.89 47.57 18.19
CA GLU O 341 32.71 48.99 18.43
C GLU O 341 31.77 49.24 19.62
N ALA O 342 31.34 48.17 20.27
CA ALA O 342 30.42 48.25 21.41
C ALA O 342 30.93 49.21 22.47
N LYS O 343 32.19 49.04 22.86
CA LYS O 343 32.81 49.94 23.82
C LYS O 343 32.95 51.33 23.24
N SER O 344 33.43 51.42 21.99
CA SER O 344 33.59 52.69 21.31
C SER O 344 32.28 53.46 21.25
N PHE O 345 31.18 52.72 21.42
CA PHE O 345 29.88 53.31 21.70
C PHE O 345 29.75 53.51 23.21
N GLN O 346 29.83 52.40 23.95
CA GLN O 346 29.69 52.39 25.40
C GLN O 346 30.60 53.38 26.12
N ASP O 347 31.90 53.31 25.87
CA ASP O 347 32.84 54.20 26.58
C ASP O 347 32.74 55.63 26.05
N GLU O 348 32.14 55.79 24.87
CA GLU O 348 31.85 57.11 24.37
C GLU O 348 30.76 57.74 25.22
N ALA O 349 29.87 56.89 25.73
CA ALA O 349 28.87 57.33 26.69
C ALA O 349 29.52 57.44 28.07
N GLU O 350 30.41 56.52 28.38
CA GLU O 350 31.09 56.51 29.68
C GLU O 350 31.99 57.73 29.85
N LEU O 351 32.53 58.25 28.75
CA LEU O 351 33.37 59.45 28.82
C LEU O 351 32.51 60.69 28.98
N VAL O 352 31.30 60.66 28.43
CA VAL O 352 30.36 61.77 28.66
C VAL O 352 29.64 61.52 29.98
N GLU O 353 29.72 60.30 30.48
CA GLU O 353 29.31 60.00 31.85
C GLU O 353 30.48 60.26 32.79
N GLU O 354 31.67 60.40 32.21
CA GLU O 354 32.82 60.94 32.93
C GLU O 354 32.79 62.47 32.93
N LYS O 355 32.45 63.03 31.76
CA LYS O 355 32.47 64.47 31.54
C LYS O 355 31.56 65.26 32.49
N THR O 356 30.25 65.10 32.32
CA THR O 356 29.28 65.92 33.04
C THR O 356 29.34 65.76 34.57
N PRO O 357 29.47 64.51 35.07
CA PRO O 357 29.66 64.43 36.53
C PRO O 357 30.92 65.12 37.03
N GLY O 358 32.04 64.95 36.33
CA GLY O 358 33.28 65.60 36.73
C GLY O 358 33.26 67.11 36.57
N LEU O 359 32.99 67.56 35.34
CA LEU O 359 33.05 68.99 34.99
C LEU O 359 32.10 69.90 35.77
N THR O 360 30.81 69.74 35.52
CA THR O 360 29.80 70.74 35.90
C THR O 360 29.50 70.80 37.40
N PHE O 361 29.41 69.64 38.03
CA PHE O 361 28.79 69.52 39.36
C PHE O 361 29.53 70.21 40.50
N ASN O 362 28.80 70.42 41.59
CA ASN O 362 29.15 71.36 42.66
C ASN O 362 30.56 71.29 43.25
N ALA O 363 31.14 72.47 43.42
CA ALA O 363 32.39 72.64 44.14
C ALA O 363 32.17 72.51 45.65
N ILE O 364 33.27 72.28 46.38
CA ILE O 364 33.23 72.17 47.84
C ILE O 364 32.48 73.32 48.50
N ILE O 453 30.36 72.02 57.01
CA ILE O 453 29.78 70.70 57.07
C ILE O 453 30.59 69.73 56.21
N ASN O 454 31.69 70.22 55.66
CA ASN O 454 32.58 69.42 54.82
C ASN O 454 33.22 68.26 55.59
N SER O 455 33.24 68.37 56.92
CA SER O 455 33.77 67.32 57.77
C SER O 455 32.90 66.07 57.72
N HIS O 456 31.59 66.27 57.60
CA HIS O 456 30.66 65.15 57.52
C HIS O 456 30.65 64.57 56.11
N LEU O 457 31.26 65.30 55.18
CA LEU O 457 31.50 64.77 53.85
C LEU O 457 32.71 63.85 53.87
N LYS O 458 33.67 64.18 54.72
CA LYS O 458 34.89 63.40 54.85
C LYS O 458 34.63 62.04 55.49
N ILE O 459 33.58 61.96 56.31
CA ILE O 459 33.16 60.68 56.88
C ILE O 459 32.29 59.95 55.86
N LEU O 460 31.82 60.70 54.86
CA LEU O 460 31.13 60.13 53.72
C LEU O 460 32.17 59.82 52.65
N ALA O 461 33.39 60.27 52.90
CA ALA O 461 34.51 60.08 51.97
C ALA O 461 35.34 58.87 52.36
N SER O 462 35.94 58.92 53.55
CA SER O 462 36.77 57.83 54.05
C SER O 462 36.07 56.48 53.94
N SER O 463 34.77 56.47 54.23
CA SER O 463 33.96 55.28 53.99
C SER O 463 33.29 55.40 52.63
N ASN O 464 33.71 54.56 51.70
CA ASN O 464 33.19 54.58 50.33
C ASN O 464 32.46 53.31 49.98
N PHE O 465 33.18 52.19 49.99
CA PHE O 465 32.60 50.88 49.70
C PHE O 465 31.36 50.61 50.54
N PRO O 466 30.29 50.11 49.90
CA PRO O 466 30.17 49.85 48.47
C PRO O 466 30.06 51.08 47.57
N PHE O 467 29.40 52.14 48.02
CA PHE O 467 28.94 53.19 47.09
C PHE O 467 29.70 54.52 47.09
N LEU O 468 30.05 54.93 45.87
CA LEU O 468 30.41 56.30 45.47
C LEU O 468 31.50 57.05 46.27
N ASN O 469 31.25 58.34 46.45
CA ASN O 469 32.24 59.33 46.85
C ASN O 469 33.56 59.20 46.09
N GLU O 470 33.51 59.42 44.78
CA GLU O 470 34.72 59.55 43.98
C GLU O 470 35.22 60.98 44.03
N THR O 471 36.53 61.17 43.97
CA THR O 471 37.09 62.50 44.13
C THR O 471 38.11 62.86 43.05
N LYS O 472 38.06 64.12 42.62
CA LYS O 472 39.05 64.70 41.73
C LYS O 472 39.80 65.73 42.56
N PRO O 473 41.07 66.02 42.23
CA PRO O 473 41.69 67.09 43.03
C PRO O 473 40.96 68.41 42.89
N GLY O 474 40.58 69.00 44.03
CA GLY O 474 39.86 70.25 44.06
C GLY O 474 38.35 70.12 44.00
N VAL O 475 37.84 69.00 43.47
CA VAL O 475 36.40 68.80 43.34
C VAL O 475 35.99 67.34 43.54
N TYR O 476 34.91 67.13 44.30
CA TYR O 476 34.40 65.79 44.59
C TYR O 476 33.02 65.57 44.00
N TYR O 477 32.78 64.40 43.42
CA TYR O 477 31.42 64.03 43.02
C TYR O 477 31.19 62.52 42.84
N VAL O 478 29.92 62.14 42.89
CA VAL O 478 29.48 60.75 42.76
C VAL O 478 29.44 60.27 41.31
N PRO O 479 30.08 59.12 41.02
CA PRO O 479 30.00 58.53 39.69
C PRO O 479 28.62 57.94 39.40
N TYR O 480 28.10 58.16 38.20
CA TYR O 480 26.82 57.60 37.81
C TYR O 480 26.99 56.31 36.99
N SER O 481 28.24 55.88 36.84
CA SER O 481 28.56 54.70 36.06
C SER O 481 28.68 53.45 36.93
N LYS O 482 29.66 53.46 37.82
CA LYS O 482 30.00 52.28 38.62
C LYS O 482 29.09 52.10 39.83
N LEU O 483 28.19 53.05 40.06
CA LEU O 483 27.32 53.02 41.22
C LEU O 483 26.24 51.94 41.13
N MET O 484 25.66 51.78 39.94
CA MET O 484 24.54 50.86 39.74
C MET O 484 24.80 49.37 40.10
N PRO O 485 25.99 48.81 39.73
CA PRO O 485 26.20 47.39 40.05
C PRO O 485 26.06 47.02 41.53
N VAL O 486 26.54 47.88 42.43
CA VAL O 486 26.45 47.57 43.86
C VAL O 486 25.05 47.85 44.38
N LEU O 487 24.28 48.64 43.64
CA LEU O 487 22.89 48.91 43.98
C LEU O 487 22.02 47.72 43.60
N LYS O 488 22.34 47.10 42.46
CA LYS O 488 21.62 45.92 42.01
C LYS O 488 21.94 44.72 42.89
N SER O 489 23.19 44.64 43.33
CA SER O 489 23.63 43.58 44.24
C SER O 489 22.79 43.56 45.52
N SER O 490 22.90 44.64 46.30
CA SER O 490 22.23 44.77 47.59
C SER O 490 20.75 44.38 47.55
N VAL O 491 19.96 45.13 46.78
CA VAL O 491 18.53 44.90 46.68
C VAL O 491 18.19 43.46 46.31
N TYR O 492 18.91 42.90 45.35
CA TYR O 492 18.69 41.52 44.91
C TYR O 492 18.98 40.52 46.02
N GLU O 493 20.09 40.72 46.72
CA GLU O 493 20.46 39.82 47.80
C GLU O 493 19.48 39.92 48.97
N TYR O 494 18.84 41.07 49.10
CA TYR O 494 17.85 41.28 50.14
C TYR O 494 16.53 40.61 49.78
N VAL O 495 16.31 40.39 48.49
CA VAL O 495 15.11 39.71 48.02
C VAL O 495 15.14 38.23 48.39
N ILE O 496 16.25 37.57 48.07
CA ILE O 496 16.43 36.16 48.42
C ILE O 496 16.45 36.00 49.94
N ALA O 497 17.02 37.00 50.62
CA ALA O 497 17.03 37.04 52.07
C ALA O 497 15.61 37.13 52.61
N SER O 498 14.76 37.87 51.91
CA SER O 498 13.37 38.04 52.30
C SER O 498 12.55 36.81 51.97
N THR O 499 12.69 36.30 50.76
CA THR O 499 11.87 35.19 50.28
C THR O 499 12.13 33.90 51.04
N LEU O 500 13.38 33.45 51.04
CA LEU O 500 13.74 32.21 51.73
C LEU O 500 14.53 32.50 53.00
N GLY O 501 14.93 31.46 53.70
CA GLY O 501 15.64 31.60 54.96
C GLY O 501 17.08 32.07 54.81
N PRO O 502 17.84 32.05 55.91
CA PRO O 502 19.23 32.51 55.95
C PRO O 502 20.18 31.61 55.16
N SER O 503 19.77 30.37 54.91
CA SER O 503 20.60 29.42 54.18
C SER O 503 20.72 29.79 52.71
N ALA O 504 19.58 30.11 52.08
CA ALA O 504 19.55 30.47 50.67
C ALA O 504 20.35 31.74 50.41
N MET O 505 20.42 32.59 51.43
CA MET O 505 21.23 33.81 51.36
C MET O 505 22.69 33.48 51.07
N ARG O 506 23.34 32.86 52.05
CA ARG O 506 24.78 32.61 52.06
C ARG O 506 25.31 31.93 50.79
N LEU O 507 24.55 30.99 50.26
CA LEU O 507 25.00 30.21 49.11
C LEU O 507 25.00 30.99 47.81
N SER O 508 24.22 32.07 47.75
CA SER O 508 24.10 32.88 46.54
C SER O 508 25.43 33.54 46.17
N ARG O 509 26.08 34.15 47.15
CA ARG O 509 27.37 34.79 46.93
C ARG O 509 28.50 33.77 46.89
N CYS O 510 28.27 32.62 47.54
CA CYS O 510 29.25 31.53 47.53
C CYS O 510 29.58 31.14 46.09
N ILE O 511 28.58 31.29 45.22
CA ILE O 511 28.77 31.11 43.79
C ILE O 511 29.40 32.36 43.16
N ARG O 512 29.23 33.50 43.83
CA ARG O 512 29.66 34.79 43.28
C ARG O 512 31.09 35.20 43.68
N ASP O 513 31.70 34.53 44.65
CA ASP O 513 33.04 34.92 45.07
C ASP O 513 34.04 34.51 44.00
N ASN O 514 34.26 33.21 43.88
CA ASN O 514 34.89 32.65 42.70
C ASN O 514 33.78 32.31 41.72
N LYS O 515 34.09 31.59 40.65
CA LYS O 515 33.07 31.26 39.67
C LYS O 515 33.18 29.83 39.16
N LEU O 516 32.03 29.25 38.84
CA LEU O 516 31.94 27.93 38.19
C LEU O 516 32.87 26.86 38.78
N VAL O 517 32.51 26.37 39.97
CA VAL O 517 33.25 25.29 40.60
C VAL O 517 32.32 24.16 41.06
N SER O 518 32.89 22.98 41.29
CA SER O 518 32.11 21.80 41.67
C SER O 518 31.73 21.80 43.15
N GLU O 519 31.05 20.74 43.57
CA GLU O 519 30.57 20.61 44.95
C GLU O 519 31.71 20.28 45.91
N LYS O 520 32.87 19.92 45.36
CA LYS O 520 34.01 19.53 46.17
C LYS O 520 34.48 20.64 47.09
N ILE O 521 34.82 21.79 46.52
CA ILE O 521 35.28 22.92 47.32
C ILE O 521 34.10 23.73 47.85
N ILE O 522 32.91 23.48 47.29
CA ILE O 522 31.70 24.15 47.76
C ILE O 522 31.30 23.59 49.12
N ASN O 523 31.21 22.27 49.22
CA ASN O 523 30.87 21.61 50.48
C ASN O 523 31.81 22.03 51.59
N SER O 524 33.10 22.03 51.28
CA SER O 524 34.13 22.51 52.20
C SER O 524 33.89 23.96 52.62
N THR O 525 33.92 24.85 51.64
CA THR O 525 34.00 26.28 51.90
C THR O 525 32.67 26.95 52.28
N ALA O 526 31.54 26.26 52.12
CA ALA O 526 30.28 26.98 52.31
C ALA O 526 29.88 27.12 53.77
N LEU O 527 29.28 26.09 54.38
CA LEU O 527 29.16 26.11 55.83
C LEU O 527 29.37 24.79 56.56
N MET O 528 28.37 23.92 56.48
CA MET O 528 28.28 22.79 57.41
C MET O 528 27.92 21.43 56.81
N LYS O 529 26.67 21.28 56.39
CA LYS O 529 26.08 19.96 56.17
C LYS O 529 25.73 19.64 54.72
N GLU O 530 26.07 18.44 54.29
CA GLU O 530 25.86 18.01 52.91
C GLU O 530 24.38 17.94 52.51
N LYS O 531 23.60 17.16 53.26
CA LYS O 531 22.22 16.86 52.88
C LYS O 531 21.33 18.10 52.81
N ASP O 532 21.47 19.00 53.78
CA ASP O 532 20.69 20.23 53.81
C ASP O 532 21.11 21.15 52.67
N ILE O 533 22.41 21.13 52.36
CA ILE O 533 22.92 21.90 51.23
C ILE O 533 22.31 21.41 49.93
N ARG O 534 22.27 20.10 49.75
CA ARG O 534 21.66 19.49 48.57
C ARG O 534 20.19 19.86 48.46
N SER O 535 19.52 19.99 49.61
CA SER O 535 18.12 20.36 49.65
C SER O 535 17.92 21.81 49.21
N THR O 536 18.76 22.69 49.71
CA THR O 536 18.67 24.11 49.35
C THR O 536 19.41 24.39 48.05
N LEU O 537 20.21 23.43 47.60
CA LEU O 537 20.84 23.53 46.28
C LEU O 537 19.75 23.43 45.22
N ALA O 538 18.87 22.44 45.38
CA ALA O 538 17.76 22.24 44.46
C ALA O 538 16.67 23.28 44.69
N SER O 539 16.70 23.93 45.85
CA SER O 539 15.79 25.04 46.13
C SER O 539 16.32 26.31 45.46
N LEU O 540 17.65 26.43 45.41
CA LEU O 540 18.29 27.53 44.71
C LEU O 540 18.22 27.33 43.21
N ILE O 541 18.53 26.11 42.76
CA ILE O 541 18.51 25.78 41.35
C ILE O 541 17.08 25.61 40.84
N ARG O 542 16.12 25.65 41.77
CA ARG O 542 14.71 25.52 41.45
C ARG O 542 14.29 26.47 40.34
N TYR O 543 14.31 27.77 40.62
CA TYR O 543 14.04 28.73 39.56
C TYR O 543 15.33 29.38 39.09
N ASN O 544 15.84 28.90 37.97
CA ASN O 544 16.94 29.50 37.22
C ASN O 544 18.13 29.98 38.05
N SER O 545 18.70 31.09 37.60
CA SER O 545 19.59 31.98 38.35
C SER O 545 20.95 31.43 38.78
N VAL O 546 21.11 30.11 38.88
CA VAL O 546 22.44 29.51 38.86
C VAL O 546 22.74 28.71 37.59
N GLU O 547 21.70 28.50 36.79
CA GLU O 547 21.71 27.56 35.68
C GLU O 547 22.26 26.19 36.10
N ILE O 548 23.00 25.55 35.19
CA ILE O 548 23.78 24.33 35.42
C ILE O 548 24.90 24.33 34.39
N GLN O 549 25.90 23.48 34.59
CA GLN O 549 26.99 23.35 33.64
C GLN O 549 26.82 22.20 32.69
N GLU O 550 27.22 22.41 31.45
CA GLU O 550 27.40 21.29 30.54
C GLU O 550 28.88 21.06 30.32
N VAL O 551 29.38 20.01 30.98
CA VAL O 551 30.72 19.50 30.79
C VAL O 551 30.61 18.00 30.95
N PRO O 552 31.33 17.23 30.14
CA PRO O 552 31.33 15.78 30.40
C PRO O 552 32.49 15.36 31.30
N ARG O 553 32.52 14.09 31.68
CA ARG O 553 33.73 13.50 32.23
C ARG O 553 34.20 12.40 31.28
N THR O 554 35.22 12.70 30.49
CA THR O 554 35.89 11.75 29.59
C THR O 554 34.97 11.15 28.53
N ALA O 555 33.66 11.31 28.71
CA ALA O 555 32.68 10.59 27.91
C ALA O 555 32.07 11.39 26.76
N ASP O 556 32.39 12.69 26.69
CA ASP O 556 31.80 13.59 25.70
C ASP O 556 30.27 13.47 25.64
N ARG O 557 29.60 14.00 26.67
CA ARG O 557 28.13 14.09 26.78
C ARG O 557 27.42 12.73 26.73
N SER O 558 28.14 11.67 27.10
CA SER O 558 27.59 10.32 27.04
C SER O 558 26.67 9.95 28.22
N ALA O 559 27.01 10.41 29.43
CA ALA O 559 26.35 9.88 30.63
C ALA O 559 26.72 10.58 31.94
N SER O 560 26.07 10.11 33.01
CA SER O 560 26.17 10.65 34.36
C SER O 560 27.55 10.46 34.99
N ARG O 561 27.76 11.18 36.10
CA ARG O 561 29.01 11.22 36.89
C ARG O 561 29.96 12.27 36.34
N ALA O 562 29.54 12.94 35.27
CA ALA O 562 30.30 14.05 34.70
C ALA O 562 30.42 15.20 35.70
N VAL O 563 31.45 16.03 35.53
CA VAL O 563 31.71 17.12 36.47
C VAL O 563 30.65 18.22 36.37
N PHE O 564 30.31 18.79 37.52
CA PHE O 564 29.33 19.88 37.60
C PHE O 564 29.98 21.14 38.14
N LEU O 565 29.39 22.29 37.81
CA LEU O 565 29.87 23.57 38.32
C LEU O 565 28.66 24.51 38.41
N PHE O 566 28.79 25.60 39.16
CA PHE O 566 27.72 26.60 39.25
C PHE O 566 28.27 27.99 38.92
N ARG O 567 27.70 28.62 37.90
CA ARG O 567 28.13 29.96 37.46
C ARG O 567 26.99 30.97 37.52
N CYS O 568 27.33 32.20 37.88
CA CYS O 568 26.36 33.28 38.03
C CYS O 568 25.67 33.64 36.71
N LYS O 569 24.40 34.03 36.79
CA LYS O 569 23.60 34.31 35.61
C LYS O 569 23.29 35.79 35.40
N GLU O 570 23.54 36.25 34.17
CA GLU O 570 23.29 37.64 33.76
C GLU O 570 21.94 37.79 33.04
N THR O 571 21.10 38.67 33.60
CA THR O 571 19.78 39.04 33.07
C THR O 571 18.73 37.95 33.22
N HIS O 572 19.16 36.73 33.48
CA HIS O 572 18.23 35.65 33.81
C HIS O 572 17.86 35.71 35.28
N SER O 573 18.82 36.11 36.11
CA SER O 573 18.61 36.28 37.53
C SER O 573 18.02 37.67 37.80
N TYR O 574 17.83 38.42 36.71
CA TYR O 574 17.17 39.71 36.75
C TYR O 574 15.70 39.55 36.36
N ASN O 575 15.48 39.04 35.15
CA ASN O 575 14.16 38.90 34.55
C ASN O 575 13.10 38.23 35.43
N PHE O 576 13.53 37.37 36.35
CA PHE O 576 12.56 36.72 37.23
C PHE O 576 12.00 37.73 38.24
N MET O 577 12.60 38.91 38.30
CA MET O 577 12.01 40.03 39.04
C MET O 577 11.14 40.87 38.11
N ARG O 578 11.24 40.61 36.81
CA ARG O 578 10.36 41.27 35.85
C ARG O 578 9.10 40.44 35.64
N GLN O 579 9.12 39.20 36.13
CA GLN O 579 7.93 38.38 36.18
C GLN O 579 7.16 38.76 37.44
N ASN O 580 7.88 39.40 38.37
CA ASN O 580 7.29 39.87 39.61
C ASN O 580 6.53 41.17 39.37
N LEU O 581 6.81 41.79 38.22
CA LEU O 581 6.14 43.03 37.83
C LEU O 581 4.62 42.87 37.74
N GLU O 582 4.17 42.10 36.75
CA GLU O 582 2.73 42.02 36.47
C GLU O 582 1.95 41.11 37.40
N TRP O 583 2.44 39.89 37.63
CA TRP O 583 1.63 38.87 38.29
C TRP O 583 1.39 39.19 39.77
N ASN O 584 2.15 40.14 40.30
CA ASN O 584 1.88 40.67 41.63
C ASN O 584 0.67 41.59 41.57
N MET O 585 0.79 42.66 40.80
CA MET O 585 -0.28 43.63 40.63
C MET O 585 -1.52 43.04 39.95
N ALA O 586 -1.33 41.99 39.15
CA ALA O 586 -2.43 41.40 38.39
C ALA O 586 -3.59 40.95 39.26
N ASN O 587 -3.39 39.88 40.02
CA ASN O 587 -4.42 39.36 40.92
C ASN O 587 -4.79 40.39 41.98
N LEU O 588 -3.81 41.22 42.33
CA LEU O 588 -4.02 42.31 43.25
C LEU O 588 -5.15 43.22 42.77
N LEU O 589 -4.94 43.83 41.62
CA LEU O 589 -5.92 44.75 41.02
C LEU O 589 -7.19 44.03 40.57
N PHE O 590 -7.03 42.82 40.02
CA PHE O 590 -8.15 42.07 39.46
C PHE O 590 -9.20 41.69 40.51
N LYS O 591 -8.79 41.01 41.57
CA LYS O 591 -9.73 40.60 42.61
C LYS O 591 -10.21 41.80 43.41
N LYS O 592 -9.56 42.94 43.22
CA LYS O 592 -10.07 44.20 43.72
C LYS O 592 -11.18 44.69 42.81
N GLU O 593 -11.01 44.48 41.50
CA GLU O 593 -12.03 44.83 40.52
C GLU O 593 -13.19 43.85 40.60
N LYS O 594 -12.87 42.58 40.88
CA LYS O 594 -13.91 41.57 41.06
C LYS O 594 -14.67 41.83 42.35
N LEU O 595 -14.01 42.51 43.29
CA LEU O 595 -14.64 42.92 44.53
C LEU O 595 -15.68 44.00 44.27
N LYS O 596 -15.49 44.72 43.15
CA LYS O 596 -16.41 45.78 42.76
C LYS O 596 -17.69 45.20 42.20
N GLN O 597 -17.58 44.48 41.08
CA GLN O 597 -18.74 43.90 40.40
C GLN O 597 -19.56 42.97 41.30
N GLU O 598 -18.91 42.34 42.26
CA GLU O 598 -19.61 41.50 43.23
C GLU O 598 -20.50 42.36 44.14
N ASN O 599 -19.91 43.42 44.67
CA ASN O 599 -20.62 44.34 45.55
C ASN O 599 -21.28 45.50 44.79
N SER O 600 -21.21 45.43 43.46
CA SER O 600 -21.73 46.49 42.59
C SER O 600 -23.15 46.94 42.93
N THR O 601 -24.00 45.99 43.29
CA THR O 601 -25.38 46.31 43.66
C THR O 601 -25.44 47.12 44.96
N LEU O 602 -24.45 46.91 45.82
CA LEU O 602 -24.33 47.67 47.06
C LEU O 602 -23.77 49.06 46.81
N LEU O 603 -22.71 49.13 46.01
CA LEU O 603 -22.02 50.38 45.73
C LEU O 603 -22.93 51.40 45.05
N LYS O 604 -23.81 50.92 44.18
CA LYS O 604 -24.76 51.79 43.51
C LYS O 604 -25.79 52.34 44.50
N LYS O 605 -26.13 51.51 45.49
CA LYS O 605 -27.04 51.93 46.55
C LYS O 605 -26.37 52.93 47.47
N ALA O 606 -25.06 52.78 47.65
CA ALA O 606 -24.29 53.69 48.49
C ALA O 606 -24.11 55.04 47.82
N ASN O 607 -23.91 55.03 46.51
CA ASN O 607 -23.74 56.26 45.75
C ASN O 607 -25.02 57.10 45.70
N ARG O 608 -26.16 56.43 45.59
CA ARG O 608 -27.45 57.11 45.56
C ARG O 608 -27.80 57.66 46.93
N ASP O 609 -27.28 57.02 47.98
CA ASP O 609 -27.55 57.45 49.34
C ASP O 609 -26.70 58.67 49.71
N ASP O 610 -25.52 58.75 49.11
CA ASP O 610 -24.62 59.87 49.36
C ASP O 610 -25.14 61.16 48.72
N LEU O 619 -28.94 53.00 56.99
CA LEU O 619 -30.05 52.10 56.76
C LEU O 619 -29.62 50.64 56.88
N LEU O 620 -30.32 49.90 57.74
CA LEU O 620 -30.10 48.47 58.00
C LEU O 620 -28.78 48.23 58.73
N PRO O 621 -28.73 47.20 59.59
CA PRO O 621 -27.49 46.78 60.27
C PRO O 621 -26.45 46.14 59.35
N SER O 622 -26.89 45.28 58.44
CA SER O 622 -25.97 44.45 57.67
C SER O 622 -25.49 45.13 56.38
N GLU O 623 -26.13 46.24 56.03
CA GLU O 623 -25.75 46.96 54.81
C GLU O 623 -24.49 47.78 55.07
N LEU O 624 -24.34 48.27 56.30
CA LEU O 624 -23.17 49.04 56.69
C LEU O 624 -21.96 48.15 56.90
N ASN O 625 -22.21 46.88 57.20
CA ASN O 625 -21.14 45.92 57.43
C ASN O 625 -20.27 45.73 56.19
N GLN O 626 -20.92 45.39 55.07
CA GLN O 626 -20.20 45.16 53.83
C GLN O 626 -19.70 46.45 53.20
N LEU O 627 -20.17 47.59 53.72
CA LEU O 627 -19.66 48.89 53.29
C LEU O 627 -18.25 49.11 53.84
N LYS O 628 -18.05 48.78 55.10
CA LYS O 628 -16.74 48.89 55.73
C LYS O 628 -15.81 47.82 55.21
N MET O 629 -16.37 46.65 54.90
CA MET O 629 -15.61 45.52 54.38
C MET O 629 -14.80 45.89 53.13
N VAL O 630 -15.49 46.28 52.07
CA VAL O 630 -14.84 46.62 50.81
C VAL O 630 -13.83 47.76 51.00
N ASN O 631 -14.22 48.81 51.70
CA ASN O 631 -13.34 49.96 51.94
C ASN O 631 -12.04 49.56 52.63
N GLU O 632 -12.15 48.66 53.62
CA GLU O 632 -10.98 48.08 54.25
C GLU O 632 -10.08 47.43 53.21
N ARG O 633 -10.61 46.43 52.51
CA ARG O 633 -9.89 45.72 51.46
C ARG O 633 -9.34 46.66 50.40
N GLU O 634 -10.05 47.75 50.12
CA GLU O 634 -9.61 48.74 49.13
C GLU O 634 -8.36 49.49 49.59
N LEU O 635 -8.36 49.94 50.84
CA LEU O 635 -7.24 50.70 51.37
C LEU O 635 -5.96 49.88 51.44
N ASN O 636 -6.09 48.61 51.81
CA ASN O 636 -4.93 47.74 51.97
C ASN O 636 -4.37 47.26 50.64
N VAL O 637 -5.22 47.14 49.64
CA VAL O 637 -4.80 46.61 48.34
C VAL O 637 -4.07 47.67 47.51
N PHE O 638 -4.37 48.95 47.76
CA PHE O 638 -3.70 50.03 47.06
C PHE O 638 -2.34 50.32 47.66
N ALA O 639 -2.23 50.17 48.98
CA ALA O 639 -0.95 50.32 49.66
C ALA O 639 -0.03 49.15 49.28
N ARG O 640 -0.65 48.03 48.94
CA ARG O 640 0.09 46.85 48.49
C ARG O 640 0.52 47.01 47.04
N LEU O 641 -0.21 47.85 46.30
CA LEU O 641 0.17 48.14 44.93
C LEU O 641 1.44 48.98 44.88
N SER O 642 1.47 50.03 45.69
CA SER O 642 2.60 50.97 45.70
C SER O 642 3.86 50.37 46.34
N ARG O 643 3.67 49.50 47.32
CA ARG O 643 4.80 48.85 47.99
C ARG O 643 5.66 48.05 47.00
N LEU O 644 5.07 47.03 46.40
CA LEU O 644 5.77 46.19 45.43
C LEU O 644 6.07 46.96 44.14
N LEU O 645 5.40 48.10 43.95
CA LEU O 645 5.72 49.00 42.86
C LEU O 645 7.13 49.54 43.06
N SER O 646 7.39 49.98 44.29
CA SER O 646 8.71 50.52 44.65
C SER O 646 9.80 49.47 44.50
N LEU O 647 9.42 48.20 44.61
CA LEU O 647 10.35 47.10 44.46
C LEU O 647 10.69 46.88 42.99
N TRP O 648 9.67 46.92 42.14
CA TRP O 648 9.84 46.71 40.70
C TRP O 648 10.69 47.79 40.04
N GLU O 649 10.49 49.03 40.47
CA GLU O 649 11.11 50.19 39.84
C GLU O 649 12.64 50.14 39.82
N VAL O 650 13.22 49.54 40.84
CA VAL O 650 14.68 49.45 40.93
C VAL O 650 15.23 48.32 40.06
N PHE O 651 14.38 47.34 39.74
CA PHE O 651 14.81 46.16 39.00
C PHE O 651 14.73 46.29 37.49
N GLN O 652 14.26 47.44 37.00
CA GLN O 652 14.06 47.63 35.57
C GLN O 652 15.35 48.00 34.85
N MET O 653 16.41 48.27 35.60
CA MET O 653 17.68 48.67 35.00
C MET O 653 18.84 47.78 35.42
N ALA O 654 19.59 47.30 34.43
CA ALA O 654 20.75 46.44 34.66
C ALA O 654 20.41 45.23 35.51
N ASP P 171 35.17 13.84 60.68
CA ASP P 171 33.94 13.18 60.29
C ASP P 171 32.73 13.97 60.76
N ILE P 172 32.00 13.42 61.72
CA ILE P 172 30.83 14.10 62.29
C ILE P 172 31.26 15.19 63.26
N GLU P 173 32.44 15.00 63.86
CA GLU P 173 33.02 16.00 64.76
C GLU P 173 33.28 17.30 64.03
N PHE P 174 33.63 17.19 62.75
CA PHE P 174 33.81 18.34 61.87
C PHE P 174 32.45 18.99 61.62
N ILE P 175 32.48 20.24 61.15
CA ILE P 175 31.32 21.07 60.77
C ILE P 175 30.44 21.50 61.93
N ASN P 176 30.58 20.87 63.09
CA ASN P 176 29.85 21.28 64.28
C ASN P 176 30.66 22.17 65.22
N SER P 177 31.93 22.37 64.89
CA SER P 177 32.82 23.16 65.74
C SER P 177 32.85 24.64 65.35
N LEU P 178 32.27 24.96 64.20
CA LEU P 178 32.28 26.33 63.69
C LEU P 178 31.02 27.09 64.06
N LEU P 179 30.11 26.42 64.76
CA LEU P 179 28.82 27.02 65.11
C LEU P 179 28.84 27.68 66.50
N THR P 180 29.99 27.70 67.15
CA THR P 180 30.07 28.18 68.53
C THR P 180 31.00 29.38 68.72
N ILE P 181 32.29 29.19 68.48
CA ILE P 181 33.30 30.19 68.83
C ILE P 181 33.20 31.51 68.05
N VAL P 182 32.37 31.54 67.02
CA VAL P 182 32.24 32.74 66.19
C VAL P 182 31.07 33.64 66.61
N TRP P 183 30.30 33.21 67.61
CA TRP P 183 29.08 33.91 67.98
C TRP P 183 29.23 35.38 68.36
N ARG P 184 29.77 35.63 69.56
CA ARG P 184 29.76 36.97 70.13
C ARG P 184 31.08 37.73 69.98
N PHE P 185 32.09 37.09 69.40
CA PHE P 185 33.38 37.75 69.24
C PHE P 185 33.30 38.86 68.20
N ILE P 186 32.24 38.82 67.40
CA ILE P 186 32.01 39.79 66.34
C ILE P 186 31.86 41.21 66.87
N SER P 187 31.03 41.38 67.90
CA SER P 187 30.72 42.70 68.43
C SER P 187 31.93 43.40 69.05
N GLU P 188 32.90 42.61 69.52
CA GLU P 188 34.09 43.17 70.15
C GLU P 188 35.15 43.54 69.11
N ASN P 189 34.88 43.27 67.84
CA ASN P 189 35.78 43.64 66.77
C ASN P 189 35.48 45.02 66.23
N TYR P 215 36.82 49.05 64.17
CA TYR P 215 37.86 48.68 63.23
C TYR P 215 38.66 47.47 63.69
N SER P 216 39.06 46.64 62.73
CA SER P 216 39.94 45.51 62.96
C SER P 216 41.15 45.67 62.05
N THR P 217 42.21 44.91 62.30
CA THR P 217 43.46 45.14 61.56
C THR P 217 44.16 43.86 61.07
N THR P 218 44.65 43.92 59.84
CA THR P 218 45.53 42.93 59.20
C THR P 218 44.80 41.67 58.73
N GLN P 219 43.60 41.44 59.26
CA GLN P 219 42.65 40.44 58.76
C GLN P 219 43.12 38.98 58.87
N GLU P 220 44.43 38.78 58.90
CA GLU P 220 44.99 37.47 59.20
C GLU P 220 45.40 37.45 60.67
N ILE P 221 45.42 38.63 61.27
CA ILE P 221 45.68 38.77 62.69
C ILE P 221 44.40 38.46 63.44
N LEU P 222 43.27 38.85 62.84
CA LEU P 222 41.96 38.54 63.38
C LEU P 222 41.83 37.05 63.63
N GLU P 223 42.36 36.25 62.72
CA GLU P 223 42.46 34.81 62.93
C GLU P 223 43.58 34.50 63.91
N PHE P 224 44.75 35.11 63.69
CA PHE P 224 45.90 34.92 64.59
C PHE P 224 45.51 35.27 66.02
N ILE P 225 44.50 36.12 66.18
CA ILE P 225 43.84 36.33 67.45
C ILE P 225 42.92 35.13 67.73
N THR P 226 41.95 34.93 66.84
CA THR P 226 40.97 33.85 66.98
C THR P 226 41.60 32.46 67.05
N ALA P 227 42.70 32.25 66.33
CA ALA P 227 43.38 30.95 66.33
C ALA P 227 43.81 30.56 67.73
N ALA P 228 44.46 31.48 68.44
CA ALA P 228 44.84 31.23 69.82
C ALA P 228 43.92 31.98 70.78
N GLN P 229 43.04 31.23 71.43
CA GLN P 229 42.02 31.78 72.32
C GLN P 229 41.20 30.63 72.92
N VAL P 230 40.49 30.91 74.01
CA VAL P 230 39.55 29.96 74.63
C VAL P 230 40.29 28.72 75.21
N ALA P 231 41.61 28.67 74.99
CA ALA P 231 42.49 27.60 75.48
C ALA P 231 42.24 26.26 74.80
N ASN P 232 41.14 26.16 74.06
CA ASN P 232 40.91 25.03 73.16
C ASN P 232 41.59 25.36 71.84
N VAL P 233 41.98 26.63 71.75
CA VAL P 233 42.77 27.22 70.66
C VAL P 233 42.17 26.93 69.27
N GLU P 234 43.05 26.80 68.28
CA GLU P 234 42.72 26.33 66.94
C GLU P 234 44.08 25.98 66.34
N LEU P 235 44.11 25.19 65.27
CA LEU P 235 45.39 24.67 64.81
C LEU P 235 46.24 25.61 63.92
N THR P 236 45.84 25.84 62.68
CA THR P 236 46.78 26.42 61.71
C THR P 236 46.10 27.48 60.82
N PRO P 237 46.87 28.13 59.92
CA PRO P 237 46.33 28.94 58.84
C PRO P 237 45.20 28.32 58.02
N SER P 238 45.02 27.00 58.09
CA SER P 238 43.84 26.39 57.48
C SER P 238 42.56 27.08 57.94
N ASN P 239 42.59 27.66 59.14
CA ASN P 239 41.46 28.43 59.66
C ASN P 239 41.59 29.92 59.39
N ILE P 240 42.70 30.34 58.79
CA ILE P 240 42.86 31.74 58.37
C ILE P 240 41.84 32.06 57.30
N ARG P 241 41.72 31.16 56.34
CA ARG P 241 40.84 31.35 55.20
C ARG P 241 39.46 30.73 55.45
N SER P 242 39.26 30.21 56.66
CA SER P 242 38.00 29.55 56.99
C SER P 242 36.91 30.53 57.37
N LEU P 243 37.00 31.11 58.56
CA LEU P 243 35.97 32.05 59.03
C LEU P 243 35.99 33.32 58.19
N CYS P 244 37.12 33.59 57.57
CA CYS P 244 37.25 34.69 56.62
C CYS P 244 36.26 34.54 55.47
N GLU P 245 36.42 33.48 54.69
CA GLU P 245 35.68 33.31 53.43
C GLU P 245 34.37 32.52 53.58
N VAL P 246 34.04 32.13 54.79
CA VAL P 246 32.75 31.47 55.05
C VAL P 246 31.70 32.52 55.43
N LEU P 247 31.95 33.20 56.55
CA LEU P 247 31.06 34.24 57.06
C LEU P 247 31.13 35.52 56.22
N VAL P 248 31.98 35.50 55.19
CA VAL P 248 32.32 36.65 54.36
C VAL P 248 31.13 37.46 53.83
N TYR P 249 29.98 36.82 53.67
CA TYR P 249 28.86 37.42 52.96
C TYR P 249 27.65 37.71 53.83
N ASP P 250 26.82 38.67 53.41
CA ASP P 250 25.60 39.04 54.14
C ASP P 250 25.90 39.55 55.54
N ASP P 251 26.32 40.81 55.58
CA ASP P 251 26.78 41.55 56.77
C ASP P 251 27.94 40.81 57.43
N LYS P 252 27.78 40.38 58.69
CA LYS P 252 28.91 39.96 59.50
C LYS P 252 29.86 41.16 59.54
N LEU P 253 31.04 41.01 58.95
CA LEU P 253 32.00 42.10 58.89
C LEU P 253 32.23 42.55 57.45
N GLU P 254 32.25 43.87 57.24
CA GLU P 254 32.45 44.44 55.91
C GLU P 254 33.89 44.30 55.44
N LYS P 255 34.11 44.42 54.15
CA LYS P 255 35.44 44.25 53.58
C LYS P 255 36.03 45.59 53.12
N VAL P 256 37.09 46.02 53.81
CA VAL P 256 37.75 47.28 53.53
C VAL P 256 39.22 47.00 53.20
N THR P 257 39.89 47.94 52.55
CA THR P 257 41.23 47.71 52.03
C THR P 257 42.29 47.61 53.12
N HIS P 258 43.54 47.46 52.70
CA HIS P 258 44.69 47.13 53.55
C HIS P 258 44.38 45.98 54.49
N ASP P 259 43.59 45.03 53.97
CA ASP P 259 43.33 43.75 54.63
C ASP P 259 42.73 43.88 56.03
N CYS P 260 41.46 44.26 56.12
CA CYS P 260 40.76 44.27 57.40
C CYS P 260 39.23 44.29 57.24
N TYR P 261 38.54 44.33 58.38
CA TYR P 261 37.07 44.22 58.39
C TYR P 261 36.38 45.43 59.04
N ARG P 262 35.29 45.89 58.41
CA ARG P 262 34.45 46.94 59.00
C ARG P 262 33.13 46.37 59.53
N VAL P 263 32.32 47.23 60.15
CA VAL P 263 31.01 46.85 60.67
C VAL P 263 29.98 47.96 60.45
N THR P 264 28.85 47.64 59.83
CA THR P 264 27.80 48.65 59.71
C THR P 264 26.37 48.21 60.07
N LEU P 265 25.77 47.34 59.25
CA LEU P 265 24.33 47.11 59.31
C LEU P 265 23.92 45.91 60.16
N GLU P 266 24.89 45.18 60.69
CA GLU P 266 24.58 44.02 61.52
C GLU P 266 24.10 44.45 62.89
N SER P 267 24.44 45.69 63.27
CA SER P 267 24.04 46.24 64.55
C SER P 267 22.52 46.40 64.64
N ILE P 268 21.88 46.62 63.49
CA ILE P 268 20.43 46.77 63.44
C ILE P 268 19.77 45.40 63.51
N LEU P 269 20.39 44.40 62.91
CA LEU P 269 19.85 43.04 62.92
C LEU P 269 20.00 42.39 64.30
N GLN P 270 21.12 42.68 64.95
CA GLN P 270 21.35 42.17 66.31
C GLN P 270 20.39 42.80 67.30
N MET P 271 19.94 44.01 66.98
CA MET P 271 18.97 44.72 67.82
C MET P 271 17.60 44.07 67.75
N PHE P 294 16.67 48.48 54.64
CA PHE P 294 15.62 47.48 54.79
C PHE P 294 15.84 46.58 56.00
N ASN P 295 14.82 46.49 56.85
CA ASN P 295 14.85 45.75 58.10
C ASN P 295 13.52 45.91 58.84
N TYR P 296 13.42 45.27 60.02
CA TYR P 296 12.36 45.56 60.99
C TYR P 296 11.03 44.87 60.65
N PHE P 297 11.01 44.17 59.52
CA PHE P 297 9.82 43.44 59.08
C PHE P 297 9.26 42.54 60.18
N LYS P 298 7.93 42.52 60.32
CA LYS P 298 7.26 41.86 61.44
C LYS P 298 5.74 41.92 61.26
N MET P 299 5.02 41.10 62.04
CA MET P 299 3.54 41.11 62.18
C MET P 299 2.79 40.32 61.10
N PHE P 300 3.52 39.76 60.14
CA PHE P 300 2.92 38.89 59.14
C PHE P 300 2.62 37.52 59.77
N PRO P 301 1.74 36.73 59.12
CA PRO P 301 0.86 37.07 58.01
C PRO P 301 -0.55 37.45 58.44
N ALA P 302 -1.40 37.78 57.48
CA ALA P 302 -2.82 37.89 57.74
C ALA P 302 -3.40 36.48 57.77
N SER P 303 -4.47 36.29 58.52
CA SER P 303 -5.02 34.95 58.71
C SER P 303 -5.58 34.36 57.43
N LYS P 304 -6.40 35.13 56.71
CA LYS P 304 -7.22 34.55 55.64
C LYS P 304 -7.59 35.46 54.46
N HIS P 305 -8.07 34.81 53.41
CA HIS P 305 -8.92 35.37 52.37
C HIS P 305 -8.29 35.93 51.13
N ASP P 306 -6.98 36.17 51.13
CA ASP P 306 -6.27 36.65 49.93
C ASP P 306 -4.85 37.17 50.16
N LYS P 307 -4.30 37.72 49.09
CA LYS P 307 -3.10 38.57 49.11
C LYS P 307 -1.77 37.86 48.90
N GLU P 308 -0.81 38.61 48.36
CA GLU P 308 0.59 38.21 48.27
C GLU P 308 0.85 36.87 47.58
N VAL P 309 1.58 36.03 48.32
CA VAL P 309 2.23 34.81 47.85
C VAL P 309 3.53 35.16 47.15
N VAL P 310 3.44 35.88 46.03
CA VAL P 310 4.60 36.48 45.41
C VAL P 310 5.71 35.46 45.16
N TYR P 311 5.34 34.24 44.81
CA TYR P 311 6.33 33.19 44.59
C TYR P 311 5.81 32.11 43.65
N PHE P 312 6.72 31.38 43.03
CA PHE P 312 6.33 30.29 42.15
C PHE P 312 5.39 30.84 41.09
N ASP P 313 4.24 30.20 40.93
CA ASP P 313 3.22 30.67 40.00
C ASP P 313 3.77 30.85 38.58
N GLU P 314 5.08 30.71 38.43
CA GLU P 314 5.78 30.97 37.17
C GLU P 314 5.65 32.43 36.71
N TRP P 315 5.10 32.64 35.52
CA TRP P 315 5.03 33.96 34.87
C TRP P 315 6.43 34.51 34.63
N GLU Q 35 -3.48 26.67 45.24
CA GLU Q 35 -3.48 25.52 46.12
C GLU Q 35 -2.18 25.44 46.93
N PHE Q 36 -1.08 25.80 46.28
CA PHE Q 36 0.24 25.74 46.92
C PHE Q 36 0.96 27.09 46.95
N PRO Q 37 0.43 28.08 47.70
CA PRO Q 37 1.16 29.35 47.82
C PRO Q 37 2.51 29.20 48.50
N SER Q 38 2.50 28.52 49.65
CA SER Q 38 3.66 27.97 50.34
C SER Q 38 4.57 28.96 51.09
N ILE Q 39 4.58 30.24 50.70
CA ILE Q 39 5.26 31.26 51.50
C ILE Q 39 4.66 32.67 51.37
N PRO Q 40 4.66 33.43 52.48
CA PRO Q 40 4.43 34.88 52.57
C PRO Q 40 5.68 35.75 52.32
N LEU Q 41 5.49 37.03 51.97
CA LEU Q 41 6.58 38.01 51.99
C LEU Q 41 6.17 39.28 52.76
N PRO Q 42 7.08 40.27 52.94
CA PRO Q 42 6.69 41.36 53.85
C PRO Q 42 5.49 42.18 53.41
N ILE Q 43 4.53 42.31 54.33
CA ILE Q 43 3.33 43.10 54.08
C ILE Q 43 2.75 43.60 55.40
N ASN Q 44 2.14 44.79 55.37
CA ASN Q 44 1.40 45.30 56.53
C ASN Q 44 0.16 46.06 56.08
N GLY Q 45 -0.95 45.86 56.77
CA GLY Q 45 -2.18 46.56 56.44
C GLY Q 45 -2.18 48.06 56.71
N PRO Q 46 -1.96 48.46 57.97
CA PRO Q 46 -1.94 49.89 58.34
C PRO Q 46 -0.55 50.52 58.35
N ILE Q 47 0.03 50.75 57.18
CA ILE Q 47 1.33 51.42 57.11
C ILE Q 47 1.19 52.89 56.71
N THR Q 48 1.86 53.76 57.45
CA THR Q 48 2.13 55.12 56.95
C THR Q 48 0.88 55.88 56.55
N ASN Q 49 0.13 56.40 57.52
CA ASN Q 49 -1.14 57.08 57.25
C ASN Q 49 -1.03 58.10 56.11
N LYS Q 50 0.17 58.61 55.88
CA LYS Q 50 0.47 59.37 54.67
C LYS Q 50 0.17 58.55 53.42
N GLU Q 51 0.73 57.34 53.36
CA GLU Q 51 0.52 56.45 52.21
C GLU Q 51 -0.95 56.12 52.02
N ARG Q 52 -1.67 55.97 53.13
CA ARG Q 52 -3.11 55.73 53.09
C ARG Q 52 -3.81 56.91 52.43
N SER Q 53 -3.39 58.12 52.79
CA SER Q 53 -3.93 59.32 52.20
C SER Q 53 -3.57 59.39 50.71
N LEU Q 54 -2.36 58.97 50.38
CA LEU Q 54 -1.92 58.89 48.98
C LEU Q 54 -2.79 57.92 48.21
N ALA Q 55 -3.18 56.83 48.86
CA ALA Q 55 -4.05 55.83 48.25
C ALA Q 55 -5.45 56.41 48.04
N VAL Q 56 -5.97 57.09 49.06
CA VAL Q 56 -7.28 57.72 48.98
C VAL Q 56 -7.32 58.75 47.85
N LYS Q 57 -6.25 59.53 47.73
CA LYS Q 57 -6.12 60.49 46.65
C LYS Q 57 -6.14 59.78 45.30
N TYR Q 58 -5.37 58.71 45.20
CA TYR Q 58 -5.28 57.91 43.97
C TYR Q 58 -6.66 57.43 43.51
N ILE Q 59 -7.49 57.05 44.46
CA ILE Q 59 -8.85 56.60 44.17
C ILE Q 59 -9.69 57.77 43.66
N ASN Q 60 -9.52 58.93 44.30
CA ASN Q 60 -10.27 60.13 43.93
C ASN Q 60 -9.96 60.59 42.51
N PHE Q 61 -8.68 60.56 42.15
CA PHE Q 61 -8.26 60.96 40.81
C PHE Q 61 -8.82 60.01 39.76
N GLY Q 62 -8.87 58.73 40.10
CA GLY Q 62 -9.40 57.72 39.20
C GLY Q 62 -10.90 57.86 38.96
N LYS Q 63 -11.61 58.27 40.00
CA LYS Q 63 -13.06 58.46 39.89
C LYS Q 63 -13.40 59.63 38.96
N THR Q 64 -12.56 60.65 38.99
CA THR Q 64 -12.79 61.85 38.18
C THR Q 64 -12.51 61.59 36.70
N VAL Q 65 -11.56 60.71 36.42
CA VAL Q 65 -11.23 60.33 35.05
C VAL Q 65 -12.41 59.56 34.44
N LYS Q 66 -13.01 58.68 35.24
CA LYS Q 66 -14.16 57.91 34.80
C LYS Q 66 -15.35 58.81 34.50
N ASP Q 67 -15.55 59.83 35.32
CA ASP Q 67 -16.66 60.76 35.15
C ASP Q 67 -16.48 61.60 33.90
N GLY Q 68 -15.23 61.96 33.61
CA GLY Q 68 -14.93 62.76 32.43
C GLY Q 68 -15.00 61.95 31.15
N PRO Q 69 -14.89 62.63 30.00
CA PRO Q 69 -14.94 61.99 28.69
C PRO Q 69 -13.56 61.60 28.18
N UNK Q 70 -17.32 67.63 23.71
CA UNK Q 70 -17.16 69.07 23.74
C UNK Q 70 -15.72 69.46 24.09
N UNK Q 71 -14.86 68.45 24.21
CA UNK Q 71 -13.46 68.68 24.57
C UNK Q 71 -12.51 68.01 23.59
N UNK Q 72 -11.74 68.83 22.87
CA UNK Q 72 -10.76 68.36 21.89
C UNK Q 72 -10.01 69.54 21.29
N UNK Q 73 -8.87 69.28 20.65
CA UNK Q 73 -8.12 70.33 19.98
C UNK Q 73 -7.64 69.89 18.60
N UNK Q 74 -7.04 70.83 17.87
CA UNK Q 74 -6.56 70.56 16.52
C UNK Q 74 -5.06 70.31 16.45
N UNK Q 75 -4.39 70.34 17.60
CA UNK Q 75 -2.93 70.39 17.61
C UNK Q 75 -2.27 69.02 17.49
N UNK Q 76 -1.52 68.84 16.39
CA UNK Q 76 -0.65 67.68 16.17
C UNK Q 76 -1.34 66.34 16.42
N UNK Q 77 -2.61 66.23 16.05
CA UNK Q 77 -3.35 65.00 16.29
C UNK Q 77 -3.51 64.17 15.03
N UNK Q 78 -2.80 63.05 14.97
CA UNK Q 78 -2.93 62.05 13.90
C UNK Q 78 -2.87 62.64 12.50
N UNK Q 79 -3.92 62.41 11.73
CA UNK Q 79 -3.99 62.83 10.34
C UNK Q 79 -5.22 63.71 10.08
N UNK Q 80 -5.22 64.38 8.93
CA UNK Q 80 -6.32 65.26 8.55
C UNK Q 80 -7.67 64.56 8.57
N UNK Q 81 -7.67 63.26 8.30
CA UNK Q 81 -8.88 62.46 8.36
C UNK Q 81 -9.41 62.37 9.79
N UNK Q 82 -8.48 62.28 10.73
CA UNK Q 82 -8.83 62.24 12.15
C UNK Q 82 -9.17 63.63 12.67
N UNK Q 83 -8.60 64.65 12.02
CA UNK Q 83 -8.87 66.03 12.39
C UNK Q 83 -10.33 66.39 12.14
N UNK Q 84 -10.92 65.76 11.13
CA UNK Q 84 -12.33 65.95 10.83
C UNK Q 84 -13.20 65.36 11.93
N UNK Q 85 -12.77 64.23 12.46
CA UNK Q 85 -13.47 63.56 13.56
C UNK Q 85 -13.16 64.23 14.89
N UNK Q 86 -12.01 64.91 14.95
CA UNK Q 86 -11.59 65.58 16.18
C UNK Q 86 -12.34 66.89 16.39
N UNK Q 87 -13.10 67.30 15.39
CA UNK Q 87 -13.89 68.52 15.46
C UNK Q 87 -14.99 68.40 16.51
N UNK Q 88 -15.57 67.20 16.62
CA UNK Q 88 -16.62 66.94 17.59
C UNK Q 88 -16.14 66.00 18.69
N UNK Q 89 -13.41 71.10 4.70
CA UNK Q 89 -13.25 72.14 5.71
C UNK Q 89 -14.40 72.12 6.71
N UNK Q 90 -14.93 70.92 6.97
CA UNK Q 90 -16.03 70.76 7.92
C UNK Q 90 -15.52 70.80 9.36
N UNK Q 91 -14.27 70.44 9.56
CA UNK Q 91 -13.69 70.35 10.90
C UNK Q 91 -13.55 71.71 11.57
N UNK Q 92 -12.92 72.65 10.88
CA UNK Q 92 -12.69 73.99 11.42
C UNK Q 92 -14.01 74.73 11.65
N UNK Q 93 -14.99 74.46 10.78
CA UNK Q 93 -16.31 75.07 10.90
C UNK Q 93 -16.98 74.62 12.19
N UNK Q 94 -16.81 73.35 12.53
CA UNK Q 94 -17.30 72.83 13.80
C UNK Q 94 -16.45 73.36 14.94
N UNK Q 95 -17.03 73.46 16.13
CA UNK Q 95 -16.32 74.07 17.25
C UNK Q 95 -16.54 73.34 18.57
N UNK Q 96 -15.50 73.29 19.38
CA UNK Q 96 -15.60 72.80 20.75
C UNK Q 96 -15.46 73.97 21.72
N UNK Q 97 -16.54 74.28 22.42
CA UNK Q 97 -16.62 75.51 23.22
C UNK Q 97 -15.66 75.55 24.40
N UNK Q 98 -15.74 74.56 25.30
CA UNK Q 98 -14.94 74.61 26.52
C UNK Q 98 -14.68 73.22 27.10
N UNK Q 99 -13.60 73.12 27.89
CA UNK Q 99 -13.27 71.91 28.61
C UNK Q 99 -12.85 72.25 30.04
N UNK Q 100 -13.58 71.72 31.02
CA UNK Q 100 -13.30 72.03 32.42
C UNK Q 100 -13.49 70.80 33.31
N UNK Q 101 -12.58 70.63 34.27
CA UNK Q 101 -12.65 69.52 35.21
C UNK Q 101 -12.20 69.95 36.60
N UNK Q 102 -12.89 69.46 37.62
CA UNK Q 102 -12.57 69.80 38.99
C UNK Q 102 -12.79 68.61 39.93
N UNK Q 103 -12.12 68.64 41.08
CA UNK Q 103 -12.26 67.56 42.06
C UNK Q 103 -11.97 68.06 43.47
N UNK Q 104 -12.46 67.31 44.46
CA UNK Q 104 -12.26 67.68 45.86
C UNK Q 104 -11.90 66.45 46.69
#